data_2Q14
#
_entry.id   2Q14
#
_cell.length_a   115.436
_cell.length_b   137.504
_cell.length_c   279.051
_cell.angle_alpha   90.000
_cell.angle_beta   90.000
_cell.angle_gamma   90.000
#
_symmetry.space_group_name_H-M   'P 21 21 21'
#
loop_
_entity.id
_entity.type
_entity.pdbx_description
1 polymer Phosphohydrolase
2 non-polymer 'CHLORIDE ION'
3 non-polymer "ADENOSINE-5'-DIPHOSPHATE"
4 non-polymer 1,2-ETHANEDIOL
5 non-polymer GLYCEROL
6 water water
#
_entity_poly.entity_id   1
_entity_poly.type   'polypeptide(L)'
_entity_poly.pdbx_seq_one_letter_code
;G(MSE)PYERKIINDPVFGFINIPKGLLYDIVRHPLLQRLTRIKQVGLSSVVYPGAQHTRFQHSLGAFYL(MSE)SEAIT
QLTSKGNFIFDSEAEAVQAAILLHDIGHGPFSHVLEDTIVQGVSHEEISL(MSE)L(MSE)ER(MSE)NKE(MSE)NGQL
SLAIQIFKDEYPKRFLHQLVSGQLD(MSE)DRLDYLRRDSFYTGVTEGNIGSARIIK(MSE)LDVADDRLVIESKGIYSI
ENFLTARRL(MSE)YWQVYLHKTSVAYER(MSE)LISTLLRAKELASQGVELFASPALHFFLYNDINHTEFHNNPDCLEN
FIQLDDNDIWTALKVWSNHPDKVLSTLSLG(MSE)INRNIFKVENSAEPIGEDRIKELTLQISQQLGITLSEANYFVSTP
SIEKN(MSE)YDPADDSIDIIYKDGTIKNIAEASD(MSE)LNISLLSKKVKKYYLCYQRLHR
;
_entity_poly.pdbx_strand_id   A,B,C,D,E,F,G,H
#
loop_
_chem_comp.id
_chem_comp.type
_chem_comp.name
_chem_comp.formula
ADP non-polymer ADENOSINE-5'-DIPHOSPHATE 'C10 H15 N5 O10 P2'
CL non-polymer 'CHLORIDE ION' 'Cl -1'
EDO non-polymer 1,2-ETHANEDIOL 'C2 H6 O2'
GOL non-polymer GLYCEROL 'C3 H8 O3'
#
# COMPACT_ATOMS: atom_id res chain seq x y z
N GLU A 5 -15.48 -1.20 63.23
CA GLU A 5 -14.72 -1.00 61.97
C GLU A 5 -15.66 -0.69 60.78
N ARG A 6 -15.04 -0.42 59.64
CA ARG A 6 -15.75 -0.38 58.36
C ARG A 6 -14.91 -1.15 57.33
N LYS A 7 -15.62 -1.89 56.51
CA LYS A 7 -15.04 -2.64 55.43
C LYS A 7 -15.03 -1.76 54.20
N ILE A 8 -13.97 -1.86 53.42
CA ILE A 8 -13.80 -1.07 52.20
C ILE A 8 -13.76 -2.06 51.03
N ILE A 9 -14.59 -1.80 50.02
CA ILE A 9 -14.62 -2.58 48.80
C ILE A 9 -14.34 -1.68 47.60
N ASN A 10 -13.43 -2.11 46.74
CA ASN A 10 -13.06 -1.33 45.58
C ASN A 10 -14.10 -1.48 44.47
N ASP A 11 -14.39 -0.38 43.80
CA ASP A 11 -15.32 -0.34 42.69
C ASP A 11 -14.71 0.57 41.63
N PRO A 12 -14.37 0.05 40.44
CA PRO A 12 -13.79 0.94 39.43
C PRO A 12 -14.68 2.12 39.05
N VAL A 13 -16.00 1.96 39.15
CA VAL A 13 -16.90 3.02 38.80
C VAL A 13 -16.84 4.18 39.80
N PHE A 14 -16.90 3.90 41.11
CA PHE A 14 -17.07 4.95 42.13
C PHE A 14 -15.91 5.07 43.14
N GLY A 15 -15.05 4.06 43.17
CA GLY A 15 -13.89 4.06 44.05
C GLY A 15 -14.10 3.20 45.27
N PHE A 16 -13.67 3.69 46.42
CA PHE A 16 -13.88 3.00 47.69
C PHE A 16 -15.34 3.03 48.15
N ILE A 17 -15.90 1.87 48.39
CA ILE A 17 -17.21 1.77 48.99
C ILE A 17 -17.03 1.34 50.44
N ASN A 18 -17.52 2.19 51.34
CA ASN A 18 -17.36 2.00 52.77
C ASN A 18 -18.62 1.39 53.37
N ILE A 19 -18.46 0.23 53.98
CA ILE A 19 -19.60 -0.49 54.52
C ILE A 19 -19.44 -0.61 56.03
N PRO A 20 -20.30 0.08 56.81
CA PRO A 20 -20.21 0.02 58.26
C PRO A 20 -20.38 -1.40 58.77
N LYS A 21 -19.53 -1.81 59.71
CA LYS A 21 -19.71 -3.09 60.38
C LYS A 21 -21.04 -3.10 61.12
N GLY A 22 -21.67 -4.27 61.21
CA GLY A 22 -23.00 -4.36 61.79
C GLY A 22 -24.05 -4.80 60.82
N LEU A 23 -25.25 -4.26 60.93
CA LEU A 23 -26.32 -4.65 60.05
C LEU A 23 -25.94 -4.57 58.55
N LEU A 24 -25.32 -3.47 58.12
CA LEU A 24 -25.09 -3.26 56.68
C LEU A 24 -24.07 -4.25 56.10
N TYR A 25 -22.97 -4.47 56.81
CA TYR A 25 -22.01 -5.48 56.39
C TYR A 25 -22.60 -6.87 56.46
N ASP A 26 -23.44 -7.10 57.46
CA ASP A 26 -24.13 -8.37 57.57
C ASP A 26 -24.99 -8.61 56.33
N ILE A 27 -25.65 -7.56 55.84
CA ILE A 27 -26.45 -7.70 54.62
C ILE A 27 -25.57 -8.08 53.45
N VAL A 28 -24.46 -7.36 53.27
CA VAL A 28 -23.53 -7.60 52.18
C VAL A 28 -22.95 -9.00 52.18
N ARG A 29 -22.66 -9.54 53.36
CA ARG A 29 -22.05 -10.84 53.44
C ARG A 29 -23.09 -11.97 53.47
N HIS A 30 -24.38 -11.61 53.50
CA HIS A 30 -25.46 -12.62 53.51
C HIS A 30 -25.52 -13.44 52.20
N PRO A 31 -25.78 -14.76 52.30
CA PRO A 31 -25.87 -15.64 51.13
C PRO A 31 -26.81 -15.16 50.03
N LEU A 32 -27.87 -14.46 50.41
CA LEU A 32 -28.86 -13.95 49.44
C LEU A 32 -28.35 -12.79 48.62
N LEU A 33 -27.44 -12.01 49.20
CA LEU A 33 -26.78 -10.96 48.46
C LEU A 33 -25.52 -11.49 47.73
N GLN A 34 -24.77 -12.38 48.36
CA GLN A 34 -23.62 -13.00 47.70
C GLN A 34 -24.00 -13.68 46.40
N ARG A 35 -25.21 -14.18 46.31
CA ARG A 35 -25.61 -14.89 45.14
C ARG A 35 -25.75 -14.01 43.94
N LEU A 36 -25.94 -12.71 44.18
CA LEU A 36 -26.01 -11.71 43.12
C LEU A 36 -24.66 -11.49 42.47
N THR A 37 -23.60 -12.04 43.06
CA THR A 37 -22.29 -12.12 42.40
C THR A 37 -22.28 -13.01 41.18
N ARG A 38 -23.31 -13.84 41.04
CA ARG A 38 -23.40 -14.84 39.99
C ARG A 38 -24.60 -14.58 39.09
N ILE A 39 -25.15 -13.37 39.17
CA ILE A 39 -26.19 -12.90 38.28
C ILE A 39 -25.76 -11.55 37.66
N LYS A 40 -25.65 -11.53 36.35
CA LYS A 40 -25.29 -10.33 35.65
C LYS A 40 -26.38 -9.27 35.70
N GLN A 41 -25.97 -8.01 35.76
CA GLN A 41 -26.86 -6.88 35.70
C GLN A 41 -27.58 -6.78 34.35
N VAL A 42 -26.84 -6.94 33.26
CA VAL A 42 -27.42 -6.92 31.89
C VAL A 42 -26.93 -8.10 31.04
N GLY A 43 -27.32 -9.30 31.44
CA GLY A 43 -26.79 -10.54 30.84
C GLY A 43 -27.02 -10.72 29.35
N LEU A 44 -28.08 -10.08 28.85
CA LEU A 44 -28.40 -10.16 27.45
C LEU A 44 -27.64 -9.11 26.62
N SER A 45 -26.88 -8.24 27.27
CA SER A 45 -26.17 -7.22 26.57
C SER A 45 -24.77 -7.60 26.21
N SER A 46 -24.17 -8.55 26.92
CA SER A 46 -22.78 -8.96 26.63
C SER A 46 -22.60 -9.52 25.20
N VAL A 47 -23.66 -10.05 24.63
CA VAL A 47 -23.62 -10.53 23.26
C VAL A 47 -23.28 -9.39 22.25
N VAL A 48 -23.62 -8.15 22.60
CA VAL A 48 -23.29 -6.97 21.81
C VAL A 48 -22.06 -6.23 22.38
N TYR A 49 -22.02 -6.13 23.72
CA TYR A 49 -20.97 -5.41 24.45
C TYR A 49 -20.26 -6.38 25.39
N PRO A 50 -19.14 -6.98 24.93
CA PRO A 50 -18.38 -7.96 25.72
C PRO A 50 -17.90 -7.46 27.09
N GLY A 51 -17.79 -6.16 27.24
CA GLY A 51 -17.45 -5.54 28.50
C GLY A 51 -18.54 -5.58 29.56
N ALA A 52 -19.77 -5.90 29.15
CA ALA A 52 -20.94 -5.82 30.05
C ALA A 52 -21.07 -7.06 30.97
N GLN A 53 -20.04 -7.24 31.78
CA GLN A 53 -19.86 -8.41 32.64
C GLN A 53 -20.22 -8.13 34.11
N HIS A 54 -20.61 -6.91 34.42
CA HIS A 54 -20.93 -6.51 35.77
C HIS A 54 -22.13 -7.22 36.34
N THR A 55 -22.08 -7.42 37.65
CA THR A 55 -23.05 -8.23 38.37
C THR A 55 -24.05 -7.38 39.11
N ARG A 56 -25.19 -7.99 39.45
CA ARG A 56 -26.16 -7.32 40.31
C ARG A 56 -25.62 -6.98 41.70
N PHE A 57 -24.60 -7.72 42.16
CA PHE A 57 -23.94 -7.44 43.42
C PHE A 57 -23.26 -6.07 43.35
N GLN A 58 -22.50 -5.83 42.29
CA GLN A 58 -21.84 -4.54 42.08
C GLN A 58 -22.82 -3.38 42.04
N HIS A 59 -23.94 -3.57 41.35
CA HIS A 59 -24.97 -2.57 41.27
C HIS A 59 -25.59 -2.22 42.65
N SER A 60 -25.83 -3.25 43.45
CA SER A 60 -26.34 -3.10 44.80
C SER A 60 -25.36 -2.30 45.64
N LEU A 61 -24.09 -2.67 45.63
CA LEU A 61 -23.07 -1.94 46.33
C LEU A 61 -22.93 -0.53 45.82
N GLY A 62 -23.12 -0.38 44.52
CA GLY A 62 -22.96 0.89 43.88
C GLY A 62 -24.04 1.86 44.28
N ALA A 63 -25.29 1.39 44.20
CA ALA A 63 -26.45 2.14 44.65
C ALA A 63 -26.31 2.44 46.18
N PHE A 64 -25.74 1.53 46.95
CA PHE A 64 -25.47 1.77 48.37
C PHE A 64 -24.41 2.87 48.58
N TYR A 65 -23.36 2.87 47.79
CA TYR A 65 -22.41 3.96 47.84
C TYR A 65 -23.10 5.29 47.53
N LEU A 66 -23.88 5.35 46.47
CA LEU A 66 -24.53 6.61 46.14
C LEU A 66 -25.52 7.05 47.25
N MSE A 67 -26.24 6.10 47.84
CA MSE A 67 -27.17 6.38 48.93
C MSE A 67 -26.44 7.02 50.11
O MSE A 67 -26.92 7.96 50.69
CB MSE A 67 -27.89 5.10 49.38
CG MSE A 67 -28.89 5.29 50.49
SE MSE A 67 -30.42 6.38 49.93
CE MSE A 67 -31.58 4.97 49.23
N SER A 68 -25.27 6.50 50.44
CA SER A 68 -24.48 7.00 51.55
C SER A 68 -24.06 8.44 51.33
N GLU A 69 -23.67 8.75 50.10
CA GLU A 69 -23.38 10.12 49.71
C GLU A 69 -24.60 11.02 49.75
N ALA A 70 -25.74 10.54 49.28
CA ALA A 70 -26.99 11.29 49.31
C ALA A 70 -27.40 11.64 50.78
N ILE A 71 -27.28 10.71 51.69
CA ILE A 71 -27.60 10.99 53.08
C ILE A 71 -26.74 12.14 53.63
N THR A 72 -25.44 12.05 53.41
CA THR A 72 -24.52 13.09 53.81
C THR A 72 -24.85 14.43 53.23
N GLN A 73 -25.21 14.44 51.97
CA GLN A 73 -25.47 15.66 51.28
C GLN A 73 -26.78 16.25 51.79
N LEU A 74 -27.81 15.43 51.92
CA LEU A 74 -29.10 15.93 52.36
C LEU A 74 -29.02 16.50 53.80
N THR A 75 -28.32 15.80 54.69
CA THR A 75 -28.14 16.25 56.04
C THR A 75 -27.34 17.57 56.07
N SER A 76 -26.34 17.70 55.19
CA SER A 76 -25.57 18.95 55.11
C SER A 76 -26.40 20.15 54.60
N LYS A 77 -27.53 19.88 53.97
CA LYS A 77 -28.39 20.95 53.53
C LYS A 77 -29.55 21.16 54.49
N GLY A 78 -29.45 20.60 55.69
CA GLY A 78 -30.39 20.88 56.76
C GLY A 78 -31.63 20.03 56.77
N ASN A 79 -31.53 18.83 56.18
CA ASN A 79 -32.61 17.84 56.23
C ASN A 79 -32.29 16.84 57.30
N PHE A 80 -33.13 16.79 58.32
CA PHE A 80 -32.96 15.82 59.42
C PHE A 80 -33.28 14.36 58.99
N ILE A 81 -32.31 13.49 59.22
CA ILE A 81 -32.39 12.06 58.98
C ILE A 81 -31.83 11.40 60.21
N PHE A 82 -32.65 10.64 60.91
CA PHE A 82 -32.15 9.92 62.07
C PHE A 82 -31.24 8.77 61.60
N ASP A 83 -30.31 8.40 62.48
CA ASP A 83 -29.39 7.31 62.22
C ASP A 83 -30.12 6.01 61.84
N SER A 84 -31.24 5.75 62.48
CA SER A 84 -32.03 4.57 62.14
C SER A 84 -32.66 4.68 60.78
N GLU A 85 -33.01 5.89 60.37
CA GLU A 85 -33.56 6.12 59.03
C GLU A 85 -32.49 5.98 57.95
N ALA A 86 -31.30 6.55 58.22
CA ALA A 86 -30.16 6.42 57.37
C ALA A 86 -29.87 4.93 57.15
N GLU A 87 -29.72 4.20 58.24
CA GLU A 87 -29.45 2.79 58.19
C GLU A 87 -30.50 2.05 57.38
N ALA A 88 -31.76 2.40 57.61
CA ALA A 88 -32.86 1.78 56.92
C ALA A 88 -32.83 2.01 55.40
N VAL A 89 -32.58 3.25 54.95
CA VAL A 89 -32.52 3.50 53.50
C VAL A 89 -31.31 2.83 52.88
N GLN A 90 -30.21 2.77 53.61
CA GLN A 90 -29.02 2.08 53.14
C GLN A 90 -29.31 0.57 52.93
N ALA A 91 -29.98 -0.05 53.87
CA ALA A 91 -30.37 -1.43 53.83
C ALA A 91 -31.35 -1.71 52.68
N ALA A 92 -32.30 -0.81 52.51
CA ALA A 92 -33.30 -0.91 51.47
C ALA A 92 -32.63 -0.93 50.10
N ILE A 93 -31.62 -0.09 49.90
CA ILE A 93 -30.98 0.02 48.60
C ILE A 93 -30.06 -1.21 48.35
N LEU A 94 -29.37 -1.67 49.39
CA LEU A 94 -28.63 -2.93 49.30
C LEU A 94 -29.55 -4.07 48.85
N LEU A 95 -30.81 -4.04 49.24
CA LEU A 95 -31.73 -5.15 49.03
C LEU A 95 -32.73 -4.97 47.91
N HIS A 96 -32.72 -3.82 47.28
CA HIS A 96 -33.79 -3.48 46.34
C HIS A 96 -33.91 -4.44 45.14
N ASP A 97 -32.81 -5.07 44.72
CA ASP A 97 -32.84 -5.95 43.57
C ASP A 97 -32.59 -7.42 43.93
N ILE A 98 -32.76 -7.76 45.21
CA ILE A 98 -32.43 -9.06 45.72
C ILE A 98 -33.29 -10.19 45.12
N GLY A 99 -34.51 -9.88 44.71
CA GLY A 99 -35.42 -10.86 44.12
C GLY A 99 -35.21 -11.20 42.66
N HIS A 100 -34.20 -10.62 42.02
CA HIS A 100 -33.82 -11.01 40.67
C HIS A 100 -33.15 -12.35 40.66
N GLY A 101 -33.67 -13.23 39.80
CA GLY A 101 -33.00 -14.48 39.48
C GLY A 101 -32.27 -14.24 38.18
N PRO A 102 -31.63 -15.31 37.64
CA PRO A 102 -30.89 -15.18 36.38
C PRO A 102 -31.86 -14.85 35.27
N PHE A 103 -31.47 -13.97 34.37
CA PHE A 103 -32.36 -13.52 33.29
C PHE A 103 -33.80 -13.33 33.79
N SER A 104 -33.97 -12.46 34.79
CA SER A 104 -35.21 -12.45 35.57
C SER A 104 -36.49 -12.27 34.75
N HIS A 105 -36.46 -11.35 33.81
CA HIS A 105 -37.62 -11.10 32.97
C HIS A 105 -37.94 -12.33 32.09
N VAL A 106 -36.90 -12.97 31.56
CA VAL A 106 -37.10 -14.20 30.81
C VAL A 106 -37.77 -15.26 31.67
N LEU A 107 -37.36 -15.41 32.93
CA LEU A 107 -37.99 -16.40 33.83
C LEU A 107 -39.49 -16.11 34.07
N GLU A 108 -39.82 -14.82 34.20
CA GLU A 108 -41.19 -14.39 34.38
C GLU A 108 -42.05 -14.72 33.15
N ASP A 109 -41.43 -14.74 31.98
CA ASP A 109 -42.14 -15.08 30.75
C ASP A 109 -42.14 -16.57 30.45
N THR A 110 -41.44 -17.40 31.23
CA THR A 110 -41.27 -18.79 30.85
C THR A 110 -41.58 -19.75 31.98
N ILE A 111 -40.60 -20.03 32.82
CA ILE A 111 -40.73 -21.12 33.78
C ILE A 111 -40.97 -20.68 35.22
N VAL A 112 -41.04 -19.38 35.45
CA VAL A 112 -41.48 -18.86 36.76
C VAL A 112 -42.53 -17.79 36.51
N GLN A 113 -43.62 -18.22 35.90
CA GLN A 113 -44.61 -17.29 35.33
C GLN A 113 -45.39 -16.51 36.36
N GLY A 114 -45.65 -15.25 36.04
CA GLY A 114 -46.55 -14.42 36.84
C GLY A 114 -46.07 -14.03 38.22
N VAL A 115 -44.76 -14.09 38.44
CA VAL A 115 -44.16 -13.61 39.68
C VAL A 115 -43.12 -12.60 39.24
N SER A 116 -43.12 -11.41 39.84
CA SER A 116 -42.13 -10.38 39.49
C SER A 116 -41.03 -10.38 40.53
N HIS A 117 -39.89 -9.84 40.14
CA HIS A 117 -38.74 -9.76 41.07
C HIS A 117 -39.09 -8.89 42.28
N GLU A 118 -39.97 -7.92 42.06
CA GLU A 118 -40.38 -7.00 43.10
C GLU A 118 -41.11 -7.76 44.23
N GLU A 119 -41.99 -8.67 43.84
CA GLU A 119 -42.64 -9.58 44.79
C GLU A 119 -41.62 -10.50 45.48
N ILE A 120 -40.64 -11.00 44.72
CA ILE A 120 -39.64 -11.90 45.29
C ILE A 120 -38.71 -11.14 46.23
N SER A 121 -38.34 -9.92 45.85
CA SER A 121 -37.52 -9.08 46.71
C SER A 121 -38.15 -8.92 48.10
N LEU A 122 -39.44 -8.64 48.13
CA LEU A 122 -40.17 -8.49 49.37
C LEU A 122 -40.20 -9.76 50.23
N MSE A 123 -40.42 -10.88 49.57
CA MSE A 123 -40.38 -12.19 50.24
C MSE A 123 -39.01 -12.46 50.85
O MSE A 123 -38.91 -12.95 51.98
CB MSE A 123 -40.76 -13.31 49.27
CG MSE A 123 -42.19 -13.33 48.83
SE MSE A 123 -42.49 -14.46 47.22
CE MSE A 123 -42.70 -16.17 48.12
N LEU A 124 -37.95 -12.11 50.12
CA LEU A 124 -36.60 -12.36 50.60
C LEU A 124 -36.26 -11.37 51.72
N MSE A 125 -36.76 -10.14 51.62
CA MSE A 125 -36.52 -9.13 52.66
C MSE A 125 -37.15 -9.54 53.98
O MSE A 125 -36.52 -9.39 55.04
CB MSE A 125 -37.11 -7.79 52.24
CG MSE A 125 -36.30 -7.10 51.21
SE MSE A 125 -37.19 -5.49 50.62
CE MSE A 125 -36.25 -4.25 51.81
N GLU A 126 -38.37 -10.04 53.91
CA GLU A 126 -39.09 -10.54 55.07
C GLU A 126 -38.39 -11.75 55.64
N ARG A 127 -37.91 -12.62 54.78
CA ARG A 127 -37.19 -13.80 55.19
C ARG A 127 -35.93 -13.41 55.93
N MSE A 128 -35.18 -12.45 55.41
CA MSE A 128 -33.98 -11.96 56.10
CA MSE A 128 -33.97 -11.95 56.08
C MSE A 128 -34.29 -11.21 57.39
O MSE A 128 -33.51 -11.22 58.33
CB MSE A 128 -33.18 -11.06 55.20
CB MSE A 128 -33.16 -11.04 55.14
CG MSE A 128 -32.52 -11.80 54.10
CG MSE A 128 -31.70 -10.85 55.56
SE MSE A 128 -31.63 -10.55 52.98
SE MSE A 128 -30.61 -9.63 54.48
CE MSE A 128 -30.29 -9.90 54.22
CE MSE A 128 -30.46 -10.65 52.86
N ASN A 129 -35.43 -10.55 57.42
CA ASN A 129 -35.83 -9.81 58.60
C ASN A 129 -36.10 -10.75 59.78
N LYS A 130 -36.69 -11.91 59.52
CA LYS A 130 -36.89 -12.91 60.55
C LYS A 130 -35.54 -13.38 61.07
N GLU A 131 -34.62 -13.71 60.15
CA GLU A 131 -33.29 -14.12 60.55
C GLU A 131 -32.63 -13.07 61.42
N MSE A 132 -32.88 -11.81 61.13
CA MSE A 132 -32.21 -10.71 61.81
C MSE A 132 -33.08 -10.04 62.86
O MSE A 132 -32.82 -8.90 63.25
CB MSE A 132 -31.74 -9.69 60.77
CG MSE A 132 -30.67 -10.24 59.85
SE MSE A 132 -30.11 -8.92 58.51
CE MSE A 132 -28.62 -9.86 57.63
N ASN A 133 -34.11 -10.78 63.32
CA ASN A 133 -34.94 -10.38 64.47
C ASN A 133 -35.50 -8.98 64.39
N GLY A 134 -36.05 -8.65 63.23
CA GLY A 134 -36.76 -7.38 63.01
C GLY A 134 -35.91 -6.15 62.67
N GLN A 135 -34.60 -6.32 62.55
CA GLN A 135 -33.68 -5.24 62.25
C GLN A 135 -33.88 -4.56 60.89
N LEU A 136 -34.60 -5.22 59.97
CA LEU A 136 -34.91 -4.66 58.68
C LEU A 136 -36.33 -4.12 58.57
N SER A 137 -37.07 -4.09 59.68
CA SER A 137 -38.48 -3.70 59.58
C SER A 137 -38.67 -2.29 59.01
N LEU A 138 -37.86 -1.34 59.49
CA LEU A 138 -37.95 0.04 59.00
C LEU A 138 -37.54 0.14 57.52
N ALA A 139 -36.48 -0.57 57.13
CA ALA A 139 -36.06 -0.63 55.73
C ALA A 139 -37.20 -1.09 54.82
N ILE A 140 -37.92 -2.12 55.26
CA ILE A 140 -39.00 -2.70 54.47
C ILE A 140 -40.15 -1.71 54.39
N GLN A 141 -40.37 -0.99 55.47
CA GLN A 141 -41.45 0.01 55.49
C GLN A 141 -41.17 1.18 54.51
N ILE A 142 -39.92 1.62 54.46
CA ILE A 142 -39.49 2.64 53.52
C ILE A 142 -39.51 2.11 52.07
N PHE A 143 -38.99 0.88 51.88
CA PHE A 143 -39.10 0.18 50.61
C PHE A 143 -40.50 0.19 50.03
N LYS A 144 -41.49 -0.08 50.88
CA LYS A 144 -42.89 -0.17 50.45
C LYS A 144 -43.55 1.19 50.33
N ASP A 145 -42.83 2.25 50.71
CA ASP A 145 -43.39 3.60 50.76
C ASP A 145 -44.52 3.76 51.80
N GLU A 146 -44.35 3.09 52.94
CA GLU A 146 -45.32 3.13 53.99
C GLU A 146 -44.80 3.89 55.18
N TYR A 147 -43.78 4.71 54.98
CA TYR A 147 -43.19 5.52 56.05
C TYR A 147 -43.54 6.99 55.82
N PRO A 148 -43.90 7.72 56.89
CA PRO A 148 -44.39 9.08 56.73
C PRO A 148 -43.36 10.13 56.28
N LYS A 149 -42.06 9.90 56.48
CA LYS A 149 -40.99 10.76 55.86
C LYS A 149 -40.65 10.26 54.44
N ARG A 150 -41.37 10.80 53.46
CA ARG A 150 -41.51 10.15 52.17
C ARG A 150 -40.37 10.32 51.18
N PHE A 151 -39.50 11.29 51.42
CA PHE A 151 -38.39 11.50 50.52
C PHE A 151 -37.39 10.35 50.58
N LEU A 152 -37.40 9.60 51.69
CA LEU A 152 -36.50 8.49 51.88
C LEU A 152 -36.79 7.40 50.87
N HIS A 153 -38.07 7.07 50.72
CA HIS A 153 -38.48 6.09 49.75
C HIS A 153 -38.08 6.56 48.35
N GLN A 154 -38.24 7.85 48.09
CA GLN A 154 -37.89 8.42 46.78
C GLN A 154 -36.42 8.20 46.36
N LEU A 155 -35.55 8.06 47.35
CA LEU A 155 -34.15 7.78 47.12
C LEU A 155 -33.95 6.30 46.69
N VAL A 156 -34.89 5.44 47.06
CA VAL A 156 -34.86 4.04 46.68
C VAL A 156 -35.51 3.86 45.33
N SER A 157 -36.64 4.54 45.13
CA SER A 157 -37.43 4.36 43.94
C SER A 157 -38.13 5.64 43.53
N GLY A 158 -37.78 6.13 42.34
CA GLY A 158 -38.29 7.40 41.82
C GLY A 158 -37.38 8.01 40.76
N GLN A 159 -37.79 9.16 40.25
CA GLN A 159 -37.08 9.81 39.16
C GLN A 159 -35.58 10.04 39.43
N LEU A 160 -35.22 10.21 40.69
CA LEU A 160 -33.84 10.46 41.06
C LEU A 160 -33.24 9.37 41.94
N ASP A 161 -33.75 8.15 41.84
CA ASP A 161 -33.37 7.08 42.79
C ASP A 161 -31.92 6.60 42.60
N MSE A 162 -31.38 6.03 43.63
CA MSE A 162 -29.98 5.62 43.63
C MSE A 162 -29.76 4.41 42.71
O MSE A 162 -28.66 4.15 42.29
CB MSE A 162 -29.55 5.30 45.07
CG MSE A 162 -29.64 6.46 46.07
SE MSE A 162 -28.61 8.04 45.57
CE MSE A 162 -30.12 9.11 44.99
N ASP A 163 -30.84 3.68 42.45
CA ASP A 163 -30.89 2.55 41.57
C ASP A 163 -30.48 2.97 40.16
N ARG A 164 -31.21 3.92 39.56
CA ARG A 164 -30.89 4.37 38.21
C ARG A 164 -29.61 5.20 38.14
N LEU A 165 -29.32 5.95 39.18
CA LEU A 165 -28.07 6.66 39.23
C LEU A 165 -26.89 5.70 39.25
N ASP A 166 -27.03 4.53 39.85
CA ASP A 166 -25.98 3.55 39.69
C ASP A 166 -26.01 2.94 38.27
N TYR A 167 -27.14 2.37 37.86
CA TYR A 167 -27.13 1.54 36.69
C TYR A 167 -26.85 2.33 35.43
N LEU A 168 -27.39 3.53 35.27
CA LEU A 168 -27.08 4.25 34.03
C LEU A 168 -25.57 4.47 33.93
N ARG A 169 -24.93 4.83 35.03
CA ARG A 169 -23.50 5.10 35.04
C ARG A 169 -22.69 3.80 34.81
N ARG A 170 -23.07 2.75 35.56
CA ARG A 170 -22.34 1.47 35.59
C ARG A 170 -22.46 0.75 34.25
N ASP A 171 -23.66 0.71 33.73
CA ASP A 171 -23.96 0.08 32.50
C ASP A 171 -23.20 0.75 31.37
N SER A 172 -23.13 2.07 31.43
CA SER A 172 -22.42 2.88 30.44
C SER A 172 -20.95 2.60 30.49
N PHE A 173 -20.42 2.60 31.70
CA PHE A 173 -19.01 2.31 31.95
C PHE A 173 -18.58 0.94 31.40
N TYR A 174 -19.37 -0.09 31.65
CA TYR A 174 -18.99 -1.45 31.33
C TYR A 174 -19.26 -1.77 29.87
N THR A 175 -20.36 -1.28 29.31
CA THR A 175 -20.61 -1.47 27.89
C THR A 175 -19.59 -0.66 27.07
N GLY A 176 -19.17 0.48 27.59
CA GLY A 176 -18.29 1.41 26.88
C GLY A 176 -19.06 2.40 26.02
N VAL A 177 -20.39 2.35 26.12
CA VAL A 177 -21.28 3.35 25.56
C VAL A 177 -21.20 4.63 26.39
N THR A 178 -20.12 5.39 26.20
CA THR A 178 -19.87 6.61 26.97
C THR A 178 -20.85 7.76 26.72
N GLU A 179 -21.67 7.64 25.67
CA GLU A 179 -22.65 8.64 25.33
C GLU A 179 -23.81 8.65 26.32
N GLY A 180 -23.94 7.55 27.05
CA GLY A 180 -24.90 7.41 28.12
C GLY A 180 -24.36 7.62 29.50
N ASN A 181 -23.14 8.12 29.63
CA ASN A 181 -22.61 8.43 30.93
C ASN A 181 -23.33 9.57 31.64
N ILE A 182 -23.48 9.45 32.96
CA ILE A 182 -24.15 10.50 33.78
C ILE A 182 -23.27 10.88 34.96
N GLY A 183 -23.47 12.10 35.44
CA GLY A 183 -22.73 12.62 36.56
C GLY A 183 -23.43 12.23 37.85
N SER A 184 -23.42 10.93 38.18
CA SER A 184 -24.20 10.43 39.32
C SER A 184 -23.85 11.19 40.61
N ALA A 185 -22.56 11.30 40.92
CA ALA A 185 -22.12 12.03 42.10
C ALA A 185 -22.48 13.53 42.05
N ARG A 186 -22.40 14.13 40.87
CA ARG A 186 -22.81 15.51 40.71
C ARG A 186 -24.28 15.76 40.98
N ILE A 187 -25.13 14.89 40.44
CA ILE A 187 -26.54 14.98 40.65
C ILE A 187 -26.83 14.91 42.15
N ILE A 188 -26.20 13.96 42.85
CA ILE A 188 -26.41 13.82 44.29
C ILE A 188 -26.01 15.11 45.03
N LYS A 189 -24.92 15.75 44.63
CA LYS A 189 -24.52 17.01 45.25
C LYS A 189 -25.51 18.15 45.11
N MSE A 190 -26.41 18.06 44.14
CA MSE A 190 -27.40 19.07 43.86
C MSE A 190 -28.77 18.66 44.40
O MSE A 190 -29.78 19.30 44.14
CB MSE A 190 -27.49 19.31 42.34
CG MSE A 190 -26.26 19.92 41.73
SE MSE A 190 -25.68 21.66 42.47
CE MSE A 190 -24.21 21.15 43.63
N LEU A 191 -28.80 17.58 45.16
CA LEU A 191 -30.04 17.04 45.63
C LEU A 191 -30.47 17.79 46.90
N ASP A 192 -31.79 17.97 47.07
CA ASP A 192 -32.35 18.50 48.30
C ASP A 192 -33.80 18.05 48.42
N VAL A 193 -34.46 18.45 49.52
CA VAL A 193 -35.88 18.16 49.77
C VAL A 193 -36.66 19.47 49.91
N ALA A 194 -37.83 19.50 49.29
CA ALA A 194 -38.82 20.58 49.45
C ALA A 194 -40.19 19.91 49.53
N ASP A 195 -40.94 20.18 50.61
CA ASP A 195 -42.26 19.59 50.87
C ASP A 195 -42.27 18.07 50.81
N ASP A 196 -41.31 17.48 51.51
CA ASP A 196 -41.14 16.02 51.63
C ASP A 196 -41.01 15.34 50.26
N ARG A 197 -40.35 16.01 49.34
CA ARG A 197 -40.11 15.44 48.03
C ARG A 197 -38.74 15.88 47.49
N LEU A 198 -38.11 15.02 46.72
CA LEU A 198 -36.75 15.30 46.28
C LEU A 198 -36.73 16.38 45.18
N VAL A 199 -35.77 17.28 45.25
CA VAL A 199 -35.63 18.33 44.27
C VAL A 199 -34.15 18.47 43.93
N ILE A 200 -33.89 19.16 42.83
CA ILE A 200 -32.52 19.42 42.39
C ILE A 200 -32.30 20.93 42.34
N GLU A 201 -31.20 21.36 42.94
CA GLU A 201 -30.80 22.77 42.89
C GLU A 201 -30.52 23.24 41.45
N SER A 202 -30.98 24.43 41.11
CA SER A 202 -30.86 25.00 39.77
C SER A 202 -29.46 24.93 39.19
N LYS A 203 -28.42 24.98 40.00
CA LYS A 203 -27.07 24.79 39.48
C LYS A 203 -26.85 23.40 38.84
N GLY A 204 -27.75 22.47 39.12
CA GLY A 204 -27.67 21.13 38.55
C GLY A 204 -28.56 20.90 37.37
N ILE A 205 -29.13 21.95 36.78
CA ILE A 205 -30.01 21.79 35.62
C ILE A 205 -29.27 21.05 34.46
N TYR A 206 -27.99 21.36 34.24
CA TYR A 206 -27.21 20.78 33.11
C TYR A 206 -26.96 19.29 33.31
N SER A 207 -26.51 18.94 34.50
CA SER A 207 -26.49 17.55 34.96
C SER A 207 -27.79 16.75 34.72
N ILE A 208 -28.92 17.39 34.95
CA ILE A 208 -30.20 16.76 34.77
C ILE A 208 -30.61 16.70 33.33
N GLU A 209 -30.18 17.68 32.56
CA GLU A 209 -30.44 17.67 31.13
C GLU A 209 -29.71 16.48 30.49
N ASN A 210 -28.45 16.31 30.84
CA ASN A 210 -27.69 15.14 30.39
C ASN A 210 -28.30 13.83 30.89
N PHE A 211 -28.80 13.82 32.11
CA PHE A 211 -29.38 12.62 32.73
C PHE A 211 -30.56 12.14 31.91
N LEU A 212 -31.42 13.08 31.55
CA LEU A 212 -32.64 12.75 30.82
C LEU A 212 -32.35 12.29 29.38
N THR A 213 -31.34 12.86 28.74
CA THR A 213 -30.97 12.43 27.39
C THR A 213 -30.24 11.08 27.38
N ALA A 214 -29.33 10.89 28.33
CA ALA A 214 -28.58 9.66 28.48
C ALA A 214 -29.47 8.46 28.73
N ARG A 215 -30.53 8.67 29.50
CA ARG A 215 -31.46 7.60 29.78
C ARG A 215 -32.15 7.11 28.52
N ARG A 216 -32.46 8.04 27.62
CA ARG A 216 -33.07 7.72 26.36
C ARG A 216 -32.08 7.02 25.41
N LEU A 217 -30.85 7.50 25.38
CA LEU A 217 -29.82 6.90 24.58
C LEU A 217 -29.56 5.48 25.01
N MSE A 218 -29.39 5.26 26.31
CA MSE A 218 -29.15 3.91 26.82
C MSE A 218 -30.33 2.99 26.55
O MSE A 218 -30.13 1.83 26.27
CB MSE A 218 -28.88 3.90 28.32
CG MSE A 218 -27.58 4.54 28.73
SE MSE A 218 -26.01 3.65 28.04
CE MSE A 218 -26.01 2.02 29.28
N TYR A 219 -31.56 3.51 26.64
CA TYR A 219 -32.74 2.74 26.33
C TYR A 219 -32.62 2.09 24.96
N TRP A 220 -32.42 2.88 23.92
CA TRP A 220 -32.35 2.36 22.55
C TRP A 220 -31.00 1.73 22.18
N GLN A 221 -29.89 2.29 22.68
CA GLN A 221 -28.60 1.85 22.25
C GLN A 221 -28.22 0.52 22.92
N VAL A 222 -28.64 0.32 24.16
CA VAL A 222 -28.25 -0.85 24.95
C VAL A 222 -29.46 -1.74 25.26
N TYR A 223 -30.44 -1.21 25.98
CA TYR A 223 -31.45 -2.07 26.61
C TYR A 223 -32.37 -2.66 25.58
N LEU A 224 -32.67 -1.93 24.51
CA LEU A 224 -33.49 -2.43 23.42
C LEU A 224 -32.67 -2.61 22.16
N HIS A 225 -31.36 -2.85 22.28
CA HIS A 225 -30.56 -3.19 21.12
C HIS A 225 -31.14 -4.45 20.50
N LYS A 226 -31.28 -4.43 19.18
CA LYS A 226 -32.04 -5.46 18.50
C LYS A 226 -31.35 -6.82 18.55
N THR A 227 -30.02 -6.83 18.60
CA THR A 227 -29.29 -8.06 18.77
C THR A 227 -29.65 -8.68 20.13
N SER A 228 -29.74 -7.84 21.17
CA SER A 228 -30.16 -8.27 22.55
C SER A 228 -31.63 -8.74 22.60
N VAL A 229 -32.50 -8.08 21.86
CA VAL A 229 -33.90 -8.49 21.73
C VAL A 229 -33.95 -9.89 21.10
N ALA A 230 -33.16 -10.09 20.05
CA ALA A 230 -33.11 -11.40 19.37
C ALA A 230 -32.63 -12.51 20.31
N TYR A 231 -31.55 -12.24 21.02
CA TYR A 231 -30.98 -13.16 21.99
C TYR A 231 -31.99 -13.54 23.03
N GLU A 232 -32.71 -12.55 23.52
CA GLU A 232 -33.73 -12.82 24.54
C GLU A 232 -34.82 -13.74 24.01
N ARG A 233 -35.25 -13.51 22.78
CA ARG A 233 -36.28 -14.37 22.15
C ARG A 233 -35.81 -15.82 22.03
N MSE A 234 -34.55 -16.00 21.65
CA MSE A 234 -33.93 -17.31 21.62
C MSE A 234 -33.91 -17.96 23.00
O MSE A 234 -34.20 -19.16 23.12
CB MSE A 234 -32.50 -17.22 21.14
CG MSE A 234 -32.34 -16.75 19.72
SE MSE A 234 -30.47 -16.64 19.28
CE MSE A 234 -30.14 -18.49 19.38
N LEU A 235 -33.53 -17.22 24.03
CA LEU A 235 -33.54 -17.85 25.37
C LEU A 235 -34.96 -18.21 25.81
N ILE A 236 -35.92 -17.34 25.51
CA ILE A 236 -37.31 -17.61 25.81
C ILE A 236 -37.74 -18.90 25.09
N SER A 237 -37.41 -19.06 23.81
CA SER A 237 -37.74 -20.31 23.07
C SER A 237 -37.12 -21.53 23.70
N THR A 238 -35.83 -21.43 24.02
CA THR A 238 -35.06 -22.54 24.55
C THR A 238 -35.70 -23.04 25.82
N LEU A 239 -36.00 -22.14 26.75
CA LEU A 239 -36.61 -22.56 28.01
C LEU A 239 -38.03 -23.10 27.81
N LEU A 240 -38.80 -22.50 26.91
CA LEU A 240 -40.16 -23.00 26.65
C LEU A 240 -40.11 -24.44 26.09
N ARG A 241 -39.20 -24.67 25.15
CA ARG A 241 -39.02 -25.98 24.57
C ARG A 241 -38.58 -26.98 25.62
N ALA A 242 -37.69 -26.56 26.50
CA ALA A 242 -37.26 -27.39 27.63
C ALA A 242 -38.46 -27.77 28.52
N LYS A 243 -39.34 -26.83 28.80
CA LYS A 243 -40.50 -27.13 29.65
C LYS A 243 -41.51 -28.05 28.92
N GLU A 244 -41.64 -27.88 27.61
CA GLU A 244 -42.50 -28.72 26.79
C GLU A 244 -41.99 -30.17 26.82
N LEU A 245 -40.71 -30.35 26.49
CA LEU A 245 -40.08 -31.65 26.54
C LEU A 245 -40.17 -32.28 27.93
N ALA A 246 -39.83 -31.51 28.97
CA ALA A 246 -39.94 -32.00 30.35
C ALA A 246 -41.36 -32.51 30.69
N SER A 247 -42.39 -31.78 30.28
CA SER A 247 -43.77 -32.17 30.60
C SER A 247 -44.18 -33.45 29.85
N GLN A 248 -43.55 -33.71 28.71
CA GLN A 248 -43.68 -34.97 27.99
C GLN A 248 -42.83 -36.08 28.62
N GLY A 249 -42.11 -35.79 29.70
CA GLY A 249 -41.30 -36.81 30.37
C GLY A 249 -39.90 -37.00 29.80
N VAL A 250 -39.51 -36.16 28.85
CA VAL A 250 -38.15 -36.22 28.34
C VAL A 250 -37.15 -35.85 29.43
N GLU A 251 -35.98 -36.48 29.43
CA GLU A 251 -34.91 -36.21 30.41
C GLU A 251 -33.98 -35.11 29.91
N LEU A 252 -33.88 -34.05 30.69
CA LEU A 252 -33.02 -32.92 30.38
C LEU A 252 -32.03 -32.76 31.49
N PHE A 253 -30.77 -32.52 31.16
CA PHE A 253 -29.82 -32.13 32.16
C PHE A 253 -30.25 -30.83 32.85
N ALA A 254 -30.19 -30.81 34.18
CA ALA A 254 -30.48 -29.64 34.97
C ALA A 254 -30.02 -29.79 36.42
N SER A 255 -29.52 -28.70 37.00
CA SER A 255 -29.33 -28.62 38.45
C SER A 255 -30.66 -28.86 39.12
N PRO A 256 -30.67 -29.37 40.35
CA PRO A 256 -31.91 -29.54 41.09
C PRO A 256 -32.78 -28.31 41.13
N ALA A 257 -32.20 -27.13 41.37
CA ALA A 257 -33.00 -25.91 41.40
C ALA A 257 -33.69 -25.65 40.07
N LEU A 258 -32.98 -25.81 38.96
CA LEU A 258 -33.58 -25.58 37.63
C LEU A 258 -34.59 -26.66 37.28
N HIS A 259 -34.22 -27.90 37.58
CA HIS A 259 -35.12 -29.05 37.43
C HIS A 259 -36.50 -28.80 38.07
N PHE A 260 -36.51 -28.28 39.28
CA PHE A 260 -37.77 -27.92 39.92
C PHE A 260 -38.75 -27.12 39.03
N PHE A 261 -38.25 -26.14 38.29
CA PHE A 261 -39.12 -25.26 37.49
C PHE A 261 -39.43 -25.84 36.12
N LEU A 262 -38.56 -26.74 35.64
CA LEU A 262 -38.78 -27.40 34.37
C LEU A 262 -39.81 -28.53 34.46
N TYR A 263 -39.82 -29.23 35.59
CA TYR A 263 -40.58 -30.44 35.77
C TYR A 263 -41.81 -30.25 36.64
N ASN A 264 -42.08 -29.02 37.07
CA ASN A 264 -43.35 -28.64 37.71
C ASN A 264 -43.87 -27.39 36.99
N ASP A 265 -45.17 -27.17 37.04
CA ASP A 265 -45.75 -26.00 36.43
C ASP A 265 -45.88 -24.99 37.53
N ILE A 266 -44.93 -24.06 37.60
CA ILE A 266 -44.92 -23.04 38.61
C ILE A 266 -45.50 -21.73 38.09
N ASN A 267 -46.55 -21.29 38.79
CA ASN A 267 -47.29 -20.10 38.47
C ASN A 267 -47.41 -19.30 39.77
N HIS A 268 -48.03 -18.13 39.67
CA HIS A 268 -48.14 -17.21 40.78
C HIS A 268 -48.68 -17.86 42.06
N THR A 269 -49.77 -18.59 41.95
CA THR A 269 -50.41 -19.23 43.10
C THR A 269 -49.47 -20.17 43.81
N GLU A 270 -48.88 -21.03 42.99
CA GLU A 270 -47.96 -22.05 43.44
C GLU A 270 -46.73 -21.45 44.12
N PHE A 271 -46.22 -20.37 43.53
CA PHE A 271 -45.02 -19.74 44.04
C PHE A 271 -45.19 -19.20 45.44
N HIS A 272 -46.31 -18.54 45.68
CA HIS A 272 -46.59 -17.95 46.99
C HIS A 272 -46.96 -19.04 48.00
N ASN A 273 -47.72 -20.03 47.54
CA ASN A 273 -48.31 -21.02 48.45
C ASN A 273 -47.42 -22.20 48.78
N ASN A 274 -46.61 -22.65 47.83
CA ASN A 274 -45.67 -23.72 48.09
C ASN A 274 -44.26 -23.19 48.38
N PRO A 275 -43.79 -23.34 49.62
CA PRO A 275 -42.52 -22.76 50.04
C PRO A 275 -41.27 -23.33 49.36
N ASP A 276 -41.41 -24.47 48.70
CA ASP A 276 -40.32 -25.04 47.92
C ASP A 276 -39.96 -24.20 46.71
N CYS A 277 -40.90 -23.39 46.22
CA CYS A 277 -40.62 -22.54 45.08
C CYS A 277 -39.55 -21.50 45.40
N LEU A 278 -39.76 -20.74 46.46
CA LEU A 278 -38.78 -19.76 46.89
C LEU A 278 -37.45 -20.44 47.24
N GLU A 279 -37.48 -21.60 47.90
CA GLU A 279 -36.23 -22.28 48.26
C GLU A 279 -35.40 -22.66 47.05
N ASN A 280 -36.05 -23.10 45.99
CA ASN A 280 -35.34 -23.44 44.75
C ASN A 280 -34.93 -22.23 43.93
N PHE A 281 -35.76 -21.18 43.96
CA PHE A 281 -35.50 -19.95 43.23
C PHE A 281 -34.23 -19.26 43.72
N ILE A 282 -34.07 -19.22 45.02
CA ILE A 282 -32.90 -18.74 45.72
C ILE A 282 -31.60 -19.37 45.23
N GLN A 283 -31.68 -20.61 44.79
CA GLN A 283 -30.54 -21.36 44.33
C GLN A 283 -30.27 -21.22 42.83
N LEU A 284 -31.06 -20.42 42.13
CA LEU A 284 -30.84 -20.18 40.72
C LEU A 284 -29.92 -19.01 40.52
N ASP A 285 -28.92 -19.16 39.66
CA ASP A 285 -28.17 -18.02 39.15
C ASP A 285 -27.79 -18.29 37.73
N ASP A 286 -26.95 -17.45 37.14
CA ASP A 286 -26.66 -17.57 35.72
C ASP A 286 -26.02 -18.91 35.37
N ASN A 287 -25.23 -19.48 36.30
CA ASN A 287 -24.58 -20.76 36.07
C ASN A 287 -25.55 -21.90 35.79
N ASP A 288 -26.68 -21.89 36.44
CA ASP A 288 -27.70 -22.88 36.20
C ASP A 288 -28.25 -22.78 34.79
N ILE A 289 -28.45 -21.56 34.29
CA ILE A 289 -28.97 -21.38 32.95
C ILE A 289 -27.92 -21.75 31.89
N TRP A 290 -26.69 -21.28 32.02
CA TRP A 290 -25.65 -21.57 31.02
C TRP A 290 -25.21 -23.02 31.02
N THR A 291 -25.20 -23.67 32.16
CA THR A 291 -24.85 -25.07 32.18
C THR A 291 -25.89 -25.88 31.43
N ALA A 292 -27.16 -25.57 31.66
CA ALA A 292 -28.23 -26.23 30.93
C ALA A 292 -28.04 -26.05 29.42
N LEU A 293 -27.89 -24.82 28.98
CA LEU A 293 -27.70 -24.54 27.57
C LEU A 293 -26.51 -25.29 26.95
N LYS A 294 -25.40 -25.31 27.68
CA LYS A 294 -24.21 -26.03 27.24
C LYS A 294 -24.46 -27.53 27.02
N VAL A 295 -25.11 -28.17 27.97
CA VAL A 295 -25.38 -29.60 27.88
C VAL A 295 -26.51 -29.89 26.86
N TRP A 296 -27.51 -29.03 26.83
CA TRP A 296 -28.62 -29.20 25.91
C TRP A 296 -28.19 -28.99 24.48
N SER A 297 -27.05 -28.34 24.26
CA SER A 297 -26.59 -28.14 22.91
C SER A 297 -26.22 -29.48 22.22
N ASN A 298 -26.03 -30.54 23.00
CA ASN A 298 -25.84 -31.87 22.44
C ASN A 298 -27.06 -32.78 22.62
N HIS A 299 -28.19 -32.23 23.03
CA HIS A 299 -29.38 -33.04 23.24
C HIS A 299 -29.87 -33.57 21.89
N PRO A 300 -30.49 -34.77 21.89
CA PRO A 300 -31.06 -35.29 20.65
C PRO A 300 -32.22 -34.51 20.03
N ASP A 301 -33.03 -33.81 20.83
CA ASP A 301 -34.04 -32.93 20.26
C ASP A 301 -33.41 -31.88 19.32
N LYS A 302 -33.91 -31.77 18.11
CA LYS A 302 -33.37 -30.84 17.13
C LYS A 302 -33.66 -29.40 17.53
N VAL A 303 -34.88 -29.14 18.00
CA VAL A 303 -35.27 -27.78 18.39
C VAL A 303 -34.37 -27.24 19.54
N LEU A 304 -34.41 -27.94 20.68
CA LEU A 304 -33.66 -27.59 21.86
C LEU A 304 -32.19 -27.44 21.60
N SER A 305 -31.61 -28.37 20.86
CA SER A 305 -30.18 -28.37 20.67
C SER A 305 -29.73 -27.28 19.72
N THR A 306 -30.55 -26.95 18.73
CA THR A 306 -30.19 -25.92 17.76
C THR A 306 -30.26 -24.54 18.41
N LEU A 307 -31.31 -24.34 19.21
CA LEU A 307 -31.44 -23.12 20.01
C LEU A 307 -30.29 -23.00 20.99
N SER A 308 -30.06 -24.06 21.76
CA SER A 308 -29.00 -24.08 22.75
C SER A 308 -27.62 -23.82 22.18
N LEU A 309 -27.34 -24.42 21.04
CA LEU A 309 -26.04 -24.25 20.41
C LEU A 309 -25.90 -22.83 19.86
N GLY A 310 -26.98 -22.29 19.34
CA GLY A 310 -26.99 -20.89 18.92
C GLY A 310 -26.66 -19.92 20.05
N MSE A 311 -27.22 -20.17 21.24
CA MSE A 311 -26.95 -19.40 22.43
C MSE A 311 -25.46 -19.46 22.75
O MSE A 311 -24.83 -18.43 22.82
CB MSE A 311 -27.67 -19.96 23.65
CG MSE A 311 -29.18 -19.90 23.66
SE MSE A 311 -29.90 -18.14 23.82
CE MSE A 311 -28.94 -17.35 25.36
N ILE A 312 -24.92 -20.65 22.96
CA ILE A 312 -23.55 -20.73 23.43
C ILE A 312 -22.51 -20.36 22.36
N ASN A 313 -22.83 -20.56 21.09
CA ASN A 313 -21.87 -20.24 20.02
C ASN A 313 -22.10 -18.87 19.39
N ARG A 314 -23.06 -18.15 19.92
CA ARG A 314 -23.40 -16.83 19.43
C ARG A 314 -23.71 -16.84 17.93
N ASN A 315 -24.58 -17.76 17.55
CA ASN A 315 -25.18 -17.69 16.25
CA ASN A 315 -25.22 -17.74 16.23
C ASN A 315 -26.63 -17.24 16.46
N ILE A 316 -26.78 -15.93 16.37
CA ILE A 316 -28.01 -15.25 16.80
C ILE A 316 -28.99 -15.13 15.67
N PHE A 317 -30.29 -15.29 16.00
CA PHE A 317 -31.38 -15.04 15.05
C PHE A 317 -31.14 -13.74 14.28
N LYS A 318 -31.42 -13.73 12.99
CA LYS A 318 -31.42 -12.50 12.24
C LYS A 318 -32.60 -11.66 12.77
N VAL A 319 -32.43 -10.33 12.83
CA VAL A 319 -33.48 -9.44 13.34
C VAL A 319 -33.72 -8.28 12.39
N GLU A 320 -34.98 -8.13 12.01
CA GLU A 320 -35.45 -6.99 11.22
C GLU A 320 -36.37 -6.19 12.11
N ASN A 321 -36.43 -4.89 11.88
CA ASN A 321 -37.44 -4.08 12.52
C ASN A 321 -38.21 -3.26 11.50
N SER A 322 -39.48 -3.01 11.80
CA SER A 322 -40.38 -2.26 10.95
C SER A 322 -41.18 -1.29 11.81
N ALA A 323 -41.59 -0.16 11.23
CA ALA A 323 -42.47 0.80 11.92
C ALA A 323 -43.91 0.29 11.92
N GLU A 324 -44.21 -0.65 11.02
CA GLU A 324 -45.51 -1.30 10.99
C GLU A 324 -45.42 -2.78 11.30
N PRO A 325 -46.54 -3.36 11.78
CA PRO A 325 -46.63 -4.78 12.12
C PRO A 325 -46.09 -5.72 11.07
N ILE A 326 -45.56 -6.85 11.52
CA ILE A 326 -45.00 -7.82 10.62
C ILE A 326 -46.14 -8.59 9.97
N GLY A 327 -46.11 -8.69 8.66
CA GLY A 327 -47.16 -9.35 7.90
C GLY A 327 -47.23 -10.85 8.14
N GLU A 328 -48.45 -11.34 8.39
CA GLU A 328 -48.73 -12.75 8.60
C GLU A 328 -48.16 -13.65 7.50
N ASP A 329 -48.10 -13.13 6.27
CA ASP A 329 -47.59 -13.91 5.16
C ASP A 329 -46.07 -14.10 5.22
N ARG A 330 -45.36 -13.07 5.66
CA ARG A 330 -43.92 -13.14 5.88
C ARG A 330 -43.60 -14.21 6.94
N ILE A 331 -44.33 -14.16 8.05
CA ILE A 331 -44.13 -15.08 9.15
C ILE A 331 -44.29 -16.52 8.68
N LYS A 332 -45.40 -16.81 8.00
CA LYS A 332 -45.68 -18.16 7.50
C LYS A 332 -44.59 -18.64 6.52
N GLU A 333 -44.13 -17.73 5.68
CA GLU A 333 -43.10 -18.05 4.71
C GLU A 333 -41.82 -18.49 5.42
N LEU A 334 -41.36 -17.67 6.37
CA LEU A 334 -40.16 -17.99 7.16
C LEU A 334 -40.34 -19.28 7.95
N THR A 335 -41.49 -19.45 8.61
CA THR A 335 -41.71 -20.62 9.42
C THR A 335 -41.58 -21.88 8.55
N LEU A 336 -42.14 -21.82 7.34
CA LEU A 336 -42.10 -22.94 6.38
C LEU A 336 -40.66 -23.21 5.91
N GLN A 337 -39.95 -22.17 5.49
CA GLN A 337 -38.53 -22.28 5.12
C GLN A 337 -37.68 -22.96 6.21
N ILE A 338 -37.93 -22.59 7.47
CA ILE A 338 -37.13 -23.05 8.61
C ILE A 338 -37.50 -24.49 8.92
N SER A 339 -38.80 -24.80 8.88
CA SER A 339 -39.26 -26.18 9.07
C SER A 339 -38.58 -27.12 8.05
N GLN A 340 -38.41 -26.62 6.83
CA GLN A 340 -37.76 -27.39 5.79
C GLN A 340 -36.26 -27.47 6.02
N GLN A 341 -35.62 -26.33 6.23
CA GLN A 341 -34.15 -26.23 6.40
C GLN A 341 -33.65 -27.06 7.61
N LEU A 342 -34.44 -27.14 8.67
CA LEU A 342 -34.04 -27.90 9.87
C LEU A 342 -34.68 -29.29 9.94
N GLY A 343 -35.69 -29.53 9.12
CA GLY A 343 -36.37 -30.81 9.11
C GLY A 343 -37.16 -31.02 10.36
N ILE A 344 -38.02 -30.06 10.67
CA ILE A 344 -38.88 -30.13 11.85
C ILE A 344 -40.29 -29.81 11.41
N THR A 345 -41.26 -30.08 12.29
CA THR A 345 -42.66 -29.79 11.99
C THR A 345 -42.90 -28.29 11.95
N LEU A 346 -43.92 -27.88 11.22
CA LEU A 346 -44.29 -26.47 11.10
C LEU A 346 -44.49 -25.86 12.50
N SER A 347 -45.14 -26.63 13.38
CA SER A 347 -45.42 -26.23 14.73
C SER A 347 -44.13 -26.02 15.53
N GLU A 348 -43.17 -26.89 15.31
CA GLU A 348 -41.85 -26.78 15.92
C GLU A 348 -41.07 -25.58 15.41
N ALA A 349 -41.28 -25.21 14.16
CA ALA A 349 -40.60 -24.05 13.57
C ALA A 349 -41.07 -22.72 14.21
N ASN A 350 -42.21 -22.72 14.88
CA ASN A 350 -42.65 -21.57 15.65
C ASN A 350 -41.58 -21.09 16.62
N TYR A 351 -40.89 -22.01 17.26
CA TYR A 351 -39.76 -21.71 18.16
C TYR A 351 -38.64 -20.87 17.52
N PHE A 352 -38.60 -20.82 16.20
CA PHE A 352 -37.52 -20.17 15.47
C PHE A 352 -37.90 -18.90 14.75
N VAL A 353 -39.11 -18.43 15.00
CA VAL A 353 -39.60 -17.18 14.45
C VAL A 353 -40.35 -16.46 15.59
N SER A 354 -40.01 -15.20 15.81
CA SER A 354 -40.59 -14.45 16.91
C SER A 354 -40.82 -13.01 16.48
N THR A 355 -41.90 -12.44 16.97
CA THR A 355 -42.33 -11.12 16.56
C THR A 355 -42.74 -10.27 17.76
N PRO A 356 -41.78 -9.97 18.65
CA PRO A 356 -42.07 -9.09 19.76
C PRO A 356 -42.19 -7.66 19.25
N SER A 357 -42.85 -6.80 20.01
CA SER A 357 -42.91 -5.40 19.65
C SER A 357 -42.85 -4.53 20.87
N ILE A 358 -42.45 -3.27 20.68
CA ILE A 358 -42.48 -2.29 21.75
C ILE A 358 -43.39 -1.15 21.33
N GLU A 359 -44.24 -0.70 22.24
CA GLU A 359 -44.90 0.57 22.08
C GLU A 359 -44.56 1.44 23.27
N LYS A 360 -43.73 2.46 23.07
CA LYS A 360 -43.27 3.31 24.18
C LYS A 360 -43.48 4.81 23.95
N ASN A 361 -44.08 5.44 24.93
CA ASN A 361 -44.02 6.89 25.03
C ASN A 361 -42.73 7.36 25.66
N MSE A 362 -41.98 8.11 24.87
CA MSE A 362 -40.65 8.55 25.28
C MSE A 362 -40.67 9.57 26.42
O MSE A 362 -39.72 9.70 27.15
CB MSE A 362 -39.87 9.08 24.08
CG MSE A 362 -39.60 7.98 23.03
SE MSE A 362 -38.69 6.38 23.79
CE MSE A 362 -37.13 7.37 24.41
N TYR A 363 -41.79 10.28 26.58
CA TYR A 363 -41.97 11.14 27.74
C TYR A 363 -42.86 10.43 28.74
N ASP A 364 -42.30 10.25 29.94
CA ASP A 364 -42.95 9.54 31.03
C ASP A 364 -42.61 10.30 32.29
N PRO A 365 -43.61 10.95 32.91
CA PRO A 365 -43.31 11.75 34.11
C PRO A 365 -42.73 10.93 35.26
N ALA A 366 -43.09 9.65 35.32
CA ALA A 366 -42.45 8.69 36.24
C ALA A 366 -40.92 8.66 36.15
N ASP A 367 -40.36 9.00 35.00
CA ASP A 367 -38.91 9.14 34.89
C ASP A 367 -38.41 10.56 34.63
N ASP A 368 -39.26 11.43 34.08
CA ASP A 368 -38.84 12.76 33.61
C ASP A 368 -39.21 13.94 34.51
N SER A 369 -40.19 13.75 35.37
CA SER A 369 -40.71 14.89 36.09
C SER A 369 -39.82 15.17 37.29
N ILE A 370 -38.90 16.08 37.08
CA ILE A 370 -37.96 16.41 38.13
C ILE A 370 -38.10 17.89 38.40
N ASP A 371 -38.24 18.23 39.67
CA ASP A 371 -38.42 19.61 40.05
C ASP A 371 -37.11 20.25 40.42
N ILE A 372 -36.95 21.47 39.94
CA ILE A 372 -35.75 22.26 40.19
C ILE A 372 -36.05 23.36 41.20
N ILE A 373 -35.26 23.44 42.27
CA ILE A 373 -35.41 24.52 43.26
C ILE A 373 -34.37 25.64 43.09
N TYR A 374 -34.86 26.89 43.06
CA TYR A 374 -33.97 28.07 42.92
C TYR A 374 -33.55 28.70 44.25
N LYS A 375 -32.56 29.59 44.19
CA LYS A 375 -32.00 30.23 45.39
C LYS A 375 -33.05 30.97 46.22
N ASP A 376 -34.09 31.48 45.54
CA ASP A 376 -35.22 32.17 46.16
C ASP A 376 -36.35 31.24 46.61
N GLY A 377 -36.13 29.92 46.55
CA GLY A 377 -37.13 28.94 46.96
C GLY A 377 -38.21 28.63 45.94
N THR A 378 -38.19 29.30 44.79
CA THR A 378 -39.13 28.94 43.74
C THR A 378 -38.78 27.55 43.10
N ILE A 379 -39.81 26.88 42.62
CA ILE A 379 -39.67 25.55 42.06
C ILE A 379 -40.32 25.50 40.69
N LYS A 380 -39.55 25.01 39.73
CA LYS A 380 -40.00 24.77 38.36
C LYS A 380 -39.74 23.30 38.01
N ASN A 381 -40.62 22.72 37.23
CA ASN A 381 -40.35 21.44 36.62
C ASN A 381 -39.20 21.59 35.60
N ILE A 382 -38.38 20.55 35.46
CA ILE A 382 -37.23 20.56 34.56
C ILE A 382 -37.62 21.02 33.13
N ALA A 383 -38.81 20.64 32.66
CA ALA A 383 -39.32 21.04 31.34
C ALA A 383 -39.44 22.56 31.13
N GLU A 384 -39.72 23.28 32.21
CA GLU A 384 -39.72 24.74 32.22
C GLU A 384 -38.37 25.31 32.54
N ALA A 385 -37.64 24.67 33.46
CA ALA A 385 -36.33 25.18 33.84
C ALA A 385 -35.33 25.07 32.72
N SER A 386 -35.47 24.07 31.84
CA SER A 386 -34.50 23.85 30.78
C SER A 386 -34.80 24.84 29.63
N ASP A 387 -33.79 25.55 29.17
CA ASP A 387 -33.91 26.31 27.92
C ASP A 387 -34.26 25.35 26.78
N MSE A 388 -33.59 24.20 26.75
CA MSE A 388 -33.76 23.30 25.61
C MSE A 388 -34.85 22.27 25.80
O MSE A 388 -35.69 22.09 24.92
CB MSE A 388 -32.44 22.60 25.26
CG MSE A 388 -32.38 22.17 23.78
SE MSE A 388 -32.62 23.75 22.51
CE MSE A 388 -34.09 23.02 21.40
N LEU A 389 -34.85 21.56 26.93
CA LEU A 389 -35.79 20.44 27.05
C LEU A 389 -37.18 20.99 27.33
N ASN A 390 -38.18 20.38 26.71
CA ASN A 390 -39.56 20.75 26.96
C ASN A 390 -40.41 19.56 26.58
N ILE A 391 -41.64 19.55 27.07
CA ILE A 391 -42.52 18.39 26.94
C ILE A 391 -42.74 18.03 25.52
N SER A 392 -42.87 19.04 24.66
CA SER A 392 -43.09 18.81 23.23
C SER A 392 -41.97 18.10 22.50
N LEU A 393 -40.75 18.51 22.83
CA LEU A 393 -39.52 17.92 22.32
C LEU A 393 -39.38 16.44 22.67
N LEU A 394 -39.79 16.09 23.89
CA LEU A 394 -39.62 14.75 24.40
C LEU A 394 -40.80 13.83 24.10
N SER A 395 -41.97 14.40 23.85
CA SER A 395 -43.22 13.62 23.68
C SER A 395 -43.30 12.99 22.32
N LYS A 396 -43.23 11.66 22.31
CA LYS A 396 -42.99 10.88 21.10
C LYS A 396 -43.39 9.42 21.33
N LYS A 397 -44.41 8.94 20.64
CA LYS A 397 -44.79 7.54 20.71
C LYS A 397 -44.01 6.76 19.68
N VAL A 398 -43.31 5.72 20.11
CA VAL A 398 -42.53 4.88 19.22
C VAL A 398 -43.11 3.48 19.19
N LYS A 399 -43.35 3.01 17.96
CA LYS A 399 -43.83 1.66 17.72
C LYS A 399 -42.80 0.95 16.90
N LYS A 400 -42.27 -0.12 17.43
CA LYS A 400 -41.25 -0.91 16.77
C LYS A 400 -41.72 -2.34 16.75
N TYR A 401 -41.69 -2.93 15.58
CA TYR A 401 -42.17 -4.27 15.38
C TYR A 401 -41.00 -5.13 14.94
N TYR A 402 -40.62 -6.08 15.75
CA TYR A 402 -39.46 -6.89 15.43
C TYR A 402 -39.89 -8.18 14.76
N LEU A 403 -39.02 -8.67 13.88
CA LEU A 403 -39.14 -9.99 13.29
C LEU A 403 -37.82 -10.70 13.52
N CYS A 404 -37.80 -11.67 14.43
CA CYS A 404 -36.59 -12.41 14.75
C CYS A 404 -36.71 -13.85 14.28
N TYR A 405 -35.68 -14.38 13.63
CA TYR A 405 -35.77 -15.76 13.10
C TYR A 405 -34.44 -16.43 12.84
N GLN A 406 -34.44 -17.76 12.93
CA GLN A 406 -33.28 -18.58 12.62
C GLN A 406 -32.68 -18.25 11.27
N ARG A 407 -31.36 -18.00 11.23
CA ARG A 407 -30.62 -17.90 9.95
C ARG A 407 -29.86 -19.21 9.66
N ARG B 6 -14.51 -4.29 8.00
CA ARG B 6 -14.30 -4.26 9.48
C ARG B 6 -15.59 -4.27 10.35
N LYS B 7 -15.68 -5.26 11.26
CA LYS B 7 -16.62 -5.25 12.41
C LYS B 7 -15.98 -4.41 13.55
N ILE B 8 -16.83 -3.70 14.29
CA ILE B 8 -16.37 -2.75 15.33
C ILE B 8 -16.92 -3.22 16.67
N ILE B 9 -16.03 -3.49 17.64
CA ILE B 9 -16.47 -3.92 18.97
C ILE B 9 -16.02 -2.93 20.02
N ASN B 10 -16.90 -2.67 20.98
CA ASN B 10 -16.60 -1.79 22.12
C ASN B 10 -15.75 -2.42 23.21
N ASP B 11 -14.70 -1.70 23.58
CA ASP B 11 -13.83 -2.05 24.72
C ASP B 11 -13.61 -0.79 25.58
N PRO B 12 -14.21 -0.73 26.78
CA PRO B 12 -14.02 0.39 27.65
C PRO B 12 -12.57 0.74 27.96
N VAL B 13 -11.69 -0.26 27.91
CA VAL B 13 -10.29 -0.08 28.27
C VAL B 13 -9.52 0.64 27.16
N PHE B 14 -9.76 0.28 25.90
CA PHE B 14 -8.95 0.87 24.77
C PHE B 14 -9.75 1.57 23.73
N GLY B 15 -11.07 1.39 23.70
CA GLY B 15 -11.95 2.03 22.73
C GLY B 15 -12.46 1.01 21.76
N PHE B 16 -12.57 1.43 20.51
CA PHE B 16 -13.23 0.60 19.49
C PHE B 16 -12.20 -0.29 18.90
N ILE B 17 -12.59 -1.55 18.72
CA ILE B 17 -11.68 -2.53 18.17
C ILE B 17 -12.20 -2.89 16.83
N ASN B 18 -11.36 -2.68 15.80
CA ASN B 18 -11.71 -3.00 14.41
C ASN B 18 -11.25 -4.41 14.08
N ILE B 19 -12.15 -5.27 13.65
CA ILE B 19 -11.76 -6.61 13.25
C ILE B 19 -11.99 -6.75 11.75
N PRO B 20 -10.91 -6.87 10.96
CA PRO B 20 -11.08 -7.16 9.55
C PRO B 20 -11.98 -8.36 9.28
N LYS B 21 -12.91 -8.23 8.33
CA LYS B 21 -13.65 -9.39 7.85
C LYS B 21 -12.65 -10.32 7.19
N GLY B 22 -13.02 -11.59 7.13
CA GLY B 22 -12.12 -12.65 6.66
C GLY B 22 -11.67 -13.54 7.81
N LEU B 23 -10.42 -13.94 7.74
CA LEU B 23 -9.80 -14.81 8.69
C LEU B 23 -9.95 -14.28 10.11
N LEU B 24 -9.58 -13.03 10.32
CA LEU B 24 -9.52 -12.51 11.67
C LEU B 24 -10.91 -12.52 12.30
N TYR B 25 -11.91 -12.03 11.60
CA TYR B 25 -13.26 -12.08 12.13
C TYR B 25 -13.77 -13.51 12.27
N ASP B 26 -13.34 -14.40 11.39
CA ASP B 26 -13.74 -15.79 11.46
C ASP B 26 -13.17 -16.44 12.74
N ILE B 27 -11.99 -15.97 13.18
CA ILE B 27 -11.38 -16.45 14.43
C ILE B 27 -12.23 -15.92 15.59
N VAL B 28 -12.47 -14.63 15.63
CA VAL B 28 -13.28 -14.03 16.69
C VAL B 28 -14.62 -14.77 16.90
N ARG B 29 -15.28 -15.17 15.82
CA ARG B 29 -16.61 -15.75 15.92
C ARG B 29 -16.59 -17.26 16.00
N HIS B 30 -15.41 -17.85 16.00
CA HIS B 30 -15.28 -19.29 16.17
C HIS B 30 -15.69 -19.78 17.57
N PRO B 31 -16.43 -20.90 17.65
CA PRO B 31 -16.83 -21.48 18.94
C PRO B 31 -15.74 -21.60 19.99
N LEU B 32 -14.52 -21.88 19.56
CA LEU B 32 -13.40 -22.00 20.46
C LEU B 32 -13.00 -20.68 21.10
N LEU B 33 -13.16 -19.57 20.39
CA LEU B 33 -12.90 -18.27 20.98
C LEU B 33 -14.17 -17.73 21.69
N GLN B 34 -15.36 -18.03 21.18
CA GLN B 34 -16.60 -17.66 21.88
C GLN B 34 -16.72 -18.27 23.29
N ARG B 35 -16.09 -19.40 23.49
CA ARG B 35 -16.09 -20.03 24.81
C ARG B 35 -15.31 -19.26 25.86
N LEU B 36 -14.36 -18.45 25.41
CA LEU B 36 -13.61 -17.58 26.29
C LEU B 36 -14.46 -16.44 26.86
N THR B 37 -15.68 -16.27 26.35
CA THR B 37 -16.67 -15.34 26.96
C THR B 37 -17.21 -15.91 28.26
N ARG B 38 -17.00 -17.20 28.47
CA ARG B 38 -17.48 -17.84 29.70
C ARG B 38 -16.34 -18.31 30.57
N ILE B 39 -15.18 -17.69 30.43
CA ILE B 39 -14.04 -17.89 31.32
C ILE B 39 -13.47 -16.53 31.70
N LYS B 40 -13.42 -16.24 33.00
CA LYS B 40 -12.87 -14.99 33.51
C LYS B 40 -11.38 -14.98 33.41
N GLN B 41 -10.84 -13.81 33.10
CA GLN B 41 -9.40 -13.61 33.03
C GLN B 41 -8.76 -13.81 34.38
N VAL B 42 -9.33 -13.20 35.42
CA VAL B 42 -8.84 -13.38 36.78
C VAL B 42 -9.98 -13.81 37.74
N GLY B 43 -10.48 -15.02 37.55
CA GLY B 43 -11.64 -15.48 38.30
C GLY B 43 -11.50 -15.60 39.82
N LEU B 44 -10.30 -15.81 40.33
CA LEU B 44 -10.09 -15.86 41.77
C LEU B 44 -9.90 -14.46 42.39
N SER B 45 -9.89 -13.44 41.55
CA SER B 45 -9.76 -12.08 42.03
C SER B 45 -11.10 -11.41 42.42
N SER B 46 -12.21 -11.84 41.83
CA SER B 46 -13.50 -11.16 42.07
C SER B 46 -14.00 -11.25 43.50
N VAL B 47 -13.50 -12.23 44.25
CA VAL B 47 -13.78 -12.37 45.66
C VAL B 47 -13.22 -11.16 46.46
N VAL B 48 -12.11 -10.58 46.04
CA VAL B 48 -11.57 -9.37 46.63
C VAL B 48 -12.06 -8.12 45.86
N TYR B 49 -12.01 -8.19 44.53
CA TYR B 49 -12.31 -7.10 43.63
C TYR B 49 -13.52 -7.44 42.78
N PRO B 50 -14.74 -7.11 43.25
CA PRO B 50 -15.97 -7.49 42.59
C PRO B 50 -16.13 -6.97 41.16
N GLY B 51 -15.44 -5.90 40.82
CA GLY B 51 -15.45 -5.39 39.46
C GLY B 51 -14.69 -6.24 38.46
N ALA B 52 -13.84 -7.15 38.94
CA ALA B 52 -12.97 -7.97 38.10
C ALA B 52 -13.70 -9.11 37.37
N GLN B 53 -14.65 -8.73 36.53
CA GLN B 53 -15.56 -9.64 35.87
C GLN B 53 -15.18 -9.84 34.41
N HIS B 54 -14.09 -9.23 33.98
CA HIS B 54 -13.66 -9.31 32.59
C HIS B 54 -13.25 -10.72 32.16
N THR B 55 -13.54 -11.02 30.91
CA THR B 55 -13.34 -12.36 30.36
C THR B 55 -12.04 -12.50 29.54
N ARG B 56 -11.64 -13.73 29.30
CA ARG B 56 -10.52 -14.01 28.44
C ARG B 56 -10.79 -13.58 27.00
N PHE B 57 -12.04 -13.62 26.60
CA PHE B 57 -12.47 -13.07 25.31
C PHE B 57 -12.08 -11.59 25.14
N GLN B 58 -12.37 -10.78 26.15
CA GLN B 58 -12.01 -9.36 26.10
C GLN B 58 -10.51 -9.20 26.03
N HIS B 59 -9.78 -9.98 26.80
CA HIS B 59 -8.31 -9.88 26.82
C HIS B 59 -7.75 -10.19 25.42
N SER B 60 -8.30 -11.21 24.79
CA SER B 60 -7.79 -11.59 23.47
CA SER B 60 -7.85 -11.59 23.45
C SER B 60 -8.05 -10.48 22.43
N LEU B 61 -9.26 -9.94 22.40
CA LEU B 61 -9.61 -8.78 21.60
C LEU B 61 -8.76 -7.54 21.94
N GLY B 62 -8.42 -7.38 23.21
CA GLY B 62 -7.65 -6.22 23.63
C GLY B 62 -6.19 -6.33 23.24
N ALA B 63 -5.61 -7.54 23.40
CA ALA B 63 -4.29 -7.83 22.96
C ALA B 63 -4.15 -7.66 21.41
N PHE B 64 -5.17 -8.09 20.71
CA PHE B 64 -5.32 -7.87 19.30
C PHE B 64 -5.34 -6.40 18.90
N TYR B 65 -6.10 -5.60 19.64
CA TYR B 65 -6.12 -4.16 19.43
C TYR B 65 -4.73 -3.58 19.52
N LEU B 66 -4.05 -3.93 20.60
CA LEU B 66 -2.67 -3.50 20.82
C LEU B 66 -1.68 -4.00 19.74
N MSE B 67 -1.93 -5.20 19.19
CA MSE B 67 -1.09 -5.78 18.12
C MSE B 67 -1.22 -4.91 16.86
O MSE B 67 -0.22 -4.51 16.27
CB MSE B 67 -1.49 -7.26 17.80
CG MSE B 67 -0.63 -7.97 16.71
SE MSE B 67 1.19 -8.12 17.38
CE MSE B 67 0.78 -9.54 18.76
N SER B 68 -2.46 -4.62 16.47
CA SER B 68 -2.79 -3.80 15.31
C SER B 68 -2.10 -2.44 15.35
N GLU B 69 -2.12 -1.81 16.51
CA GLU B 69 -1.43 -0.55 16.67
C GLU B 69 0.07 -0.76 16.58
N ALA B 70 0.58 -1.80 17.22
CA ALA B 70 2.02 -2.09 17.17
C ALA B 70 2.54 -2.27 15.72
N ILE B 71 1.77 -2.96 14.90
CA ILE B 71 2.14 -3.18 13.49
C ILE B 71 2.35 -1.85 12.80
N THR B 72 1.28 -1.06 12.80
CA THR B 72 1.25 0.27 12.24
C THR B 72 2.43 1.10 12.67
N GLN B 73 2.73 1.05 13.95
CA GLN B 73 3.85 1.82 14.46
C GLN B 73 5.20 1.29 14.00
N LEU B 74 5.37 -0.02 14.01
CA LEU B 74 6.62 -0.60 13.55
C LEU B 74 6.91 -0.31 12.06
N THR B 75 5.88 -0.44 11.22
CA THR B 75 6.00 -0.14 9.82
C THR B 75 6.26 1.35 9.60
N SER B 76 5.58 2.20 10.36
CA SER B 76 5.83 3.65 10.31
C SER B 76 7.30 4.00 10.50
N LYS B 77 8.01 3.17 11.25
CA LYS B 77 9.43 3.37 11.51
C LYS B 77 10.31 2.53 10.58
N GLY B 78 9.74 2.02 9.49
CA GLY B 78 10.54 1.37 8.46
C GLY B 78 10.96 -0.06 8.74
N ASN B 79 10.21 -0.75 9.60
CA ASN B 79 10.38 -2.19 9.81
C ASN B 79 9.37 -2.88 8.95
N PHE B 80 9.83 -3.62 7.94
CA PHE B 80 8.92 -4.15 6.94
C PHE B 80 8.09 -5.30 7.52
N ILE B 81 6.77 -5.26 7.35
CA ILE B 81 5.91 -6.38 7.70
C ILE B 81 5.01 -6.66 6.53
N PHE B 82 5.08 -7.86 6.00
CA PHE B 82 4.19 -8.27 4.93
C PHE B 82 2.79 -8.35 5.46
N ASP B 83 1.82 -8.15 4.60
CA ASP B 83 0.45 -8.25 5.01
C ASP B 83 0.15 -9.59 5.63
N SER B 84 0.71 -10.66 5.08
CA SER B 84 0.42 -11.99 5.60
C SER B 84 1.06 -12.19 7.00
N GLU B 85 2.16 -11.48 7.24
CA GLU B 85 2.83 -11.53 8.54
C GLU B 85 2.03 -10.77 9.60
N ALA B 86 1.47 -9.63 9.20
CA ALA B 86 0.63 -8.82 10.06
C ALA B 86 -0.59 -9.63 10.48
N GLU B 87 -1.25 -10.24 9.49
CA GLU B 87 -2.39 -11.09 9.75
C GLU B 87 -2.02 -12.27 10.66
N ALA B 88 -0.87 -12.89 10.37
CA ALA B 88 -0.36 -14.00 11.17
C ALA B 88 -0.23 -13.64 12.63
N VAL B 89 0.42 -12.53 12.90
CA VAL B 89 0.68 -12.09 14.25
C VAL B 89 -0.65 -11.64 14.96
N GLN B 90 -1.56 -11.09 14.18
CA GLN B 90 -2.86 -10.73 14.66
C GLN B 90 -3.67 -11.97 15.04
N ALA B 91 -3.57 -13.02 14.23
CA ALA B 91 -4.26 -14.27 14.51
C ALA B 91 -3.66 -14.96 15.74
N ALA B 92 -2.32 -14.97 15.81
CA ALA B 92 -1.61 -15.58 16.90
C ALA B 92 -2.06 -14.99 18.25
N ILE B 93 -2.24 -13.66 18.32
CA ILE B 93 -2.53 -13.02 19.57
C ILE B 93 -3.99 -13.16 19.91
N LEU B 94 -4.85 -13.26 18.90
CA LEU B 94 -6.25 -13.61 19.14
C LEU B 94 -6.36 -14.99 19.76
N LEU B 95 -5.40 -15.86 19.45
CA LEU B 95 -5.49 -17.26 19.83
C LEU B 95 -4.56 -17.65 20.98
N HIS B 96 -3.72 -16.74 21.45
CA HIS B 96 -2.66 -17.13 22.34
C HIS B 96 -3.16 -17.77 23.64
N ASP B 97 -4.32 -17.35 24.13
CA ASP B 97 -4.83 -17.86 25.43
C ASP B 97 -6.00 -18.80 25.22
N ILE B 98 -6.11 -19.34 24.02
CA ILE B 98 -7.27 -20.15 23.71
C ILE B 98 -7.30 -21.49 24.50
N GLY B 99 -6.14 -21.95 24.95
CA GLY B 99 -6.05 -23.22 25.69
C GLY B 99 -6.35 -23.19 27.21
N HIS B 100 -6.70 -22.02 27.73
CA HIS B 100 -7.14 -21.89 29.11
C HIS B 100 -8.50 -22.52 29.29
N GLY B 101 -8.60 -23.40 30.29
CA GLY B 101 -9.88 -23.84 30.79
C GLY B 101 -10.28 -22.86 31.89
N PRO B 102 -11.41 -23.14 32.52
CA PRO B 102 -11.80 -22.40 33.70
C PRO B 102 -10.82 -22.66 34.84
N PHE B 103 -10.50 -21.62 35.60
CA PHE B 103 -9.50 -21.69 36.64
C PHE B 103 -8.33 -22.59 36.21
N SER B 104 -7.67 -22.19 35.11
CA SER B 104 -6.80 -23.09 34.36
C SER B 104 -5.62 -23.66 35.17
N HIS B 105 -5.02 -22.84 36.02
CA HIS B 105 -3.90 -23.28 36.84
C HIS B 105 -4.39 -24.21 37.93
N VAL B 106 -5.58 -23.94 38.46
CA VAL B 106 -6.19 -24.85 39.41
C VAL B 106 -6.42 -26.22 38.76
N LEU B 107 -6.91 -26.25 37.54
CA LEU B 107 -7.12 -27.54 36.83
C LEU B 107 -5.82 -28.30 36.59
N GLU B 108 -4.76 -27.57 36.31
CA GLU B 108 -3.45 -28.17 36.10
C GLU B 108 -2.88 -28.76 37.39
N ASP B 109 -3.35 -28.27 38.55
CA ASP B 109 -2.99 -28.82 39.85
C ASP B 109 -3.95 -29.87 40.38
N THR B 110 -5.05 -30.13 39.71
CA THR B 110 -6.05 -31.03 40.26
C THR B 110 -6.46 -32.10 39.26
N ILE B 111 -7.38 -31.79 38.36
CA ILE B 111 -8.06 -32.86 37.61
C ILE B 111 -7.69 -32.90 36.11
N VAL B 112 -6.81 -31.99 35.70
CA VAL B 112 -6.25 -32.05 34.35
C VAL B 112 -4.74 -31.91 34.50
N GLN B 113 -4.16 -32.81 35.28
CA GLN B 113 -2.77 -32.65 35.72
C GLN B 113 -1.74 -32.79 34.61
N GLY B 114 -0.69 -32.00 34.76
CA GLY B 114 0.48 -32.11 33.90
C GLY B 114 0.33 -31.63 32.47
N VAL B 115 -0.74 -30.88 32.20
CA VAL B 115 -0.98 -30.30 30.90
C VAL B 115 -1.11 -28.80 31.07
N SER B 116 -0.32 -28.06 30.33
CA SER B 116 -0.28 -26.61 30.45
C SER B 116 -1.16 -26.00 29.39
N HIS B 117 -1.67 -24.80 29.69
CA HIS B 117 -2.53 -24.10 28.74
C HIS B 117 -1.82 -23.81 27.40
N GLU B 118 -0.53 -23.56 27.46
CA GLU B 118 0.26 -23.32 26.26
CA GLU B 118 0.26 -23.33 26.25
C GLU B 118 0.14 -24.54 25.34
N GLU B 119 0.31 -25.74 25.90
CA GLU B 119 0.16 -26.98 25.14
C GLU B 119 -1.22 -27.08 24.53
N ILE B 120 -2.24 -26.78 25.33
CA ILE B 120 -3.64 -26.87 24.86
C ILE B 120 -3.94 -25.81 23.81
N SER B 121 -3.33 -24.63 23.94
CA SER B 121 -3.52 -23.57 22.93
C SER B 121 -3.01 -24.01 21.57
N LEU B 122 -1.83 -24.63 21.53
CA LEU B 122 -1.27 -25.17 20.29
C LEU B 122 -2.18 -26.26 19.68
N MSE B 123 -2.63 -27.20 20.47
CA MSE B 123 -3.56 -28.21 19.95
C MSE B 123 -4.78 -27.61 19.31
O MSE B 123 -5.29 -28.12 18.31
CB MSE B 123 -4.02 -29.17 21.06
CG MSE B 123 -2.91 -29.99 21.65
SE MSE B 123 -3.42 -30.87 23.30
CE MSE B 123 -4.37 -32.46 22.59
N LEU B 124 -5.31 -26.56 19.95
CA LEU B 124 -6.55 -25.96 19.45
C LEU B 124 -6.30 -25.12 18.21
N MSE B 125 -5.10 -24.54 18.12
CA MSE B 125 -4.70 -23.81 16.94
C MSE B 125 -4.55 -24.75 15.78
O MSE B 125 -5.01 -24.44 14.70
CB MSE B 125 -3.39 -23.05 17.17
CG MSE B 125 -3.51 -21.94 18.16
SE MSE B 125 -1.78 -21.14 18.48
CE MSE B 125 -1.75 -20.04 16.86
N GLU B 126 -3.91 -25.90 16.01
CA GLU B 126 -3.76 -26.92 14.95
C GLU B 126 -5.12 -27.45 14.50
N ARG B 127 -6.02 -27.64 15.46
CA ARG B 127 -7.37 -28.06 15.16
C ARG B 127 -8.09 -27.04 14.28
N MSE B 128 -7.96 -25.78 14.63
CA MSE B 128 -8.61 -24.74 13.87
CA MSE B 128 -8.61 -24.71 13.88
C MSE B 128 -7.94 -24.54 12.52
O MSE B 128 -8.59 -24.18 11.55
CB MSE B 128 -8.59 -23.42 14.62
CB MSE B 128 -8.64 -23.38 14.66
CG MSE B 128 -9.52 -23.40 15.77
CG MSE B 128 -9.67 -22.35 14.14
SE MSE B 128 -9.20 -21.77 16.71
SE MSE B 128 -9.76 -20.58 15.07
CE MSE B 128 -9.76 -20.48 15.35
CE MSE B 128 -9.98 -21.24 16.88
N ASN B 129 -6.63 -24.78 12.49
CA ASN B 129 -5.89 -24.67 11.23
C ASN B 129 -6.40 -25.69 10.17
N LYS B 130 -6.66 -26.93 10.60
CA LYS B 130 -7.27 -27.94 9.72
C LYS B 130 -8.59 -27.44 9.18
N GLU B 131 -9.47 -27.03 10.08
CA GLU B 131 -10.79 -26.54 9.67
C GLU B 131 -10.66 -25.40 8.69
N MSE B 132 -9.60 -24.62 8.83
CA MSE B 132 -9.42 -23.43 8.02
C MSE B 132 -8.41 -23.58 6.85
O MSE B 132 -7.89 -22.57 6.35
CB MSE B 132 -9.06 -22.25 8.93
CG MSE B 132 -10.21 -21.79 9.79
SE MSE B 132 -9.76 -20.26 10.93
CE MSE B 132 -11.59 -19.87 11.45
N ASN B 133 -8.15 -24.82 6.45
CA ASN B 133 -7.35 -25.11 5.26
C ASN B 133 -5.96 -24.51 5.34
N GLY B 134 -5.31 -24.58 6.49
CA GLY B 134 -3.95 -24.09 6.60
C GLY B 134 -3.77 -22.59 6.67
N GLN B 135 -4.85 -21.82 6.78
CA GLN B 135 -4.73 -20.35 6.88
C GLN B 135 -4.04 -19.83 8.15
N LEU B 136 -3.88 -20.68 9.17
CA LEU B 136 -3.22 -20.32 10.42
C LEU B 136 -1.78 -20.80 10.55
N SER B 137 -1.26 -21.41 9.49
CA SER B 137 0.04 -22.03 9.54
C SER B 137 1.14 -21.04 9.89
N LEU B 138 1.17 -19.87 9.26
CA LEU B 138 2.16 -18.83 9.58
C LEU B 138 1.99 -18.32 11.02
N ALA B 139 0.74 -18.11 11.44
CA ALA B 139 0.44 -17.70 12.81
C ALA B 139 1.01 -18.67 13.83
N ILE B 140 0.83 -19.96 13.58
CA ILE B 140 1.34 -21.02 14.46
C ILE B 140 2.87 -21.07 14.50
N GLN B 141 3.48 -20.83 13.35
CA GLN B 141 4.93 -20.86 13.23
C GLN B 141 5.55 -19.68 14.01
N ILE B 142 4.91 -18.52 13.93
CA ILE B 142 5.29 -17.34 14.77
C ILE B 142 5.05 -17.61 16.26
N PHE B 143 3.92 -18.18 16.57
CA PHE B 143 3.57 -18.54 17.94
C PHE B 143 4.62 -19.45 18.53
N LYS B 144 5.15 -20.36 17.71
CA LYS B 144 6.20 -21.28 18.15
C LYS B 144 7.58 -20.69 18.18
N ASP B 145 7.75 -19.47 17.70
CA ASP B 145 9.07 -18.82 17.51
C ASP B 145 9.96 -19.64 16.56
N GLU B 146 9.34 -20.10 15.46
CA GLU B 146 10.01 -20.85 14.43
C GLU B 146 9.94 -20.12 13.09
N TYR B 147 9.82 -18.80 13.13
CA TYR B 147 9.84 -17.99 11.94
C TYR B 147 11.09 -17.14 12.00
N PRO B 148 11.80 -16.98 10.88
CA PRO B 148 13.06 -16.24 10.87
C PRO B 148 12.98 -14.72 11.16
N LYS B 149 11.81 -14.08 10.93
CA LYS B 149 11.58 -12.68 11.38
C LYS B 149 11.10 -12.65 12.86
N ARG B 150 12.06 -12.63 13.76
CA ARG B 150 11.82 -13.06 15.13
C ARG B 150 11.16 -12.04 16.10
N PHE B 151 11.17 -10.76 15.74
CA PHE B 151 10.50 -9.75 16.52
C PHE B 151 8.97 -9.93 16.45
N LEU B 152 8.47 -10.63 15.44
CA LEU B 152 7.04 -10.86 15.38
C LEU B 152 6.60 -11.71 16.57
N HIS B 153 7.29 -12.82 16.82
CA HIS B 153 7.02 -13.68 17.96
C HIS B 153 7.08 -12.92 19.30
N GLN B 154 8.04 -12.01 19.41
CA GLN B 154 8.26 -11.23 20.61
C GLN B 154 7.09 -10.31 20.93
N LEU B 155 6.33 -9.93 19.91
CA LEU B 155 5.07 -9.19 20.10
C LEU B 155 4.01 -10.07 20.78
N VAL B 156 4.06 -11.37 20.51
CA VAL B 156 3.10 -12.31 21.06
C VAL B 156 3.52 -12.79 22.46
N SER B 157 4.83 -12.97 22.65
CA SER B 157 5.31 -13.52 23.90
C SER B 157 6.72 -13.03 24.23
N GLY B 158 6.84 -12.26 25.30
CA GLY B 158 8.13 -11.71 25.70
C GLY B 158 7.93 -10.47 26.51
N GLN B 159 9.04 -9.84 26.89
CA GLN B 159 9.04 -8.74 27.85
C GLN B 159 8.10 -7.60 27.49
N LEU B 160 7.82 -7.41 26.21
CA LEU B 160 6.96 -6.30 25.77
C LEU B 160 5.76 -6.84 25.00
N ASP B 161 5.36 -8.07 25.26
CA ASP B 161 4.26 -8.64 24.47
C ASP B 161 2.91 -7.95 24.70
N MSE B 162 2.04 -8.09 23.70
CA MSE B 162 0.72 -7.48 23.74
C MSE B 162 -0.15 -8.17 24.80
O MSE B 162 -1.11 -7.57 25.33
CB MSE B 162 0.08 -7.58 22.38
CG MSE B 162 0.94 -7.05 21.21
SE MSE B 162 1.34 -5.20 21.45
CE MSE B 162 3.21 -5.24 22.04
N ASP B 163 0.18 -9.40 25.12
CA ASP B 163 -0.49 -10.17 26.16
C ASP B 163 -0.48 -9.42 27.52
N ARG B 164 0.71 -9.12 28.01
CA ARG B 164 0.85 -8.46 29.28
C ARG B 164 0.54 -6.97 29.24
N LEU B 165 0.72 -6.34 28.07
CA LEU B 165 0.33 -4.95 27.89
C LEU B 165 -1.19 -4.82 27.98
N ASP B 166 -1.90 -5.85 27.59
CA ASP B 166 -3.34 -5.84 27.76
C ASP B 166 -3.70 -6.17 29.21
N TYR B 167 -3.30 -7.33 29.69
CA TYR B 167 -3.85 -7.78 30.98
C TYR B 167 -3.39 -6.97 32.17
N LEU B 168 -2.17 -6.43 32.17
CA LEU B 168 -1.76 -5.55 33.25
C LEU B 168 -2.66 -4.33 33.31
N ARG B 169 -3.04 -3.81 32.17
CA ARG B 169 -3.90 -2.66 32.13
C ARG B 169 -5.36 -3.02 32.42
N ARG B 170 -5.85 -4.07 31.77
CA ARG B 170 -7.28 -4.42 31.92
C ARG B 170 -7.57 -4.91 33.35
N ASP B 171 -6.64 -5.69 33.90
CA ASP B 171 -6.84 -6.21 35.27
C ASP B 171 -6.88 -5.07 36.29
N SER B 172 -6.04 -4.07 36.13
CA SER B 172 -6.07 -2.89 36.95
C SER B 172 -7.36 -2.12 36.75
N PHE B 173 -7.73 -1.90 35.50
CA PHE B 173 -8.94 -1.21 35.16
C PHE B 173 -10.19 -1.76 35.86
N TYR B 174 -10.35 -3.06 35.80
CA TYR B 174 -11.59 -3.72 36.26
C TYR B 174 -11.59 -4.01 37.76
N THR B 175 -10.43 -4.32 38.35
CA THR B 175 -10.36 -4.45 39.79
C THR B 175 -10.62 -3.12 40.50
N GLY B 176 -10.27 -2.01 39.84
CA GLY B 176 -10.18 -0.70 40.48
C GLY B 176 -9.18 -0.68 41.64
N VAL B 177 -8.03 -1.34 41.48
CA VAL B 177 -7.13 -1.51 42.63
C VAL B 177 -6.47 -0.14 42.98
N THR B 178 -6.05 0.57 41.93
CA THR B 178 -5.60 1.96 42.03
C THR B 178 -6.17 2.70 40.82
N GLU B 179 -6.01 4.02 40.82
CA GLU B 179 -6.41 4.83 39.69
C GLU B 179 -5.24 5.09 38.73
N GLY B 180 -4.19 4.26 38.83
CA GLY B 180 -2.99 4.45 38.06
C GLY B 180 -3.20 3.89 36.68
N ASN B 181 -2.31 4.21 35.76
CA ASN B 181 -2.45 3.74 34.42
C ASN B 181 -1.07 3.35 33.87
N ILE B 182 -0.90 2.03 33.69
CA ILE B 182 0.36 1.45 33.20
C ILE B 182 0.79 2.01 31.83
N GLY B 183 -0.15 2.31 30.93
CA GLY B 183 0.15 3.18 29.77
C GLY B 183 0.47 2.46 28.46
N SER B 184 -0.38 1.48 28.16
CA SER B 184 -0.11 0.48 27.17
C SER B 184 -0.05 0.96 25.72
N ALA B 185 -0.99 1.81 25.30
CA ALA B 185 -0.97 2.38 23.95
C ALA B 185 0.20 3.32 23.77
N ARG B 186 0.63 4.03 24.81
CA ARG B 186 1.84 4.86 24.70
C ARG B 186 3.06 3.99 24.48
N ILE B 187 3.20 2.94 25.26
CA ILE B 187 4.38 2.07 25.16
C ILE B 187 4.54 1.56 23.72
N ILE B 188 3.43 1.12 23.14
CA ILE B 188 3.44 0.68 21.74
C ILE B 188 3.97 1.71 20.76
N LYS B 189 3.64 2.99 20.97
CA LYS B 189 4.08 4.12 20.11
C LYS B 189 5.58 4.39 20.19
N MSE B 190 6.22 3.80 21.20
CA MSE B 190 7.65 3.92 21.44
C MSE B 190 8.41 2.66 20.99
O MSE B 190 9.65 2.54 21.20
CB MSE B 190 7.93 4.08 22.92
CG MSE B 190 6.99 5.06 23.65
SE MSE B 190 7.70 6.78 23.44
CE MSE B 190 7.13 7.22 21.63
N LEU B 191 7.71 1.71 20.37
CA LEU B 191 8.35 0.46 20.00
C LEU B 191 9.19 0.66 18.71
N ASP B 192 10.31 -0.07 18.65
CA ASP B 192 11.05 -0.23 17.41
C ASP B 192 11.73 -1.60 17.39
N VAL B 193 12.37 -1.92 16.27
CA VAL B 193 13.17 -3.14 16.13
C VAL B 193 14.64 -2.76 15.94
N ALA B 194 15.52 -3.45 16.63
CA ALA B 194 16.96 -3.34 16.47
C ALA B 194 17.54 -4.76 16.49
N ASP B 195 18.26 -5.11 15.42
CA ASP B 195 18.85 -6.46 15.27
C ASP B 195 17.83 -7.56 15.51
N ASP B 196 16.71 -7.47 14.81
CA ASP B 196 15.61 -8.46 14.91
C ASP B 196 15.10 -8.68 16.34
N ARG B 197 15.05 -7.61 17.12
CA ARG B 197 14.43 -7.70 18.43
C ARG B 197 13.83 -6.35 18.90
N LEU B 198 12.79 -6.46 19.73
CA LEU B 198 12.01 -5.29 20.14
C LEU B 198 12.77 -4.39 21.11
N VAL B 199 12.78 -3.09 20.85
CA VAL B 199 13.39 -2.14 21.75
C VAL B 199 12.40 -1.00 21.97
N ILE B 200 12.72 -0.10 22.90
CA ILE B 200 11.90 1.06 23.14
C ILE B 200 12.74 2.30 22.91
N GLU B 201 12.18 3.28 22.21
CA GLU B 201 12.82 4.57 22.00
C GLU B 201 13.03 5.27 23.33
N SER B 202 14.14 6.01 23.45
CA SER B 202 14.51 6.68 24.70
C SER B 202 13.44 7.66 25.21
N LYS B 203 12.65 8.25 24.33
CA LYS B 203 11.52 9.09 24.76
C LYS B 203 10.54 8.33 25.69
N GLY B 204 10.49 7.00 25.59
CA GLY B 204 9.65 6.18 26.46
C GLY B 204 10.31 5.57 27.68
N ILE B 205 11.48 6.07 28.08
CA ILE B 205 12.18 5.48 29.22
C ILE B 205 11.33 5.43 30.50
N TYR B 206 10.62 6.50 30.82
CA TYR B 206 9.94 6.57 32.11
C TYR B 206 8.64 5.77 32.04
N SER B 207 7.99 5.80 30.87
CA SER B 207 6.94 4.85 30.57
C SER B 207 7.37 3.40 30.93
N ILE B 208 8.62 3.05 30.64
CA ILE B 208 9.06 1.69 30.89
C ILE B 208 9.38 1.40 32.35
N GLU B 209 9.99 2.35 33.04
CA GLU B 209 10.23 2.19 34.46
C GLU B 209 8.90 2.05 35.17
N ASN B 210 7.92 2.88 34.80
CA ASN B 210 6.58 2.77 35.32
C ASN B 210 5.99 1.39 35.09
N PHE B 211 6.05 0.96 33.83
CA PHE B 211 5.55 -0.33 33.45
C PHE B 211 6.18 -1.41 34.31
N LEU B 212 7.48 -1.33 34.54
CA LEU B 212 8.14 -2.42 35.27
C LEU B 212 7.77 -2.42 36.73
N THR B 213 7.54 -1.22 37.28
CA THR B 213 7.20 -1.05 38.67
C THR B 213 5.75 -1.49 38.89
N ALA B 214 4.86 -1.02 38.03
CA ALA B 214 3.44 -1.34 38.11
C ALA B 214 3.20 -2.83 38.02
N ARG B 215 3.96 -3.51 37.20
CA ARG B 215 3.84 -4.94 37.09
C ARG B 215 4.10 -5.59 38.45
N ARG B 216 5.09 -5.10 39.19
CA ARG B 216 5.40 -5.73 40.48
C ARG B 216 4.31 -5.47 41.45
N LEU B 217 3.80 -4.24 41.46
CA LEU B 217 2.72 -3.88 42.35
C LEU B 217 1.44 -4.66 42.01
N MSE B 218 1.14 -4.89 40.73
CA MSE B 218 0.01 -5.75 40.37
C MSE B 218 0.18 -7.16 40.93
O MSE B 218 -0.81 -7.78 41.30
CB MSE B 218 -0.19 -5.84 38.84
CG MSE B 218 -0.80 -4.60 38.15
SE MSE B 218 -2.55 -4.28 38.87
CE MSE B 218 -3.48 -5.83 38.01
N TYR B 219 1.42 -7.67 41.02
CA TYR B 219 1.65 -8.99 41.58
C TYR B 219 1.27 -9.03 43.02
N TRP B 220 1.73 -8.07 43.80
CA TRP B 220 1.43 -8.08 45.24
C TRP B 220 0.01 -7.66 45.58
N GLN B 221 -0.48 -6.62 44.90
CA GLN B 221 -1.81 -6.06 45.17
C GLN B 221 -2.98 -6.95 44.67
N VAL B 222 -2.76 -7.66 43.58
CA VAL B 222 -3.85 -8.40 42.95
C VAL B 222 -3.52 -9.88 42.83
N TYR B 223 -2.49 -10.25 42.06
CA TYR B 223 -2.37 -11.63 41.66
C TYR B 223 -2.02 -12.54 42.84
N LEU B 224 -1.26 -12.01 43.78
CA LEU B 224 -0.86 -12.75 44.98
C LEU B 224 -1.53 -12.20 46.22
N HIS B 225 -2.69 -11.59 46.05
CA HIS B 225 -3.45 -11.10 47.20
C HIS B 225 -3.91 -12.26 48.09
N LYS B 226 -3.66 -12.16 49.39
CA LYS B 226 -3.80 -13.30 50.29
C LYS B 226 -5.19 -13.92 50.33
N THR B 227 -6.20 -13.09 50.20
CA THR B 227 -7.55 -13.56 50.10
C THR B 227 -7.74 -14.39 48.83
N SER B 228 -7.11 -14.00 47.72
CA SER B 228 -7.20 -14.78 46.48
C SER B 228 -6.44 -16.09 46.56
N VAL B 229 -5.31 -16.07 47.23
CA VAL B 229 -4.52 -17.28 47.46
C VAL B 229 -5.36 -18.28 48.23
N ALA B 230 -5.95 -17.81 49.33
CA ALA B 230 -6.79 -18.63 50.18
C ALA B 230 -7.92 -19.24 49.34
N TYR B 231 -8.59 -18.39 48.57
CA TYR B 231 -9.67 -18.83 47.69
C TYR B 231 -9.23 -19.93 46.69
N GLU B 232 -8.02 -19.78 46.16
CA GLU B 232 -7.46 -20.75 45.25
C GLU B 232 -7.27 -22.08 45.93
N ARG B 233 -6.70 -22.03 47.14
CA ARG B 233 -6.46 -23.21 47.95
C ARG B 233 -7.75 -23.95 48.25
N MSE B 234 -8.80 -23.21 48.56
CA MSE B 234 -10.13 -23.80 48.78
C MSE B 234 -10.70 -24.53 47.58
O MSE B 234 -11.27 -25.60 47.72
CB MSE B 234 -11.13 -22.71 49.18
CG MSE B 234 -10.80 -22.06 50.52
SE MSE B 234 -12.06 -20.59 50.86
CE MSE B 234 -13.63 -21.66 51.22
N LEU B 235 -10.60 -23.92 46.40
CA LEU B 235 -11.01 -24.54 45.16
C LEU B 235 -10.15 -25.78 44.88
N ILE B 236 -8.84 -25.69 45.07
CA ILE B 236 -7.94 -26.84 44.92
C ILE B 236 -8.40 -28.01 45.81
N SER B 237 -8.70 -27.74 47.09
CA SER B 237 -9.17 -28.76 48.00
C SER B 237 -10.48 -29.36 47.55
N THR B 238 -11.39 -28.49 47.10
CA THR B 238 -12.71 -28.93 46.64
C THR B 238 -12.62 -29.91 45.50
N LEU B 239 -11.78 -29.60 44.54
CA LEU B 239 -11.69 -30.43 43.37
C LEU B 239 -10.94 -31.74 43.67
N LEU B 240 -9.96 -31.69 44.56
CA LEU B 240 -9.23 -32.88 44.95
C LEU B 240 -10.14 -33.83 45.74
N ARG B 241 -10.99 -33.26 46.59
CA ARG B 241 -11.96 -34.03 47.34
C ARG B 241 -12.99 -34.66 46.44
N ALA B 242 -13.47 -33.89 45.46
CA ALA B 242 -14.40 -34.41 44.49
C ALA B 242 -13.78 -35.57 43.70
N LYS B 243 -12.52 -35.46 43.30
CA LYS B 243 -11.87 -36.55 42.57
C LYS B 243 -11.72 -37.81 43.43
N GLU B 244 -11.44 -37.62 44.71
CA GLU B 244 -11.31 -38.70 45.66
C GLU B 244 -12.63 -39.42 45.86
N LEU B 245 -13.69 -38.67 46.14
CA LEU B 245 -15.03 -39.25 46.25
C LEU B 245 -15.44 -39.98 44.98
N ALA B 246 -15.26 -39.33 43.83
CA ALA B 246 -15.54 -39.93 42.53
C ALA B 246 -14.82 -41.29 42.34
N SER B 247 -13.55 -41.32 42.70
CA SER B 247 -12.76 -42.52 42.56
C SER B 247 -13.26 -43.65 43.50
N GLN B 248 -13.87 -43.29 44.60
CA GLN B 248 -14.53 -44.25 45.47
C GLN B 248 -15.90 -44.69 44.98
N GLY B 249 -16.36 -44.13 43.86
CA GLY B 249 -17.68 -44.42 43.33
C GLY B 249 -18.84 -43.62 43.89
N VAL B 250 -18.55 -42.59 44.68
CA VAL B 250 -19.58 -41.69 45.18
C VAL B 250 -20.12 -40.83 44.03
N GLU B 251 -21.44 -40.61 44.03
CA GLU B 251 -22.12 -39.81 43.01
C GLU B 251 -21.97 -38.32 43.30
N LEU B 252 -21.51 -37.59 42.30
CA LEU B 252 -21.36 -36.17 42.38
C LEU B 252 -22.04 -35.54 41.18
N PHE B 253 -22.86 -34.51 41.41
CA PHE B 253 -23.40 -33.72 40.31
C PHE B 253 -22.27 -33.14 39.44
N ALA B 254 -22.40 -33.28 38.13
CA ALA B 254 -21.44 -32.70 37.21
C ALA B 254 -21.98 -32.77 35.82
N SER B 255 -21.67 -31.73 35.04
CA SER B 255 -21.89 -31.74 33.61
C SER B 255 -21.05 -32.87 33.01
N PRO B 256 -21.47 -33.43 31.87
CA PRO B 256 -20.64 -34.48 31.26
C PRO B 256 -19.18 -34.12 31.10
N ALA B 257 -18.88 -32.91 30.64
CA ALA B 257 -17.50 -32.50 30.48
C ALA B 257 -16.71 -32.56 31.79
N LEU B 258 -17.29 -32.08 32.89
CA LEU B 258 -16.60 -32.08 34.17
C LEU B 258 -16.50 -33.51 34.74
N HIS B 259 -17.59 -34.26 34.61
CA HIS B 259 -17.66 -35.66 35.02
C HIS B 259 -16.51 -36.47 34.43
N PHE B 260 -16.21 -36.26 33.15
CA PHE B 260 -15.07 -36.89 32.50
C PHE B 260 -13.77 -36.78 33.25
N PHE B 261 -13.48 -35.60 33.80
CA PHE B 261 -12.22 -35.38 34.51
C PHE B 261 -12.27 -35.80 35.98
N LEU B 262 -13.46 -35.90 36.54
CA LEU B 262 -13.60 -36.32 37.92
C LEU B 262 -13.54 -37.83 38.02
N TYR B 263 -14.16 -38.53 37.08
CA TYR B 263 -14.32 -39.98 37.17
C TYR B 263 -13.32 -40.78 36.36
N ASN B 264 -12.40 -40.11 35.71
CA ASN B 264 -11.25 -40.74 35.09
C ASN B 264 -10.05 -40.04 35.61
N ASP B 265 -8.90 -40.69 35.51
CA ASP B 265 -7.66 -40.07 35.96
C ASP B 265 -6.90 -39.58 34.73
N ILE B 266 -7.09 -38.32 34.41
CA ILE B 266 -6.49 -37.73 33.22
C ILE B 266 -5.17 -37.07 33.58
N ASN B 267 -4.12 -37.58 32.96
CA ASN B 267 -2.77 -37.09 33.15
C ASN B 267 -2.23 -36.63 31.80
N HIS B 268 -0.97 -36.22 31.76
CA HIS B 268 -0.33 -35.74 30.52
C HIS B 268 -0.48 -36.70 29.35
N THR B 269 -0.14 -37.97 29.55
CA THR B 269 -0.09 -38.91 28.43
C THR B 269 -1.49 -39.25 27.95
N GLU B 270 -2.40 -39.48 28.89
CA GLU B 270 -3.80 -39.70 28.56
C GLU B 270 -4.39 -38.50 27.78
N PHE B 271 -4.06 -37.27 28.18
CA PHE B 271 -4.61 -36.07 27.52
C PHE B 271 -4.20 -35.97 26.05
N HIS B 272 -2.92 -36.23 25.78
CA HIS B 272 -2.42 -36.14 24.43
C HIS B 272 -2.80 -37.35 23.58
N ASN B 273 -2.94 -38.52 24.19
CA ASN B 273 -3.18 -39.76 23.45
C ASN B 273 -4.66 -40.09 23.27
N ASN B 274 -5.50 -39.79 24.26
CA ASN B 274 -6.93 -40.01 24.12
C ASN B 274 -7.66 -38.73 23.69
N PRO B 275 -8.18 -38.70 22.45
CA PRO B 275 -8.83 -37.50 21.92
C PRO B 275 -10.13 -37.06 22.61
N ASP B 276 -10.72 -37.93 23.43
CA ASP B 276 -11.89 -37.55 24.22
C ASP B 276 -11.54 -36.49 25.26
N CYS B 277 -10.28 -36.47 25.69
CA CYS B 277 -9.81 -35.47 26.64
C CYS B 277 -10.03 -34.06 26.12
N LEU B 278 -9.40 -33.76 24.98
CA LEU B 278 -9.51 -32.45 24.38
C LEU B 278 -10.96 -32.11 24.11
N GLU B 279 -11.72 -33.05 23.60
CA GLU B 279 -13.15 -32.81 23.32
C GLU B 279 -13.94 -32.36 24.54
N ASN B 280 -13.70 -33.01 25.66
CA ASN B 280 -14.35 -32.64 26.90
C ASN B 280 -13.78 -31.34 27.48
N PHE B 281 -12.47 -31.15 27.38
CA PHE B 281 -11.86 -29.94 27.88
C PHE B 281 -12.47 -28.70 27.23
N ILE B 282 -12.64 -28.76 25.91
CA ILE B 282 -13.24 -27.72 25.11
C ILE B 282 -14.58 -27.27 25.64
N GLN B 283 -15.32 -28.21 26.22
CA GLN B 283 -16.65 -27.94 26.73
C GLN B 283 -16.70 -27.45 28.18
N LEU B 284 -15.53 -27.27 28.79
CA LEU B 284 -15.46 -26.73 30.13
C LEU B 284 -15.34 -25.21 30.15
N ASP B 285 -16.13 -24.58 31.01
CA ASP B 285 -15.94 -23.17 31.31
C ASP B 285 -16.35 -22.92 32.76
N ASP B 286 -16.37 -21.66 33.17
CA ASP B 286 -16.61 -21.30 34.57
C ASP B 286 -17.92 -21.84 35.08
N ASN B 287 -18.91 -21.90 34.21
CA ASN B 287 -20.22 -22.40 34.58
C ASN B 287 -20.23 -23.83 35.04
N ASP B 288 -19.38 -24.66 34.46
CA ASP B 288 -19.29 -26.05 34.90
C ASP B 288 -18.75 -26.15 36.32
N ILE B 289 -17.81 -25.29 36.65
CA ILE B 289 -17.21 -25.32 37.95
C ILE B 289 -18.18 -24.78 39.00
N TRP B 290 -18.84 -23.64 38.69
CA TRP B 290 -19.76 -23.02 39.66
C TRP B 290 -20.98 -23.89 39.84
N THR B 291 -21.52 -24.46 38.78
CA THR B 291 -22.72 -25.31 38.97
C THR B 291 -22.35 -26.48 39.90
N ALA B 292 -21.19 -27.08 39.72
CA ALA B 292 -20.74 -28.14 40.62
C ALA B 292 -20.65 -27.67 42.09
N LEU B 293 -19.97 -26.58 42.34
CA LEU B 293 -19.90 -26.02 43.69
C LEU B 293 -21.25 -25.74 44.31
N LYS B 294 -22.16 -25.18 43.51
CA LYS B 294 -23.48 -24.85 44.00
C LYS B 294 -24.23 -26.13 44.43
N VAL B 295 -24.20 -27.17 43.62
CA VAL B 295 -24.89 -28.39 43.96
C VAL B 295 -24.14 -29.13 45.09
N TRP B 296 -22.81 -29.13 45.05
CA TRP B 296 -22.03 -29.85 46.04
C TRP B 296 -22.15 -29.23 47.40
N SER B 297 -22.59 -27.98 47.45
CA SER B 297 -22.77 -27.30 48.71
C SER B 297 -23.83 -28.00 49.56
N ASN B 298 -24.70 -28.80 48.96
CA ASN B 298 -25.65 -29.64 49.69
C ASN B 298 -25.30 -31.14 49.68
N HIS B 299 -24.08 -31.48 49.35
CA HIS B 299 -23.71 -32.88 49.27
C HIS B 299 -23.56 -33.46 50.69
N PRO B 300 -23.90 -34.75 50.87
CA PRO B 300 -23.80 -35.37 52.18
C PRO B 300 -22.40 -35.35 52.76
N ASP B 301 -21.40 -35.46 51.93
CA ASP B 301 -20.03 -35.41 52.41
C ASP B 301 -19.70 -34.08 53.11
N LYS B 302 -19.22 -34.18 54.33
CA LYS B 302 -18.94 -33.01 55.14
C LYS B 302 -17.79 -32.15 54.59
N VAL B 303 -16.72 -32.81 54.16
CA VAL B 303 -15.59 -32.10 53.62
C VAL B 303 -16.01 -31.33 52.33
N LEU B 304 -16.60 -32.03 51.36
CA LEU B 304 -16.96 -31.41 50.08
C LEU B 304 -17.97 -30.28 50.25
N SER B 305 -19.04 -30.54 50.98
CA SER B 305 -20.10 -29.58 51.14
C SER B 305 -19.65 -28.37 51.93
N THR B 306 -18.76 -28.53 52.90
CA THR B 306 -18.29 -27.39 53.68
C THR B 306 -17.38 -26.46 52.86
N LEU B 307 -16.51 -27.08 52.07
CA LEU B 307 -15.65 -26.39 51.13
C LEU B 307 -16.51 -25.66 50.09
N SER B 308 -17.45 -26.36 49.50
CA SER B 308 -18.28 -25.81 48.42
C SER B 308 -19.14 -24.65 48.91
N LEU B 309 -19.72 -24.80 50.08
CA LEU B 309 -20.53 -23.74 50.68
C LEU B 309 -19.67 -22.51 51.00
N GLY B 310 -18.46 -22.74 51.48
CA GLY B 310 -17.51 -21.63 51.66
C GLY B 310 -17.23 -20.85 50.38
N MSE B 311 -17.07 -21.57 49.26
CA MSE B 311 -16.86 -20.94 47.96
C MSE B 311 -18.04 -20.07 47.57
O MSE B 311 -17.87 -18.94 47.20
CB MSE B 311 -16.70 -21.94 46.83
CG MSE B 311 -15.57 -22.93 46.92
SE MSE B 311 -13.84 -22.31 46.53
CE MSE B 311 -14.10 -21.04 45.08
N ILE B 312 -19.25 -20.65 47.60
CA ILE B 312 -20.37 -19.96 47.01
C ILE B 312 -20.87 -18.85 47.95
N ASN B 313 -20.61 -18.97 49.26
CA ASN B 313 -21.08 -17.99 50.24
C ASN B 313 -20.00 -17.03 50.70
N ARG B 314 -18.81 -17.21 50.17
CA ARG B 314 -17.69 -16.35 50.51
C ARG B 314 -17.35 -16.43 52.00
N ASN B 315 -17.18 -17.64 52.49
CA ASN B 315 -16.65 -17.82 53.82
C ASN B 315 -15.26 -18.36 53.58
N ILE B 316 -14.30 -17.44 53.52
CA ILE B 316 -12.97 -17.72 53.04
C ILE B 316 -12.11 -18.19 54.18
N PHE B 317 -11.19 -19.11 53.90
CA PHE B 317 -10.16 -19.47 54.86
C PHE B 317 -9.49 -18.24 55.43
N LYS B 318 -9.14 -18.33 56.70
CA LYS B 318 -8.29 -17.32 57.31
C LYS B 318 -6.90 -17.52 56.75
N VAL B 319 -6.18 -16.43 56.54
CA VAL B 319 -4.85 -16.47 55.95
C VAL B 319 -3.87 -15.77 56.86
N GLU B 320 -2.75 -16.42 57.13
CA GLU B 320 -1.63 -15.74 57.77
C GLU B 320 -0.45 -15.78 56.83
N ASN B 321 0.43 -14.78 56.96
CA ASN B 321 1.71 -14.74 56.23
C ASN B 321 2.87 -14.74 57.21
N SER B 322 3.94 -15.42 56.82
CA SER B 322 5.20 -15.39 57.55
C SER B 322 6.35 -15.15 56.56
N ALA B 323 7.49 -14.72 57.10
CA ALA B 323 8.77 -14.69 56.34
C ALA B 323 9.46 -16.05 56.39
N GLU B 324 9.18 -16.82 57.45
CA GLU B 324 9.75 -18.16 57.61
C GLU B 324 8.66 -19.20 57.37
N PRO B 325 9.04 -20.39 56.90
CA PRO B 325 8.12 -21.53 56.83
C PRO B 325 7.22 -21.69 58.06
N ILE B 326 6.08 -22.34 57.85
CA ILE B 326 5.13 -22.56 58.90
C ILE B 326 5.55 -23.79 59.67
N GLY B 327 5.48 -23.68 61.01
CA GLY B 327 5.86 -24.76 61.90
C GLY B 327 4.91 -25.93 61.88
N GLU B 328 5.46 -27.14 61.76
CA GLU B 328 4.71 -28.40 61.75
C GLU B 328 3.75 -28.50 62.92
N ASP B 329 4.14 -27.91 64.05
CA ASP B 329 3.35 -27.98 65.27
C ASP B 329 2.12 -27.10 65.17
N ARG B 330 2.27 -25.95 64.53
CA ARG B 330 1.13 -25.07 64.21
C ARG B 330 0.12 -25.79 63.28
N ILE B 331 0.65 -26.43 62.25
CA ILE B 331 -0.15 -27.14 61.30
C ILE B 331 -0.94 -28.24 61.99
N LYS B 332 -0.23 -29.08 62.78
CA LYS B 332 -0.84 -30.20 63.49
C LYS B 332 -1.93 -29.71 64.44
N GLU B 333 -1.63 -28.62 65.11
CA GLU B 333 -2.57 -27.99 66.05
C GLU B 333 -3.90 -27.60 65.38
N LEU B 334 -3.78 -26.88 64.27
CA LEU B 334 -4.94 -26.42 63.48
C LEU B 334 -5.71 -27.56 62.84
N THR B 335 -4.99 -28.54 62.33
CA THR B 335 -5.61 -29.71 61.74
C THR B 335 -6.47 -30.45 62.78
N LEU B 336 -5.96 -30.55 64.01
CA LEU B 336 -6.67 -31.22 65.10
C LEU B 336 -7.90 -30.45 65.49
N GLN B 337 -7.72 -29.15 65.71
CA GLN B 337 -8.84 -28.26 66.03
C GLN B 337 -9.97 -28.36 65.01
N ILE B 338 -9.58 -28.35 63.74
CA ILE B 338 -10.53 -28.38 62.65
C ILE B 338 -11.23 -29.74 62.59
N SER B 339 -10.46 -30.83 62.73
CA SER B 339 -11.04 -32.18 62.73
C SER B 339 -12.11 -32.32 63.78
N GLN B 340 -11.86 -31.71 64.95
CA GLN B 340 -12.80 -31.72 66.07
C GLN B 340 -14.03 -30.84 65.82
N GLN B 341 -13.77 -29.61 65.40
CA GLN B 341 -14.79 -28.59 65.14
C GLN B 341 -15.78 -29.05 64.06
N LEU B 342 -15.27 -29.72 63.02
CA LEU B 342 -16.10 -30.19 61.89
C LEU B 342 -16.57 -31.64 62.02
N GLY B 343 -15.98 -32.39 62.95
CA GLY B 343 -16.37 -33.76 63.16
C GLY B 343 -15.91 -34.65 62.04
N ILE B 344 -14.65 -34.48 61.67
CA ILE B 344 -14.06 -35.25 60.58
C ILE B 344 -12.74 -35.83 61.02
N THR B 345 -12.27 -36.80 60.26
CA THR B 345 -11.02 -37.45 60.59
C THR B 345 -9.89 -36.47 60.43
N LEU B 346 -8.75 -36.82 61.01
CA LEU B 346 -7.58 -35.95 60.98
C LEU B 346 -7.05 -35.84 59.53
N SER B 347 -7.17 -36.92 58.77
CA SER B 347 -6.78 -36.93 57.37
C SER B 347 -7.69 -36.02 56.55
N GLU B 348 -8.99 -36.12 56.82
CA GLU B 348 -9.96 -35.28 56.16
C GLU B 348 -9.69 -33.81 56.45
N ALA B 349 -9.22 -33.51 57.65
CA ALA B 349 -8.90 -32.15 58.05
C ALA B 349 -7.74 -31.53 57.26
N ASN B 350 -6.91 -32.33 56.62
CA ASN B 350 -5.87 -31.78 55.73
C ASN B 350 -6.41 -30.91 54.58
N TYR B 351 -7.60 -31.24 54.09
CA TYR B 351 -8.30 -30.42 53.11
C TYR B 351 -8.52 -28.98 53.56
N PHE B 352 -8.54 -28.73 54.88
CA PHE B 352 -8.90 -27.42 55.40
C PHE B 352 -7.71 -26.61 55.92
N VAL B 353 -6.51 -27.15 55.71
CA VAL B 353 -5.27 -26.45 56.09
C VAL B 353 -4.31 -26.51 54.91
N SER B 354 -3.79 -25.34 54.52
CA SER B 354 -2.95 -25.24 53.33
C SER B 354 -1.80 -24.26 53.56
N THR B 355 -0.60 -24.69 53.18
CA THR B 355 0.60 -23.87 53.32
C THR B 355 1.35 -23.75 51.99
N PRO B 356 0.83 -22.95 51.04
CA PRO B 356 1.59 -22.66 49.81
C PRO B 356 2.71 -21.59 49.95
N SER B 357 3.68 -21.62 49.02
CA SER B 357 4.79 -20.63 49.00
C SER B 357 4.81 -19.83 47.69
N ILE B 358 5.73 -18.86 47.58
CA ILE B 358 5.93 -18.15 46.29
C ILE B 358 7.13 -18.76 45.52
N MSE B 362 9.38 -14.99 41.68
CA MSE B 362 8.14 -14.23 41.39
C MSE B 362 7.79 -14.34 39.91
O MSE B 362 6.74 -14.89 39.55
CB MSE B 362 8.25 -12.75 41.85
CG MSE B 362 7.23 -11.75 41.21
SE MSE B 362 6.71 -10.12 42.33
CE MSE B 362 8.39 -9.65 43.32
N TYR B 363 8.67 -13.79 39.07
CA TYR B 363 8.72 -14.16 37.64
C TYR B 363 10.14 -13.90 37.16
N ASP B 364 10.39 -14.20 35.89
CA ASP B 364 11.73 -14.15 35.33
C ASP B 364 12.29 -12.73 35.41
N PRO B 365 13.33 -12.50 36.24
CA PRO B 365 13.99 -11.19 36.27
C PRO B 365 14.43 -10.66 34.90
N ALA B 366 14.74 -11.54 33.95
CA ALA B 366 15.10 -11.10 32.59
C ALA B 366 13.96 -10.32 31.91
N ASP B 367 12.72 -10.47 32.39
CA ASP B 367 11.58 -9.65 31.92
C ASP B 367 11.78 -8.15 32.18
N ASP B 368 12.68 -7.83 33.11
CA ASP B 368 13.01 -6.44 33.44
C ASP B 368 14.17 -5.89 32.56
N SER B 369 14.71 -6.71 31.64
CA SER B 369 15.89 -6.29 30.84
C SER B 369 15.48 -5.88 29.43
N ILE B 370 14.88 -4.70 29.36
CA ILE B 370 14.40 -4.10 28.13
C ILE B 370 15.51 -3.18 27.62
N ASP B 371 15.68 -3.14 26.32
CA ASP B 371 16.68 -2.30 25.71
C ASP B 371 16.04 -1.05 25.16
N ILE B 372 16.73 0.06 25.40
CA ILE B 372 16.35 1.40 25.02
C ILE B 372 17.27 1.86 23.89
N ILE B 373 16.66 2.34 22.81
CA ILE B 373 17.39 2.85 21.65
C ILE B 373 17.32 4.37 21.63
N TYR B 374 18.49 5.01 21.52
CA TYR B 374 18.62 6.46 21.43
C TYR B 374 18.69 6.95 19.98
N LYS B 375 18.49 8.26 19.78
CA LYS B 375 18.36 8.83 18.42
C LYS B 375 19.64 8.62 17.58
N ASP B 376 20.80 8.58 18.25
CA ASP B 376 22.09 8.29 17.60
C ASP B 376 22.29 6.80 17.30
N GLY B 377 21.26 5.98 17.54
CA GLY B 377 21.36 4.54 17.32
C GLY B 377 22.01 3.72 18.44
N THR B 378 22.53 4.38 19.49
CA THR B 378 23.06 3.67 20.67
C THR B 378 21.94 2.98 21.48
N ILE B 379 22.30 1.90 22.17
CA ILE B 379 21.37 1.05 22.90
C ILE B 379 21.85 0.82 24.31
N LYS B 380 20.98 1.09 25.29
CA LYS B 380 21.29 0.77 26.69
C LYS B 380 20.14 -0.04 27.30
N ASN B 381 20.49 -0.90 28.26
CA ASN B 381 19.50 -1.58 29.10
C ASN B 381 18.74 -0.52 29.89
N ILE B 382 17.44 -0.74 30.08
CA ILE B 382 16.62 0.19 30.90
C ILE B 382 17.24 0.45 32.26
N ALA B 383 17.89 -0.54 32.86
CA ALA B 383 18.47 -0.32 34.18
C ALA B 383 19.54 0.79 34.16
N GLU B 384 20.29 0.94 33.07
CA GLU B 384 21.26 2.05 32.95
C GLU B 384 20.54 3.34 32.47
N ALA B 385 19.62 3.22 31.51
CA ALA B 385 18.85 4.38 31.03
C ALA B 385 18.08 5.11 32.15
N SER B 386 17.68 4.36 33.17
CA SER B 386 16.73 4.80 34.20
C SER B 386 17.23 5.83 35.19
N ASP B 387 16.29 6.73 35.56
CA ASP B 387 16.48 7.74 36.64
C ASP B 387 15.49 7.66 37.79
N MSE B 388 14.39 6.95 37.64
CA MSE B 388 13.30 7.01 38.66
C MSE B 388 13.58 6.22 39.92
O MSE B 388 13.35 6.71 41.02
CB MSE B 388 11.94 6.54 38.09
CG MSE B 388 11.24 7.50 37.16
SE MSE B 388 9.62 6.67 36.35
CE MSE B 388 8.79 5.83 37.95
N LEU B 389 14.04 4.99 39.76
CA LEU B 389 14.34 4.14 40.91
C LEU B 389 15.27 2.99 40.49
N ASN B 390 15.57 2.10 41.43
CA ASN B 390 16.55 1.05 41.18
C ASN B 390 15.97 -0.20 40.53
N ILE B 391 15.94 -0.17 39.20
CA ILE B 391 15.27 -1.19 38.43
C ILE B 391 15.75 -2.59 38.74
N SER B 392 17.05 -2.71 39.03
CA SER B 392 17.66 -4.00 39.29
C SER B 392 17.14 -4.60 40.54
N LEU B 393 16.89 -3.77 41.53
CA LEU B 393 16.33 -4.23 42.81
C LEU B 393 14.85 -4.65 42.75
N LEU B 394 14.15 -4.46 41.64
CA LEU B 394 12.73 -4.81 41.59
C LEU B 394 12.53 -6.33 41.70
N SER B 395 13.56 -7.06 41.27
CA SER B 395 13.53 -8.53 41.18
C SER B 395 14.14 -9.23 42.40
N LYS B 396 14.42 -8.48 43.47
CA LYS B 396 14.97 -9.05 44.73
C LYS B 396 13.90 -9.94 45.35
N LYS B 397 14.20 -11.23 45.50
CA LYS B 397 13.19 -12.20 45.94
C LYS B 397 12.53 -11.68 47.22
N VAL B 398 11.19 -11.66 47.19
CA VAL B 398 10.43 -11.48 48.40
C VAL B 398 9.82 -12.85 48.80
N LYS B 399 10.33 -13.41 49.90
CA LYS B 399 9.90 -14.71 50.45
C LYS B 399 8.64 -14.51 51.31
N LYS B 400 7.50 -14.98 50.79
CA LYS B 400 6.21 -14.98 51.53
C LYS B 400 5.70 -16.40 51.75
N TYR B 401 5.30 -16.63 53.00
CA TYR B 401 4.80 -17.92 53.43
C TYR B 401 3.35 -17.77 53.91
N TYR B 402 2.48 -18.58 53.31
CA TYR B 402 1.05 -18.49 53.57
C TYR B 402 0.58 -19.65 54.41
N LEU B 403 -0.33 -19.35 55.30
CA LEU B 403 -1.02 -20.33 56.09
C LEU B 403 -2.48 -20.04 55.94
N CYS B 404 -3.21 -20.94 55.31
CA CYS B 404 -4.64 -20.78 55.09
C CYS B 404 -5.40 -21.94 55.73
N TYR B 405 -6.44 -21.62 56.47
CA TYR B 405 -7.18 -22.62 57.19
C TYR B 405 -8.60 -22.19 57.40
N GLN B 406 -9.46 -23.19 57.51
CA GLN B 406 -10.85 -23.02 57.81
C GLN B 406 -11.02 -22.30 59.15
N ARG B 407 -11.84 -21.25 59.17
CA ARG B 407 -11.95 -20.50 60.40
C ARG B 407 -13.04 -21.06 61.34
N LEU B 408 -12.79 -20.94 62.65
CA LEU B 408 -13.83 -20.75 63.70
C LEU B 408 -13.29 -21.00 65.10
N MSE C 2 -30.55 26.23 54.19
CA MSE C 2 -29.09 26.37 54.52
C MSE C 2 -28.70 27.84 54.81
O MSE C 2 -29.06 28.72 54.02
CB MSE C 2 -28.23 25.78 53.39
CG MSE C 2 -26.72 25.72 53.70
SE MSE C 2 -25.74 24.42 52.57
CE MSE C 2 -26.71 24.76 50.89
N PRO C 3 -27.96 28.11 55.90
CA PRO C 3 -27.86 29.49 56.43
C PRO C 3 -27.09 30.50 55.55
N TYR C 4 -26.09 30.01 54.80
CA TYR C 4 -25.38 30.85 53.83
C TYR C 4 -25.54 30.30 52.38
N GLU C 5 -25.45 31.20 51.40
CA GLU C 5 -25.37 30.80 49.98
C GLU C 5 -23.95 30.29 49.69
N ARG C 6 -23.84 29.24 48.88
CA ARG C 6 -22.54 28.75 48.47
C ARG C 6 -22.41 28.90 46.96
N LYS C 7 -21.24 29.33 46.55
CA LYS C 7 -20.92 29.44 45.16
C LYS C 7 -20.34 28.11 44.67
N ILE C 8 -20.70 27.73 43.46
CA ILE C 8 -20.27 26.46 42.89
C ILE C 8 -19.47 26.77 41.64
N ILE C 9 -18.25 26.28 41.58
CA ILE C 9 -17.43 26.42 40.39
C ILE C 9 -17.15 25.06 39.80
N ASN C 10 -17.28 24.94 38.49
CA ASN C 10 -16.96 23.71 37.79
C ASN C 10 -15.47 23.50 37.64
N ASP C 11 -15.05 22.27 37.89
CA ASP C 11 -13.72 21.83 37.65
C ASP C 11 -13.78 20.48 36.95
N PRO C 12 -13.22 20.35 35.73
CA PRO C 12 -13.16 19.05 35.07
C PRO C 12 -12.44 17.97 35.84
N VAL C 13 -11.41 18.33 36.60
CA VAL C 13 -10.66 17.36 37.35
C VAL C 13 -11.46 16.81 38.55
N PHE C 14 -12.12 17.66 39.32
CA PHE C 14 -12.75 17.17 40.58
C PHE C 14 -14.24 17.35 40.66
N GLY C 15 -14.80 18.10 39.71
CA GLY C 15 -16.24 18.30 39.64
C GLY C 15 -16.67 19.62 40.24
N PHE C 16 -17.77 19.61 41.01
CA PHE C 16 -18.30 20.85 41.61
C PHE C 16 -17.44 21.24 42.79
N ILE C 17 -16.97 22.48 42.79
CA ILE C 17 -16.22 23.00 43.92
C ILE C 17 -17.11 23.99 44.64
N ASN C 18 -17.38 23.70 45.91
CA ASN C 18 -18.20 24.53 46.77
C ASN C 18 -17.43 25.57 47.55
N ILE C 19 -17.81 26.83 47.36
CA ILE C 19 -17.18 27.90 48.09
C ILE C 19 -18.18 28.60 49.01
N PRO C 20 -18.02 28.42 50.33
CA PRO C 20 -18.92 29.14 51.24
C PRO C 20 -18.85 30.65 51.02
N LYS C 21 -20.02 31.32 50.98
CA LYS C 21 -20.07 32.79 51.06
C LYS C 21 -19.37 33.25 52.33
N GLY C 22 -18.85 34.47 52.32
CA GLY C 22 -18.12 35.00 53.47
C GLY C 22 -16.64 35.12 53.16
N LEU C 23 -15.81 34.84 54.14
CA LEU C 23 -14.38 34.96 54.00
C LEU C 23 -13.83 34.16 52.81
N LEU C 24 -14.25 32.91 52.67
CA LEU C 24 -13.65 32.04 51.64
C LEU C 24 -13.95 32.56 50.25
N TYR C 25 -15.21 32.82 49.95
CA TYR C 25 -15.53 33.38 48.64
C TYR C 25 -14.86 34.72 48.40
N ASP C 26 -14.75 35.52 49.47
CA ASP C 26 -14.07 36.81 49.41
C ASP C 26 -12.61 36.64 49.00
N ILE C 27 -11.94 35.60 49.49
CA ILE C 27 -10.58 35.31 49.07
C ILE C 27 -10.55 34.96 47.57
N VAL C 28 -11.43 34.06 47.14
CA VAL C 28 -11.49 33.61 45.74
C VAL C 28 -11.73 34.78 44.77
N ARG C 29 -12.53 35.76 45.19
CA ARG C 29 -12.90 36.87 44.30
C ARG C 29 -11.94 38.07 44.42
N HIS C 30 -11.01 37.96 45.36
CA HIS C 30 -10.04 38.99 45.61
C HIS C 30 -9.10 39.17 44.42
N PRO C 31 -8.83 40.43 44.03
CA PRO C 31 -7.93 40.67 42.89
C PRO C 31 -6.59 39.90 42.91
N LEU C 32 -6.04 39.65 44.09
CA LEU C 32 -4.75 38.92 44.17
C LEU C 32 -4.88 37.46 43.78
N LEU C 33 -6.04 36.85 44.04
CA LEU C 33 -6.28 35.47 43.62
C LEU C 33 -6.71 35.43 42.16
N GLN C 34 -7.49 36.39 41.72
CA GLN C 34 -7.95 36.44 40.34
C GLN C 34 -6.82 36.60 39.36
N ARG C 35 -5.72 37.21 39.80
CA ARG C 35 -4.57 37.38 38.90
C ARG C 35 -3.92 36.03 38.58
N LEU C 36 -4.14 35.03 39.45
CA LEU C 36 -3.64 33.66 39.22
C LEU C 36 -4.37 32.97 38.06
N THR C 37 -5.48 33.55 37.59
CA THR C 37 -6.10 33.13 36.34
C THR C 37 -5.26 33.46 35.13
N ARG C 38 -4.24 34.31 35.31
CA ARG C 38 -3.40 34.76 34.20
C ARG C 38 -1.95 34.26 34.35
N ILE C 39 -1.74 33.33 35.29
CA ILE C 39 -0.45 32.67 35.47
C ILE C 39 -0.61 31.14 35.38
N LYS C 40 0.05 30.55 34.40
CA LYS C 40 -0.02 29.11 34.18
C LYS C 40 0.67 28.33 35.33
N GLN C 41 0.11 27.16 35.66
CA GLN C 41 0.65 26.32 36.71
C GLN C 41 1.98 25.71 36.29
N VAL C 42 2.04 25.27 35.03
CA VAL C 42 3.29 24.75 34.47
C VAL C 42 3.56 25.34 33.09
N GLY C 43 3.83 26.65 33.04
CA GLY C 43 3.91 27.41 31.79
C GLY C 43 5.02 26.97 30.84
N LEU C 44 6.06 26.37 31.40
CA LEU C 44 7.15 25.87 30.60
C LEU C 44 6.87 24.48 30.03
N SER C 45 5.77 23.84 30.41
CA SER C 45 5.49 22.50 29.92
C SER C 45 4.63 22.50 28.65
N SER C 46 3.94 23.61 28.39
CA SER C 46 2.98 23.66 27.27
C SER C 46 3.69 23.47 25.94
N VAL C 47 4.97 23.85 25.91
CA VAL C 47 5.82 23.65 24.74
C VAL C 47 5.96 22.17 24.32
N VAL C 48 5.89 21.26 25.31
CA VAL C 48 5.89 19.79 25.08
C VAL C 48 4.47 19.17 25.13
N TYR C 49 3.64 19.71 26.02
CA TYR C 49 2.30 19.20 26.26
C TYR C 49 1.36 20.38 26.04
N PRO C 50 0.87 20.54 24.81
CA PRO C 50 -0.03 21.66 24.48
C PRO C 50 -1.30 21.72 25.31
N GLY C 51 -1.70 20.59 25.92
CA GLY C 51 -2.82 20.57 26.86
C GLY C 51 -2.55 21.24 28.22
N ALA C 52 -1.28 21.50 28.55
CA ALA C 52 -0.93 22.01 29.90
C ALA C 52 -1.15 23.52 30.02
N GLN C 53 -2.42 23.89 29.90
CA GLN C 53 -2.86 25.28 29.88
C GLN C 53 -3.44 25.71 31.20
N HIS C 54 -3.48 24.81 32.19
CA HIS C 54 -4.14 25.09 33.47
C HIS C 54 -3.47 26.20 34.29
N THR C 55 -4.27 26.89 35.09
CA THR C 55 -3.78 28.07 35.78
C THR C 55 -3.53 27.82 37.24
N ARG C 56 -2.76 28.69 37.86
CA ARG C 56 -2.55 28.63 39.30
C ARG C 56 -3.82 28.88 40.06
N PHE C 57 -4.78 29.55 39.45
CA PHE C 57 -6.09 29.72 40.06
C PHE C 57 -6.79 28.36 40.23
N GLN C 58 -6.78 27.58 39.16
CA GLN C 58 -7.35 26.22 39.17
C GLN C 58 -6.76 25.35 40.26
N HIS C 59 -5.45 25.38 40.33
CA HIS C 59 -4.75 24.63 41.32
C HIS C 59 -5.15 25.06 42.71
N SER C 60 -5.25 26.37 42.91
CA SER C 60 -5.66 26.93 44.19
C SER C 60 -7.05 26.39 44.57
N LEU C 61 -8.01 26.58 43.69
CA LEU C 61 -9.37 26.08 43.94
C LEU C 61 -9.44 24.58 44.12
N GLY C 62 -8.58 23.85 43.42
CA GLY C 62 -8.57 22.40 43.52
C GLY C 62 -8.01 21.92 44.84
N ALA C 63 -6.92 22.53 45.26
CA ALA C 63 -6.32 22.17 46.52
C ALA C 63 -7.32 22.47 47.65
N PHE C 64 -8.10 23.54 47.47
CA PHE C 64 -9.12 23.94 48.43
C PHE C 64 -10.27 22.93 48.47
N TYR C 65 -10.66 22.45 47.28
CA TYR C 65 -11.70 21.43 47.20
C TYR C 65 -11.26 20.18 48.00
N LEU C 66 -10.04 19.74 47.77
CA LEU C 66 -9.53 18.56 48.43
C LEU C 66 -9.45 18.77 49.93
N MSE C 67 -9.08 19.98 50.33
CA MSE C 67 -8.96 20.36 51.73
C MSE C 67 -10.31 20.23 52.37
O MSE C 67 -10.42 19.64 53.43
CB MSE C 67 -8.46 21.79 51.84
CG MSE C 67 -8.32 22.26 53.26
SE MSE C 67 -6.90 21.35 54.26
CE MSE C 67 -5.32 22.46 53.76
N SER C 68 -11.34 20.78 51.73
CA SER C 68 -12.72 20.65 52.23
C SER C 68 -13.13 19.20 52.52
N GLU C 69 -12.76 18.30 51.61
CA GLU C 69 -13.04 16.88 51.76
C GLU C 69 -12.21 16.29 52.88
N ALA C 70 -10.96 16.73 53.00
CA ALA C 70 -10.02 16.27 54.04
C ALA C 70 -10.59 16.66 55.44
N ILE C 71 -11.07 17.90 55.58
CA ILE C 71 -11.69 18.32 56.85
C ILE C 71 -12.88 17.44 57.25
N THR C 72 -13.77 17.20 56.29
CA THR C 72 -14.91 16.34 56.49
C THR C 72 -14.55 14.92 56.88
N GLN C 73 -13.55 14.37 56.21
CA GLN C 73 -13.11 13.02 56.46
C GLN C 73 -12.47 12.92 57.84
N LEU C 74 -11.61 13.86 58.19
CA LEU C 74 -10.92 13.82 59.48
C LEU C 74 -11.90 13.94 60.66
N THR C 75 -12.85 14.86 60.55
CA THR C 75 -13.82 15.02 61.62
C THR C 75 -14.74 13.78 61.74
N SER C 76 -15.00 13.09 60.63
CA SER C 76 -15.79 11.86 60.68
C SER C 76 -15.02 10.73 61.38
N LYS C 77 -13.70 10.80 61.46
CA LYS C 77 -12.97 9.77 62.18
C LYS C 77 -12.70 10.26 63.63
N GLY C 78 -13.49 11.26 64.04
CA GLY C 78 -13.52 11.75 65.42
C GLY C 78 -12.70 12.98 65.75
N ASN C 79 -11.88 13.45 64.80
CA ASN C 79 -10.89 14.51 65.06
C ASN C 79 -11.51 15.88 65.24
N PHE C 80 -10.96 16.67 66.13
CA PHE C 80 -11.58 17.94 66.47
C PHE C 80 -10.99 19.00 65.59
N ILE C 81 -11.84 19.56 64.74
CA ILE C 81 -11.45 20.71 63.93
C ILE C 81 -12.51 21.75 64.19
N PHE C 82 -12.14 22.82 64.87
CA PHE C 82 -13.14 23.83 65.08
C PHE C 82 -13.40 24.60 63.79
N ASP C 83 -14.62 25.12 63.69
CA ASP C 83 -15.07 25.84 62.51
C ASP C 83 -14.06 26.93 62.08
N SER C 84 -13.43 27.57 63.06
CA SER C 84 -12.39 28.57 62.80
C SER C 84 -11.05 27.94 62.32
N GLU C 85 -10.76 26.73 62.76
CA GLU C 85 -9.58 26.05 62.25
C GLU C 85 -9.84 25.49 60.84
N ALA C 86 -11.07 25.04 60.58
CA ALA C 86 -11.47 24.57 59.29
C ALA C 86 -11.28 25.70 58.31
N GLU C 87 -11.93 26.82 58.61
CA GLU C 87 -11.87 28.02 57.79
C GLU C 87 -10.44 28.46 57.51
N ALA C 88 -9.63 28.42 58.55
CA ALA C 88 -8.27 28.89 58.50
C ALA C 88 -7.44 28.06 57.54
N VAL C 89 -7.62 26.75 57.63
CA VAL C 89 -6.87 25.82 56.81
C VAL C 89 -7.33 25.93 55.35
N GLN C 90 -8.64 26.15 55.14
CA GLN C 90 -9.16 26.40 53.81
C GLN C 90 -8.60 27.69 53.18
N ALA C 91 -8.53 28.76 53.97
CA ALA C 91 -7.98 30.06 53.49
C ALA C 91 -6.49 29.95 53.22
N ALA C 92 -5.78 29.20 54.08
CA ALA C 92 -4.35 28.93 53.92
C ALA C 92 -4.01 28.23 52.61
N ILE C 93 -4.85 27.30 52.20
CA ILE C 93 -4.57 26.54 51.00
C ILE C 93 -5.00 27.33 49.75
N LEU C 94 -6.07 28.10 49.84
CA LEU C 94 -6.45 29.03 48.77
C LEU C 94 -5.30 29.99 48.44
N LEU C 95 -4.51 30.30 49.46
CA LEU C 95 -3.54 31.39 49.39
C LEU C 95 -2.10 30.91 49.30
N HIS C 96 -1.89 29.60 49.43
CA HIS C 96 -0.55 29.04 49.56
C HIS C 96 0.38 29.36 48.42
N ASP C 97 -0.14 29.54 47.20
CA ASP C 97 0.70 29.76 45.98
C ASP C 97 0.55 31.19 45.48
N ILE C 98 -0.05 32.05 46.30
CA ILE C 98 -0.42 33.39 45.87
C ILE C 98 0.81 34.22 45.48
N GLY C 99 1.97 33.91 46.06
CA GLY C 99 3.19 34.67 45.82
C GLY C 99 3.95 34.39 44.53
N HIS C 100 3.46 33.45 43.73
CA HIS C 100 4.05 33.16 42.42
C HIS C 100 3.71 34.24 41.43
N GLY C 101 4.72 34.77 40.74
CA GLY C 101 4.51 35.64 39.59
C GLY C 101 4.66 34.77 38.38
N PRO C 102 4.67 35.37 37.18
CA PRO C 102 4.75 34.54 35.97
C PRO C 102 6.11 33.88 35.93
N PHE C 103 6.19 32.67 35.37
CA PHE C 103 7.40 31.89 35.43
C PHE C 103 8.23 32.19 36.71
N SER C 104 7.67 31.91 37.88
CA SER C 104 8.22 32.45 39.15
C SER C 104 9.69 32.13 39.40
N HIS C 105 10.08 30.90 39.08
CA HIS C 105 11.46 30.47 39.29
C HIS C 105 12.41 31.27 38.39
N VAL C 106 12.02 31.43 37.12
CA VAL C 106 12.80 32.21 36.16
C VAL C 106 12.96 33.65 36.64
N LEU C 107 11.90 34.26 37.18
CA LEU C 107 12.03 35.59 37.76
C LEU C 107 13.04 35.62 38.91
N GLU C 108 13.01 34.60 39.77
CA GLU C 108 13.92 34.55 40.90
C GLU C 108 15.39 34.47 40.43
N ASP C 109 15.59 33.91 39.25
CA ASP C 109 16.91 33.74 38.64
C ASP C 109 17.34 34.90 37.78
N THR C 110 16.46 35.85 37.50
CA THR C 110 16.77 36.90 36.52
C THR C 110 16.50 38.28 37.09
N ILE C 111 15.26 38.75 37.00
CA ILE C 111 15.04 40.18 37.22
C ILE C 111 14.32 40.50 38.53
N VAL C 112 13.99 39.49 39.33
CA VAL C 112 13.49 39.73 40.69
C VAL C 112 14.25 38.76 41.58
N GLN C 113 15.56 38.97 41.62
CA GLN C 113 16.48 38.00 42.23
C GLN C 113 16.47 37.98 43.76
N GLY C 114 16.66 36.77 44.30
CA GLY C 114 16.81 36.56 45.75
C GLY C 114 15.53 36.69 46.57
N VAL C 115 14.38 36.59 45.92
CA VAL C 115 13.09 36.63 46.59
C VAL C 115 12.36 35.38 46.12
N SER C 116 11.94 34.56 47.08
CA SER C 116 11.19 33.36 46.77
C SER C 116 9.71 33.67 46.83
N HIS C 117 8.94 32.91 46.06
CA HIS C 117 7.48 33.02 46.08
C HIS C 117 6.92 32.79 47.49
N GLU C 118 7.59 31.93 48.26
CA GLU C 118 7.20 31.67 49.65
C GLU C 118 7.17 32.97 50.46
N GLU C 119 8.22 33.77 50.31
CA GLU C 119 8.30 35.09 50.98
C GLU C 119 7.21 36.02 50.48
N ILE C 120 6.98 36.01 49.16
CA ILE C 120 5.99 36.90 48.56
C ILE C 120 4.58 36.47 48.99
N SER C 121 4.34 35.17 49.07
CA SER C 121 3.05 34.66 49.50
C SER C 121 2.70 35.24 50.87
N LEU C 122 3.66 35.15 51.78
CA LEU C 122 3.49 35.67 53.14
C LEU C 122 3.19 37.18 53.16
N MSE C 123 3.93 37.94 52.34
CA MSE C 123 3.74 39.40 52.24
C MSE C 123 2.34 39.76 51.79
O MSE C 123 1.72 40.70 52.32
CB MSE C 123 4.76 39.99 51.24
CG MSE C 123 6.22 39.91 51.71
SE MSE C 123 7.57 40.51 50.39
CE MSE C 123 7.18 42.42 50.25
N LEU C 124 1.84 39.00 50.82
CA LEU C 124 0.50 39.20 50.27
C LEU C 124 -0.56 38.70 51.25
N MSE C 125 -0.24 37.65 52.00
CA MSE C 125 -1.17 37.15 53.02
C MSE C 125 -1.39 38.17 54.13
O MSE C 125 -2.51 38.34 54.61
CB MSE C 125 -0.63 35.87 53.65
CG MSE C 125 -0.74 34.66 52.72
SE MSE C 125 0.01 33.03 53.47
CE MSE C 125 -1.57 32.50 54.53
N GLU C 126 -0.32 38.84 54.53
CA GLU C 126 -0.38 39.90 55.55
C GLU C 126 -1.06 41.17 55.00
N ARG C 127 -0.84 41.44 53.73
CA ARG C 127 -1.47 42.56 53.07
C ARG C 127 -2.98 42.36 53.03
N MSE C 128 -3.41 41.15 52.66
CA MSE C 128 -4.82 40.81 52.63
CA MSE C 128 -4.83 40.81 52.63
C MSE C 128 -5.39 40.77 54.05
O MSE C 128 -6.54 41.12 54.29
CB MSE C 128 -5.01 39.47 51.95
CB MSE C 128 -5.10 39.48 51.91
CG MSE C 128 -4.76 39.51 50.46
CG MSE C 128 -6.57 39.33 51.43
SE MSE C 128 -4.98 37.75 49.70
SE MSE C 128 -7.08 37.66 50.51
CE MSE C 128 -6.91 37.65 49.69
CE MSE C 128 -5.84 37.73 49.02
N ASN C 129 -4.56 40.36 55.01
CA ASN C 129 -4.97 40.31 56.41
C ASN C 129 -5.35 41.71 56.92
N LYS C 130 -4.57 42.72 56.54
CA LYS C 130 -4.86 44.09 56.94
C LYS C 130 -6.15 44.53 56.30
N GLU C 131 -6.32 44.25 55.01
CA GLU C 131 -7.57 44.55 54.30
C GLU C 131 -8.79 43.94 54.98
N MSE C 132 -8.64 42.76 55.55
CA MSE C 132 -9.75 42.00 56.13
C MSE C 132 -9.70 42.03 57.66
O MSE C 132 -10.20 41.13 58.32
CB MSE C 132 -9.71 40.56 55.64
CG MSE C 132 -9.80 40.48 54.12
SE MSE C 132 -9.63 38.66 53.48
CE MSE C 132 -10.25 39.03 51.65
N ASN C 133 -9.09 43.07 58.21
CA ASN C 133 -9.16 43.33 59.65
C ASN C 133 -8.79 42.13 60.52
N GLY C 134 -7.78 41.39 60.08
CA GLY C 134 -7.21 40.31 60.87
C GLY C 134 -7.91 38.97 60.75
N GLN C 135 -8.93 38.85 59.86
CA GLN C 135 -9.64 37.56 59.68
C GLN C 135 -8.72 36.40 59.16
N LEU C 136 -7.57 36.72 58.58
CA LEU C 136 -6.64 35.68 58.07
C LEU C 136 -5.54 35.33 59.06
N SER C 137 -5.66 35.79 60.29
CA SER C 137 -4.58 35.63 61.25
C SER C 137 -4.28 34.17 61.59
N LEU C 138 -5.34 33.44 61.94
CA LEU C 138 -5.17 32.00 62.23
C LEU C 138 -4.57 31.24 61.00
N ALA C 139 -5.10 31.55 59.82
CA ALA C 139 -4.63 30.93 58.56
C ALA C 139 -3.15 31.18 58.38
N ILE C 140 -2.70 32.42 58.60
CA ILE C 140 -1.26 32.70 58.45
C ILE C 140 -0.52 31.89 59.49
N GLN C 141 -1.08 31.81 60.69
CA GLN C 141 -0.40 31.10 61.75
C GLN C 141 -0.20 29.61 61.42
N ILE C 142 -1.26 29.02 60.88
CA ILE C 142 -1.20 27.61 60.45
C ILE C 142 -0.25 27.44 59.28
N PHE C 143 -0.32 28.36 58.32
CA PHE C 143 0.61 28.37 57.18
C PHE C 143 2.06 28.30 57.62
N LYS C 144 2.38 29.09 58.64
CA LYS C 144 3.76 29.25 59.13
C LYS C 144 4.20 28.07 59.98
N ASP C 145 3.23 27.21 60.34
CA ASP C 145 3.44 26.09 61.27
C ASP C 145 3.71 26.58 62.68
N GLU C 146 3.01 27.64 63.08
CA GLU C 146 3.16 28.22 64.41
C GLU C 146 1.86 28.05 65.20
N TYR C 147 1.07 27.05 64.82
CA TYR C 147 -0.16 26.71 65.54
C TYR C 147 0.09 25.38 66.27
N PRO C 148 -0.42 25.27 67.51
CA PRO C 148 -0.19 24.05 68.33
C PRO C 148 -0.91 22.78 67.87
N LYS C 149 -2.02 22.88 67.10
CA LYS C 149 -2.59 21.71 66.39
C LYS C 149 -1.90 21.49 65.01
N ARG C 150 -0.84 20.70 65.02
CA ARG C 150 0.14 20.74 63.94
C ARG C 150 -0.23 19.98 62.67
N PHE C 151 -1.20 19.07 62.79
CA PHE C 151 -1.64 18.29 61.63
C PHE C 151 -2.34 19.18 60.61
N LEU C 152 -2.87 20.32 61.05
CA LEU C 152 -3.50 21.28 60.16
C LEU C 152 -2.48 21.82 59.14
N HIS C 153 -1.32 22.21 59.61
CA HIS C 153 -0.27 22.72 58.74
C HIS C 153 0.15 21.64 57.75
N GLN C 154 0.19 20.41 58.22
CA GLN C 154 0.59 19.27 57.40
C GLN C 154 -0.32 19.06 56.20
N LEU C 155 -1.58 19.49 56.34
CA LEU C 155 -2.53 19.46 55.21
C LEU C 155 -2.20 20.53 54.16
N VAL C 156 -1.50 21.59 54.60
CA VAL C 156 -1.12 22.66 53.70
C VAL C 156 0.21 22.30 53.04
N SER C 157 1.15 21.84 53.84
CA SER C 157 2.49 21.55 53.35
C SER C 157 3.04 20.33 54.07
N GLY C 158 3.42 19.34 53.28
CA GLY C 158 3.93 18.10 53.81
C GLY C 158 3.72 16.93 52.87
N GLN C 159 4.22 15.75 53.24
CA GLN C 159 4.18 14.56 52.36
C GLN C 159 2.78 14.25 51.79
N LEU C 160 1.72 14.59 52.54
CA LEU C 160 0.36 14.36 52.09
C LEU C 160 -0.43 15.66 51.88
N ASP C 161 0.24 16.76 51.58
CA ASP C 161 -0.52 18.05 51.54
C ASP C 161 -1.46 18.11 50.32
N MSE C 162 -2.44 18.99 50.39
CA MSE C 162 -3.43 19.12 49.33
C MSE C 162 -2.86 19.79 48.08
O MSE C 162 -3.40 19.69 46.97
CB MSE C 162 -4.60 19.95 49.84
CG MSE C 162 -5.24 19.42 51.12
SE MSE C 162 -6.02 17.63 51.04
CE MSE C 162 -4.60 16.66 52.07
N ASP C 163 -1.76 20.51 48.27
CA ASP C 163 -1.05 21.13 47.18
C ASP C 163 -0.66 20.05 46.14
N ARG C 164 0.13 19.07 46.59
CA ARG C 164 0.61 18.04 45.67
C ARG C 164 -0.51 17.08 45.26
N LEU C 165 -1.46 16.84 46.17
CA LEU C 165 -2.54 15.98 45.83
C LEU C 165 -3.38 16.62 44.71
N ASP C 166 -3.40 17.95 44.62
CA ASP C 166 -4.02 18.57 43.46
C ASP C 166 -3.08 18.51 42.26
N TYR C 167 -1.86 19.02 42.41
CA TYR C 167 -1.08 19.32 41.23
C TYR C 167 -0.63 18.05 40.49
N LEU C 168 -0.33 16.98 41.23
CA LEU C 168 -0.02 15.72 40.55
C LEU C 168 -1.17 15.21 39.70
N ARG C 169 -2.37 15.30 40.23
CA ARG C 169 -3.55 14.85 39.50
C ARG C 169 -3.85 15.80 38.33
N ARG C 170 -3.81 17.12 38.59
CA ARG C 170 -4.21 18.14 37.59
C ARG C 170 -3.21 18.23 36.46
N ASP C 171 -1.94 18.23 36.81
CA ASP C 171 -0.87 18.25 35.82
C ASP C 171 -0.94 17.02 34.91
N SER C 172 -1.19 15.88 35.52
CA SER C 172 -1.32 14.63 34.79
C SER C 172 -2.53 14.70 33.87
N PHE C 173 -3.63 15.24 34.41
CA PHE C 173 -4.87 15.37 33.67
C PHE C 173 -4.67 16.28 32.44
N TYR C 174 -4.03 17.44 32.63
CA TYR C 174 -3.89 18.41 31.51
C TYR C 174 -2.77 18.07 30.50
N THR C 175 -1.63 17.59 30.97
CA THR C 175 -0.54 17.13 30.07
C THR C 175 -1.00 15.91 29.25
N GLY C 176 -1.79 15.06 29.85
CA GLY C 176 -2.15 13.80 29.21
C GLY C 176 -1.19 12.65 29.56
N VAL C 177 -0.23 12.91 30.46
CA VAL C 177 0.60 11.87 31.05
C VAL C 177 -0.25 11.06 32.09
N THR C 178 -1.10 10.17 31.58
CA THR C 178 -1.99 9.38 32.45
C THR C 178 -1.23 8.47 33.42
N GLU C 179 0.02 8.18 33.07
CA GLU C 179 0.95 7.44 33.93
C GLU C 179 1.29 8.08 35.27
N GLY C 180 1.10 9.39 35.40
CA GLY C 180 1.33 10.06 36.69
C GLY C 180 0.05 10.31 37.45
N ASN C 181 -1.06 9.72 37.01
CA ASN C 181 -2.31 9.91 37.73
C ASN C 181 -2.25 9.31 39.14
N ILE C 182 -2.94 9.98 40.05
CA ILE C 182 -3.04 9.54 41.44
C ILE C 182 -4.49 9.65 41.83
N GLY C 183 -4.85 8.87 42.86
CA GLY C 183 -6.23 8.79 43.36
C GLY C 183 -6.39 9.75 44.51
N SER C 184 -6.33 11.04 44.20
CA SER C 184 -6.32 12.08 45.24
C SER C 184 -7.45 11.90 46.24
N ALA C 185 -8.68 11.82 45.75
CA ALA C 185 -9.85 11.62 46.63
C ALA C 185 -9.74 10.35 47.49
N ARG C 186 -9.22 9.30 46.86
CA ARG C 186 -9.08 8.04 47.57
C ARG C 186 -8.07 8.17 48.71
N ILE C 187 -6.98 8.89 48.46
CA ILE C 187 -5.96 9.09 49.49
C ILE C 187 -6.62 9.86 50.67
N ILE C 188 -7.38 10.87 50.34
CA ILE C 188 -8.01 11.67 51.37
C ILE C 188 -8.98 10.85 52.23
N LYS C 189 -9.68 9.91 51.60
CA LYS C 189 -10.60 9.03 52.33
C LYS C 189 -9.93 8.07 53.31
N MSE C 190 -8.64 7.78 53.12
CA MSE C 190 -7.86 6.91 54.01
C MSE C 190 -7.03 7.73 55.01
O MSE C 190 -6.18 7.17 55.73
CB MSE C 190 -6.92 6.03 53.19
CG MSE C 190 -7.58 5.10 52.27
SE MSE C 190 -8.73 3.79 53.17
CE MSE C 190 -10.49 4.54 52.95
N LEU C 191 -7.26 9.04 55.05
CA LEU C 191 -6.44 9.96 55.88
C LEU C 191 -6.93 9.96 57.34
N ASP C 192 -5.99 10.04 58.28
CA ASP C 192 -6.34 10.23 59.71
C ASP C 192 -5.21 10.95 60.44
N VAL C 193 -5.40 11.15 61.73
CA VAL C 193 -4.40 11.76 62.60
C VAL C 193 -4.00 10.75 63.70
N ALA C 194 -2.71 10.60 63.94
CA ALA C 194 -2.23 9.91 65.16
C ALA C 194 -1.05 10.72 65.71
N ASP C 195 -1.09 11.06 67.01
CA ASP C 195 -0.02 11.80 67.69
C ASP C 195 0.22 13.16 67.02
N ASP C 196 -0.88 13.87 66.75
CA ASP C 196 -0.87 15.21 66.09
C ASP C 196 -0.11 15.25 64.75
N ARG C 197 -0.17 14.14 64.04
CA ARG C 197 0.44 14.06 62.74
C ARG C 197 -0.47 13.26 61.77
N LEU C 198 -0.36 13.53 60.48
CA LEU C 198 -1.16 12.83 59.49
C LEU C 198 -0.68 11.41 59.29
N VAL C 199 -1.64 10.48 59.17
CA VAL C 199 -1.37 9.09 58.85
C VAL C 199 -2.35 8.55 57.76
N ILE C 200 -1.95 7.47 57.08
CA ILE C 200 -2.85 6.83 56.12
C ILE C 200 -3.29 5.42 56.53
N GLU C 201 -4.60 5.18 56.52
CA GLU C 201 -5.13 3.84 56.88
C GLU C 201 -4.55 2.79 55.95
N SER C 202 -4.19 1.62 56.51
CA SER C 202 -3.55 0.51 55.78
C SER C 202 -4.33 0.05 54.54
N LYS C 203 -5.63 0.29 54.51
CA LYS C 203 -6.41 -0.05 53.33
C LYS C 203 -6.02 0.87 52.14
N GLY C 204 -5.37 1.99 52.43
CA GLY C 204 -4.83 2.86 51.39
C GLY C 204 -3.38 2.67 50.98
N ILE C 205 -2.74 1.57 51.35
CA ILE C 205 -1.35 1.35 51.00
C ILE C 205 -1.14 1.38 49.47
N TYR C 206 -2.05 0.74 48.76
CA TYR C 206 -1.96 0.61 47.29
C TYR C 206 -1.96 1.99 46.62
N SER C 207 -2.85 2.88 47.07
CA SER C 207 -2.87 4.27 46.61
C SER C 207 -1.58 5.03 46.91
N ILE C 208 -1.01 4.77 48.08
CA ILE C 208 0.19 5.49 48.48
C ILE C 208 1.36 4.96 47.67
N GLU C 209 1.34 3.67 47.33
CA GLU C 209 2.40 3.09 46.45
C GLU C 209 2.41 3.77 45.07
N ASN C 210 1.22 3.88 44.49
CA ASN C 210 1.04 4.56 43.20
C ASN C 210 1.40 6.04 43.30
N PHE C 211 0.99 6.68 44.40
CA PHE C 211 1.29 8.09 44.70
C PHE C 211 2.77 8.40 44.65
N LEU C 212 3.61 7.55 45.26
CA LEU C 212 5.05 7.75 45.30
C LEU C 212 5.75 7.46 43.96
N THR C 213 5.24 6.50 43.21
CA THR C 213 5.87 6.22 41.93
C THR C 213 5.46 7.32 40.93
N ALA C 214 4.19 7.73 40.99
CA ALA C 214 3.64 8.75 40.11
C ALA C 214 4.41 10.05 40.30
N ARG C 215 4.73 10.37 41.55
CA ARG C 215 5.50 11.57 41.81
C ARG C 215 6.85 11.56 41.08
N ARG C 216 7.51 10.41 41.07
CA ARG C 216 8.83 10.30 40.44
C ARG C 216 8.76 10.31 38.92
N LEU C 217 7.72 9.68 38.36
CA LEU C 217 7.47 9.75 36.95
C LEU C 217 7.16 11.18 36.47
N MSE C 218 6.28 11.89 37.18
CA MSE C 218 5.95 13.28 36.77
C MSE C 218 7.19 14.19 36.86
O MSE C 218 7.35 15.14 36.09
CB MSE C 218 4.81 13.85 37.61
CG MSE C 218 3.50 13.21 37.36
SE MSE C 218 2.85 13.47 35.56
CE MSE C 218 2.00 15.24 35.87
N TYR C 219 8.06 13.89 37.82
CA TYR C 219 9.31 14.64 37.97
C TYR C 219 10.15 14.54 36.72
N TRP C 220 10.38 13.34 36.19
CA TRP C 220 11.23 13.18 35.01
C TRP C 220 10.50 13.41 33.70
N GLN C 221 9.27 12.91 33.58
CA GLN C 221 8.53 12.97 32.33
C GLN C 221 8.08 14.42 32.02
N VAL C 222 7.68 15.17 33.05
CA VAL C 222 7.10 16.50 32.89
C VAL C 222 7.98 17.61 33.44
N TYR C 223 8.20 17.62 34.75
CA TYR C 223 8.81 18.79 35.39
C TYR C 223 10.22 19.01 34.96
N LEU C 224 10.98 17.94 34.72
CA LEU C 224 12.35 18.07 34.21
C LEU C 224 12.49 17.54 32.79
N HIS C 225 11.41 17.58 32.00
CA HIS C 225 11.52 17.27 30.59
C HIS C 225 12.57 18.17 29.94
N LYS C 226 13.46 17.57 29.15
CA LYS C 226 14.61 18.33 28.65
C LYS C 226 14.21 19.48 27.72
N THR C 227 13.18 19.28 26.88
CA THR C 227 12.66 20.39 26.08
C THR C 227 12.23 21.54 26.99
N SER C 228 11.58 21.20 28.11
CA SER C 228 11.14 22.23 29.06
C SER C 228 12.33 22.91 29.75
N VAL C 229 13.37 22.11 29.99
CA VAL C 229 14.62 22.67 30.56
C VAL C 229 15.25 23.66 29.60
N ALA C 230 15.31 23.29 28.33
CA ALA C 230 15.88 24.15 27.29
C ALA C 230 15.08 25.45 27.10
N TYR C 231 13.75 25.33 27.02
CA TYR C 231 12.85 26.50 26.95
C TYR C 231 13.12 27.45 28.12
N GLU C 232 13.25 26.90 29.31
CA GLU C 232 13.49 27.71 30.50
C GLU C 232 14.79 28.47 30.39
N ARG C 233 15.81 27.82 29.86
CA ARG C 233 17.13 28.45 29.68
C ARG C 233 17.06 29.59 28.67
N MSE C 234 16.31 29.37 27.61
CA MSE C 234 16.10 30.42 26.62
C MSE C 234 15.45 31.64 27.23
O MSE C 234 15.87 32.75 26.97
CB MSE C 234 15.23 29.93 25.47
CG MSE C 234 15.87 28.89 24.64
SE MSE C 234 14.57 28.37 23.30
CE MSE C 234 14.74 30.08 22.41
N LEU C 235 14.42 31.43 28.03
CA LEU C 235 13.73 32.56 28.68
C LEU C 235 14.64 33.25 29.69
N ILE C 236 15.49 32.49 30.37
CA ILE C 236 16.43 33.10 31.33
C ILE C 236 17.39 34.01 30.55
N SER C 237 17.85 33.53 29.40
CA SER C 237 18.76 34.31 28.56
C SER C 237 18.10 35.60 28.12
N THR C 238 16.86 35.47 27.62
CA THR C 238 16.14 36.59 27.05
C THR C 238 15.90 37.69 28.07
N LEU C 239 15.50 37.31 29.28
CA LEU C 239 15.29 38.31 30.32
C LEU C 239 16.60 38.92 30.79
N LEU C 240 17.67 38.13 30.84
CA LEU C 240 18.95 38.65 31.33
C LEU C 240 19.44 39.68 30.30
N ARG C 241 19.41 39.28 29.03
CA ARG C 241 19.75 40.20 27.93
C ARG C 241 18.92 41.47 27.95
N ALA C 242 17.61 41.35 28.13
CA ALA C 242 16.79 42.54 28.23
C ALA C 242 17.20 43.41 29.42
N LYS C 243 17.65 42.82 30.54
CA LYS C 243 18.10 43.66 31.66
C LYS C 243 19.44 44.33 31.34
N GLU C 244 20.29 43.61 30.61
CA GLU C 244 21.58 44.12 30.15
C GLU C 244 21.34 45.35 29.29
N LEU C 245 20.58 45.17 28.21
CA LEU C 245 20.30 46.26 27.28
C LEU C 245 19.68 47.46 28.00
N ALA C 246 18.70 47.20 28.87
CA ALA C 246 18.06 48.23 29.70
C ALA C 246 19.04 49.02 30.58
N SER C 247 20.03 48.35 31.15
CA SER C 247 21.02 48.99 32.05
C SER C 247 21.94 49.91 31.25
N GLN C 248 22.17 49.50 30.01
CA GLN C 248 22.83 50.33 29.00
C GLN C 248 21.90 51.39 28.39
N GLY C 249 20.70 51.56 28.96
CA GLY C 249 19.77 52.60 28.52
C GLY C 249 19.06 52.34 27.18
N VAL C 250 19.21 51.15 26.60
CA VAL C 250 18.46 50.84 25.37
C VAL C 250 16.96 50.81 25.72
N GLU C 251 16.12 51.19 24.77
CA GLU C 251 14.67 51.20 24.99
C GLU C 251 14.03 49.89 24.52
N LEU C 252 13.34 49.25 25.47
CA LEU C 252 12.63 48.01 25.23
C LEU C 252 11.14 48.15 25.56
N PHE C 253 10.29 47.66 24.69
CA PHE C 253 8.86 47.61 24.99
C PHE C 253 8.56 46.82 26.27
N ALA C 254 7.77 47.41 27.16
CA ALA C 254 7.45 46.77 28.41
C ALA C 254 6.28 47.47 29.09
N SER C 255 5.37 46.67 29.66
CA SER C 255 4.31 47.20 30.50
C SER C 255 4.99 47.86 31.68
N PRO C 256 4.34 48.85 32.30
CA PRO C 256 4.94 49.52 33.46
C PRO C 256 5.49 48.60 34.52
N ALA C 257 4.72 47.59 34.88
CA ALA C 257 5.13 46.64 35.91
C ALA C 257 6.39 45.87 35.52
N LEU C 258 6.49 45.48 34.26
CA LEU C 258 7.69 44.75 33.81
C LEU C 258 8.90 45.72 33.68
N HIS C 259 8.62 46.89 33.11
CA HIS C 259 9.62 47.96 33.01
C HIS C 259 10.30 48.27 34.36
N PHE C 260 9.54 48.30 35.43
CA PHE C 260 10.10 48.53 36.76
C PHE C 260 11.23 47.55 37.14
N PHE C 261 11.18 46.32 36.63
CA PHE C 261 12.17 45.32 37.03
C PHE C 261 13.30 45.23 36.03
N LEU C 262 13.04 45.64 34.81
CA LEU C 262 14.07 45.68 33.77
C LEU C 262 14.97 46.94 33.88
N TYR C 263 14.43 48.02 34.44
CA TYR C 263 15.16 49.31 34.48
C TYR C 263 15.58 49.70 35.88
N ASN C 264 15.37 48.81 36.84
CA ASN C 264 15.92 48.95 38.18
C ASN C 264 16.55 47.62 38.54
N ASP C 265 17.52 47.63 39.45
CA ASP C 265 18.09 46.37 39.92
C ASP C 265 17.36 46.04 41.19
N ILE C 266 16.43 45.11 41.09
CA ILE C 266 15.73 44.66 42.29
C ILE C 266 16.41 43.39 42.84
N ASN C 267 16.77 43.49 44.12
CA ASN C 267 17.37 42.41 44.86
C ASN C 267 16.56 42.24 46.14
N HIS C 268 16.93 41.26 46.96
CA HIS C 268 16.22 40.93 48.20
C HIS C 268 15.96 42.15 49.09
N THR C 269 17.02 42.90 49.37
CA THR C 269 16.95 44.09 50.24
C THR C 269 15.91 45.06 49.72
N GLU C 270 16.07 45.39 48.44
CA GLU C 270 15.24 46.36 47.77
C GLU C 270 13.76 45.90 47.75
N PHE C 271 13.54 44.61 47.53
CA PHE C 271 12.18 44.08 47.43
C PHE C 271 11.43 44.24 48.73
N HIS C 272 12.10 43.97 49.83
CA HIS C 272 11.47 44.09 51.15
C HIS C 272 11.38 45.53 51.62
N ASN C 273 12.39 46.32 51.30
CA ASN C 273 12.47 47.67 51.84
C ASN C 273 11.72 48.72 51.04
N ASN C 274 11.73 48.61 49.70
CA ASN C 274 10.96 49.54 48.86
C ASN C 274 9.59 48.96 48.47
N PRO C 275 8.50 49.60 48.93
CA PRO C 275 7.14 49.08 48.68
C PRO C 275 6.66 49.11 47.22
N ASP C 276 7.33 49.85 46.37
CA ASP C 276 6.99 49.81 44.94
C ASP C 276 7.29 48.46 44.29
N CYS C 277 8.20 47.69 44.87
CA CYS C 277 8.56 46.39 44.31
C CYS C 277 7.37 45.43 44.35
N LEU C 278 6.80 45.23 45.54
CA LEU C 278 5.59 44.43 45.70
C LEU C 278 4.41 44.97 44.85
N GLU C 279 4.20 46.28 44.86
CA GLU C 279 3.14 46.89 44.07
C GLU C 279 3.23 46.55 42.59
N ASN C 280 4.45 46.53 42.06
CA ASN C 280 4.62 46.24 40.65
C ASN C 280 4.61 44.73 40.36
N PHE C 281 5.14 43.96 41.29
CA PHE C 281 5.12 42.51 41.18
C PHE C 281 3.69 41.97 41.06
N ILE C 282 2.82 42.43 41.97
CA ILE C 282 1.39 42.13 41.95
C ILE C 282 0.76 42.31 40.57
N GLN C 283 1.34 43.18 39.74
CA GLN C 283 0.78 43.51 38.43
C GLN C 283 1.37 42.70 37.29
N LEU C 284 2.29 41.81 37.61
CA LEU C 284 2.87 40.95 36.60
C LEU C 284 2.07 39.66 36.48
N ASP C 285 1.79 39.27 35.24
CA ASP C 285 1.38 37.92 34.97
C ASP C 285 1.95 37.47 33.62
N ASP C 286 1.56 36.30 33.14
CA ASP C 286 2.15 35.75 31.93
C ASP C 286 2.00 36.68 30.72
N ASN C 287 0.93 37.45 30.68
CA ASN C 287 0.72 38.41 29.60
C ASN C 287 1.85 39.45 29.48
N ASP C 288 2.33 39.93 30.61
CA ASP C 288 3.43 40.87 30.63
C ASP C 288 4.64 40.24 29.94
N ILE C 289 4.95 38.99 30.28
CA ILE C 289 6.13 38.33 29.71
C ILE C 289 5.99 38.05 28.20
N TRP C 290 4.84 37.52 27.80
CA TRP C 290 4.61 37.18 26.40
C TRP C 290 4.50 38.37 25.47
N THR C 291 3.91 39.46 25.95
CA THR C 291 3.79 40.67 25.14
C THR C 291 5.21 41.26 24.94
N ALA C 292 6.04 41.30 25.99
CA ALA C 292 7.48 41.65 25.81
C ALA C 292 8.16 40.76 24.74
N LEU C 293 8.12 39.46 24.92
CA LEU C 293 8.76 38.56 23.95
C LEU C 293 8.24 38.81 22.54
N LYS C 294 6.92 38.99 22.43
CA LYS C 294 6.31 39.22 21.10
C LYS C 294 6.91 40.48 20.41
N VAL C 295 6.98 41.58 21.14
CA VAL C 295 7.46 42.83 20.54
C VAL C 295 8.98 42.79 20.40
N TRP C 296 9.70 42.23 21.37
CA TRP C 296 11.15 42.09 21.27
C TRP C 296 11.58 41.20 20.09
N SER C 297 10.70 40.34 19.59
CA SER C 297 11.08 39.48 18.49
C SER C 297 11.44 40.32 17.23
N ASN C 298 11.05 41.59 17.21
CA ASN C 298 11.41 42.50 16.11
C ASN C 298 12.41 43.57 16.58
N HIS C 299 12.92 43.45 17.80
CA HIS C 299 13.90 44.44 18.27
C HIS C 299 15.17 44.43 17.39
N PRO C 300 15.81 45.62 17.20
CA PRO C 300 17.10 45.63 16.47
C PRO C 300 18.22 44.71 17.04
N ASP C 301 18.33 44.61 18.37
CA ASP C 301 19.36 43.75 18.96
C ASP C 301 19.21 42.31 18.46
N LYS C 302 20.33 41.75 17.99
CA LYS C 302 20.32 40.44 17.35
C LYS C 302 20.15 39.32 18.38
N VAL C 303 20.74 39.53 19.56
CA VAL C 303 20.68 38.56 20.64
C VAL C 303 19.20 38.46 21.13
N LEU C 304 18.68 39.59 21.61
CA LEU C 304 17.32 39.68 22.14
C LEU C 304 16.28 39.18 21.15
N SER C 305 16.38 39.65 19.92
CA SER C 305 15.36 39.33 18.93
C SER C 305 15.40 37.87 18.53
N THR C 306 16.60 37.30 18.49
CA THR C 306 16.74 35.91 18.06
C THR C 306 16.18 34.99 19.18
N LEU C 307 16.46 35.35 20.42
CA LEU C 307 15.94 34.63 21.58
C LEU C 307 14.41 34.72 21.58
N SER C 308 13.91 35.96 21.53
CA SER C 308 12.47 36.25 21.58
C SER C 308 11.69 35.53 20.48
N LEU C 309 12.19 35.56 19.26
CA LEU C 309 11.53 34.90 18.12
C LEU C 309 11.55 33.40 18.30
N GLY C 310 12.63 32.89 18.89
CA GLY C 310 12.68 31.46 19.23
C GLY C 310 11.60 31.04 20.22
N MSE C 311 11.41 31.83 21.26
CA MSE C 311 10.35 31.57 22.23
C MSE C 311 9.01 31.52 21.51
O MSE C 311 8.31 30.52 21.59
CB MSE C 311 10.23 32.65 23.30
CG MSE C 311 11.45 32.89 24.17
SE MSE C 311 11.83 31.44 25.43
CE MSE C 311 10.10 31.09 26.29
N ILE C 312 8.65 32.60 20.82
CA ILE C 312 7.31 32.73 20.32
C ILE C 312 7.05 31.75 19.19
N ASN C 313 8.06 31.45 18.39
CA ASN C 313 7.85 30.54 17.25
C ASN C 313 8.18 29.09 17.56
N ARG C 314 8.55 28.86 18.82
CA ARG C 314 8.90 27.53 19.31
C ARG C 314 10.01 26.92 18.47
N ASN C 315 11.08 27.69 18.27
CA ASN C 315 12.34 27.13 17.75
CA ASN C 315 12.34 27.16 17.74
C ASN C 315 13.25 27.00 18.95
N ILE C 316 13.18 25.83 19.60
CA ILE C 316 13.81 25.65 20.89
C ILE C 316 15.24 25.20 20.73
N PHE C 317 16.09 25.67 21.64
CA PHE C 317 17.50 25.20 21.72
C PHE C 317 17.56 23.67 21.62
N LYS C 318 18.55 23.16 20.88
CA LYS C 318 18.84 21.73 20.91
C LYS C 318 19.28 21.42 22.34
N VAL C 319 18.92 20.23 22.84
CA VAL C 319 19.29 19.80 24.19
C VAL C 319 19.90 18.42 24.20
N GLU C 320 21.09 18.33 24.79
CA GLU C 320 21.78 17.07 25.02
C GLU C 320 21.85 16.87 26.52
N ASN C 321 21.83 15.61 26.96
CA ASN C 321 22.15 15.30 28.36
C ASN C 321 23.25 14.27 28.44
N SER C 322 23.99 14.34 29.54
CA SER C 322 25.11 13.46 29.81
C SER C 322 25.10 13.11 31.29
N ALA C 323 25.58 11.91 31.64
CA ALA C 323 25.73 11.53 33.06
C ALA C 323 26.93 12.26 33.67
N GLU C 324 27.85 12.69 32.82
CA GLU C 324 29.04 13.44 33.22
C GLU C 324 28.96 14.89 32.78
N PRO C 325 29.67 15.79 33.52
CA PRO C 325 29.77 17.21 33.16
C PRO C 325 30.17 17.48 31.72
N ILE C 326 29.66 18.58 31.19
CA ILE C 326 29.91 18.93 29.81
C ILE C 326 31.31 19.52 29.72
N GLY C 327 32.06 19.05 28.74
CA GLY C 327 33.44 19.51 28.54
C GLY C 327 33.56 20.96 28.11
N GLU C 328 34.46 21.71 28.76
CA GLU C 328 34.72 23.11 28.38
C GLU C 328 35.11 23.25 26.90
N ASP C 329 35.66 22.18 26.32
CA ASP C 329 36.05 22.16 24.91
C ASP C 329 34.81 22.25 23.99
N ARG C 330 33.78 21.45 24.29
CA ARG C 330 32.49 21.49 23.54
C ARG C 330 31.86 22.86 23.67
N ILE C 331 31.84 23.38 24.89
CA ILE C 331 31.18 24.65 25.17
C ILE C 331 31.79 25.75 24.30
N LYS C 332 33.12 25.87 24.32
CA LYS C 332 33.82 26.89 23.50
C LYS C 332 33.62 26.66 22.00
N GLU C 333 33.68 25.41 21.59
CA GLU C 333 33.47 25.07 20.21
C GLU C 333 32.10 25.59 19.76
N LEU C 334 31.05 25.28 20.54
CA LEU C 334 29.68 25.71 20.20
C LEU C 334 29.54 27.23 20.27
N THR C 335 30.09 27.84 21.32
CA THR C 335 29.96 29.29 21.51
C THR C 335 30.56 30.02 20.31
N LEU C 336 31.66 29.45 19.79
CA LEU C 336 32.35 29.99 18.64
C LEU C 336 31.53 29.81 17.39
N GLN C 337 31.05 28.60 17.14
CA GLN C 337 30.19 28.33 15.99
C GLN C 337 29.00 29.27 15.94
N ILE C 338 28.32 29.44 17.07
CA ILE C 338 27.11 30.27 17.13
C ILE C 338 27.48 31.73 16.95
N SER C 339 28.55 32.18 17.59
CA SER C 339 29.06 33.56 17.40
C SER C 339 29.23 33.89 15.92
N GLN C 340 29.75 32.94 15.16
CA GLN C 340 29.91 33.09 13.72
C GLN C 340 28.58 32.98 12.97
N GLN C 341 27.80 31.93 13.25
CA GLN C 341 26.53 31.70 12.54
C GLN C 341 25.62 32.92 12.68
N LEU C 342 25.56 33.50 13.87
CA LEU C 342 24.65 34.65 14.10
C LEU C 342 25.33 36.00 13.92
N GLY C 343 26.66 36.01 13.87
CA GLY C 343 27.39 37.26 13.68
C GLY C 343 27.29 38.15 14.92
N ILE C 344 27.64 37.57 16.05
CA ILE C 344 27.62 38.26 17.33
C ILE C 344 28.98 38.01 18.01
N THR C 345 29.33 38.80 19.02
CA THR C 345 30.59 38.61 19.73
C THR C 345 30.57 37.29 20.52
N LEU C 346 31.76 36.79 20.85
CA LEU C 346 31.88 35.52 21.51
C LEU C 346 31.17 35.62 22.88
N SER C 347 31.28 36.78 23.50
CA SER C 347 30.64 37.11 24.76
C SER C 347 29.10 37.07 24.67
N GLU C 348 28.59 37.62 23.58
CA GLU C 348 27.17 37.58 23.28
C GLU C 348 26.65 36.18 22.95
N ALA C 349 27.52 35.30 22.46
CA ALA C 349 27.13 33.93 22.16
C ALA C 349 26.92 33.09 23.44
N ASN C 350 27.42 33.56 24.58
CA ASN C 350 27.15 32.92 25.87
C ASN C 350 25.64 32.78 26.17
N TYR C 351 24.87 33.78 25.73
CA TYR C 351 23.40 33.74 25.79
C TYR C 351 22.80 32.55 25.04
N PHE C 352 23.55 31.94 24.14
CA PHE C 352 23.00 30.90 23.31
C PHE C 352 23.50 29.52 23.63
N VAL C 353 24.21 29.38 24.75
CA VAL C 353 24.74 28.08 25.20
C VAL C 353 24.53 28.03 26.71
N SER C 354 23.90 26.95 27.18
CA SER C 354 23.59 26.82 28.59
C SER C 354 23.85 25.38 29.09
N THR C 355 24.44 25.31 30.27
CA THR C 355 24.84 24.02 30.85
C THR C 355 24.34 23.92 32.31
N PRO C 356 23.01 23.92 32.48
CA PRO C 356 22.52 23.79 33.82
C PRO C 356 22.60 22.30 34.19
N SER C 357 22.48 21.99 35.47
CA SER C 357 22.63 20.62 35.91
C SER C 357 21.78 20.36 37.14
N ILE C 358 21.52 19.08 37.38
CA ILE C 358 20.74 18.68 38.54
C ILE C 358 21.41 17.49 39.25
N GLU C 359 21.48 17.61 40.58
CA GLU C 359 21.87 16.52 41.47
C GLU C 359 20.67 16.27 42.31
N LYS C 360 20.14 15.06 42.29
CA LYS C 360 18.87 14.77 42.96
C LYS C 360 18.91 13.43 43.70
N ASN C 361 18.58 13.46 44.99
CA ASN C 361 18.32 12.26 45.76
C ASN C 361 16.86 11.89 45.58
N MSE C 362 16.63 10.79 44.87
CA MSE C 362 15.31 10.30 44.56
C MSE C 362 14.54 9.84 45.78
O MSE C 362 13.32 9.92 45.76
CB MSE C 362 15.38 9.18 43.54
CG MSE C 362 15.94 9.64 42.20
SE MSE C 362 14.89 11.17 41.49
CE MSE C 362 13.08 10.36 41.54
N TYR C 363 15.21 9.39 46.83
CA TYR C 363 14.52 9.15 48.11
C TYR C 363 14.68 10.34 49.05
N ASP C 364 13.57 11.00 49.36
CA ASP C 364 13.58 12.11 50.30
C ASP C 364 12.41 11.92 51.25
N PRO C 365 12.72 11.68 52.53
CA PRO C 365 11.64 11.44 53.48
C PRO C 365 10.70 12.63 53.59
N ALA C 366 11.19 13.83 53.23
CA ALA C 366 10.33 15.00 53.14
C ALA C 366 9.17 14.84 52.15
N ASP C 367 9.32 13.94 51.19
CA ASP C 367 8.24 13.56 50.28
C ASP C 367 7.70 12.15 50.51
N ASP C 368 8.57 11.26 50.98
CA ASP C 368 8.34 9.82 50.94
C ASP C 368 7.98 9.20 52.30
N SER C 369 8.24 9.91 53.39
CA SER C 369 8.10 9.30 54.69
C SER C 369 6.65 9.43 55.10
N ILE C 370 5.87 8.43 54.74
CA ILE C 370 4.42 8.42 55.02
C ILE C 370 4.10 7.24 55.95
N ASP C 371 3.43 7.56 57.04
CA ASP C 371 3.11 6.57 58.07
C ASP C 371 1.71 5.95 57.85
N ILE C 372 1.70 4.62 57.89
CA ILE C 372 0.48 3.84 57.73
C ILE C 372 0.00 3.32 59.05
N ILE C 373 -1.25 3.60 59.40
CA ILE C 373 -1.87 3.12 60.62
C ILE C 373 -2.74 1.86 60.40
N TYR C 374 -2.50 0.84 61.22
CA TYR C 374 -3.32 -0.39 61.11
C TYR C 374 -4.56 -0.43 62.04
N LYS C 375 -5.41 -1.43 61.81
CA LYS C 375 -6.66 -1.57 62.59
C LYS C 375 -6.42 -1.68 64.10
N ASP C 376 -5.31 -2.30 64.46
CA ASP C 376 -4.88 -2.42 65.86
C ASP C 376 -4.08 -1.21 66.39
N GLY C 377 -4.09 -0.07 65.68
CA GLY C 377 -3.36 1.13 66.11
C GLY C 377 -1.84 1.13 65.90
N THR C 378 -1.29 0.04 65.38
CA THR C 378 0.12 -0.04 64.97
C THR C 378 0.39 0.91 63.83
N ILE C 379 1.62 1.42 63.77
CA ILE C 379 2.04 2.33 62.71
C ILE C 379 3.36 1.85 62.13
N LYS C 380 3.41 1.73 60.80
CA LYS C 380 4.64 1.43 60.06
C LYS C 380 4.86 2.51 59.01
N ASN C 381 6.13 2.84 58.75
CA ASN C 381 6.45 3.70 57.64
C ASN C 381 6.08 2.92 56.37
N ILE C 382 5.66 3.65 55.33
CA ILE C 382 5.28 3.03 54.06
C ILE C 382 6.37 2.10 53.55
N ALA C 383 7.62 2.43 53.79
CA ALA C 383 8.76 1.65 53.34
C ALA C 383 8.75 0.22 53.88
N GLU C 384 8.16 0.05 55.04
CA GLU C 384 8.02 -1.27 55.66
C GLU C 384 6.66 -1.89 55.35
N ALA C 385 5.64 -1.05 55.31
CA ALA C 385 4.28 -1.48 55.02
C ALA C 385 4.11 -2.02 53.59
N SER C 386 4.99 -1.61 52.68
CA SER C 386 4.86 -1.93 51.26
C SER C 386 5.60 -3.25 51.03
N ASP C 387 4.96 -4.20 50.36
CA ASP C 387 5.70 -5.39 49.92
C ASP C 387 6.83 -4.95 48.99
N MSE C 388 6.59 -4.05 48.04
CA MSE C 388 7.57 -3.67 47.01
C MSE C 388 8.49 -2.51 47.37
O MSE C 388 9.69 -2.56 47.17
CB MSE C 388 6.88 -3.25 45.70
CG MSE C 388 6.79 -4.33 44.64
SE MSE C 388 8.41 -5.46 44.44
CE MSE C 388 9.74 -4.02 44.23
N LEU C 389 7.89 -1.42 47.83
CA LEU C 389 8.60 -0.13 47.85
C LEU C 389 9.43 0.02 49.11
N ASN C 390 10.73 -0.31 49.05
CA ASN C 390 11.59 -0.14 50.24
C ASN C 390 12.62 0.97 50.00
N ILE C 391 13.23 1.49 51.07
CA ILE C 391 14.27 2.56 50.97
C ILE C 391 15.35 2.24 49.95
N SER C 392 15.81 1.00 49.90
CA SER C 392 16.87 0.63 48.95
C SER C 392 16.47 0.68 47.48
N LEU C 393 15.21 0.31 47.21
CA LEU C 393 14.64 0.42 45.85
C LEU C 393 14.65 1.87 45.37
N LEU C 394 14.32 2.77 46.28
CA LEU C 394 14.06 4.16 45.97
C LEU C 394 15.28 5.10 46.09
N SER C 395 16.28 4.69 46.87
CA SER C 395 17.46 5.51 47.12
C SER C 395 18.45 5.48 45.97
N LYS C 396 18.63 6.64 45.37
CA LYS C 396 19.25 6.78 44.08
C LYS C 396 19.66 8.24 43.90
N LYS C 397 20.95 8.49 43.70
CA LYS C 397 21.42 9.85 43.46
C LYS C 397 21.54 10.05 41.96
N VAL C 398 20.85 11.05 41.42
CA VAL C 398 20.87 11.26 39.98
C VAL C 398 21.64 12.53 39.65
N LYS C 399 22.56 12.44 38.71
CA LYS C 399 23.34 13.58 38.26
C LYS C 399 23.19 13.73 36.77
N LYS C 400 22.50 14.79 36.35
CA LYS C 400 22.34 15.10 34.93
C LYS C 400 22.98 16.44 34.63
N TYR C 401 23.63 16.48 33.48
CA TYR C 401 24.28 17.67 32.98
C TYR C 401 23.70 17.94 31.61
N TYR C 402 23.10 19.12 31.47
CA TYR C 402 22.42 19.50 30.25
C TYR C 402 23.32 20.39 29.42
N LEU C 403 23.14 20.28 28.11
CA LEU C 403 23.84 21.14 27.17
C LEU C 403 22.80 21.69 26.24
N CYS C 404 22.43 22.96 26.44
CA CYS C 404 21.40 23.63 25.63
C CYS C 404 22.01 24.70 24.74
N TYR C 405 21.63 24.75 23.47
CA TYR C 405 22.19 25.78 22.59
C TYR C 405 21.36 26.05 21.32
N GLN C 406 21.46 27.28 20.83
CA GLN C 406 20.89 27.68 19.55
C GLN C 406 21.17 26.65 18.45
N ARG C 407 20.13 26.21 17.74
CA ARG C 407 20.29 25.13 16.75
C ARG C 407 20.59 25.67 15.34
N MSE D 2 3.75 3.34 0.85
CA MSE D 2 4.70 2.85 1.91
C MSE D 2 4.64 3.70 3.17
O MSE D 2 4.82 4.93 3.08
CB MSE D 2 6.14 2.83 1.39
CG MSE D 2 6.43 1.72 0.41
SE MSE D 2 6.40 -0.07 1.25
CE MSE D 2 8.19 -0.04 2.06
N PRO D 3 4.39 3.08 4.34
CA PRO D 3 4.23 3.73 5.65
C PRO D 3 5.17 4.90 5.93
N TYR D 4 4.61 5.96 6.51
CA TYR D 4 5.32 7.23 6.73
C TYR D 4 5.87 7.29 8.15
N GLU D 5 6.90 8.11 8.38
CA GLU D 5 7.39 8.40 9.74
C GLU D 5 6.58 9.54 10.40
N ARG D 6 6.28 9.41 11.70
CA ARG D 6 5.45 10.40 12.43
C ARG D 6 6.06 10.99 13.73
N LYS D 7 5.73 12.26 14.00
CA LYS D 7 5.85 12.90 15.33
C LYS D 7 4.54 12.69 16.11
N ILE D 8 4.65 12.60 17.43
CA ILE D 8 3.50 12.24 18.29
C ILE D 8 3.28 13.34 19.31
N ILE D 9 2.06 13.89 19.29
CA ILE D 9 1.67 14.93 20.24
C ILE D 9 0.63 14.36 21.18
N ASN D 10 0.77 14.69 22.48
CA ASN D 10 -0.25 14.34 23.51
C ASN D 10 -1.50 15.21 23.47
N ASP D 11 -2.65 14.55 23.36
CA ASP D 11 -3.96 15.20 23.48
C ASP D 11 -4.81 14.45 24.50
N PRO D 12 -5.02 15.03 25.70
CA PRO D 12 -5.87 14.41 26.70
C PRO D 12 -7.27 14.03 26.21
N VAL D 13 -7.81 14.76 25.26
CA VAL D 13 -9.18 14.48 24.80
C VAL D 13 -9.25 13.22 23.95
N PHE D 14 -8.33 13.06 23.02
CA PHE D 14 -8.44 11.95 22.04
C PHE D 14 -7.25 11.00 22.05
N GLY D 15 -6.15 11.38 22.70
CA GLY D 15 -5.01 10.51 22.80
C GLY D 15 -3.83 11.07 22.05
N PHE D 16 -3.18 10.17 21.31
CA PHE D 16 -1.90 10.47 20.68
C PHE D 16 -2.18 10.92 19.31
N ILE D 17 -1.62 12.08 18.97
CA ILE D 17 -1.85 12.59 17.63
C ILE D 17 -0.59 12.29 16.81
N ASN D 18 -0.73 11.42 15.80
CA ASN D 18 0.36 11.06 14.86
C ASN D 18 0.43 12.11 13.72
N ILE D 19 1.52 12.89 13.68
CA ILE D 19 1.73 13.88 12.61
C ILE D 19 2.83 13.42 11.60
N PRO D 20 2.42 13.07 10.37
CA PRO D 20 3.46 12.73 9.36
C PRO D 20 4.49 13.83 9.12
N LYS D 21 5.78 13.47 9.12
CA LYS D 21 6.86 14.38 8.72
C LYS D 21 6.62 14.81 7.27
N GLY D 22 7.12 16.00 6.92
CA GLY D 22 6.84 16.61 5.66
C GLY D 22 5.87 17.76 5.83
N LEU D 23 5.01 17.96 4.81
CA LEU D 23 4.11 19.11 4.76
C LEU D 23 3.35 19.23 6.06
N LEU D 24 2.74 18.14 6.50
CA LEU D 24 1.78 18.26 7.62
C LEU D 24 2.52 18.75 8.87
N TYR D 25 3.62 18.10 9.20
CA TYR D 25 4.39 18.55 10.36
C TYR D 25 4.93 19.99 10.18
N ASP D 26 5.22 20.38 8.95
CA ASP D 26 5.71 21.72 8.67
C ASP D 26 4.62 22.75 8.90
N ILE D 27 3.37 22.38 8.65
CA ILE D 27 2.22 23.25 8.96
C ILE D 27 2.18 23.45 10.50
N VAL D 28 2.12 22.34 11.21
CA VAL D 28 2.09 22.37 12.69
C VAL D 28 3.18 23.27 13.29
N ARG D 29 4.40 23.14 12.74
CA ARG D 29 5.51 23.97 13.23
C ARG D 29 5.59 25.41 12.67
N HIS D 30 4.66 25.79 11.79
CA HIS D 30 4.72 27.12 11.15
C HIS D 30 4.33 28.23 12.14
N PRO D 31 5.04 29.38 12.13
CA PRO D 31 4.69 30.48 13.02
C PRO D 31 3.22 30.87 13.06
N LEU D 32 2.52 30.70 11.93
CA LEU D 32 1.10 31.04 11.85
C LEU D 32 0.23 30.07 12.66
N LEU D 33 0.62 28.80 12.74
CA LEU D 33 -0.15 27.86 13.56
C LEU D 33 0.32 27.92 15.02
N GLN D 34 1.61 28.17 15.25
CA GLN D 34 2.12 28.35 16.60
C GLN D 34 1.49 29.53 17.34
N ARG D 35 1.00 30.52 16.61
CA ARG D 35 0.40 31.69 17.27
CA ARG D 35 0.42 31.68 17.29
C ARG D 35 -0.92 31.31 17.91
N LEU D 36 -1.53 30.24 17.39
CA LEU D 36 -2.75 29.70 17.94
C LEU D 36 -2.56 29.07 19.31
N THR D 37 -1.33 28.92 19.80
CA THR D 37 -1.06 28.51 21.18
C THR D 37 -1.29 29.70 22.13
N ARG D 38 -1.46 30.88 21.55
CA ARG D 38 -1.68 32.07 22.33
C ARG D 38 -3.11 32.64 22.17
N ILE D 39 -3.99 31.83 21.60
CA ILE D 39 -5.39 32.20 21.44
C ILE D 39 -6.31 31.04 21.98
N LYS D 40 -7.06 31.36 23.03
CA LYS D 40 -7.98 30.42 23.61
C LYS D 40 -9.08 30.10 22.61
N GLN D 41 -9.58 28.87 22.68
CA GLN D 41 -10.66 28.45 21.82
C GLN D 41 -11.97 29.17 22.25
N VAL D 42 -12.26 29.16 23.56
CA VAL D 42 -13.44 29.82 24.12
C VAL D 42 -12.98 30.71 25.29
N GLY D 43 -12.26 31.79 24.97
CA GLY D 43 -11.68 32.68 25.98
C GLY D 43 -12.69 33.47 26.81
N LEU D 44 -13.88 33.68 26.27
CA LEU D 44 -14.95 34.29 27.04
C LEU D 44 -15.62 33.32 28.02
N SER D 45 -15.31 32.04 27.91
CA SER D 45 -15.93 31.05 28.81
C SER D 45 -15.21 30.81 30.13
N SER D 46 -13.91 31.15 30.18
CA SER D 46 -13.06 30.89 31.35
C SER D 46 -13.52 31.61 32.62
N VAL D 47 -14.25 32.70 32.42
CA VAL D 47 -14.80 33.46 33.55
C VAL D 47 -15.90 32.65 34.27
N VAL D 48 -16.62 31.78 33.56
CA VAL D 48 -17.61 30.88 34.17
C VAL D 48 -16.99 29.53 34.49
N TYR D 49 -16.18 29.04 33.53
CA TYR D 49 -15.61 27.71 33.55
C TYR D 49 -14.09 27.81 33.52
N PRO D 50 -13.46 28.01 34.69
CA PRO D 50 -12.01 28.24 34.79
C PRO D 50 -11.14 27.17 34.13
N GLY D 51 -11.66 25.95 33.92
CA GLY D 51 -10.92 24.93 33.22
C GLY D 51 -10.82 25.11 31.70
N ALA D 52 -11.62 25.99 31.13
CA ALA D 52 -11.67 26.25 29.67
C ALA D 52 -10.45 27.05 29.18
N GLN D 53 -9.27 26.46 29.36
CA GLN D 53 -7.98 27.08 29.02
C GLN D 53 -7.41 26.55 27.69
N HIS D 54 -8.18 25.68 27.02
CA HIS D 54 -7.67 25.07 25.79
C HIS D 54 -7.49 26.08 24.63
N THR D 55 -6.51 25.81 23.77
CA THR D 55 -6.13 26.75 22.70
C THR D 55 -6.69 26.36 21.35
N ARG D 56 -6.72 27.34 20.44
CA ARG D 56 -7.06 27.06 19.03
C ARG D 56 -6.05 26.11 18.36
N PHE D 57 -4.83 26.11 18.88
CA PHE D 57 -3.84 25.12 18.46
C PHE D 57 -4.25 23.66 18.74
N GLN D 58 -4.73 23.42 19.96
CA GLN D 58 -5.21 22.10 20.36
C GLN D 58 -6.40 21.67 19.53
N HIS D 59 -7.29 22.61 19.26
CA HIS D 59 -8.46 22.37 18.44
C HIS D 59 -8.01 21.95 17.05
N SER D 60 -7.06 22.69 16.51
CA SER D 60 -6.65 22.37 15.14
C SER D 60 -5.98 20.96 15.07
N LEU D 61 -5.07 20.65 15.99
CA LEU D 61 -4.53 19.28 16.07
C LEU D 61 -5.60 18.21 16.32
N GLY D 62 -6.56 18.55 17.19
CA GLY D 62 -7.64 17.64 17.53
C GLY D 62 -8.47 17.29 16.31
N ALA D 63 -8.92 18.35 15.60
CA ALA D 63 -9.67 18.22 14.33
C ALA D 63 -8.84 17.44 13.30
N PHE D 64 -7.54 17.66 13.28
CA PHE D 64 -6.67 16.85 12.42
C PHE D 64 -6.70 15.37 12.74
N TYR D 65 -6.62 15.08 14.04
CA TYR D 65 -6.70 13.70 14.52
C TYR D 65 -7.95 13.02 14.00
N LEU D 66 -9.09 13.68 14.20
CA LEU D 66 -10.35 13.10 13.76
C LEU D 66 -10.41 12.98 12.23
N MSE D 67 -9.71 13.88 11.53
CA MSE D 67 -9.64 13.85 10.05
C MSE D 67 -8.94 12.56 9.60
O MSE D 67 -9.42 11.86 8.75
CB MSE D 67 -8.90 15.09 9.50
CG MSE D 67 -8.88 15.22 7.92
SE MSE D 67 -10.68 15.19 7.12
CE MSE D 67 -10.88 17.15 7.36
N SER D 68 -7.80 12.26 10.25
CA SER D 68 -6.98 11.08 9.96
C SER D 68 -7.79 9.80 10.12
N GLU D 69 -8.53 9.77 11.19
CA GLU D 69 -9.39 8.64 11.49
C GLU D 69 -10.52 8.50 10.53
N ALA D 70 -11.10 9.63 10.15
CA ALA D 70 -12.18 9.63 9.17
C ALA D 70 -11.68 9.19 7.76
N ILE D 71 -10.46 9.57 7.36
CA ILE D 71 -9.89 9.06 6.11
C ILE D 71 -9.84 7.55 6.17
N THR D 72 -9.13 7.03 7.16
CA THR D 72 -9.03 5.59 7.34
C THR D 72 -10.40 4.89 7.31
N GLN D 73 -11.38 5.46 8.00
CA GLN D 73 -12.68 4.77 8.00
C GLN D 73 -13.39 4.81 6.65
N LEU D 74 -13.36 5.96 5.97
CA LEU D 74 -14.04 6.04 4.68
C LEU D 74 -13.42 5.10 3.60
N THR D 75 -12.08 5.01 3.56
CA THR D 75 -11.42 4.11 2.64
C THR D 75 -11.83 2.70 2.99
N SER D 76 -11.72 2.35 4.26
CA SER D 76 -12.13 1.02 4.72
C SER D 76 -13.50 0.62 4.21
N LYS D 77 -14.33 1.60 3.87
CA LYS D 77 -15.71 1.33 3.42
C LYS D 77 -15.91 1.48 1.92
N GLY D 78 -14.82 1.48 1.17
CA GLY D 78 -14.89 1.47 -0.29
C GLY D 78 -15.00 2.84 -0.91
N ASN D 79 -14.51 3.85 -0.20
CA ASN D 79 -14.48 5.22 -0.73
C ASN D 79 -13.02 5.55 -0.92
N PHE D 80 -12.56 5.49 -2.16
CA PHE D 80 -11.16 5.72 -2.44
C PHE D 80 -10.82 7.18 -2.28
N ILE D 81 -9.68 7.41 -1.64
CA ILE D 81 -9.12 8.75 -1.41
C ILE D 81 -7.66 8.61 -1.74
N PHE D 82 -7.16 9.45 -2.63
CA PHE D 82 -5.78 9.38 -3.02
C PHE D 82 -4.94 10.06 -1.95
N ASP D 83 -3.68 9.63 -1.85
CA ASP D 83 -2.78 10.15 -0.85
C ASP D 83 -2.71 11.67 -0.87
N SER D 84 -2.72 12.25 -2.07
CA SER D 84 -2.68 13.72 -2.19
C SER D 84 -3.97 14.37 -1.70
N GLU D 85 -5.10 13.68 -1.85
CA GLU D 85 -6.39 14.17 -1.34
C GLU D 85 -6.43 14.08 0.22
N ALA D 86 -5.98 12.94 0.75
CA ALA D 86 -5.82 12.74 2.20
C ALA D 86 -4.96 13.84 2.80
N GLU D 87 -3.78 14.05 2.21
CA GLU D 87 -2.86 15.10 2.64
C GLU D 87 -3.51 16.46 2.57
N ALA D 88 -4.24 16.70 1.49
CA ALA D 88 -4.84 17.99 1.27
C ALA D 88 -5.92 18.30 2.33
N VAL D 89 -6.77 17.30 2.59
CA VAL D 89 -7.90 17.45 3.53
C VAL D 89 -7.37 17.57 4.97
N GLN D 90 -6.26 16.90 5.26
CA GLN D 90 -5.61 17.03 6.55
C GLN D 90 -4.97 18.40 6.78
N ALA D 91 -4.42 18.99 5.72
CA ALA D 91 -3.79 20.30 5.81
C ALA D 91 -4.87 21.36 5.89
N ALA D 92 -5.97 21.14 5.17
CA ALA D 92 -7.13 22.01 5.26
C ALA D 92 -7.56 22.13 6.74
N ILE D 93 -7.72 20.99 7.40
CA ILE D 93 -8.29 20.99 8.75
C ILE D 93 -7.29 21.59 9.71
N LEU D 94 -6.02 21.33 9.51
CA LEU D 94 -5.01 22.00 10.34
C LEU D 94 -5.04 23.49 10.24
N LEU D 95 -5.54 24.00 9.11
CA LEU D 95 -5.48 25.42 8.80
C LEU D 95 -6.82 26.15 8.87
N HIS D 96 -7.91 25.39 8.98
CA HIS D 96 -9.24 25.95 8.85
C HIS D 96 -9.48 27.16 9.75
N ASP D 97 -8.89 27.18 10.94
CA ASP D 97 -9.20 28.21 11.93
C ASP D 97 -8.05 29.17 12.13
N ILE D 98 -7.12 29.17 11.17
CA ILE D 98 -5.90 29.95 11.32
C ILE D 98 -6.10 31.47 11.33
N GLY D 99 -7.23 31.92 10.76
CA GLY D 99 -7.54 33.34 10.65
C GLY D 99 -8.21 33.97 11.86
N HIS D 100 -8.42 33.20 12.92
CA HIS D 100 -8.90 33.75 14.19
C HIS D 100 -7.83 34.61 14.86
N GLY D 101 -8.22 35.78 15.33
CA GLY D 101 -7.37 36.57 16.18
C GLY D 101 -7.85 36.35 17.60
N PRO D 102 -7.32 37.10 18.55
CA PRO D 102 -7.84 36.97 19.90
C PRO D 102 -9.28 37.41 19.94
N PHE D 103 -10.13 36.71 20.71
CA PHE D 103 -11.53 37.09 20.83
C PHE D 103 -12.07 37.56 19.46
N SER D 104 -11.97 36.68 18.46
CA SER D 104 -12.14 37.09 17.06
C SER D 104 -13.47 37.78 16.73
N HIS D 105 -14.57 37.26 17.25
CA HIS D 105 -15.85 37.88 17.00
C HIS D 105 -15.93 39.29 17.64
N VAL D 106 -15.38 39.46 18.84
CA VAL D 106 -15.29 40.77 19.45
C VAL D 106 -14.55 41.74 18.52
N LEU D 107 -13.42 41.32 17.96
CA LEU D 107 -12.65 42.18 17.04
C LEU D 107 -13.46 42.59 15.82
N GLU D 108 -14.16 41.62 15.25
CA GLU D 108 -15.02 41.85 14.07
C GLU D 108 -16.13 42.88 14.34
N ASP D 109 -16.49 43.03 15.62
CA ASP D 109 -17.48 44.01 16.07
C ASP D 109 -16.91 45.33 16.53
N THR D 110 -15.59 45.46 16.59
CA THR D 110 -14.99 46.62 17.20
C THR D 110 -13.91 47.20 16.29
N ILE D 111 -12.70 46.70 16.41
CA ILE D 111 -11.55 47.41 15.85
C ILE D 111 -10.98 46.73 14.60
N VAL D 112 -11.57 45.61 14.21
CA VAL D 112 -11.22 44.96 12.94
C VAL D 112 -12.52 44.64 12.20
N GLN D 113 -13.30 45.71 11.98
CA GLN D 113 -14.68 45.60 11.48
C GLN D 113 -14.82 45.09 10.06
N GLY D 114 -15.85 44.28 9.89
CA GLY D 114 -16.31 43.81 8.59
C GLY D 114 -15.37 42.85 7.89
N VAL D 115 -14.50 42.20 8.65
CA VAL D 115 -13.68 41.13 8.11
C VAL D 115 -13.86 39.92 9.01
N SER D 116 -14.12 38.78 8.39
CA SER D 116 -14.41 37.55 9.10
C SER D 116 -13.20 36.69 9.13
N HIS D 117 -13.14 35.82 10.15
CA HIS D 117 -12.01 34.90 10.34
C HIS D 117 -11.83 33.93 9.17
N GLU D 118 -12.93 33.60 8.49
CA GLU D 118 -12.87 32.73 7.33
C GLU D 118 -12.14 33.42 6.15
N GLU D 119 -12.38 34.73 5.96
CA GLU D 119 -11.63 35.51 4.96
C GLU D 119 -10.14 35.56 5.30
N ILE D 120 -9.84 35.83 6.58
CA ILE D 120 -8.44 35.91 7.03
C ILE D 120 -7.76 34.53 6.92
N SER D 121 -8.52 33.46 7.15
CA SER D 121 -7.94 32.14 7.02
C SER D 121 -7.53 31.86 5.58
N LEU D 122 -8.35 32.26 4.61
CA LEU D 122 -7.96 32.10 3.20
C LEU D 122 -6.69 32.92 2.83
N MSE D 123 -6.64 34.18 3.26
CA MSE D 123 -5.43 35.01 3.03
C MSE D 123 -4.19 34.34 3.60
O MSE D 123 -3.15 34.31 2.96
CB MSE D 123 -5.59 36.40 3.65
CG MSE D 123 -6.72 37.21 3.03
SE MSE D 123 -7.28 38.72 4.06
CE MSE D 123 -5.68 39.82 3.82
N LEU D 124 -4.31 33.81 4.81
CA LEU D 124 -3.16 33.23 5.49
C LEU D 124 -2.77 31.91 4.82
N MSE D 125 -3.76 31.14 4.36
CA MSE D 125 -3.46 29.92 3.57
C MSE D 125 -2.76 30.25 2.22
O MSE D 125 -1.81 29.55 1.83
CB MSE D 125 -4.70 29.08 3.27
CG MSE D 125 -5.26 28.35 4.46
SE MSE D 125 -6.91 27.48 3.93
CE MSE D 125 -6.22 25.80 3.19
N GLU D 126 -3.26 31.28 1.50
CA GLU D 126 -2.59 31.71 0.23
C GLU D 126 -1.15 32.13 0.54
N ARG D 127 -0.99 32.92 1.59
CA ARG D 127 0.33 33.38 2.01
C ARG D 127 1.28 32.22 2.27
N MSE D 128 0.79 31.22 3.01
CA MSE D 128 1.61 30.06 3.32
CA MSE D 128 1.59 30.04 3.35
C MSE D 128 1.86 29.20 2.11
O MSE D 128 2.93 28.58 1.99
CB MSE D 128 0.94 29.21 4.39
CB MSE D 128 0.88 29.18 4.43
CG MSE D 128 1.03 29.84 5.73
CG MSE D 128 1.82 28.18 5.12
SE MSE D 128 0.13 28.73 6.98
SE MSE D 128 1.02 27.02 6.52
CE MSE D 128 1.39 27.24 7.04
CE MSE D 128 1.18 28.22 8.04
N ASN D 129 0.89 29.15 1.19
CA ASN D 129 1.07 28.39 -0.04
C ASN D 129 2.20 28.94 -0.90
N LYS D 130 2.33 30.28 -0.91
CA LYS D 130 3.43 30.95 -1.61
C LYS D 130 4.73 30.47 -1.01
N GLU D 131 4.83 30.59 0.31
CA GLU D 131 6.03 30.19 1.03
C GLU D 131 6.38 28.73 0.81
N MSE D 132 5.38 27.87 0.63
CA MSE D 132 5.62 26.42 0.49
C MSE D 132 5.48 26.01 -1.00
O MSE D 132 5.30 24.80 -1.32
CB MSE D 132 4.66 25.60 1.40
CG MSE D 132 4.59 26.04 2.91
SE MSE D 132 3.70 24.74 4.14
CE MSE D 132 4.33 25.47 5.83
N ASN D 133 5.55 27.03 -1.87
CA ASN D 133 5.61 26.87 -3.34
C ASN D 133 4.52 25.95 -3.92
N GLY D 134 3.28 26.23 -3.55
CA GLY D 134 2.12 25.59 -4.16
C GLY D 134 1.70 24.26 -3.54
N GLN D 135 2.43 23.82 -2.52
CA GLN D 135 2.09 22.55 -1.85
C GLN D 135 0.67 22.54 -1.16
N LEU D 136 0.05 23.70 -0.92
CA LEU D 136 -1.29 23.77 -0.29
C LEU D 136 -2.45 24.05 -1.25
N SER D 137 -2.15 24.06 -2.54
CA SER D 137 -3.13 24.42 -3.57
C SER D 137 -4.33 23.49 -3.54
N LEU D 138 -4.11 22.18 -3.48
CA LEU D 138 -5.24 21.24 -3.41
C LEU D 138 -6.04 21.40 -2.10
N ALA D 139 -5.33 21.64 -0.98
CA ALA D 139 -5.96 21.93 0.32
C ALA D 139 -6.88 23.13 0.26
N ILE D 140 -6.41 24.19 -0.39
CA ILE D 140 -7.17 25.43 -0.54
C ILE D 140 -8.40 25.19 -1.45
N GLN D 141 -8.20 24.38 -2.48
CA GLN D 141 -9.26 24.14 -3.44
C GLN D 141 -10.39 23.39 -2.76
N ILE D 142 -10.01 22.43 -1.91
CA ILE D 142 -10.97 21.67 -1.07
C ILE D 142 -11.61 22.59 -0.02
N PHE D 143 -10.78 23.41 0.62
CA PHE D 143 -11.26 24.40 1.59
C PHE D 143 -12.35 25.29 1.00
N LYS D 144 -12.17 25.70 -0.25
CA LYS D 144 -13.11 26.56 -0.96
C LYS D 144 -14.25 25.78 -1.60
N ASP D 145 -14.30 24.47 -1.36
CA ASP D 145 -15.31 23.62 -1.97
C ASP D 145 -15.32 23.80 -3.52
N GLU D 146 -14.14 23.75 -4.10
CA GLU D 146 -13.98 23.90 -5.57
C GLU D 146 -13.33 22.66 -6.15
N TYR D 147 -13.44 21.54 -5.44
CA TYR D 147 -12.87 20.31 -5.91
C TYR D 147 -14.02 19.34 -6.19
N PRO D 148 -13.95 18.58 -7.32
CA PRO D 148 -15.04 17.70 -7.79
C PRO D 148 -15.45 16.53 -6.87
N LYS D 149 -14.51 16.05 -6.05
CA LYS D 149 -14.80 15.07 -4.97
C LYS D 149 -15.27 15.83 -3.70
N ARG D 150 -16.58 16.03 -3.62
CA ARG D 150 -17.11 17.06 -2.75
C ARG D 150 -17.28 16.64 -1.28
N PHE D 151 -17.25 15.33 -1.00
CA PHE D 151 -17.33 14.86 0.39
C PHE D 151 -16.10 15.27 1.19
N LEU D 152 -14.98 15.50 0.51
CA LEU D 152 -13.77 15.92 1.19
C LEU D 152 -13.91 17.31 1.81
N HIS D 153 -14.57 18.24 1.12
CA HIS D 153 -14.81 19.57 1.69
C HIS D 153 -15.75 19.45 2.92
N GLN D 154 -16.75 18.57 2.80
CA GLN D 154 -17.74 18.35 3.84
C GLN D 154 -17.11 17.92 5.17
N LEU D 155 -15.97 17.19 5.11
CA LEU D 155 -15.21 16.83 6.31
C LEU D 155 -14.57 18.04 6.97
N VAL D 156 -14.29 19.08 6.19
CA VAL D 156 -13.74 20.32 6.72
C VAL D 156 -14.83 21.30 7.20
N SER D 157 -15.96 21.33 6.50
CA SER D 157 -17.01 22.29 6.79
C SER D 157 -18.34 21.74 6.36
N GLY D 158 -19.22 21.49 7.34
CA GLY D 158 -20.53 20.90 7.14
C GLY D 158 -21.08 20.33 8.44
N GLN D 159 -22.28 19.75 8.34
CA GLN D 159 -23.02 19.24 9.49
C GLN D 159 -22.24 18.22 10.32
N LEU D 160 -21.36 17.46 9.66
CA LEU D 160 -20.58 16.43 10.32
C LEU D 160 -19.10 16.79 10.27
N ASP D 161 -18.75 18.07 10.18
CA ASP D 161 -17.32 18.43 10.07
C ASP D 161 -16.44 18.10 11.27
N MSE D 162 -15.17 17.84 10.99
CA MSE D 162 -14.19 17.50 12.01
C MSE D 162 -14.02 18.66 13.01
O MSE D 162 -13.53 18.44 14.12
CB MSE D 162 -12.82 17.21 11.38
CG MSE D 162 -12.73 16.00 10.45
SE MSE D 162 -13.59 14.41 11.12
CE MSE D 162 -15.46 14.71 10.52
N ASP D 163 -14.32 19.87 12.57
CA ASP D 163 -14.15 21.11 13.34
C ASP D 163 -15.10 21.06 14.52
N ARG D 164 -16.39 20.83 14.27
CA ARG D 164 -17.36 20.80 15.36
C ARG D 164 -17.30 19.51 16.18
N LEU D 165 -16.89 18.42 15.55
CA LEU D 165 -16.74 17.15 16.29
C LEU D 165 -15.55 17.27 17.26
N ASP D 166 -14.56 18.08 16.92
CA ASP D 166 -13.53 18.39 17.88
C ASP D 166 -14.03 19.38 18.94
N TYR D 167 -14.55 20.54 18.53
CA TYR D 167 -14.74 21.58 19.56
C TYR D 167 -15.89 21.30 20.54
N LEU D 168 -16.94 20.66 20.07
CA LEU D 168 -18.04 20.30 20.92
C LEU D 168 -17.56 19.36 22.02
N ARG D 169 -16.65 18.45 21.70
CA ARG D 169 -16.12 17.51 22.67
C ARG D 169 -15.06 18.15 23.58
N ARG D 170 -14.13 18.84 22.99
CA ARG D 170 -13.03 19.47 23.72
C ARG D 170 -13.55 20.60 24.65
N ASP D 171 -14.51 21.37 24.16
CA ASP D 171 -15.09 22.47 24.99
C ASP D 171 -15.84 21.90 26.19
N SER D 172 -16.58 20.81 25.96
CA SER D 172 -17.24 20.11 27.06
C SER D 172 -16.20 19.53 28.04
N PHE D 173 -15.21 18.82 27.50
CA PHE D 173 -14.15 18.21 28.30
C PHE D 173 -13.46 19.21 29.23
N TYR D 174 -13.10 20.37 28.70
CA TYR D 174 -12.35 21.36 29.50
C TYR D 174 -13.22 22.25 30.41
N THR D 175 -14.44 22.55 30.01
CA THR D 175 -15.30 23.36 30.89
C THR D 175 -15.64 22.55 32.12
N GLY D 176 -15.72 21.24 31.95
CA GLY D 176 -16.37 20.37 32.91
C GLY D 176 -17.87 20.64 33.04
N VAL D 177 -18.51 21.16 31.99
CA VAL D 177 -19.89 21.64 32.12
C VAL D 177 -20.80 20.47 32.59
N THR D 178 -20.64 19.32 31.96
CA THR D 178 -21.27 18.08 32.41
C THR D 178 -20.20 16.97 32.24
N GLU D 179 -20.61 15.76 32.58
CA GLU D 179 -19.78 14.60 32.43
C GLU D 179 -20.16 13.75 31.20
N GLY D 180 -20.92 14.31 30.26
CA GLY D 180 -21.44 13.52 29.16
C GLY D 180 -20.42 13.51 28.03
N ASN D 181 -20.67 12.73 27.00
CA ASN D 181 -19.69 12.56 25.94
C ASN D 181 -20.41 12.45 24.60
N ILE D 182 -20.29 13.48 23.74
CA ILE D 182 -20.72 13.27 22.34
C ILE D 182 -19.74 12.24 21.77
N GLY D 183 -20.19 11.39 20.88
CA GLY D 183 -19.27 10.32 20.51
C GLY D 183 -18.35 10.58 19.33
N SER D 184 -17.41 11.53 19.45
CA SER D 184 -16.73 12.05 18.28
C SER D 184 -16.01 10.95 17.52
N ALA D 185 -15.16 10.18 18.22
CA ALA D 185 -14.45 9.06 17.59
C ALA D 185 -15.41 7.99 17.14
N ARG D 186 -16.50 7.78 17.86
CA ARG D 186 -17.51 6.82 17.39
C ARG D 186 -18.26 7.32 16.15
N ILE D 187 -18.60 8.60 16.13
CA ILE D 187 -19.34 9.16 15.00
C ILE D 187 -18.56 8.97 13.68
N ILE D 188 -17.26 9.16 13.75
CA ILE D 188 -16.34 9.03 12.64
C ILE D 188 -16.29 7.61 12.08
N LYS D 189 -16.45 6.61 12.95
CA LYS D 189 -16.44 5.20 12.59
C LYS D 189 -17.75 4.76 11.99
N MSE D 190 -18.75 5.64 12.01
CA MSE D 190 -20.07 5.40 11.39
C MSE D 190 -20.25 6.17 10.07
O MSE D 190 -21.32 6.14 9.41
CB MSE D 190 -21.16 5.91 12.30
CG MSE D 190 -21.03 5.55 13.77
SE MSE D 190 -21.82 3.87 14.01
CE MSE D 190 -20.33 2.83 13.27
N LEU D 191 -19.19 6.86 9.68
CA LEU D 191 -19.27 7.77 8.57
C LEU D 191 -19.15 6.97 7.25
N ASP D 192 -19.92 7.36 6.24
CA ASP D 192 -19.76 6.81 4.88
C ASP D 192 -20.12 7.89 3.83
N VAL D 193 -19.94 7.57 2.54
CA VAL D 193 -20.34 8.48 1.45
C VAL D 193 -21.43 7.81 0.59
N ALA D 194 -22.47 8.57 0.30
CA ALA D 194 -23.53 8.19 -0.65
C ALA D 194 -23.76 9.39 -1.60
N ASP D 195 -23.67 9.17 -2.90
CA ASP D 195 -23.84 10.24 -3.91
C ASP D 195 -22.94 11.48 -3.64
N ASP D 196 -21.68 11.22 -3.37
CA ASP D 196 -20.70 12.26 -3.02
C ASP D 196 -21.13 13.20 -1.90
N ARG D 197 -21.77 12.64 -0.89
CA ARG D 197 -21.97 13.36 0.38
C ARG D 197 -21.95 12.45 1.60
N LEU D 198 -21.58 13.04 2.73
CA LEU D 198 -21.40 12.31 4.00
C LEU D 198 -22.74 11.84 4.57
N VAL D 199 -22.77 10.57 4.94
CA VAL D 199 -23.88 9.97 5.64
C VAL D 199 -23.34 9.25 6.87
N ILE D 200 -24.26 8.78 7.71
CA ILE D 200 -23.93 8.02 8.90
C ILE D 200 -24.69 6.71 8.80
N GLU D 201 -23.97 5.60 9.05
CA GLU D 201 -24.55 4.25 9.09
C GLU D 201 -25.62 4.17 10.12
N SER D 202 -26.64 3.36 9.87
CA SER D 202 -27.81 3.29 10.74
C SER D 202 -27.50 2.83 12.19
N LYS D 203 -26.45 2.03 12.38
CA LYS D 203 -26.00 1.65 13.73
C LYS D 203 -25.54 2.89 14.53
N GLY D 204 -25.33 4.00 13.85
CA GLY D 204 -24.99 5.24 14.49
C GLY D 204 -26.14 6.22 14.73
N ILE D 205 -27.38 5.79 14.58
CA ILE D 205 -28.52 6.68 14.70
C ILE D 205 -28.64 7.41 16.05
N TYR D 206 -28.51 6.71 17.17
CA TYR D 206 -28.76 7.31 18.48
C TYR D 206 -27.59 8.22 18.83
N SER D 207 -26.39 7.81 18.41
CA SER D 207 -25.21 8.69 18.45
C SER D 207 -25.42 10.03 17.77
N ILE D 208 -26.15 10.06 16.66
CA ILE D 208 -26.40 11.33 15.96
C ILE D 208 -27.47 12.15 16.69
N GLU D 209 -28.52 11.50 17.18
CA GLU D 209 -29.51 12.18 18.04
C GLU D 209 -28.83 12.75 19.27
N ASN D 210 -27.93 11.97 19.90
CA ASN D 210 -27.16 12.47 21.02
C ASN D 210 -26.32 13.68 20.58
N PHE D 211 -25.56 13.51 19.54
CA PHE D 211 -24.81 14.61 18.96
C PHE D 211 -25.65 15.88 18.80
N LEU D 212 -26.81 15.73 18.17
CA LEU D 212 -27.62 16.87 17.80
C LEU D 212 -28.20 17.56 19.04
N THR D 213 -28.53 16.76 20.06
CA THR D 213 -29.05 17.28 21.31
C THR D 213 -27.93 17.98 22.09
N ALA D 214 -26.79 17.32 22.24
CA ALA D 214 -25.61 17.86 22.95
C ALA D 214 -25.18 19.17 22.38
N ARG D 215 -25.30 19.31 21.06
CA ARG D 215 -24.94 20.54 20.40
C ARG D 215 -25.79 21.71 20.88
N ARG D 216 -27.09 21.49 21.06
CA ARG D 216 -27.98 22.55 21.50
C ARG D 216 -27.73 22.82 22.94
N LEU D 217 -27.57 21.78 23.75
CA LEU D 217 -27.28 22.01 25.16
C LEU D 217 -25.97 22.78 25.30
N MSE D 218 -24.95 22.50 24.48
CA MSE D 218 -23.70 23.26 24.56
C MSE D 218 -23.92 24.74 24.34
O MSE D 218 -23.27 25.54 25.01
CB MSE D 218 -22.61 22.73 23.58
CG MSE D 218 -21.88 21.44 24.04
SE MSE D 218 -20.93 21.69 25.72
CE MSE D 218 -19.47 22.78 24.85
N TYR D 219 -24.81 25.11 23.44
CA TYR D 219 -25.05 26.52 23.17
C TYR D 219 -25.63 27.21 24.39
N TRP D 220 -26.61 26.58 25.02
CA TRP D 220 -27.26 27.19 26.18
C TRP D 220 -26.35 27.16 27.37
N GLN D 221 -25.64 26.06 27.56
CA GLN D 221 -24.91 25.88 28.79
C GLN D 221 -23.59 26.63 28.78
N VAL D 222 -22.95 26.72 27.61
CA VAL D 222 -21.60 27.28 27.52
C VAL D 222 -21.57 28.52 26.62
N TYR D 223 -21.86 28.37 25.33
CA TYR D 223 -21.57 29.44 24.39
C TYR D 223 -22.44 30.69 24.65
N LEU D 224 -23.70 30.48 25.00
CA LEU D 224 -24.63 31.58 25.25
C LEU D 224 -24.88 31.73 26.74
N HIS D 225 -23.95 31.25 27.57
CA HIS D 225 -24.11 31.42 29.02
C HIS D 225 -24.08 32.94 29.38
N LYS D 226 -25.01 33.39 30.22
CA LYS D 226 -25.27 34.81 30.43
C LYS D 226 -24.07 35.60 31.01
N THR D 227 -23.34 34.97 31.91
CA THR D 227 -22.12 35.56 32.45
C THR D 227 -21.09 35.79 31.33
N SER D 228 -21.01 34.86 30.36
CA SER D 228 -20.07 35.02 29.23
C SER D 228 -20.54 36.04 28.23
N VAL D 229 -21.85 36.18 28.08
CA VAL D 229 -22.43 37.23 27.22
C VAL D 229 -22.10 38.59 27.87
N ALA D 230 -22.31 38.68 29.17
CA ALA D 230 -22.06 39.92 29.92
C ALA D 230 -20.58 40.36 29.77
N TYR D 231 -19.69 39.39 29.98
CA TYR D 231 -18.25 39.53 29.78
C TYR D 231 -17.89 39.98 28.38
N GLU D 232 -18.55 39.42 27.38
CA GLU D 232 -18.33 39.82 26.00
C GLU D 232 -18.72 41.28 25.77
N ARG D 233 -19.88 41.68 26.31
CA ARG D 233 -20.37 43.02 26.18
C ARG D 233 -19.36 44.02 26.84
N MSE D 234 -18.80 43.65 27.97
CA MSE D 234 -17.78 44.52 28.64
C MSE D 234 -16.53 44.69 27.76
O MSE D 234 -15.99 45.79 27.64
CB MSE D 234 -17.34 43.92 29.96
CG MSE D 234 -18.49 43.55 30.87
SE MSE D 234 -17.91 42.77 32.52
CE MSE D 234 -16.62 44.13 33.02
N LEU D 235 -16.07 43.61 27.15
CA LEU D 235 -14.91 43.67 26.28
C LEU D 235 -15.22 44.52 25.04
N ILE D 236 -16.41 44.36 24.47
CA ILE D 236 -16.79 45.20 23.32
C ILE D 236 -16.74 46.70 23.71
N SER D 237 -17.30 47.03 24.88
CA SER D 237 -17.33 48.41 25.35
C SER D 237 -15.95 48.93 25.64
N THR D 238 -15.10 48.08 26.23
CA THR D 238 -13.72 48.48 26.54
C THR D 238 -12.99 48.88 25.29
N LEU D 239 -13.12 48.07 24.24
CA LEU D 239 -12.38 48.33 23.01
C LEU D 239 -12.96 49.48 22.19
N LEU D 240 -14.27 49.62 22.21
CA LEU D 240 -14.88 50.74 21.51
C LEU D 240 -14.53 52.07 22.20
N ARG D 241 -14.43 52.06 23.53
CA ARG D 241 -13.98 53.25 24.25
C ARG D 241 -12.50 53.54 23.98
N ALA D 242 -11.68 52.49 23.88
CA ALA D 242 -10.27 52.62 23.53
C ALA D 242 -10.15 53.29 22.18
N LYS D 243 -10.96 52.86 21.22
CA LYS D 243 -10.87 53.43 19.87
C LYS D 243 -11.37 54.89 19.83
N GLU D 244 -12.34 55.21 20.67
CA GLU D 244 -12.84 56.58 20.77
C GLU D 244 -11.79 57.49 21.40
N LEU D 245 -11.17 57.04 22.48
CA LEU D 245 -10.08 57.80 23.09
C LEU D 245 -8.89 58.02 22.13
N ALA D 246 -8.43 56.94 21.50
CA ALA D 246 -7.42 56.98 20.45
C ALA D 246 -7.72 58.00 19.32
N SER D 247 -8.97 58.03 18.89
CA SER D 247 -9.33 58.90 17.80
C SER D 247 -9.27 60.38 18.24
N GLN D 248 -9.52 60.62 19.53
CA GLN D 248 -9.35 61.92 20.13
C GLN D 248 -7.89 62.26 20.42
N GLY D 249 -6.96 61.35 20.09
CA GLY D 249 -5.53 61.52 20.33
C GLY D 249 -5.07 61.29 21.76
N VAL D 250 -5.90 60.60 22.56
CA VAL D 250 -5.51 60.19 23.92
C VAL D 250 -4.51 59.03 23.81
N GLU D 251 -3.58 58.99 24.76
CA GLU D 251 -2.49 58.02 24.74
C GLU D 251 -2.97 56.77 25.51
N LEU D 252 -2.85 55.64 24.84
CA LEU D 252 -3.23 54.35 25.40
C LEU D 252 -2.07 53.37 25.25
N PHE D 253 -1.67 52.74 26.35
CA PHE D 253 -0.73 51.63 26.25
C PHE D 253 -1.22 50.61 25.21
N ALA D 254 -0.31 50.17 24.34
CA ALA D 254 -0.64 49.07 23.44
C ALA D 254 0.59 48.64 22.72
N SER D 255 0.71 47.34 22.51
CA SER D 255 1.72 46.77 21.66
C SER D 255 1.54 47.37 20.26
N PRO D 256 2.60 47.40 19.46
CA PRO D 256 2.45 47.99 18.10
C PRO D 256 1.31 47.41 17.27
N ALA D 257 1.11 46.10 17.31
CA ALA D 257 0.04 45.49 16.52
C ALA D 257 -1.36 45.92 17.02
N LEU D 258 -1.54 46.03 18.32
CA LEU D 258 -2.84 46.45 18.82
C LEU D 258 -3.02 47.95 18.49
N HIS D 259 -1.97 48.73 18.75
CA HIS D 259 -1.95 50.16 18.44
C HIS D 259 -2.39 50.47 16.98
N PHE D 260 -1.89 49.67 16.04
CA PHE D 260 -2.32 49.77 14.63
C PHE D 260 -3.82 49.84 14.42
N PHE D 261 -4.56 49.00 15.13
CA PHE D 261 -6.02 48.91 14.97
C PHE D 261 -6.78 49.91 15.85
N LEU D 262 -6.16 50.36 16.94
CA LEU D 262 -6.79 51.37 17.78
C LEU D 262 -6.67 52.75 17.12
N TYR D 263 -5.50 53.07 16.55
CA TYR D 263 -5.24 54.45 16.07
C TYR D 263 -5.43 54.62 14.56
N ASN D 264 -5.85 53.57 13.88
CA ASN D 264 -6.31 53.64 12.50
C ASN D 264 -7.73 53.07 12.43
N ASP D 265 -8.48 53.50 11.43
CA ASP D 265 -9.83 52.98 11.22
C ASP D 265 -9.78 51.86 10.21
N ILE D 266 -9.58 50.64 10.68
CA ILE D 266 -9.51 49.52 9.75
C ILE D 266 -10.88 48.92 9.57
N ASN D 267 -11.25 48.89 8.29
CA ASN D 267 -12.54 48.40 7.83
C ASN D 267 -12.23 47.38 6.77
N HIS D 268 -13.28 46.78 6.19
CA HIS D 268 -13.10 45.71 5.20
C HIS D 268 -12.22 46.09 4.02
N THR D 269 -12.44 47.28 3.45
CA THR D 269 -11.73 47.69 2.26
CA THR D 269 -11.71 47.69 2.25
C THR D 269 -10.23 47.97 2.55
N GLU D 270 -9.95 48.69 3.65
CA GLU D 270 -8.58 48.94 4.13
C GLU D 270 -7.83 47.60 4.37
N PHE D 271 -8.51 46.68 5.06
CA PHE D 271 -7.92 45.39 5.41
C PHE D 271 -7.42 44.62 4.22
N HIS D 272 -8.22 44.56 3.17
CA HIS D 272 -7.82 43.81 1.97
C HIS D 272 -6.78 44.56 1.13
N ASN D 273 -6.84 45.89 1.15
CA ASN D 273 -6.01 46.68 0.26
C ASN D 273 -4.69 47.10 0.87
N ASN D 274 -4.67 47.40 2.17
CA ASN D 274 -3.43 47.75 2.85
C ASN D 274 -2.80 46.50 3.50
N PRO D 275 -1.69 46.00 2.94
CA PRO D 275 -1.07 44.78 3.49
C PRO D 275 -0.53 44.89 4.93
N ASP D 276 -0.35 46.11 5.43
CA ASP D 276 0.05 46.31 6.83
C ASP D 276 -0.97 45.72 7.79
N CYS D 277 -2.24 45.73 7.39
CA CYS D 277 -3.33 45.20 8.23
C CYS D 277 -3.11 43.71 8.56
N LEU D 278 -3.01 42.88 7.54
CA LEU D 278 -2.73 41.47 7.75
C LEU D 278 -1.45 41.26 8.55
N GLU D 279 -0.39 42.02 8.23
CA GLU D 279 0.89 41.87 8.94
C GLU D 279 0.71 42.14 10.43
N ASN D 280 -0.04 43.17 10.78
CA ASN D 280 -0.32 43.47 12.19
C ASN D 280 -1.29 42.49 12.83
N PHE D 281 -2.26 42.04 12.05
CA PHE D 281 -3.24 41.10 12.55
C PHE D 281 -2.57 39.81 12.97
N ILE D 282 -1.69 39.32 12.12
CA ILE D 282 -0.85 38.15 12.43
C ILE D 282 -0.14 38.24 13.77
N GLN D 283 0.13 39.45 14.25
CA GLN D 283 0.90 39.64 15.47
C GLN D 283 0.04 39.83 16.68
N LEU D 284 -1.28 39.69 16.51
CA LEU D 284 -2.21 39.83 17.64
C LEU D 284 -2.55 38.45 18.23
N ASP D 285 -2.49 38.35 19.54
CA ASP D 285 -3.02 37.18 20.24
C ASP D 285 -3.57 37.66 21.59
N ASP D 286 -4.05 36.73 22.41
CA ASP D 286 -4.71 37.08 23.67
C ASP D 286 -3.82 37.95 24.57
N ASN D 287 -2.52 37.78 24.50
CA ASN D 287 -1.61 38.58 25.32
C ASN D 287 -1.73 40.10 25.05
N ASP D 288 -1.87 40.45 23.78
CA ASP D 288 -1.98 41.85 23.37
C ASP D 288 -3.22 42.48 24.00
N ILE D 289 -4.33 41.72 24.02
CA ILE D 289 -5.58 42.19 24.62
C ILE D 289 -5.52 42.28 26.12
N TRP D 290 -4.97 41.28 26.78
CA TRP D 290 -4.91 41.29 28.26
C TRP D 290 -3.94 42.31 28.78
N THR D 291 -2.82 42.46 28.09
CA THR D 291 -1.84 43.46 28.51
C THR D 291 -2.48 44.86 28.49
N ALA D 292 -3.16 45.17 27.40
CA ALA D 292 -3.93 46.43 27.31
C ALA D 292 -4.88 46.60 28.48
N LEU D 293 -5.76 45.61 28.70
CA LEU D 293 -6.71 45.69 29.82
C LEU D 293 -5.98 45.88 31.16
N LYS D 294 -4.88 45.17 31.35
CA LYS D 294 -4.14 45.31 32.61
C LYS D 294 -3.64 46.76 32.82
N VAL D 295 -3.04 47.36 31.79
CA VAL D 295 -2.50 48.74 31.92
C VAL D 295 -3.66 49.77 31.95
N TRP D 296 -4.68 49.53 31.12
CA TRP D 296 -5.81 50.45 31.04
C TRP D 296 -6.58 50.53 32.31
N SER D 297 -6.44 49.52 33.16
CA SER D 297 -7.18 49.48 34.39
C SER D 297 -6.78 50.61 35.33
N ASN D 298 -5.60 51.20 35.08
CA ASN D 298 -5.10 52.37 35.83
C ASN D 298 -5.10 53.67 35.01
N HIS D 299 -5.74 53.66 33.86
CA HIS D 299 -5.81 54.80 32.95
C HIS D 299 -6.69 55.88 33.58
N PRO D 300 -6.36 57.17 33.32
CA PRO D 300 -7.13 58.25 33.99
C PRO D 300 -8.63 58.26 33.61
N ASP D 301 -8.93 57.93 32.37
CA ASP D 301 -10.30 57.86 31.89
C ASP D 301 -11.10 56.93 32.77
N LYS D 302 -12.18 57.46 33.35
CA LYS D 302 -13.05 56.69 34.26
C LYS D 302 -13.76 55.50 33.57
N VAL D 303 -14.26 55.72 32.35
CA VAL D 303 -14.93 54.66 31.59
C VAL D 303 -13.95 53.53 31.27
N LEU D 304 -12.89 53.83 30.49
CA LEU D 304 -11.89 52.80 30.12
C LEU D 304 -11.33 52.07 31.36
N SER D 305 -10.95 52.81 32.41
CA SER D 305 -10.38 52.17 33.59
C SER D 305 -11.40 51.29 34.30
N THR D 306 -12.64 51.77 34.44
CA THR D 306 -13.67 51.01 35.19
C THR D 306 -14.04 49.70 34.43
N LEU D 307 -14.10 49.79 33.11
CA LEU D 307 -14.38 48.62 32.29
C LEU D 307 -13.22 47.64 32.44
N SER D 308 -12.01 48.13 32.21
CA SER D 308 -10.80 47.32 32.19
C SER D 308 -10.51 46.60 33.52
N LEU D 309 -10.76 47.29 34.61
CA LEU D 309 -10.58 46.77 35.94
C LEU D 309 -11.61 45.66 36.23
N GLY D 310 -12.80 45.82 35.69
CA GLY D 310 -13.83 44.80 35.82
C GLY D 310 -13.48 43.50 35.09
N MSE D 311 -12.89 43.65 33.90
CA MSE D 311 -12.43 42.52 33.15
C MSE D 311 -11.39 41.75 33.95
O MSE D 311 -11.46 40.55 34.07
CB MSE D 311 -11.73 42.93 31.84
CG MSE D 311 -12.53 43.60 30.77
SE MSE D 311 -13.85 42.54 29.91
CE MSE D 311 -12.86 40.95 29.31
N ILE D 312 -10.37 42.46 34.44
CA ILE D 312 -9.21 41.77 35.00
C ILE D 312 -9.48 41.25 36.39
N ASN D 313 -10.37 41.93 37.11
CA ASN D 313 -10.70 41.55 38.45
C ASN D 313 -12.01 40.79 38.49
N ARG D 314 -12.60 40.52 37.33
CA ARG D 314 -13.85 39.74 37.25
C ARG D 314 -14.95 40.36 38.13
N ASN D 315 -15.20 41.65 37.89
CA ASN D 315 -16.43 42.34 38.34
C ASN D 315 -17.32 42.42 37.13
N ILE D 316 -18.19 41.43 36.98
CA ILE D 316 -18.94 41.28 35.77
C ILE D 316 -20.22 42.08 35.89
N PHE D 317 -20.65 42.67 34.77
CA PHE D 317 -21.96 43.28 34.70
C PHE D 317 -23.04 42.32 35.25
N LYS D 318 -24.06 42.91 35.86
CA LYS D 318 -25.28 42.16 36.17
C LYS D 318 -26.01 41.82 34.86
N VAL D 319 -26.61 40.64 34.79
CA VAL D 319 -27.33 40.23 33.59
C VAL D 319 -28.75 39.87 33.95
N GLU D 320 -29.68 40.42 33.18
CA GLU D 320 -31.06 39.95 33.25
C GLU D 320 -31.42 39.47 31.87
N ASN D 321 -32.29 38.46 31.82
CA ASN D 321 -32.88 38.00 30.57
C ASN D 321 -34.39 38.10 30.62
N SER D 322 -34.97 38.41 29.46
CA SER D 322 -36.42 38.50 29.30
C SER D 322 -36.77 37.70 28.03
N ALA D 323 -38.04 37.30 27.93
CA ALA D 323 -38.60 36.75 26.70
C ALA D 323 -39.04 37.89 25.78
N GLU D 324 -39.32 39.07 26.34
CA GLU D 324 -39.68 40.25 25.54
C GLU D 324 -38.53 41.26 25.57
N PRO D 325 -38.40 42.07 24.51
CA PRO D 325 -37.39 43.14 24.48
C PRO D 325 -37.32 43.97 25.78
N ILE D 326 -36.19 44.64 25.98
CA ILE D 326 -36.03 45.45 27.18
C ILE D 326 -36.64 46.81 26.90
N GLY D 327 -37.40 47.31 27.88
CA GLY D 327 -38.05 48.61 27.76
C GLY D 327 -37.09 49.78 27.78
N GLU D 328 -37.30 50.75 26.88
CA GLU D 328 -36.52 52.00 26.80
C GLU D 328 -36.48 52.71 28.18
N ASP D 329 -37.54 52.51 28.94
CA ASP D 329 -37.70 53.04 30.31
C ASP D 329 -36.66 52.54 31.31
N ARG D 330 -36.46 51.23 31.30
CA ARG D 330 -35.42 50.56 32.11
C ARG D 330 -34.03 51.01 31.72
N ILE D 331 -33.78 51.04 30.41
CA ILE D 331 -32.47 51.41 29.92
C ILE D 331 -32.11 52.81 30.41
N LYS D 332 -33.02 53.77 30.16
CA LYS D 332 -32.87 55.17 30.60
C LYS D 332 -32.61 55.27 32.10
N GLU D 333 -33.37 54.50 32.86
CA GLU D 333 -33.27 54.47 34.30
C GLU D 333 -31.87 54.05 34.76
N LEU D 334 -31.39 52.93 34.22
CA LEU D 334 -30.11 52.36 34.65
C LEU D 334 -28.96 53.24 34.19
N THR D 335 -29.07 53.75 32.97
CA THR D 335 -28.05 54.64 32.42
C THR D 335 -27.84 55.87 33.31
N LEU D 336 -28.96 56.40 33.81
CA LEU D 336 -29.00 57.57 34.69
C LEU D 336 -28.31 57.25 36.00
N GLN D 337 -28.78 56.17 36.64
CA GLN D 337 -28.22 55.68 37.91
C GLN D 337 -26.71 55.39 37.86
N ILE D 338 -26.24 54.90 36.72
CA ILE D 338 -24.84 54.57 36.55
C ILE D 338 -24.05 55.86 36.32
N SER D 339 -24.61 56.76 35.49
CA SER D 339 -24.06 58.11 35.29
C SER D 339 -23.72 58.75 36.61
N GLN D 340 -24.66 58.64 37.52
CA GLN D 340 -24.58 59.26 38.82
C GLN D 340 -23.58 58.54 39.71
N GLN D 341 -23.71 57.22 39.79
CA GLN D 341 -22.86 56.42 40.67
C GLN D 341 -21.37 56.45 40.26
N LEU D 342 -21.10 56.58 38.97
CA LEU D 342 -19.72 56.61 38.46
C LEU D 342 -19.18 58.04 38.27
N GLY D 343 -20.09 59.02 38.23
CA GLY D 343 -19.70 60.40 38.00
C GLY D 343 -19.24 60.59 36.57
N ILE D 344 -20.04 60.12 35.62
CA ILE D 344 -19.74 60.24 34.19
C ILE D 344 -20.94 60.83 33.50
N THR D 345 -20.77 61.24 32.24
CA THR D 345 -21.90 61.80 31.49
C THR D 345 -22.87 60.72 31.14
N LEU D 346 -24.06 61.14 30.71
CA LEU D 346 -25.13 60.18 30.35
C LEU D 346 -24.72 59.35 29.12
N SER D 347 -24.04 60.00 28.18
CA SER D 347 -23.54 59.36 26.97
C SER D 347 -22.41 58.35 27.28
N GLU D 348 -21.54 58.69 28.23
CA GLU D 348 -20.50 57.78 28.71
C GLU D 348 -21.11 56.55 29.41
N ALA D 349 -22.24 56.76 30.08
CA ALA D 349 -22.88 55.67 30.80
C ALA D 349 -23.45 54.62 29.86
N ASN D 350 -23.60 54.95 28.57
CA ASN D 350 -24.03 53.92 27.59
C ASN D 350 -23.06 52.75 27.50
N TYR D 351 -21.77 53.02 27.63
CA TYR D 351 -20.78 51.94 27.72
C TYR D 351 -21.10 50.91 28.82
N PHE D 352 -21.87 51.30 29.86
CA PHE D 352 -22.10 50.38 30.99
C PHE D 352 -23.46 49.71 30.99
N VAL D 353 -24.21 49.87 29.90
CA VAL D 353 -25.52 49.21 29.75
C VAL D 353 -25.60 48.64 28.37
N SER D 354 -25.87 47.34 28.27
CA SER D 354 -25.95 46.66 26.96
C SER D 354 -27.20 45.77 26.87
N THR D 355 -27.84 45.79 25.71
CA THR D 355 -29.02 44.93 25.50
C THR D 355 -28.88 44.14 24.19
N PRO D 356 -28.02 43.11 24.20
CA PRO D 356 -27.83 42.26 23.04
C PRO D 356 -28.96 41.21 22.81
N SER D 357 -29.26 40.97 21.54
CA SER D 357 -30.25 39.96 21.12
C SER D 357 -29.60 38.59 20.94
N ILE D 358 -30.45 37.61 20.62
CA ILE D 358 -30.00 36.26 20.22
C ILE D 358 -30.67 35.78 18.92
N MSE D 362 -30.24 30.51 15.97
CA MSE D 362 -29.14 29.87 16.74
C MSE D 362 -28.00 29.41 15.84
O MSE D 362 -26.92 29.99 15.86
CB MSE D 362 -29.66 28.71 17.58
CG MSE D 362 -28.68 28.27 18.63
SE MSE D 362 -29.31 26.84 19.83
CE MSE D 362 -31.32 27.12 19.99
N TYR D 363 -28.22 28.33 15.06
CA TYR D 363 -27.39 28.00 13.88
C TYR D 363 -28.30 27.38 12.84
N ASP D 364 -27.76 27.22 11.64
CA ASP D 364 -28.52 26.83 10.47
C ASP D 364 -29.26 25.52 10.74
N PRO D 365 -30.62 25.57 10.80
CA PRO D 365 -31.48 24.39 11.02
C PRO D 365 -31.19 23.22 10.11
N ALA D 366 -30.64 23.51 8.92
CA ALA D 366 -30.23 22.47 8.00
C ALA D 366 -29.06 21.59 8.52
N ASP D 367 -28.23 22.10 9.43
CA ASP D 367 -27.21 21.30 10.10
C ASP D 367 -27.85 20.05 10.74
N ASP D 368 -29.11 20.15 11.15
CA ASP D 368 -29.83 19.03 11.75
C ASP D 368 -30.32 17.97 10.75
N SER D 369 -30.17 18.20 9.45
CA SER D 369 -30.61 17.21 8.46
C SER D 369 -29.46 16.32 8.04
N ILE D 370 -29.22 15.29 8.83
CA ILE D 370 -28.19 14.30 8.56
C ILE D 370 -28.92 13.09 7.97
N ASP D 371 -28.32 12.51 6.95
CA ASP D 371 -28.92 11.37 6.28
C ASP D 371 -28.27 10.10 6.80
N ILE D 372 -29.13 9.12 7.07
CA ILE D 372 -28.73 7.83 7.60
C ILE D 372 -28.82 6.79 6.49
N ILE D 373 -27.76 6.01 6.32
CA ILE D 373 -27.72 4.93 5.34
C ILE D 373 -27.84 3.55 5.99
N TYR D 374 -28.79 2.76 5.48
CA TYR D 374 -29.11 1.41 5.96
C TYR D 374 -28.31 0.31 5.21
N LYS D 375 -28.33 -0.92 5.75
CA LYS D 375 -27.53 -2.02 5.19
C LYS D 375 -28.00 -2.32 3.76
N ASP D 376 -29.30 -2.17 3.51
CA ASP D 376 -29.87 -2.36 2.17
C ASP D 376 -29.73 -1.13 1.26
N GLY D 377 -28.82 -0.23 1.62
CA GLY D 377 -28.56 0.98 0.82
C GLY D 377 -29.62 2.09 0.87
N THR D 378 -30.78 1.85 1.50
CA THR D 378 -31.82 2.88 1.66
C THR D 378 -31.29 4.05 2.53
N ILE D 379 -31.85 5.24 2.37
CA ILE D 379 -31.41 6.42 3.11
C ILE D 379 -32.59 7.15 3.72
N LYS D 380 -32.54 7.47 5.02
CA LYS D 380 -33.56 8.31 5.66
C LYS D 380 -32.92 9.48 6.36
N ASN D 381 -33.63 10.60 6.44
CA ASN D 381 -33.24 11.72 7.31
C ASN D 381 -33.26 11.27 8.79
N ILE D 382 -32.24 11.67 9.55
CA ILE D 382 -32.21 11.39 10.97
C ILE D 382 -33.54 11.66 11.67
N ALA D 383 -34.24 12.73 11.29
CA ALA D 383 -35.55 13.02 11.90
C ALA D 383 -36.55 11.83 11.76
N GLU D 384 -36.46 11.06 10.67
CA GLU D 384 -37.34 9.88 10.54
C GLU D 384 -36.69 8.65 11.17
N ALA D 385 -35.37 8.57 11.04
CA ALA D 385 -34.61 7.46 11.61
C ALA D 385 -34.77 7.39 13.13
N SER D 386 -34.97 8.54 13.73
CA SER D 386 -34.91 8.73 15.19
C SER D 386 -35.98 8.10 16.08
N ASP D 387 -35.53 7.63 17.25
CA ASP D 387 -36.42 7.12 18.31
C ASP D 387 -36.33 7.87 19.63
N MSE D 388 -35.26 8.64 19.88
CA MSE D 388 -35.06 9.16 21.24
C MSE D 388 -35.94 10.38 21.58
O MSE D 388 -36.56 10.45 22.64
CB MSE D 388 -33.59 9.52 21.48
CG MSE D 388 -32.65 8.33 21.67
SE MSE D 388 -30.80 8.96 21.56
CE MSE D 388 -30.76 10.49 22.77
N LEU D 389 -35.96 11.36 20.67
CA LEU D 389 -36.80 12.54 20.82
C LEU D 389 -37.07 13.16 19.43
N ASN D 390 -37.77 14.30 19.43
CA ASN D 390 -38.25 14.97 18.20
C ASN D 390 -37.21 15.97 17.69
N ILE D 391 -36.33 15.44 16.83
CA ILE D 391 -35.17 16.11 16.30
C ILE D 391 -35.61 17.38 15.56
N SER D 392 -36.72 17.27 14.83
CA SER D 392 -37.30 18.41 14.11
C SER D 392 -37.42 19.61 15.04
N LEU D 393 -37.84 19.38 16.28
CA LEU D 393 -38.11 20.46 17.24
C LEU D 393 -36.82 21.00 17.93
N LEU D 394 -35.69 20.37 17.72
CA LEU D 394 -34.46 20.93 18.31
C LEU D 394 -34.16 22.35 17.81
N SER D 395 -34.65 22.71 16.63
CA SER D 395 -34.39 24.03 16.05
C SER D 395 -35.49 25.08 16.25
N LYS D 396 -36.50 24.79 17.08
CA LYS D 396 -37.49 25.82 17.41
C LYS D 396 -36.73 26.98 18.05
N LYS D 397 -36.81 28.16 17.40
CA LYS D 397 -36.17 29.39 17.87
C LYS D 397 -36.53 29.65 19.34
N VAL D 398 -35.52 29.81 20.22
CA VAL D 398 -35.77 30.32 21.59
C VAL D 398 -35.34 31.80 21.72
N LYS D 399 -36.31 32.72 21.80
CA LYS D 399 -36.01 34.15 21.91
C LYS D 399 -35.68 34.46 23.38
N LYS D 400 -34.48 35.03 23.56
CA LYS D 400 -33.89 35.34 24.88
C LYS D 400 -33.18 36.69 24.77
N TYR D 401 -33.70 37.63 25.54
CA TYR D 401 -33.20 38.98 25.59
C TYR D 401 -32.28 39.06 26.79
N TYR D 402 -31.17 39.80 26.64
CA TYR D 402 -30.28 40.06 27.76
C TYR D 402 -30.26 41.55 28.13
N LEU D 403 -30.17 41.83 29.44
CA LEU D 403 -29.91 43.17 29.95
C LEU D 403 -28.62 43.10 30.78
N CYS D 404 -27.56 43.78 30.32
CA CYS D 404 -26.28 43.77 31.04
C CYS D 404 -25.91 45.17 31.49
N TYR D 405 -25.51 45.31 32.75
CA TYR D 405 -25.15 46.63 33.24
C TYR D 405 -24.24 46.60 34.44
N GLN D 406 -23.52 47.71 34.62
CA GLN D 406 -22.61 47.87 35.77
C GLN D 406 -23.35 47.56 37.06
N ARG D 407 -22.76 46.79 37.98
CA ARG D 407 -23.41 46.46 39.27
C ARG D 407 -22.78 47.22 40.43
N GLU E 5 7.72 -17.66 -0.50
CA GLU E 5 8.54 -18.35 -1.56
C GLU E 5 7.71 -18.48 -2.84
N ARG E 6 8.22 -17.90 -3.93
CA ARG E 6 7.50 -17.76 -5.22
C ARG E 6 8.11 -18.62 -6.33
N LYS E 7 7.24 -19.19 -7.14
CA LYS E 7 7.69 -19.97 -8.27
C LYS E 7 7.66 -19.07 -9.50
N ILE E 8 8.69 -19.19 -10.32
CA ILE E 8 8.88 -18.40 -11.53
C ILE E 8 8.92 -19.37 -12.70
N ILE E 9 8.04 -19.16 -13.67
CA ILE E 9 8.03 -19.91 -14.92
C ILE E 9 8.33 -19.00 -16.11
N ASN E 10 9.28 -19.42 -16.95
CA ASN E 10 9.64 -18.69 -18.17
C ASN E 10 8.59 -18.85 -19.22
N ASP E 11 8.28 -17.73 -19.87
CA ASP E 11 7.42 -17.67 -21.02
C ASP E 11 8.13 -16.77 -22.02
N PRO E 12 8.39 -17.27 -23.23
CA PRO E 12 8.99 -16.43 -24.27
C PRO E 12 8.16 -15.23 -24.64
N VAL E 13 6.83 -15.36 -24.57
CA VAL E 13 5.92 -14.30 -24.96
C VAL E 13 5.97 -13.14 -23.95
N PHE E 14 5.87 -13.42 -22.65
CA PHE E 14 5.70 -12.37 -21.61
C PHE E 14 6.84 -12.25 -20.58
N GLY E 15 7.71 -13.24 -20.53
CA GLY E 15 8.89 -13.22 -19.65
C GLY E 15 8.67 -14.10 -18.45
N PHE E 16 9.29 -13.75 -17.33
CA PHE E 16 9.04 -14.45 -16.07
C PHE E 16 7.58 -14.29 -15.61
N ILE E 17 6.93 -15.40 -15.29
CA ILE E 17 5.60 -15.41 -14.70
C ILE E 17 5.77 -15.88 -13.25
N ASN E 18 5.32 -15.06 -12.29
CA ASN E 18 5.39 -15.38 -10.87
CA ASN E 18 5.38 -15.38 -10.86
C ASN E 18 4.13 -16.09 -10.39
N ILE E 19 4.28 -17.26 -9.82
CA ILE E 19 3.14 -17.95 -9.27
C ILE E 19 3.30 -17.98 -7.74
N PRO E 20 2.40 -17.29 -7.00
CA PRO E 20 2.49 -17.32 -5.53
C PRO E 20 2.28 -18.71 -4.96
N LYS E 21 3.14 -19.12 -4.03
CA LYS E 21 2.93 -20.37 -3.30
C LYS E 21 1.54 -20.33 -2.57
N GLY E 22 0.99 -21.51 -2.33
CA GLY E 22 -0.36 -21.62 -1.79
C GLY E 22 -1.32 -22.10 -2.88
N LEU E 23 -2.56 -21.58 -2.85
CA LEU E 23 -3.63 -22.04 -3.73
C LEU E 23 -3.30 -21.92 -5.24
N LEU E 24 -2.66 -20.83 -5.66
CA LEU E 24 -2.38 -20.60 -7.08
C LEU E 24 -1.36 -21.61 -7.63
N TYR E 25 -0.26 -21.80 -6.92
CA TYR E 25 0.70 -22.81 -7.35
C TYR E 25 0.09 -24.18 -7.31
N ASP E 26 -0.76 -24.40 -6.31
CA ASP E 26 -1.46 -25.65 -6.21
C ASP E 26 -2.32 -25.92 -7.45
N ILE E 27 -2.99 -24.92 -7.98
CA ILE E 27 -3.76 -25.08 -9.22
C ILE E 27 -2.84 -25.43 -10.40
N VAL E 28 -1.73 -24.71 -10.52
CA VAL E 28 -0.78 -24.91 -11.59
C VAL E 28 -0.21 -26.31 -11.60
N ARG E 29 0.11 -26.83 -10.41
CA ARG E 29 0.68 -28.16 -10.31
CA ARG E 29 0.67 -28.17 -10.25
C ARG E 29 -0.36 -29.28 -10.35
N HIS E 30 -1.62 -28.93 -10.30
CA HIS E 30 -2.68 -29.93 -10.26
C HIS E 30 -2.77 -30.74 -11.57
N PRO E 31 -2.97 -32.05 -11.47
CA PRO E 31 -3.11 -32.91 -12.62
C PRO E 31 -4.02 -32.44 -13.76
N LEU E 32 -5.11 -31.74 -13.45
CA LEU E 32 -6.06 -31.28 -14.47
C LEU E 32 -5.49 -30.12 -15.28
N LEU E 33 -4.60 -29.35 -14.66
CA LEU E 33 -3.99 -28.27 -15.36
C LEU E 33 -2.71 -28.77 -16.06
N GLN E 34 -1.97 -29.68 -15.44
CA GLN E 34 -0.80 -30.27 -16.08
C GLN E 34 -1.14 -31.00 -17.36
N ARG E 35 -2.38 -31.46 -17.49
CA ARG E 35 -2.77 -32.18 -18.68
C ARG E 35 -2.90 -31.24 -19.88
N LEU E 36 -3.13 -29.96 -19.60
CA LEU E 36 -3.15 -28.94 -20.66
C LEU E 36 -1.79 -28.75 -21.34
N THR E 37 -0.72 -29.30 -20.76
CA THR E 37 0.61 -29.39 -21.42
C THR E 37 0.61 -30.33 -22.62
N ARG E 38 -0.42 -31.18 -22.71
CA ARG E 38 -0.54 -32.17 -23.78
C ARG E 38 -1.69 -31.87 -24.71
N ILE E 39 -2.25 -30.66 -24.62
CA ILE E 39 -3.33 -30.22 -25.50
C ILE E 39 -2.91 -28.89 -26.14
N LYS E 40 -2.75 -28.89 -27.46
CA LYS E 40 -2.38 -27.67 -28.22
C LYS E 40 -3.47 -26.62 -28.13
N GLN E 41 -3.06 -25.36 -28.07
CA GLN E 41 -3.96 -24.24 -28.10
C GLN E 41 -4.66 -24.11 -29.44
N VAL E 42 -3.93 -24.27 -30.54
CA VAL E 42 -4.49 -24.24 -31.91
C VAL E 42 -3.96 -25.40 -32.77
N GLY E 43 -4.35 -26.61 -32.41
CA GLY E 43 -3.82 -27.85 -33.00
C GLY E 43 -4.11 -28.06 -34.46
N LEU E 44 -5.20 -27.48 -34.92
CA LEU E 44 -5.55 -27.50 -36.31
C LEU E 44 -4.82 -26.43 -37.12
N SER E 45 -4.00 -25.59 -36.50
CA SER E 45 -3.28 -24.55 -37.22
C SER E 45 -1.85 -24.93 -37.57
N SER E 46 -1.25 -25.88 -36.84
CA SER E 46 0.15 -26.25 -37.10
C SER E 46 0.40 -26.86 -38.50
N VAL E 47 -0.66 -27.34 -39.13
CA VAL E 47 -0.62 -27.88 -40.48
C VAL E 47 -0.25 -26.75 -41.49
N VAL E 48 -0.61 -25.51 -41.17
CA VAL E 48 -0.24 -24.32 -41.94
C VAL E 48 0.98 -23.60 -41.34
N TYR E 49 0.97 -23.48 -40.02
CA TYR E 49 1.95 -22.69 -39.25
C TYR E 49 2.64 -23.68 -38.31
N PRO E 50 3.74 -24.31 -38.77
CA PRO E 50 4.49 -25.31 -37.98
C PRO E 50 4.98 -24.80 -36.64
N GLY E 51 5.17 -23.50 -36.52
CA GLY E 51 5.51 -22.90 -35.24
C GLY E 51 4.39 -22.94 -34.19
N ALA E 52 3.16 -23.17 -34.59
CA ALA E 52 2.03 -23.07 -33.65
C ALA E 52 1.90 -24.34 -32.78
N GLN E 53 2.91 -24.53 -31.92
CA GLN E 53 3.02 -25.73 -31.07
C GLN E 53 2.70 -25.45 -29.61
N HIS E 54 2.32 -24.21 -29.32
CA HIS E 54 2.00 -23.80 -27.97
C HIS E 54 0.75 -24.49 -27.39
N THR E 55 0.80 -24.73 -26.09
CA THR E 55 -0.20 -25.55 -25.41
C THR E 55 -1.20 -24.68 -24.68
N ARG E 56 -2.32 -25.29 -24.30
CA ARG E 56 -3.34 -24.63 -23.48
C ARG E 56 -2.81 -24.33 -22.06
N PHE E 57 -1.87 -25.12 -21.60
CA PHE E 57 -1.14 -24.77 -20.36
C PHE E 57 -0.45 -23.41 -20.43
N GLN E 58 0.36 -23.18 -21.46
CA GLN E 58 1.01 -21.87 -21.67
C GLN E 58 0.02 -20.72 -21.66
N HIS E 59 -1.10 -20.92 -22.31
CA HIS E 59 -2.12 -19.92 -22.44
C HIS E 59 -2.77 -19.61 -21.10
N SER E 60 -3.09 -20.66 -20.35
CA SER E 60 -3.58 -20.51 -18.99
C SER E 60 -2.61 -19.64 -18.14
N LEU E 61 -1.34 -20.01 -18.09
CA LEU E 61 -0.34 -19.22 -17.38
C LEU E 61 -0.17 -17.82 -17.93
N GLY E 62 -0.31 -17.70 -19.24
CA GLY E 62 -0.18 -16.43 -19.89
C GLY E 62 -1.29 -15.48 -19.48
N ALA E 63 -2.52 -15.96 -19.56
CA ALA E 63 -3.69 -15.16 -19.14
C ALA E 63 -3.55 -14.78 -17.66
N PHE E 64 -3.06 -15.71 -16.85
CA PHE E 64 -2.78 -15.51 -15.46
C PHE E 64 -1.75 -14.41 -15.20
N TYR E 65 -0.68 -14.40 -15.99
CA TYR E 65 0.30 -13.31 -15.95
C TYR E 65 -0.38 -11.99 -16.22
N LEU E 66 -1.09 -11.93 -17.32
CA LEU E 66 -1.77 -10.72 -17.68
C LEU E 66 -2.72 -10.24 -16.57
N MSE E 67 -3.46 -11.17 -15.96
CA MSE E 67 -4.40 -10.88 -14.88
C MSE E 67 -3.69 -10.24 -13.70
O MSE E 67 -4.10 -9.23 -13.17
CB MSE E 67 -5.12 -12.15 -14.43
CG MSE E 67 -6.22 -11.93 -13.34
SE MSE E 67 -7.72 -10.90 -13.95
CE MSE E 67 -8.75 -12.32 -14.89
N SER E 68 -2.60 -10.84 -13.32
CA SER E 68 -1.80 -10.33 -12.23
C SER E 68 -1.39 -8.87 -12.39
N GLU E 69 -1.02 -8.52 -13.62
CA GLU E 69 -0.73 -7.15 -14.00
C GLU E 69 -1.97 -6.29 -14.01
N ALA E 70 -3.09 -6.78 -14.53
CA ALA E 70 -4.34 -6.04 -14.51
C ALA E 70 -4.72 -5.63 -13.07
N ILE E 71 -4.65 -6.58 -12.15
CA ILE E 71 -4.99 -6.30 -10.76
C ILE E 71 -4.16 -5.14 -10.21
N THR E 72 -2.84 -5.26 -10.33
CA THR E 72 -1.93 -4.22 -9.92
C THR E 72 -2.32 -2.88 -10.54
N GLN E 73 -2.56 -2.86 -11.84
CA GLN E 73 -2.85 -1.61 -12.51
C GLN E 73 -4.12 -0.99 -11.98
N LEU E 74 -5.19 -1.78 -11.88
CA LEU E 74 -6.48 -1.29 -11.42
C LEU E 74 -6.46 -0.75 -9.98
N THR E 75 -5.82 -1.49 -9.08
CA THR E 75 -5.70 -1.01 -7.72
C THR E 75 -4.88 0.29 -7.67
N SER E 76 -3.89 0.42 -8.55
CA SER E 76 -3.09 1.64 -8.61
C SER E 76 -3.92 2.87 -8.99
N LYS E 77 -5.01 2.65 -9.71
CA LYS E 77 -5.88 3.71 -10.16
C LYS E 77 -7.08 3.95 -9.19
N GLY E 78 -6.95 3.45 -7.96
CA GLY E 78 -8.01 3.60 -6.97
C GLY E 78 -9.27 2.75 -7.10
N ASN E 79 -9.13 1.55 -7.64
CA ASN E 79 -10.24 0.59 -7.61
C ASN E 79 -9.97 -0.42 -6.50
N PHE E 80 -10.99 -0.78 -5.72
CA PHE E 80 -10.80 -1.70 -4.60
C PHE E 80 -10.90 -3.13 -5.07
N ILE E 81 -9.82 -3.90 -4.84
CA ILE E 81 -9.80 -5.36 -5.08
C ILE E 81 -9.21 -6.04 -3.87
N PHE E 82 -10.02 -6.76 -3.11
CA PHE E 82 -9.55 -7.43 -1.91
C PHE E 82 -8.68 -8.66 -2.26
N ASP E 83 -7.75 -8.98 -1.37
CA ASP E 83 -6.83 -10.06 -1.60
C ASP E 83 -7.54 -11.34 -2.04
N SER E 84 -8.70 -11.59 -1.45
CA SER E 84 -9.50 -12.77 -1.76
C SER E 84 -10.11 -12.68 -3.16
N GLU E 85 -10.47 -11.48 -3.59
CA GLU E 85 -11.01 -11.27 -4.93
C GLU E 85 -9.91 -11.41 -5.99
N ALA E 86 -8.73 -10.89 -5.66
CA ALA E 86 -7.58 -10.95 -6.52
C ALA E 86 -7.27 -12.42 -6.76
N GLU E 87 -7.06 -13.14 -5.68
CA GLU E 87 -6.81 -14.57 -5.74
C GLU E 87 -7.88 -15.29 -6.57
N ALA E 88 -9.13 -14.93 -6.35
CA ALA E 88 -10.25 -15.59 -7.01
C ALA E 88 -10.25 -15.37 -8.53
N VAL E 89 -9.96 -14.15 -8.95
CA VAL E 89 -9.95 -13.79 -10.36
C VAL E 89 -8.69 -14.42 -11.04
N GLN E 90 -7.58 -14.52 -10.31
CA GLN E 90 -6.41 -15.24 -10.77
C GLN E 90 -6.67 -16.75 -10.96
N ALA E 91 -7.34 -17.35 -9.97
CA ALA E 91 -7.69 -18.75 -10.01
C ALA E 91 -8.67 -19.03 -11.14
N ALA E 92 -9.61 -18.12 -11.36
CA ALA E 92 -10.59 -18.28 -12.43
C ALA E 92 -9.91 -18.27 -13.82
N ILE E 93 -8.88 -17.45 -13.98
CA ILE E 93 -8.27 -17.32 -15.30
C ILE E 93 -7.32 -18.52 -15.52
N LEU E 94 -6.66 -19.00 -14.47
CA LEU E 94 -5.88 -20.22 -14.56
C LEU E 94 -6.78 -21.37 -15.05
N LEU E 95 -8.05 -21.35 -14.63
CA LEU E 95 -8.94 -22.49 -14.84
C LEU E 95 -9.92 -22.35 -16.00
N HIS E 96 -9.98 -21.16 -16.60
CA HIS E 96 -11.05 -20.81 -17.57
C HIS E 96 -11.13 -21.75 -18.77
N ASP E 97 -10.01 -22.36 -19.17
CA ASP E 97 -10.00 -23.25 -20.32
C ASP E 97 -9.73 -24.70 -19.91
N ILE E 98 -9.87 -25.03 -18.63
CA ILE E 98 -9.56 -26.40 -18.14
C ILE E 98 -10.45 -27.50 -18.77
N GLY E 99 -11.63 -27.14 -19.23
CA GLY E 99 -12.58 -28.12 -19.75
C GLY E 99 -12.37 -28.52 -21.20
N HIS E 100 -11.37 -27.94 -21.87
CA HIS E 100 -11.01 -28.33 -23.23
C HIS E 100 -10.34 -29.69 -23.30
N GLY E 101 -10.88 -30.57 -24.13
CA GLY E 101 -10.18 -31.80 -24.47
C GLY E 101 -9.36 -31.58 -25.72
N PRO E 102 -8.75 -32.66 -26.25
CA PRO E 102 -7.98 -32.52 -27.49
C PRO E 102 -8.95 -32.20 -28.59
N PHE E 103 -8.57 -31.31 -29.50
CA PHE E 103 -9.45 -30.85 -30.57
C PHE E 103 -10.90 -30.63 -30.10
N SER E 104 -11.06 -29.78 -29.08
CA SER E 104 -12.30 -29.82 -28.29
C SER E 104 -13.60 -29.62 -29.11
N HIS E 105 -13.57 -28.70 -30.06
CA HIS E 105 -14.73 -28.46 -30.91
C HIS E 105 -15.03 -29.68 -31.81
N VAL E 106 -13.98 -30.31 -32.35
CA VAL E 106 -14.14 -31.54 -33.09
C VAL E 106 -14.82 -32.64 -32.23
N LEU E 107 -14.42 -32.77 -30.97
CA LEU E 107 -15.05 -33.76 -30.08
C LEU E 107 -16.54 -33.46 -29.88
N GLU E 108 -16.85 -32.18 -29.71
CA GLU E 108 -18.24 -31.73 -29.56
C GLU E 108 -19.09 -32.05 -30.79
N ASP E 109 -18.47 -32.09 -31.96
CA ASP E 109 -19.15 -32.44 -33.21
C ASP E 109 -19.17 -33.94 -33.52
N THR E 110 -18.45 -34.77 -32.76
CA THR E 110 -18.28 -36.18 -33.17
C THR E 110 -18.60 -37.16 -32.07
N ILE E 111 -17.66 -37.39 -31.17
CA ILE E 111 -17.79 -38.51 -30.24
C ILE E 111 -18.02 -38.11 -28.78
N VAL E 112 -18.10 -36.81 -28.50
CA VAL E 112 -18.54 -36.32 -27.19
C VAL E 112 -19.59 -35.24 -27.44
N GLN E 113 -20.67 -35.62 -28.11
CA GLN E 113 -21.63 -34.66 -28.64
C GLN E 113 -22.44 -33.90 -27.59
N GLY E 114 -22.72 -32.64 -27.92
CA GLY E 114 -23.64 -31.82 -27.14
C GLY E 114 -23.16 -31.35 -25.78
N VAL E 115 -21.87 -31.48 -25.52
CA VAL E 115 -21.26 -30.97 -24.30
C VAL E 115 -20.20 -29.96 -24.76
N SER E 116 -20.25 -28.75 -24.21
CA SER E 116 -19.25 -27.73 -24.54
C SER E 116 -18.16 -27.72 -23.48
N HIS E 117 -17.01 -27.19 -23.86
CA HIS E 117 -15.89 -27.05 -22.94
C HIS E 117 -16.24 -26.17 -21.73
N GLU E 118 -17.13 -25.22 -21.94
CA GLU E 118 -17.60 -24.31 -20.91
C GLU E 118 -18.28 -25.11 -19.79
N GLU E 119 -19.14 -26.05 -20.16
CA GLU E 119 -19.79 -26.95 -19.19
C GLU E 119 -18.74 -27.84 -18.51
N ILE E 120 -17.79 -28.36 -19.29
CA ILE E 120 -16.77 -29.26 -18.73
C ILE E 120 -15.86 -28.48 -17.77
N SER E 121 -15.57 -27.22 -18.07
CA SER E 121 -14.75 -26.41 -17.21
C SER E 121 -15.39 -26.24 -15.82
N LEU E 122 -16.68 -25.95 -15.78
CA LEU E 122 -17.44 -25.87 -14.52
C LEU E 122 -17.36 -27.16 -13.70
N MSE E 123 -17.61 -28.27 -14.38
CA MSE E 123 -17.61 -29.55 -13.72
C MSE E 123 -16.29 -29.79 -13.06
O MSE E 123 -16.23 -30.34 -11.94
CB MSE E 123 -17.93 -30.66 -14.72
CG MSE E 123 -19.29 -30.53 -15.36
SE MSE E 123 -19.67 -31.83 -16.78
CE MSE E 123 -19.70 -33.39 -15.63
N LEU E 124 -15.22 -29.41 -13.74
CA LEU E 124 -13.88 -29.64 -13.23
C LEU E 124 -13.52 -28.65 -12.15
N MSE E 125 -14.01 -27.43 -12.29
CA MSE E 125 -13.80 -26.42 -11.25
C MSE E 125 -14.42 -26.90 -9.97
O MSE E 125 -13.77 -26.87 -8.93
CB MSE E 125 -14.42 -25.09 -11.66
CG MSE E 125 -13.58 -24.37 -12.70
SE MSE E 125 -14.38 -22.76 -13.37
CE MSE E 125 -13.59 -21.61 -12.00
N GLU E 126 -15.65 -27.38 -10.06
CA GLU E 126 -16.37 -27.90 -8.92
C GLU E 126 -15.72 -29.14 -8.33
N ARG E 127 -15.19 -29.99 -9.18
CA ARG E 127 -14.45 -31.16 -8.73
C ARG E 127 -13.20 -30.80 -7.93
N MSE E 128 -12.45 -29.83 -8.45
CA MSE E 128 -11.27 -29.34 -7.75
CA MSE E 128 -11.26 -29.33 -7.77
C MSE E 128 -11.65 -28.61 -6.47
O MSE E 128 -10.93 -28.69 -5.46
CB MSE E 128 -10.47 -28.44 -8.66
CB MSE E 128 -10.43 -28.45 -8.69
CG MSE E 128 -9.86 -29.15 -9.84
CG MSE E 128 -9.00 -28.20 -8.21
SE MSE E 128 -9.01 -27.84 -10.96
SE MSE E 128 -8.01 -26.93 -9.34
CE MSE E 128 -7.36 -27.56 -9.96
CE MSE E 128 -8.10 -27.90 -11.02
N ASN E 129 -12.77 -27.91 -6.50
CA ASN E 129 -13.27 -27.16 -5.35
C ASN E 129 -13.53 -28.10 -4.16
N LYS E 130 -14.06 -29.29 -4.43
CA LYS E 130 -14.28 -30.28 -3.38
C LYS E 130 -12.96 -30.76 -2.82
N GLU E 131 -12.01 -31.10 -3.71
CA GLU E 131 -10.67 -31.49 -3.27
C GLU E 131 -10.01 -30.41 -2.45
N MSE E 132 -10.32 -29.15 -2.73
CA MSE E 132 -9.67 -28.03 -2.03
C MSE E 132 -10.57 -27.37 -0.98
O MSE E 132 -10.41 -26.21 -0.63
CB MSE E 132 -9.23 -27.00 -3.06
CG MSE E 132 -8.19 -27.57 -4.01
SE MSE E 132 -7.54 -26.24 -5.23
CE MSE E 132 -5.87 -27.10 -5.80
N ASN E 133 -11.53 -28.16 -0.50
CA ASN E 133 -12.43 -27.74 0.57
C ASN E 133 -12.99 -26.34 0.41
N GLY E 134 -13.51 -26.04 -0.76
CA GLY E 134 -14.22 -24.79 -0.98
C GLY E 134 -13.37 -23.57 -1.27
N GLN E 135 -12.05 -23.72 -1.31
CA GLN E 135 -11.13 -22.61 -1.57
C GLN E 135 -11.31 -21.93 -2.93
N LEU E 136 -11.99 -22.58 -3.88
CA LEU E 136 -12.26 -22.03 -5.21
C LEU E 136 -13.70 -21.48 -5.40
N SER E 137 -14.47 -21.48 -4.33
CA SER E 137 -15.87 -21.08 -4.39
C SER E 137 -16.06 -19.66 -4.96
N LEU E 138 -15.27 -18.71 -4.49
CA LEU E 138 -15.37 -17.33 -4.96
C LEU E 138 -14.95 -17.20 -6.45
N ALA E 139 -13.84 -17.86 -6.82
CA ALA E 139 -13.40 -17.99 -8.23
C ALA E 139 -14.52 -18.45 -9.15
N ILE E 140 -15.23 -19.49 -8.73
CA ILE E 140 -16.32 -20.05 -9.54
C ILE E 140 -17.45 -19.05 -9.66
N GLN E 141 -17.75 -18.38 -8.55
CA GLN E 141 -18.81 -17.38 -8.53
C GLN E 141 -18.48 -16.24 -9.52
N ILE E 142 -17.23 -15.80 -9.51
CA ILE E 142 -16.77 -14.78 -10.46
C ILE E 142 -16.77 -15.29 -11.90
N PHE E 143 -16.30 -16.52 -12.08
CA PHE E 143 -16.35 -17.22 -13.36
C PHE E 143 -17.74 -17.24 -13.94
N LYS E 144 -18.73 -17.52 -13.10
CA LYS E 144 -20.15 -17.61 -13.53
C LYS E 144 -20.84 -16.25 -13.66
N ASP E 145 -20.15 -15.17 -13.27
CA ASP E 145 -20.70 -13.82 -13.26
C ASP E 145 -21.81 -13.64 -12.22
N GLU E 146 -21.65 -14.28 -11.08
CA GLU E 146 -22.63 -14.22 -10.01
C GLU E 146 -22.05 -13.52 -8.80
N TYR E 147 -21.07 -12.64 -9.01
CA TYR E 147 -20.52 -11.82 -7.95
C TYR E 147 -20.94 -10.37 -8.17
N PRO E 148 -21.35 -9.68 -7.09
CA PRO E 148 -21.79 -8.30 -7.24
C PRO E 148 -20.75 -7.31 -7.79
N LYS E 149 -19.45 -7.49 -7.50
CA LYS E 149 -18.39 -6.63 -8.15
C LYS E 149 -18.02 -7.13 -9.57
N ARG E 150 -18.70 -6.60 -10.56
CA ARG E 150 -18.84 -7.30 -11.84
C ARG E 150 -17.70 -7.13 -12.85
N PHE E 151 -16.85 -6.13 -12.64
CA PHE E 151 -15.75 -5.92 -13.54
C PHE E 151 -14.75 -7.07 -13.39
N LEU E 152 -14.74 -7.72 -12.22
CA LEU E 152 -13.88 -8.85 -12.00
C LEU E 152 -14.18 -9.91 -13.08
N HIS E 153 -15.44 -10.32 -13.21
CA HIS E 153 -15.81 -11.26 -14.25
C HIS E 153 -15.37 -10.80 -15.65
N GLN E 154 -15.50 -9.51 -15.92
CA GLN E 154 -15.18 -8.96 -17.23
C GLN E 154 -13.70 -9.16 -17.62
N LEU E 155 -12.85 -9.29 -16.61
CA LEU E 155 -11.44 -9.51 -16.82
C LEU E 155 -11.23 -10.97 -17.26
N VAL E 156 -12.16 -11.86 -16.85
CA VAL E 156 -12.09 -13.27 -17.19
C VAL E 156 -12.72 -13.50 -18.55
N SER E 157 -13.86 -12.84 -18.78
CA SER E 157 -14.61 -13.00 -20.01
C SER E 157 -15.29 -11.69 -20.39
N GLY E 158 -14.97 -11.22 -21.59
CA GLY E 158 -15.47 -9.96 -22.11
C GLY E 158 -14.55 -9.32 -23.17
N GLN E 159 -14.93 -8.15 -23.65
CA GLN E 159 -14.22 -7.50 -24.75
C GLN E 159 -12.73 -7.29 -24.47
N LEU E 160 -12.38 -7.14 -23.21
CA LEU E 160 -11.01 -6.87 -22.79
C LEU E 160 -10.45 -7.98 -21.92
N ASP E 161 -10.99 -9.20 -21.98
CA ASP E 161 -10.59 -10.24 -21.02
C ASP E 161 -9.14 -10.68 -21.23
N MSE E 162 -8.57 -11.26 -20.18
CA MSE E 162 -7.18 -11.69 -20.21
C MSE E 162 -6.98 -12.92 -21.13
O MSE E 162 -5.89 -13.15 -21.61
CB MSE E 162 -6.71 -12.02 -18.81
CG MSE E 162 -6.82 -10.88 -17.81
SE MSE E 162 -5.89 -9.25 -18.29
CE MSE E 162 -7.41 -8.20 -18.89
N ASP E 163 -8.06 -13.67 -21.38
CA ASP E 163 -8.10 -14.79 -22.31
C ASP E 163 -7.58 -14.35 -23.67
N ARG E 164 -8.27 -13.38 -24.26
CA ARG E 164 -7.97 -12.96 -25.62
C ARG E 164 -6.72 -12.10 -25.72
N LEU E 165 -6.44 -11.33 -24.70
CA LEU E 165 -5.23 -10.59 -24.67
C LEU E 165 -4.01 -11.53 -24.60
N ASP E 166 -4.18 -12.74 -24.06
CA ASP E 166 -3.12 -13.72 -24.19
C ASP E 166 -3.20 -14.38 -25.56
N TYR E 167 -4.35 -14.90 -25.97
CA TYR E 167 -4.31 -15.77 -27.13
C TYR E 167 -3.98 -15.02 -28.40
N LEU E 168 -4.50 -13.80 -28.55
CA LEU E 168 -4.22 -13.08 -29.77
C LEU E 168 -2.73 -12.85 -29.89
N ARG E 169 -2.07 -12.51 -28.78
CA ARG E 169 -0.64 -12.24 -28.80
C ARG E 169 0.18 -13.55 -28.93
N ARG E 170 -0.23 -14.61 -28.21
CA ARG E 170 0.50 -15.88 -28.20
C ARG E 170 0.39 -16.55 -29.55
N ASP E 171 -0.81 -16.60 -30.08
CA ASP E 171 -1.08 -17.27 -31.34
C ASP E 171 -0.30 -16.59 -32.46
N SER E 172 -0.27 -15.27 -32.42
CA SER E 172 0.47 -14.45 -33.39
C SER E 172 1.97 -14.72 -33.33
N PHE E 173 2.46 -14.73 -32.11
CA PHE E 173 3.90 -14.98 -31.81
C PHE E 173 4.34 -16.37 -32.33
N TYR E 174 3.52 -17.40 -32.11
CA TYR E 174 3.92 -18.78 -32.43
C TYR E 174 3.67 -19.14 -33.92
N THR E 175 2.60 -18.66 -34.50
CA THR E 175 2.35 -18.82 -35.92
C THR E 175 3.37 -18.00 -36.73
N GLY E 176 3.75 -16.84 -36.22
CA GLY E 176 4.61 -15.93 -36.95
C GLY E 176 3.85 -14.90 -37.79
N VAL E 177 2.54 -14.90 -37.69
CA VAL E 177 1.69 -13.90 -38.30
C VAL E 177 1.81 -12.64 -37.44
N THR E 178 2.89 -11.91 -37.65
CA THR E 178 3.19 -10.74 -36.86
C THR E 178 2.22 -9.59 -37.11
N GLU E 179 1.43 -9.69 -38.17
CA GLU E 179 0.44 -8.69 -38.52
C GLU E 179 -0.75 -8.78 -37.57
N GLY E 180 -0.83 -9.88 -36.84
CA GLY E 180 -1.83 -10.06 -35.80
C GLY E 180 -1.34 -9.66 -34.44
N ASN E 181 -0.14 -9.13 -34.30
CA ASN E 181 0.35 -8.82 -32.98
C ASN E 181 -0.46 -7.70 -32.26
N ILE E 182 -0.60 -7.81 -30.92
CA ILE E 182 -1.29 -6.80 -30.11
C ILE E 182 -0.44 -6.50 -28.92
N GLY E 183 -0.65 -5.31 -28.35
CA GLY E 183 0.11 -4.84 -27.19
C GLY E 183 -0.62 -5.14 -25.89
N SER E 184 -0.68 -6.42 -25.56
CA SER E 184 -1.45 -6.85 -24.40
C SER E 184 -1.07 -6.05 -23.17
N ALA E 185 0.23 -6.00 -22.85
CA ALA E 185 0.69 -5.31 -21.63
C ALA E 185 0.32 -3.81 -21.64
N ARG E 186 0.43 -3.21 -22.81
CA ARG E 186 0.05 -1.82 -23.02
C ARG E 186 -1.42 -1.50 -22.82
N ILE E 187 -2.28 -2.35 -23.38
CA ILE E 187 -3.73 -2.26 -23.16
C ILE E 187 -3.99 -2.34 -21.64
N ILE E 188 -3.40 -3.32 -20.97
CA ILE E 188 -3.63 -3.48 -19.53
C ILE E 188 -3.19 -2.25 -18.72
N LYS E 189 -2.15 -1.56 -19.18
CA LYS E 189 -1.72 -0.30 -18.54
C LYS E 189 -2.71 0.87 -18.70
N MSE E 190 -3.61 0.77 -19.67
CA MSE E 190 -4.61 1.79 -19.92
C MSE E 190 -5.99 1.43 -19.37
O MSE E 190 -6.97 2.12 -19.63
CB MSE E 190 -4.68 2.01 -21.42
CG MSE E 190 -3.41 2.56 -21.99
SE MSE E 190 -2.84 4.34 -21.33
CE MSE E 190 -1.77 3.87 -19.83
N LEU E 191 -6.05 0.35 -18.60
CA LEU E 191 -7.29 -0.24 -18.15
C LEU E 191 -7.77 0.52 -16.88
N ASP E 192 -9.07 0.75 -16.79
CA ASP E 192 -9.67 1.23 -15.55
C ASP E 192 -11.11 0.70 -15.44
N VAL E 193 -11.77 1.09 -14.34
CA VAL E 193 -13.21 0.80 -14.12
C VAL E 193 -14.01 2.10 -14.05
N ALA E 194 -15.17 2.13 -14.70
CA ALA E 194 -16.16 3.19 -14.49
C ALA E 194 -17.54 2.51 -14.39
N ASP E 195 -18.29 2.82 -13.34
CA ASP E 195 -19.65 2.22 -13.12
C ASP E 195 -19.63 0.69 -13.13
N ASP E 196 -18.66 0.12 -12.41
CA ASP E 196 -18.48 -1.35 -12.28
C ASP E 196 -18.31 -2.05 -13.63
N ARG E 197 -17.70 -1.37 -14.58
CA ARG E 197 -17.43 -1.94 -15.87
C ARG E 197 -16.02 -1.49 -16.37
N LEU E 198 -15.35 -2.34 -17.13
CA LEU E 198 -14.02 -2.04 -17.60
C LEU E 198 -14.05 -0.98 -18.72
N VAL E 199 -13.13 -0.02 -18.61
CA VAL E 199 -12.93 1.01 -19.63
C VAL E 199 -11.44 1.11 -19.97
N ILE E 200 -11.16 1.75 -21.09
CA ILE E 200 -9.78 2.04 -21.45
C ILE E 200 -9.56 3.54 -21.54
N GLU E 201 -8.49 3.99 -20.90
CA GLU E 201 -8.08 5.39 -20.95
C GLU E 201 -7.78 5.87 -22.37
N SER E 202 -8.24 7.08 -22.67
CA SER E 202 -8.18 7.67 -24.03
C SER E 202 -6.80 7.63 -24.68
N LYS E 203 -5.76 7.69 -23.86
CA LYS E 203 -4.39 7.58 -24.31
C LYS E 203 -4.12 6.24 -25.02
N GLY E 204 -4.91 5.20 -24.73
CA GLY E 204 -4.78 3.92 -25.40
C GLY E 204 -5.72 3.70 -26.57
N ILE E 205 -6.31 4.75 -27.13
CA ILE E 205 -7.23 4.54 -28.23
C ILE E 205 -6.51 3.76 -29.33
N TYR E 206 -5.27 4.08 -29.58
CA TYR E 206 -4.55 3.44 -30.69
C TYR E 206 -4.15 2.00 -30.44
N SER E 207 -3.78 1.67 -29.20
CA SER E 207 -3.65 0.28 -28.79
C SER E 207 -4.92 -0.54 -29.05
N ILE E 208 -6.07 0.10 -28.87
CA ILE E 208 -7.34 -0.53 -29.01
C ILE E 208 -7.73 -0.62 -30.47
N GLU E 209 -7.40 0.40 -31.26
CA GLU E 209 -7.65 0.33 -32.72
C GLU E 209 -6.93 -0.89 -33.33
N ASN E 210 -5.67 -1.05 -32.95
CA ASN E 210 -4.85 -2.17 -33.40
C ASN E 210 -5.38 -3.54 -32.94
N PHE E 211 -5.79 -3.58 -31.67
CA PHE E 211 -6.44 -4.73 -31.06
C PHE E 211 -7.61 -5.20 -31.92
N LEU E 212 -8.48 -4.27 -32.27
CA LEU E 212 -9.69 -4.60 -32.98
C LEU E 212 -9.40 -5.07 -34.42
N THR E 213 -8.39 -4.52 -35.07
CA THR E 213 -8.07 -4.92 -36.43
C THR E 213 -7.33 -6.26 -36.44
N ALA E 214 -6.41 -6.39 -35.49
CA ALA E 214 -5.62 -7.59 -35.31
C ALA E 214 -6.54 -8.79 -35.10
N ARG E 215 -7.59 -8.60 -34.32
CA ARG E 215 -8.49 -9.68 -34.04
C ARG E 215 -9.15 -10.21 -35.31
N ARG E 216 -9.47 -9.29 -36.20
CA ARG E 216 -10.07 -9.60 -37.49
C ARG E 216 -9.10 -10.27 -38.44
N LEU E 217 -7.88 -9.78 -38.47
CA LEU E 217 -6.86 -10.38 -39.31
C LEU E 217 -6.57 -11.81 -38.88
N MSE E 218 -6.46 -12.05 -37.57
CA MSE E 218 -6.20 -13.39 -37.08
C MSE E 218 -7.36 -14.33 -37.35
O MSE E 218 -7.15 -15.52 -37.64
CB MSE E 218 -5.88 -13.38 -35.61
CG MSE E 218 -4.59 -12.69 -35.30
SE MSE E 218 -3.02 -13.67 -35.86
CE MSE E 218 -3.09 -15.07 -34.43
N TYR E 219 -8.58 -13.81 -37.32
CA TYR E 219 -9.78 -14.58 -37.64
C TYR E 219 -9.66 -15.24 -38.99
N TRP E 220 -9.27 -14.47 -39.99
CA TRP E 220 -9.24 -14.95 -41.37
C TRP E 220 -7.94 -15.60 -41.79
N GLN E 221 -6.82 -15.03 -41.32
CA GLN E 221 -5.52 -15.52 -41.67
C GLN E 221 -5.16 -16.84 -40.93
N VAL E 222 -5.67 -17.02 -39.72
CA VAL E 222 -5.29 -18.15 -38.89
C VAL E 222 -6.47 -19.05 -38.55
N TYR E 223 -7.44 -18.52 -37.80
CA TYR E 223 -8.49 -19.38 -37.23
C TYR E 223 -9.43 -19.96 -38.28
N LEU E 224 -9.66 -19.23 -39.36
CA LEU E 224 -10.48 -19.72 -40.47
C LEU E 224 -9.68 -19.91 -41.74
N HIS E 225 -8.38 -20.13 -41.61
CA HIS E 225 -7.56 -20.49 -42.74
C HIS E 225 -8.13 -21.75 -43.38
N LYS E 226 -8.25 -21.71 -44.71
CA LYS E 226 -8.99 -22.74 -45.42
C LYS E 226 -8.33 -24.11 -45.30
N THR E 227 -7.01 -24.15 -45.27
CA THR E 227 -6.33 -25.40 -45.08
C THR E 227 -6.65 -26.01 -43.69
N SER E 228 -6.74 -25.17 -42.65
CA SER E 228 -7.18 -25.60 -41.30
C SER E 228 -8.65 -26.05 -41.27
N VAL E 229 -9.49 -25.40 -42.05
CA VAL E 229 -10.89 -25.82 -42.20
C VAL E 229 -10.96 -27.22 -42.88
N ALA E 230 -10.18 -27.40 -43.95
CA ALA E 230 -10.06 -28.72 -44.59
C ALA E 230 -9.63 -29.79 -43.60
N TYR E 231 -8.51 -29.54 -42.91
CA TYR E 231 -7.93 -30.44 -41.88
C TYR E 231 -8.94 -30.84 -40.82
N GLU E 232 -9.68 -29.86 -40.32
CA GLU E 232 -10.72 -30.13 -39.34
C GLU E 232 -11.83 -31.04 -39.87
N ARG E 233 -12.28 -30.80 -41.10
CA ARG E 233 -13.28 -31.66 -41.72
C ARG E 233 -12.78 -33.12 -41.86
N MSE E 234 -11.51 -33.30 -42.20
CA MSE E 234 -10.92 -34.63 -42.28
C MSE E 234 -10.94 -35.34 -40.94
O MSE E 234 -11.32 -36.51 -40.85
CB MSE E 234 -9.46 -34.52 -42.72
CG MSE E 234 -9.27 -33.98 -44.12
SE MSE E 234 -7.38 -33.96 -44.62
CE MSE E 234 -7.24 -35.84 -44.69
N LEU E 235 -10.53 -34.65 -39.89
CA LEU E 235 -10.56 -35.24 -38.57
C LEU E 235 -11.97 -35.61 -38.13
N ILE E 236 -12.92 -34.74 -38.43
CA ILE E 236 -14.33 -34.99 -38.09
C ILE E 236 -14.79 -36.28 -38.75
N SER E 237 -14.52 -36.40 -40.05
CA SER E 237 -14.82 -37.62 -40.81
C SER E 237 -14.14 -38.87 -40.22
N THR E 238 -12.86 -38.77 -39.92
CA THR E 238 -12.06 -39.87 -39.35
C THR E 238 -12.70 -40.36 -38.07
N LEU E 239 -13.01 -39.46 -37.15
CA LEU E 239 -13.65 -39.89 -35.89
C LEU E 239 -15.09 -40.43 -36.11
N LEU E 240 -15.84 -39.84 -37.02
CA LEU E 240 -17.20 -40.31 -37.26
C LEU E 240 -17.13 -41.75 -37.82
N ARG E 241 -16.25 -41.96 -38.78
CA ARG E 241 -16.05 -43.29 -39.31
C ARG E 241 -15.59 -44.28 -38.25
N ALA E 242 -14.74 -43.85 -37.33
CA ALA E 242 -14.27 -44.71 -36.26
C ALA E 242 -15.43 -45.13 -35.35
N LYS E 243 -16.33 -44.18 -35.07
CA LYS E 243 -17.49 -44.47 -34.25
C LYS E 243 -18.48 -45.39 -34.97
N GLU E 244 -18.62 -45.23 -36.28
CA GLU E 244 -19.47 -46.07 -37.11
C GLU E 244 -18.95 -47.51 -37.10
N LEU E 245 -17.67 -47.70 -37.42
CA LEU E 245 -17.05 -49.02 -37.40
C LEU E 245 -17.12 -49.65 -36.01
N ALA E 246 -16.85 -48.90 -34.96
CA ALA E 246 -16.94 -49.40 -33.58
C ALA E 246 -18.37 -49.86 -33.23
N SER E 247 -19.38 -49.13 -33.71
CA SER E 247 -20.79 -49.46 -33.42
C SER E 247 -21.22 -50.74 -34.14
N GLN E 248 -20.56 -51.04 -35.26
CA GLN E 248 -20.69 -52.32 -35.93
C GLN E 248 -19.80 -53.40 -35.32
N GLY E 249 -19.14 -53.10 -34.20
CA GLY E 249 -18.32 -54.10 -33.53
C GLY E 249 -16.95 -54.33 -34.16
N VAL E 250 -16.54 -53.47 -35.10
CA VAL E 250 -15.16 -53.57 -35.59
C VAL E 250 -14.17 -53.20 -34.49
N GLU E 251 -13.01 -53.83 -34.50
CA GLU E 251 -11.94 -53.57 -33.52
C GLU E 251 -10.97 -52.48 -34.01
N LEU E 252 -10.86 -51.43 -33.21
CA LEU E 252 -10.02 -50.28 -33.49
C LEU E 252 -9.05 -50.07 -32.36
N PHE E 253 -7.78 -49.84 -32.66
CA PHE E 253 -6.83 -49.45 -31.65
C PHE E 253 -7.27 -48.17 -30.96
N ALA E 254 -7.20 -48.16 -29.63
CA ALA E 254 -7.53 -46.97 -28.85
C ALA E 254 -7.12 -47.17 -27.41
N SER E 255 -6.65 -46.09 -26.81
CA SER E 255 -6.43 -46.01 -25.39
C SER E 255 -7.75 -46.22 -24.69
N PRO E 256 -7.73 -46.73 -23.44
CA PRO E 256 -8.99 -46.92 -22.74
C PRO E 256 -9.87 -45.70 -22.70
N ALA E 257 -9.30 -44.52 -22.44
CA ALA E 257 -10.08 -43.28 -22.43
C ALA E 257 -10.79 -43.02 -23.77
N LEU E 258 -10.09 -43.23 -24.88
CA LEU E 258 -10.68 -42.95 -26.19
C LEU E 258 -11.68 -44.06 -26.59
N HIS E 259 -11.36 -45.30 -26.22
CA HIS E 259 -12.22 -46.46 -26.43
C HIS E 259 -13.61 -46.21 -25.88
N PHE E 260 -13.64 -45.68 -24.66
CA PHE E 260 -14.87 -45.32 -23.98
C PHE E 260 -15.81 -44.50 -24.86
N PHE E 261 -15.29 -43.52 -25.58
CA PHE E 261 -16.13 -42.64 -26.37
C PHE E 261 -16.41 -43.19 -27.78
N LEU E 262 -15.60 -44.10 -28.25
CA LEU E 262 -15.82 -44.75 -29.54
C LEU E 262 -16.84 -45.91 -29.49
N TYR E 263 -16.88 -46.63 -28.36
CA TYR E 263 -17.68 -47.85 -28.19
C TYR E 263 -18.87 -47.63 -27.27
N ASN E 264 -19.11 -46.38 -26.88
CA ASN E 264 -20.35 -45.99 -26.22
C ASN E 264 -20.87 -44.75 -26.94
N ASP E 265 -22.18 -44.55 -26.92
CA ASP E 265 -22.76 -43.37 -27.52
C ASP E 265 -22.93 -42.34 -26.42
N ILE E 266 -21.96 -41.43 -26.34
CA ILE E 266 -21.99 -40.38 -25.33
C ILE E 266 -22.66 -39.12 -25.88
N ASN E 267 -23.71 -38.71 -25.20
CA ASN E 267 -24.47 -37.50 -25.51
C ASN E 267 -24.53 -36.66 -24.25
N HIS E 268 -25.14 -35.48 -24.37
CA HIS E 268 -25.25 -34.54 -23.28
C HIS E 268 -25.73 -35.20 -21.98
N THR E 269 -26.88 -35.87 -22.01
CA THR E 269 -27.46 -36.36 -20.74
C THR E 269 -26.65 -37.50 -20.14
N GLU E 270 -26.11 -38.37 -21.00
CA GLU E 270 -25.17 -39.40 -20.56
C GLU E 270 -23.92 -38.80 -19.90
N PHE E 271 -23.39 -37.72 -20.47
CA PHE E 271 -22.19 -37.10 -19.97
C PHE E 271 -22.36 -36.53 -18.57
N HIS E 272 -23.49 -35.87 -18.32
CA HIS E 272 -23.75 -35.28 -17.01
C HIS E 272 -24.18 -36.32 -15.96
N ASN E 273 -24.87 -37.37 -16.41
CA ASN E 273 -25.44 -38.34 -15.48
C ASN E 273 -24.55 -39.54 -15.17
N ASN E 274 -23.77 -39.99 -16.15
CA ASN E 274 -22.82 -41.08 -15.93
C ASN E 274 -21.43 -40.52 -15.59
N PRO E 275 -20.96 -40.69 -14.35
CA PRO E 275 -19.69 -40.10 -13.93
C PRO E 275 -18.44 -40.71 -14.57
N ASP E 276 -18.60 -41.85 -15.25
CA ASP E 276 -17.50 -42.43 -16.01
C ASP E 276 -17.11 -41.59 -17.19
N CYS E 277 -18.07 -40.82 -17.71
CA CYS E 277 -17.80 -39.95 -18.86
C CYS E 277 -16.73 -38.94 -18.51
N LEU E 278 -16.97 -38.15 -17.46
CA LEU E 278 -16.00 -37.15 -17.03
C LEU E 278 -14.65 -37.79 -16.69
N GLU E 279 -14.66 -38.91 -15.99
CA GLU E 279 -13.41 -39.55 -15.62
C GLU E 279 -12.57 -39.95 -16.82
N ASN E 280 -13.22 -40.44 -17.88
CA ASN E 280 -12.48 -40.82 -19.09
C ASN E 280 -12.06 -39.60 -19.89
N PHE E 281 -12.89 -38.56 -19.88
CA PHE E 281 -12.61 -37.31 -20.60
C PHE E 281 -11.33 -36.67 -20.09
N ILE E 282 -11.19 -36.62 -18.77
CA ILE E 282 -10.02 -36.10 -18.09
C ILE E 282 -8.75 -36.73 -18.62
N GLN E 283 -8.83 -37.98 -19.03
CA GLN E 283 -7.67 -38.75 -19.46
C GLN E 283 -7.35 -38.60 -20.94
N LEU E 284 -8.14 -37.84 -21.69
CA LEU E 284 -7.89 -37.58 -23.09
C LEU E 284 -6.98 -36.39 -23.29
N ASP E 285 -5.99 -36.54 -24.15
CA ASP E 285 -5.27 -35.39 -24.67
C ASP E 285 -4.87 -35.66 -26.12
N ASP E 286 -4.05 -34.79 -26.71
CA ASP E 286 -3.71 -34.90 -28.13
C ASP E 286 -3.06 -36.23 -28.45
N ASN E 287 -2.29 -36.75 -27.52
CA ASN E 287 -1.62 -38.05 -27.70
C ASN E 287 -2.58 -39.20 -28.02
N ASP E 288 -3.72 -39.18 -27.35
CA ASP E 288 -4.76 -40.19 -27.61
C ASP E 288 -5.24 -40.13 -29.04
N ILE E 289 -5.48 -38.93 -29.57
CA ILE E 289 -5.98 -38.77 -30.91
C ILE E 289 -4.93 -39.17 -31.95
N TRP E 290 -3.71 -38.68 -31.82
CA TRP E 290 -2.66 -38.94 -32.79
C TRP E 290 -2.25 -40.41 -32.78
N THR E 291 -2.20 -41.03 -31.62
CA THR E 291 -1.88 -42.46 -31.59
C THR E 291 -2.95 -43.27 -32.32
N ALA E 292 -4.21 -42.92 -32.14
CA ALA E 292 -5.29 -43.55 -32.90
C ALA E 292 -5.06 -43.41 -34.40
N LEU E 293 -4.91 -42.18 -34.86
CA LEU E 293 -4.71 -41.90 -36.26
C LEU E 293 -3.51 -42.63 -36.85
N LYS E 294 -2.43 -42.67 -36.08
CA LYS E 294 -1.20 -43.34 -36.50
C LYS E 294 -1.44 -44.84 -36.76
N VAL E 295 -2.12 -45.50 -35.82
CA VAL E 295 -2.35 -46.92 -35.92
C VAL E 295 -3.47 -47.22 -36.96
N TRP E 296 -4.49 -46.38 -36.97
CA TRP E 296 -5.61 -46.54 -37.89
C TRP E 296 -5.23 -46.33 -39.34
N SER E 297 -4.05 -45.75 -39.59
CA SER E 297 -3.60 -45.52 -40.92
C SER E 297 -3.18 -46.85 -41.59
N ASN E 298 -2.98 -47.91 -40.81
CA ASN E 298 -2.80 -49.26 -41.37
C ASN E 298 -4.04 -50.16 -41.21
N HIS E 299 -5.17 -49.61 -40.83
CA HIS E 299 -6.39 -50.40 -40.62
C HIS E 299 -6.90 -50.95 -41.95
N PRO E 300 -7.52 -52.15 -41.94
CA PRO E 300 -8.05 -52.68 -43.19
C PRO E 300 -9.15 -51.85 -43.86
N ASP E 301 -9.98 -51.17 -43.07
CA ASP E 301 -10.99 -50.28 -43.63
C ASP E 301 -10.37 -49.20 -44.52
N LYS E 302 -10.88 -49.09 -45.73
CA LYS E 302 -10.32 -48.16 -46.72
C LYS E 302 -10.61 -46.70 -46.38
N VAL E 303 -11.81 -46.44 -45.87
CA VAL E 303 -12.22 -45.09 -45.49
C VAL E 303 -11.33 -44.59 -44.33
N LEU E 304 -11.34 -45.33 -43.22
CA LEU E 304 -10.60 -44.99 -42.03
C LEU E 304 -9.12 -44.82 -42.26
N SER E 305 -8.52 -45.78 -42.95
CA SER E 305 -7.08 -45.75 -43.17
C SER E 305 -6.68 -44.63 -44.11
N THR E 306 -7.51 -44.31 -45.09
CA THR E 306 -7.18 -43.27 -46.07
C THR E 306 -7.24 -41.90 -45.38
N LEU E 307 -8.29 -41.70 -44.60
CA LEU E 307 -8.44 -40.50 -43.78
C LEU E 307 -7.27 -40.32 -42.81
N SER E 308 -6.99 -41.38 -42.08
CA SER E 308 -5.93 -41.41 -41.09
C SER E 308 -4.56 -41.13 -41.67
N LEU E 309 -4.25 -41.78 -42.79
CA LEU E 309 -2.96 -41.59 -43.43
C LEU E 309 -2.84 -40.18 -43.93
N GLY E 310 -3.96 -39.64 -44.41
CA GLY E 310 -4.01 -38.26 -44.86
C GLY E 310 -3.67 -37.28 -43.76
N MSE E 311 -4.23 -37.52 -42.58
CA MSE E 311 -3.94 -36.73 -41.40
C MSE E 311 -2.46 -36.79 -41.06
O MSE E 311 -1.83 -35.76 -40.92
CB MSE E 311 -4.69 -37.21 -40.15
CG MSE E 311 -6.22 -37.14 -40.18
SE MSE E 311 -6.87 -35.33 -40.19
CE MSE E 311 -6.25 -34.60 -38.45
N ILE E 312 -1.90 -38.00 -40.90
CA ILE E 312 -0.55 -38.08 -40.37
C ILE E 312 0.50 -37.69 -41.41
N ASN E 313 0.21 -37.88 -42.68
CA ASN E 313 1.16 -37.56 -43.75
C ASN E 313 0.89 -36.24 -44.42
N ARG E 314 -0.08 -35.51 -43.89
CA ARG E 314 -0.42 -34.18 -44.38
C ARG E 314 -0.76 -34.20 -45.86
N ASN E 315 -1.60 -35.15 -46.22
CA ASN E 315 -2.30 -35.13 -47.48
C ASN E 315 -3.66 -34.55 -47.27
N ILE E 316 -3.76 -33.24 -47.41
CA ILE E 316 -4.97 -32.55 -46.97
C ILE E 316 -5.93 -32.42 -48.14
N PHE E 317 -7.23 -32.53 -47.83
CA PHE E 317 -8.30 -32.31 -48.80
C PHE E 317 -8.07 -31.03 -49.57
N LYS E 318 -8.32 -31.07 -50.88
CA LYS E 318 -8.36 -29.84 -51.68
C LYS E 318 -9.52 -29.01 -51.11
N VAL E 319 -9.35 -27.68 -51.07
CA VAL E 319 -10.38 -26.77 -50.55
C VAL E 319 -10.65 -25.66 -51.54
N GLU E 320 -11.92 -25.49 -51.87
CA GLU E 320 -12.36 -24.35 -52.67
C GLU E 320 -13.27 -23.51 -51.79
N ASN E 321 -13.35 -22.23 -52.08
CA ASN E 321 -14.35 -21.40 -51.43
C ASN E 321 -15.11 -20.62 -52.48
N SER E 322 -16.35 -20.32 -52.12
CA SER E 322 -17.27 -19.62 -53.00
C SER E 322 -18.12 -18.66 -52.19
N ALA E 323 -18.54 -17.57 -52.83
CA ALA E 323 -19.41 -16.58 -52.20
C ALA E 323 -20.85 -17.10 -52.15
N GLU E 324 -21.17 -18.05 -53.03
CA GLU E 324 -22.48 -18.71 -53.04
C GLU E 324 -22.37 -20.18 -52.65
N PRO E 325 -23.48 -20.75 -52.17
CA PRO E 325 -23.52 -22.16 -51.81
C PRO E 325 -23.02 -23.09 -52.89
N ILE E 326 -22.48 -24.23 -52.46
CA ILE E 326 -21.94 -25.21 -53.38
C ILE E 326 -23.11 -25.99 -54.01
N GLY E 327 -23.08 -26.09 -55.32
CA GLY E 327 -24.15 -26.75 -56.06
C GLY E 327 -24.17 -28.26 -55.84
N GLU E 328 -25.36 -28.79 -55.59
CA GLU E 328 -25.55 -30.24 -55.40
C GLU E 328 -25.01 -31.07 -56.58
N ASP E 329 -24.92 -30.48 -57.76
CA ASP E 329 -24.37 -31.21 -58.91
C ASP E 329 -22.87 -31.45 -58.77
N ARG E 330 -22.14 -30.43 -58.27
CA ARG E 330 -20.69 -30.54 -58.03
C ARG E 330 -20.40 -31.62 -57.00
N ILE E 331 -21.17 -31.59 -55.93
CA ILE E 331 -21.01 -32.51 -54.82
C ILE E 331 -21.15 -33.94 -55.32
N LYS E 332 -22.27 -34.21 -56.01
CA LYS E 332 -22.53 -35.56 -56.56
C LYS E 332 -21.43 -36.03 -57.54
N GLU E 333 -20.95 -35.12 -58.36
CA GLU E 333 -19.88 -35.42 -59.30
C GLU E 333 -18.62 -35.86 -58.56
N LEU E 334 -18.21 -35.08 -57.57
CA LEU E 334 -17.00 -35.38 -56.78
C LEU E 334 -17.18 -36.67 -55.98
N THR E 335 -18.34 -36.82 -55.35
CA THR E 335 -18.58 -37.98 -54.54
C THR E 335 -18.46 -39.24 -55.39
N LEU E 336 -18.93 -39.15 -56.63
CA LEU E 336 -18.89 -40.27 -57.57
C LEU E 336 -17.47 -40.57 -57.99
N GLN E 337 -16.75 -39.54 -58.44
CA GLN E 337 -15.32 -39.68 -58.79
C GLN E 337 -14.50 -40.31 -57.65
N ILE E 338 -14.76 -39.90 -56.41
CA ILE E 338 -13.98 -40.38 -55.28
C ILE E 338 -14.37 -41.81 -54.97
N SER E 339 -15.67 -42.08 -55.05
CA SER E 339 -16.17 -43.45 -54.92
C SER E 339 -15.48 -44.43 -55.85
N GLN E 340 -15.29 -43.96 -57.10
CA GLN E 340 -14.61 -44.73 -58.11
C GLN E 340 -13.10 -44.80 -57.87
N GLN E 341 -12.44 -43.66 -57.64
CA GLN E 341 -10.97 -43.66 -57.49
C GLN E 341 -10.47 -44.46 -56.27
N LEU E 342 -11.26 -44.50 -55.19
CA LEU E 342 -10.86 -45.21 -53.98
C LEU E 342 -11.46 -46.58 -53.90
N GLY E 343 -12.49 -46.83 -54.71
CA GLY E 343 -13.16 -48.12 -54.71
C GLY E 343 -13.98 -48.30 -53.46
N ILE E 344 -14.86 -47.34 -53.20
CA ILE E 344 -15.74 -47.40 -52.02
C ILE E 344 -17.17 -47.12 -52.47
N THR E 345 -18.14 -47.41 -51.62
CA THR E 345 -19.54 -47.15 -51.95
C THR E 345 -19.77 -45.65 -51.98
N LEU E 346 -20.85 -45.25 -52.65
CA LEU E 346 -21.17 -43.84 -52.83
C LEU E 346 -21.38 -43.22 -51.46
N SER E 347 -22.07 -43.96 -50.60
CA SER E 347 -22.35 -43.60 -49.22
C SER E 347 -21.08 -43.41 -48.38
N GLU E 348 -20.07 -44.23 -48.65
CA GLU E 348 -18.78 -44.10 -48.00
C GLU E 348 -17.98 -42.91 -48.52
N ALA E 349 -18.24 -42.51 -49.75
CA ALA E 349 -17.52 -41.40 -50.35
C ALA E 349 -17.95 -40.08 -49.72
N ASN E 350 -19.10 -40.07 -49.05
CA ASN E 350 -19.56 -38.89 -48.31
C ASN E 350 -18.54 -38.41 -47.27
N TYR E 351 -17.81 -39.36 -46.67
CA TYR E 351 -16.70 -39.05 -45.76
C TYR E 351 -15.58 -38.18 -46.38
N PHE E 352 -15.50 -38.15 -47.70
CA PHE E 352 -14.41 -37.52 -48.43
C PHE E 352 -14.79 -36.27 -49.15
N VAL E 353 -15.99 -35.77 -48.88
CA VAL E 353 -16.47 -34.53 -49.45
C VAL E 353 -17.18 -33.81 -48.33
N SER E 354 -16.84 -32.54 -48.11
CA SER E 354 -17.45 -31.76 -47.02
C SER E 354 -17.70 -30.33 -47.49
N THR E 355 -18.80 -29.75 -47.03
CA THR E 355 -19.21 -28.42 -47.45
C THR E 355 -19.62 -27.59 -46.24
N PRO E 356 -18.66 -27.21 -45.41
CA PRO E 356 -18.97 -26.40 -44.29
C PRO E 356 -19.12 -24.97 -44.79
N SER E 357 -19.70 -24.12 -43.97
CA SER E 357 -19.84 -22.75 -44.36
C SER E 357 -19.76 -21.83 -43.15
N ILE E 358 -19.33 -20.61 -43.40
CA ILE E 358 -19.31 -19.60 -42.37
C ILE E 358 -20.10 -18.40 -42.86
N GLU E 359 -20.97 -17.93 -42.00
CA GLU E 359 -21.68 -16.68 -42.23
CA GLU E 359 -21.69 -16.67 -42.20
C GLU E 359 -21.41 -15.82 -40.99
N LYS E 360 -20.64 -14.75 -41.18
CA LYS E 360 -20.11 -14.01 -40.06
C LYS E 360 -20.33 -12.52 -40.19
N ASN E 361 -20.89 -11.91 -39.16
CA ASN E 361 -20.88 -10.44 -39.08
C ASN E 361 -19.61 -9.92 -38.45
N MSE E 362 -18.84 -9.14 -39.21
CA MSE E 362 -17.52 -8.71 -38.75
C MSE E 362 -17.55 -7.66 -37.64
O MSE E 362 -16.56 -7.47 -36.97
CB MSE E 362 -16.70 -8.19 -39.93
CG MSE E 362 -16.43 -9.22 -40.98
SE MSE E 362 -15.58 -10.82 -40.20
CE MSE E 362 -13.87 -9.89 -39.74
N TYR E 363 -18.68 -7.00 -37.44
CA TYR E 363 -18.82 -6.11 -36.31
C TYR E 363 -19.74 -6.78 -35.33
N ASP E 364 -19.29 -6.88 -34.09
CA ASP E 364 -20.03 -7.54 -33.05
C ASP E 364 -19.69 -6.85 -31.75
N PRO E 365 -20.69 -6.26 -31.09
CA PRO E 365 -20.38 -5.51 -29.87
C PRO E 365 -19.84 -6.39 -28.76
N ALA E 366 -20.12 -7.69 -28.82
CA ALA E 366 -19.62 -8.64 -27.84
C ALA E 366 -18.08 -8.69 -27.85
N ASP E 367 -17.50 -8.40 -29.03
CA ASP E 367 -16.06 -8.22 -29.16
C ASP E 367 -15.56 -6.78 -29.29
N ASP E 368 -16.40 -5.91 -29.85
CA ASP E 368 -15.98 -4.62 -30.36
C ASP E 368 -16.39 -3.41 -29.52
N SER E 369 -17.40 -3.57 -28.69
CA SER E 369 -17.89 -2.43 -27.92
C SER E 369 -16.99 -2.25 -26.72
N ILE E 370 -16.08 -1.31 -26.84
CA ILE E 370 -15.16 -0.98 -25.78
C ILE E 370 -15.32 0.49 -25.50
N ASP E 371 -15.40 0.80 -24.22
CA ASP E 371 -15.61 2.18 -23.79
C ASP E 371 -14.33 2.88 -23.41
N ILE E 372 -14.19 4.07 -23.97
CA ILE E 372 -13.00 4.88 -23.75
C ILE E 372 -13.35 5.98 -22.73
N ILE E 373 -12.58 6.06 -21.65
CA ILE E 373 -12.73 7.17 -20.69
C ILE E 373 -11.68 8.28 -20.91
N TYR E 374 -12.16 9.53 -20.87
CA TYR E 374 -11.30 10.70 -21.03
C TYR E 374 -10.90 11.36 -19.69
N LYS E 375 -9.90 12.25 -19.72
CA LYS E 375 -9.37 12.90 -18.49
C LYS E 375 -10.45 13.65 -17.72
N ASP E 376 -11.46 14.15 -18.43
CA ASP E 376 -12.59 14.83 -17.82
C ASP E 376 -13.70 13.90 -17.32
N GLY E 377 -13.45 12.59 -17.32
CA GLY E 377 -14.46 11.60 -16.92
C GLY E 377 -15.55 11.31 -17.94
N THR E 378 -15.50 11.95 -19.11
CA THR E 378 -16.45 11.56 -20.16
C THR E 378 -16.04 10.22 -20.82
N ILE E 379 -17.04 9.53 -21.36
CA ILE E 379 -16.88 8.19 -21.87
C ILE E 379 -17.52 8.08 -23.25
N LYS E 380 -16.72 7.66 -24.24
CA LYS E 380 -17.22 7.37 -25.59
C LYS E 380 -16.97 5.91 -25.94
N ASN E 381 -17.85 5.35 -26.76
CA ASN E 381 -17.54 4.10 -27.41
C ASN E 381 -16.35 4.29 -28.35
N ILE E 382 -15.53 3.23 -28.51
CA ILE E 382 -14.37 3.27 -29.39
C ILE E 382 -14.76 3.71 -30.80
N ALA E 383 -15.97 3.33 -31.23
CA ALA E 383 -16.48 3.68 -32.56
C ALA E 383 -16.56 5.18 -32.81
N GLU E 384 -16.84 5.93 -31.76
CA GLU E 384 -16.89 7.40 -31.82
C GLU E 384 -15.55 8.01 -31.47
N ALA E 385 -14.86 7.41 -30.51
CA ALA E 385 -13.55 7.87 -30.07
C ALA E 385 -12.47 7.76 -31.16
N SER E 386 -12.58 6.76 -32.02
CA SER E 386 -11.56 6.56 -33.06
C SER E 386 -11.83 7.53 -34.21
N ASP E 387 -10.79 8.19 -34.69
CA ASP E 387 -10.90 8.88 -35.98
C ASP E 387 -11.01 7.93 -37.16
N MSE E 388 -10.33 6.80 -37.19
CA MSE E 388 -10.35 5.91 -38.35
CA MSE E 388 -10.42 5.95 -38.37
C MSE E 388 -11.50 4.89 -38.25
O MSE E 388 -12.14 4.56 -39.26
CB MSE E 388 -8.99 5.20 -38.56
CB MSE E 388 -9.09 5.33 -38.75
CG MSE E 388 -8.81 3.85 -37.81
CG MSE E 388 -8.42 6.02 -39.92
SE MSE E 388 -6.96 3.29 -37.46
SE MSE E 388 -9.58 6.52 -41.42
CE MSE E 388 -6.46 4.82 -36.31
CE MSE E 388 -10.04 8.35 -40.96
N LEU E 389 -11.72 4.35 -37.06
CA LEU E 389 -12.69 3.25 -36.98
C LEU E 389 -14.10 3.80 -36.80
N ASN E 390 -15.08 3.12 -37.38
CA ASN E 390 -16.49 3.43 -37.10
C ASN E 390 -17.33 2.25 -37.49
N ILE E 391 -18.57 2.26 -37.05
CA ILE E 391 -19.38 1.08 -37.20
C ILE E 391 -19.58 0.74 -38.65
N SER E 392 -19.59 1.74 -39.52
CA SER E 392 -19.79 1.52 -40.95
C SER E 392 -18.62 0.85 -41.65
N LEU E 393 -17.43 1.22 -41.24
CA LEU E 393 -16.20 0.60 -41.73
C LEU E 393 -16.12 -0.89 -41.33
N LEU E 394 -16.58 -1.19 -40.12
CA LEU E 394 -16.52 -2.53 -39.57
C LEU E 394 -17.72 -3.42 -39.87
N SER E 395 -18.86 -2.82 -40.20
CA SER E 395 -20.11 -3.57 -40.39
C SER E 395 -20.12 -4.24 -41.75
N LYS E 396 -19.92 -5.55 -41.73
CA LYS E 396 -19.66 -6.35 -42.92
C LYS E 396 -20.10 -7.79 -42.63
N LYS E 397 -20.99 -8.33 -43.46
CA LYS E 397 -21.43 -9.70 -43.32
C LYS E 397 -20.69 -10.50 -44.38
N VAL E 398 -19.98 -11.53 -43.95
CA VAL E 398 -19.16 -12.31 -44.87
C VAL E 398 -19.76 -13.71 -44.92
N LYS E 399 -19.98 -14.20 -46.12
CA LYS E 399 -20.53 -15.55 -46.34
C LYS E 399 -19.54 -16.36 -47.16
N LYS E 400 -19.00 -17.42 -46.57
CA LYS E 400 -18.08 -18.27 -47.31
C LYS E 400 -18.63 -19.67 -47.36
N TYR E 401 -18.53 -20.26 -48.54
CA TYR E 401 -19.02 -21.60 -48.75
C TYR E 401 -17.86 -22.45 -49.18
N TYR E 402 -17.50 -23.42 -48.35
CA TYR E 402 -16.35 -24.26 -48.64
C TYR E 402 -16.79 -25.56 -49.31
N LEU E 403 -15.92 -26.06 -50.17
CA LEU E 403 -16.00 -27.38 -50.74
C LEU E 403 -14.65 -28.03 -50.46
N CYS E 404 -14.63 -29.01 -49.54
CA CYS E 404 -13.41 -29.74 -49.17
C CYS E 404 -13.54 -31.17 -49.63
N TYR E 405 -12.52 -31.71 -50.28
CA TYR E 405 -12.62 -33.10 -50.75
C TYR E 405 -11.29 -33.80 -51.02
N GLN E 406 -11.32 -35.13 -50.97
CA GLN E 406 -10.15 -35.95 -51.27
C GLN E 406 -9.65 -35.62 -52.65
N ARG E 407 -8.34 -35.44 -52.81
CA ARG E 407 -7.81 -35.14 -54.15
C ARG E 407 -7.65 -36.41 -55.00
N ARG F 6 7.10 -19.65 -54.54
CA ARG F 6 7.40 -21.12 -54.53
C ARG F 6 6.37 -21.80 -53.61
N LYS F 7 6.85 -22.59 -52.65
CA LYS F 7 6.11 -22.76 -51.42
C LYS F 7 6.78 -21.92 -50.33
N ILE F 8 5.96 -21.19 -49.58
CA ILE F 8 6.44 -20.28 -48.53
C ILE F 8 5.90 -20.75 -47.16
N ILE F 9 6.77 -21.08 -46.22
CA ILE F 9 6.32 -21.49 -44.88
C ILE F 9 6.74 -20.47 -43.88
N ASN F 10 5.85 -20.16 -42.95
CA ASN F 10 6.16 -19.24 -41.85
C ASN F 10 7.03 -19.85 -40.76
N ASP F 11 8.06 -19.12 -40.35
CA ASP F 11 8.84 -19.49 -39.18
C ASP F 11 9.04 -18.25 -38.31
N PRO F 12 8.51 -18.24 -37.08
CA PRO F 12 8.66 -17.04 -36.24
C PRO F 12 10.10 -16.67 -35.94
N VAL F 13 10.99 -17.65 -35.99
CA VAL F 13 12.39 -17.44 -35.66
C VAL F 13 13.13 -16.66 -36.76
N PHE F 14 12.91 -17.03 -38.02
CA PHE F 14 13.68 -16.45 -39.15
C PHE F 14 12.80 -15.80 -40.20
N GLY F 15 11.49 -16.08 -40.17
CA GLY F 15 10.55 -15.55 -41.13
C GLY F 15 10.06 -16.55 -42.15
N PHE F 16 9.49 -15.98 -43.18
CA PHE F 16 9.20 -16.68 -44.42
CA PHE F 16 9.26 -16.57 -44.47
C PHE F 16 10.37 -17.53 -44.96
N ILE F 17 10.11 -18.83 -45.04
CA ILE F 17 11.06 -19.81 -45.60
C ILE F 17 10.53 -20.26 -46.95
N ASN F 18 11.36 -20.10 -47.97
CA ASN F 18 11.02 -20.45 -49.36
C ASN F 18 11.52 -21.83 -49.73
N ILE F 19 10.62 -22.69 -50.20
CA ILE F 19 10.96 -24.06 -50.58
C ILE F 19 10.70 -24.21 -52.08
N PRO F 20 11.77 -24.37 -52.87
CA PRO F 20 11.62 -24.56 -54.32
C PRO F 20 10.86 -25.81 -54.65
N LYS F 21 9.92 -25.73 -55.59
CA LYS F 21 9.23 -26.93 -56.12
C LYS F 21 10.25 -27.89 -56.69
N GLY F 22 9.89 -29.17 -56.68
CA GLY F 22 10.80 -30.20 -57.13
C GLY F 22 11.30 -31.07 -55.99
N LEU F 23 12.57 -31.41 -56.06
CA LEU F 23 13.17 -32.30 -55.10
C LEU F 23 13.00 -31.78 -53.69
N LEU F 24 13.25 -30.49 -53.49
CA LEU F 24 13.30 -29.95 -52.14
C LEU F 24 11.91 -30.00 -51.52
N TYR F 25 10.91 -29.53 -52.23
CA TYR F 25 9.55 -29.60 -51.73
C TYR F 25 9.10 -31.03 -51.52
N ASP F 26 9.54 -31.91 -52.40
CA ASP F 26 9.22 -33.32 -52.29
C ASP F 26 9.75 -33.95 -51.00
N ILE F 27 10.92 -33.50 -50.57
CA ILE F 27 11.51 -33.93 -49.30
C ILE F 27 10.65 -33.39 -48.13
N VAL F 28 10.38 -32.09 -48.14
CA VAL F 28 9.59 -31.47 -47.07
C VAL F 28 8.25 -32.22 -46.86
N ARG F 29 7.60 -32.62 -47.96
CA ARG F 29 6.29 -33.25 -47.89
C ARG F 29 6.34 -34.77 -47.83
N HIS F 30 7.54 -35.34 -47.80
CA HIS F 30 7.69 -36.77 -47.65
C HIS F 30 7.25 -37.26 -46.26
N PRO F 31 6.53 -38.39 -46.20
CA PRO F 31 6.12 -38.89 -44.89
C PRO F 31 7.21 -38.98 -43.83
N LEU F 32 8.45 -39.30 -44.23
CA LEU F 32 9.54 -39.42 -43.29
C LEU F 32 9.93 -38.09 -42.63
N LEU F 33 9.72 -36.97 -43.31
CA LEU F 33 9.98 -35.66 -42.74
C LEU F 33 8.75 -35.14 -42.02
N GLN F 34 7.57 -35.39 -42.57
CA GLN F 34 6.32 -35.01 -41.92
C GLN F 34 6.16 -35.61 -40.51
N ARG F 35 6.79 -36.75 -40.31
CA ARG F 35 6.76 -37.39 -39.03
C ARG F 35 7.55 -36.64 -37.96
N LEU F 36 8.48 -35.79 -38.40
CA LEU F 36 9.22 -34.91 -37.50
C LEU F 36 8.37 -33.79 -36.90
N THR F 37 7.17 -33.57 -37.44
CA THR F 37 6.18 -32.68 -36.84
C THR F 37 5.64 -33.22 -35.50
N ARG F 38 5.88 -34.51 -35.24
CA ARG F 38 5.44 -35.17 -34.04
C ARG F 38 6.58 -35.60 -33.13
N ILE F 39 7.74 -35.02 -33.32
CA ILE F 39 8.90 -35.28 -32.48
C ILE F 39 9.48 -33.90 -32.04
N LYS F 40 9.46 -33.62 -30.74
CA LYS F 40 10.01 -32.36 -30.26
C LYS F 40 11.53 -32.33 -30.40
N GLN F 41 12.06 -31.14 -30.67
CA GLN F 41 13.50 -30.91 -30.72
C GLN F 41 14.17 -31.09 -29.37
N VAL F 42 13.61 -30.47 -28.34
CA VAL F 42 14.09 -30.66 -26.96
C VAL F 42 12.94 -31.07 -26.02
N GLY F 43 12.43 -32.27 -26.22
CA GLY F 43 11.25 -32.75 -25.52
C GLY F 43 11.38 -32.82 -24.02
N LEU F 44 12.58 -33.04 -23.52
CA LEU F 44 12.79 -33.10 -22.08
C LEU F 44 12.98 -31.70 -21.43
N SER F 45 13.01 -30.65 -22.24
CA SER F 45 13.17 -29.30 -21.74
C SER F 45 11.84 -28.60 -21.35
N SER F 46 10.73 -29.06 -21.90
CA SER F 46 9.46 -28.35 -21.71
C SER F 46 8.92 -28.48 -20.30
N VAL F 47 9.41 -29.45 -19.55
CA VAL F 47 9.12 -29.55 -18.14
C VAL F 47 9.71 -28.39 -17.34
N VAL F 48 10.84 -27.82 -17.78
CA VAL F 48 11.37 -26.57 -17.22
C VAL F 48 10.88 -25.35 -17.99
N TYR F 49 10.88 -25.45 -19.32
CA TYR F 49 10.60 -24.35 -20.21
C TYR F 49 9.37 -24.70 -21.05
N PRO F 50 8.16 -24.33 -20.56
CA PRO F 50 6.95 -24.78 -21.18
C PRO F 50 6.77 -24.24 -22.60
N GLY F 51 7.54 -23.22 -22.97
CA GLY F 51 7.51 -22.70 -24.35
C GLY F 51 8.26 -23.56 -25.36
N ALA F 52 9.10 -24.47 -24.87
CA ALA F 52 9.98 -25.30 -25.70
C ALA F 52 9.21 -26.44 -26.38
N GLN F 53 8.25 -26.05 -27.24
CA GLN F 53 7.34 -26.94 -27.93
C GLN F 53 7.70 -27.15 -29.40
N HIS F 54 8.81 -26.56 -29.82
CA HIS F 54 9.24 -26.67 -31.19
C HIS F 54 9.64 -28.10 -31.64
N THR F 55 9.43 -28.36 -32.93
CA THR F 55 9.56 -29.72 -33.47
C THR F 55 10.82 -29.87 -34.29
N ARG F 56 11.20 -31.12 -34.53
CA ARG F 56 12.36 -31.38 -35.33
C ARG F 56 12.12 -30.97 -36.80
N PHE F 57 10.86 -30.97 -37.18
CA PHE F 57 10.45 -30.45 -38.48
C PHE F 57 10.81 -28.96 -38.64
N GLN F 58 10.52 -28.14 -37.62
CA GLN F 58 10.90 -26.74 -37.63
C GLN F 58 12.38 -26.53 -37.69
N HIS F 59 13.10 -27.31 -36.91
CA HIS F 59 14.54 -27.27 -36.97
C HIS F 59 15.07 -27.56 -38.37
N SER F 60 14.52 -28.60 -38.99
CA SER F 60 14.93 -28.99 -40.33
C SER F 60 14.71 -27.84 -41.36
N LEU F 61 13.52 -27.25 -41.36
CA LEU F 61 13.24 -26.11 -42.21
C LEU F 61 14.11 -24.89 -41.92
N GLY F 62 14.41 -24.69 -40.65
CA GLY F 62 15.20 -23.57 -40.21
C GLY F 62 16.65 -23.70 -40.63
N ALA F 63 17.24 -24.88 -40.40
CA ALA F 63 18.55 -25.19 -40.91
C ALA F 63 18.59 -25.05 -42.44
N PHE F 64 17.52 -25.43 -43.11
CA PHE F 64 17.42 -25.29 -44.56
C PHE F 64 17.38 -23.86 -45.03
N TYR F 65 16.67 -23.02 -44.28
CA TYR F 65 16.64 -21.58 -44.52
C TYR F 65 18.03 -20.97 -44.42
N LEU F 66 18.72 -21.28 -43.33
CA LEU F 66 20.07 -20.78 -43.13
C LEU F 66 21.07 -21.27 -44.18
N MSE F 67 20.85 -22.49 -44.69
CA MSE F 67 21.70 -23.08 -45.75
C MSE F 67 21.57 -22.27 -47.06
O MSE F 67 22.56 -21.90 -47.65
CB MSE F 67 21.37 -24.57 -45.95
CG MSE F 67 22.17 -25.29 -47.08
SE MSE F 67 24.02 -25.38 -46.53
CE MSE F 67 23.74 -26.96 -45.35
N SER F 68 20.32 -21.97 -47.42
CA SER F 68 19.97 -21.18 -48.59
C SER F 68 20.60 -19.80 -48.57
N GLU F 69 20.56 -19.16 -47.41
CA GLU F 69 21.23 -17.90 -47.22
C GLU F 69 22.75 -18.02 -47.34
N ALA F 70 23.31 -19.05 -46.73
CA ALA F 70 24.75 -19.30 -46.80
C ALA F 70 25.25 -19.58 -48.27
N ILE F 71 24.46 -20.26 -49.08
CA ILE F 71 24.81 -20.51 -50.50
C ILE F 71 24.90 -19.16 -51.23
N THR F 72 23.87 -18.35 -51.10
CA THR F 72 23.83 -17.00 -51.66
C THR F 72 25.01 -16.14 -51.27
N GLN F 73 25.36 -16.21 -50.00
CA GLN F 73 26.44 -15.43 -49.48
C GLN F 73 27.79 -15.90 -49.99
N LEU F 74 28.03 -17.20 -49.92
CA LEU F 74 29.29 -17.78 -50.34
C LEU F 74 29.55 -17.58 -51.86
N THR F 75 28.52 -17.71 -52.68
CA THR F 75 28.63 -17.43 -54.11
C THR F 75 28.86 -15.95 -54.39
N SER F 76 28.20 -15.06 -53.63
CA SER F 76 28.42 -13.62 -53.78
C SER F 76 29.85 -13.23 -53.51
N LYS F 77 30.57 -14.06 -52.77
CA LYS F 77 31.97 -13.82 -52.45
C LYS F 77 32.92 -14.59 -53.36
N GLY F 78 32.40 -15.15 -54.45
CA GLY F 78 33.26 -15.76 -55.45
C GLY F 78 33.60 -17.21 -55.24
N ASN F 79 32.77 -17.90 -54.45
CA ASN F 79 32.94 -19.32 -54.21
C ASN F 79 31.94 -20.02 -55.08
N PHE F 80 32.43 -20.79 -56.05
CA PHE F 80 31.57 -21.42 -57.01
C PHE F 80 30.85 -22.58 -56.33
N ILE F 81 29.54 -22.62 -56.53
CA ILE F 81 28.70 -23.72 -56.10
C ILE F 81 27.75 -23.99 -57.25
N PHE F 82 27.84 -25.20 -57.82
CA PHE F 82 26.96 -25.61 -58.90
C PHE F 82 25.56 -25.70 -58.35
N ASP F 83 24.57 -25.48 -59.19
CA ASP F 83 23.19 -25.60 -58.78
C ASP F 83 22.88 -26.98 -58.20
N SER F 84 23.47 -28.04 -58.74
CA SER F 84 23.29 -29.38 -58.22
C SER F 84 23.90 -29.58 -56.83
N GLU F 85 25.04 -28.94 -56.58
CA GLU F 85 25.68 -28.93 -55.28
C GLU F 85 24.83 -28.12 -54.23
N ALA F 86 24.34 -26.96 -54.65
CA ALA F 86 23.41 -26.15 -53.84
C ALA F 86 22.20 -26.99 -53.43
N GLU F 87 21.57 -27.65 -54.41
CA GLU F 87 20.44 -28.52 -54.14
C GLU F 87 20.81 -29.69 -53.20
N ALA F 88 22.00 -30.26 -53.40
CA ALA F 88 22.43 -31.40 -52.62
C ALA F 88 22.64 -31.03 -51.14
N VAL F 89 23.23 -29.85 -50.89
CA VAL F 89 23.50 -29.41 -49.56
C VAL F 89 22.18 -28.95 -48.86
N GLN F 90 21.26 -28.40 -49.63
CA GLN F 90 19.96 -28.10 -49.14
C GLN F 90 19.19 -29.35 -48.75
N ALA F 91 19.33 -30.41 -49.54
CA ALA F 91 18.63 -31.66 -49.27
C ALA F 91 19.27 -32.35 -48.08
N ALA F 92 20.59 -32.29 -47.99
CA ALA F 92 21.31 -32.85 -46.86
C ALA F 92 20.83 -32.22 -45.56
N ILE F 93 20.68 -30.91 -45.49
CA ILE F 93 20.39 -30.27 -44.24
C ILE F 93 18.93 -30.49 -43.92
N LEU F 94 18.08 -30.57 -44.94
CA LEU F 94 16.69 -30.96 -44.69
C LEU F 94 16.56 -32.35 -44.07
N LEU F 95 17.52 -33.23 -44.35
CA LEU F 95 17.44 -34.62 -43.95
C LEU F 95 18.35 -34.99 -42.80
N HIS F 96 19.25 -34.11 -42.40
CA HIS F 96 20.32 -34.45 -41.48
C HIS F 96 19.85 -35.09 -40.16
N ASP F 97 18.67 -34.70 -39.68
CA ASP F 97 18.16 -35.16 -38.40
C ASP F 97 16.97 -36.11 -38.57
N ILE F 98 16.85 -36.71 -39.76
CA ILE F 98 15.68 -37.52 -40.05
C ILE F 98 15.66 -38.86 -39.26
N GLY F 99 16.84 -39.29 -38.81
CA GLY F 99 16.96 -40.51 -38.03
C GLY F 99 16.63 -40.46 -36.53
N HIS F 100 16.27 -39.29 -36.02
CA HIS F 100 15.85 -39.15 -34.62
C HIS F 100 14.49 -39.76 -34.46
N GLY F 101 14.35 -40.65 -33.48
CA GLY F 101 13.02 -41.09 -33.04
C GLY F 101 12.62 -40.17 -31.90
N PRO F 102 11.54 -40.51 -31.21
CA PRO F 102 11.15 -39.73 -30.05
C PRO F 102 12.15 -39.95 -28.93
N PHE F 103 12.49 -38.88 -28.20
CA PHE F 103 13.46 -38.95 -27.13
C PHE F 103 14.64 -39.85 -27.53
N SER F 104 15.28 -39.47 -28.62
CA SER F 104 16.17 -40.37 -29.36
C SER F 104 17.33 -40.89 -28.52
N HIS F 105 17.95 -40.01 -27.75
CA HIS F 105 19.08 -40.42 -26.90
C HIS F 105 18.62 -41.39 -25.79
N VAL F 106 17.41 -41.19 -25.27
CA VAL F 106 16.79 -42.12 -24.33
C VAL F 106 16.57 -43.51 -24.98
N LEU F 107 16.11 -43.54 -26.22
CA LEU F 107 15.90 -44.81 -26.92
C LEU F 107 17.19 -45.58 -27.10
N GLU F 108 18.24 -44.86 -27.44
CA GLU F 108 19.56 -45.45 -27.63
C GLU F 108 20.14 -46.05 -26.31
N ASP F 109 19.67 -45.56 -25.16
CA ASP F 109 20.07 -46.11 -23.87
C ASP F 109 19.15 -47.16 -23.34
N THR F 110 18.02 -47.41 -24.00
CA THR F 110 17.01 -48.28 -23.43
C THR F 110 16.53 -49.35 -24.40
N ILE F 111 15.59 -49.03 -25.28
CA ILE F 111 14.90 -50.07 -26.04
C ILE F 111 15.29 -50.13 -27.53
N VAL F 112 16.14 -49.21 -27.97
CA VAL F 112 16.73 -49.28 -29.33
C VAL F 112 18.24 -49.12 -29.19
N GLN F 113 18.86 -50.03 -28.44
CA GLN F 113 20.23 -49.84 -27.99
C GLN F 113 21.26 -50.01 -29.09
N GLY F 114 22.33 -49.23 -28.97
CA GLY F 114 23.50 -49.35 -29.81
C GLY F 114 23.33 -48.88 -31.25
N VAL F 115 22.24 -48.16 -31.53
CA VAL F 115 22.04 -47.59 -32.86
C VAL F 115 21.91 -46.10 -32.66
N SER F 116 22.66 -45.34 -33.43
CA SER F 116 22.66 -43.89 -33.34
C SER F 116 21.74 -43.27 -34.37
N HIS F 117 21.24 -42.08 -34.08
CA HIS F 117 20.38 -41.39 -35.03
C HIS F 117 21.07 -41.11 -36.35
N GLU F 118 22.37 -40.92 -36.28
CA GLU F 118 23.17 -40.65 -37.45
C GLU F 118 23.17 -41.84 -38.39
N GLU F 119 23.27 -43.06 -37.85
CA GLU F 119 23.12 -44.28 -38.64
C GLU F 119 21.72 -44.38 -39.22
N ILE F 120 20.72 -44.11 -38.41
CA ILE F 120 19.33 -44.22 -38.88
C ILE F 120 19.08 -43.16 -39.96
N SER F 121 19.68 -41.98 -39.82
CA SER F 121 19.49 -40.91 -40.82
C SER F 121 19.97 -41.37 -42.17
N LEU F 122 21.17 -41.97 -42.21
CA LEU F 122 21.73 -42.50 -43.43
C LEU F 122 20.86 -43.64 -44.06
N MSE F 123 20.34 -44.52 -43.24
CA MSE F 123 19.47 -45.58 -43.74
C MSE F 123 18.22 -44.99 -44.35
O MSE F 123 17.73 -45.48 -45.37
CB MSE F 123 19.07 -46.57 -42.64
CG MSE F 123 20.22 -47.30 -41.95
SE MSE F 123 19.72 -48.18 -40.26
CE MSE F 123 18.52 -49.53 -40.97
N LEU F 124 17.68 -43.95 -43.72
CA LEU F 124 16.46 -43.32 -44.21
C LEU F 124 16.72 -42.52 -45.48
N MSE F 125 17.90 -41.90 -45.57
CA MSE F 125 18.26 -41.17 -46.78
C MSE F 125 18.43 -42.15 -47.96
O MSE F 125 17.91 -41.87 -49.04
CB MSE F 125 19.55 -40.37 -46.58
CG MSE F 125 19.41 -39.18 -45.64
SE MSE F 125 21.18 -38.44 -45.22
CE MSE F 125 21.33 -37.34 -46.83
N GLU F 126 19.12 -43.27 -47.75
CA GLU F 126 19.26 -44.29 -48.79
C GLU F 126 17.92 -44.84 -49.23
N ARG F 127 17.04 -45.02 -48.26
CA ARG F 127 15.69 -45.47 -48.53
C ARG F 127 14.94 -44.46 -49.43
N MSE F 128 15.05 -43.19 -49.11
CA MSE F 128 14.39 -42.16 -49.91
CA MSE F 128 14.38 -42.17 -49.91
C MSE F 128 15.05 -42.01 -51.27
O MSE F 128 14.38 -41.70 -52.25
CB MSE F 128 14.43 -40.83 -49.20
CB MSE F 128 14.37 -40.80 -49.21
CG MSE F 128 13.49 -40.74 -48.03
CG MSE F 128 13.36 -39.82 -49.82
SE MSE F 128 13.87 -39.12 -47.10
SE MSE F 128 13.03 -38.21 -48.76
CE MSE F 128 13.32 -37.81 -48.44
CE MSE F 128 13.24 -39.02 -47.00
N ASN F 129 16.36 -42.22 -51.30
CA ASN F 129 17.11 -42.14 -52.52
C ASN F 129 16.66 -43.21 -53.54
N LYS F 130 16.36 -44.42 -53.09
CA LYS F 130 15.78 -45.42 -54.00
C LYS F 130 14.44 -44.93 -54.53
N GLU F 131 13.55 -44.51 -53.63
CA GLU F 131 12.24 -44.00 -54.04
C GLU F 131 12.38 -42.87 -55.08
N MSE F 132 13.45 -42.08 -54.95
CA MSE F 132 13.62 -40.90 -55.77
C MSE F 132 14.65 -41.08 -56.88
O MSE F 132 15.21 -40.10 -57.41
CB MSE F 132 13.94 -39.69 -54.88
CG MSE F 132 12.76 -39.18 -54.09
SE MSE F 132 13.28 -37.78 -52.82
CE MSE F 132 11.55 -37.46 -52.04
N ASN F 133 14.92 -42.34 -57.25
CA ASN F 133 15.75 -42.67 -58.40
C ASN F 133 17.09 -42.00 -58.39
N GLY F 134 17.76 -42.06 -57.24
CA GLY F 134 19.13 -41.58 -57.11
C GLY F 134 19.28 -40.08 -57.00
N GLN F 135 18.17 -39.35 -56.90
CA GLN F 135 18.20 -37.90 -56.87
C GLN F 135 18.89 -37.33 -55.64
N LEU F 136 19.03 -38.15 -54.57
CA LEU F 136 19.72 -37.74 -53.33
C LEU F 136 21.16 -38.22 -53.20
N SER F 137 21.70 -38.81 -54.26
CA SER F 137 23.03 -39.43 -54.20
C SER F 137 24.11 -38.42 -53.87
N LEU F 138 24.13 -37.28 -54.56
CA LEU F 138 25.11 -36.22 -54.25
C LEU F 138 24.93 -35.68 -52.81
N ALA F 139 23.70 -35.44 -52.39
CA ALA F 139 23.38 -35.04 -51.00
C ALA F 139 23.98 -36.00 -49.98
N ILE F 140 23.83 -37.30 -50.22
CA ILE F 140 24.34 -38.34 -49.32
C ILE F 140 25.84 -38.31 -49.31
N GLN F 141 26.43 -38.08 -50.48
CA GLN F 141 27.87 -38.07 -50.64
C GLN F 141 28.47 -36.94 -49.82
N ILE F 142 27.87 -35.76 -49.92
CA ILE F 142 28.21 -34.57 -49.09
C ILE F 142 27.98 -34.87 -47.61
N PHE F 143 26.83 -35.42 -47.29
CA PHE F 143 26.50 -35.81 -45.91
C PHE F 143 27.56 -36.69 -45.27
N LYS F 144 28.12 -37.63 -46.04
CA LYS F 144 29.19 -38.53 -45.59
C LYS F 144 30.58 -37.91 -45.61
N ASP F 145 30.69 -36.69 -46.12
CA ASP F 145 31.97 -36.04 -46.33
C ASP F 145 32.87 -36.86 -47.27
N GLU F 146 32.28 -37.33 -48.35
CA GLU F 146 33.00 -38.11 -49.37
C GLU F 146 32.95 -37.37 -50.72
N TYR F 147 32.77 -36.05 -50.67
CA TYR F 147 32.76 -35.24 -51.87
C TYR F 147 33.99 -34.34 -51.82
N PRO F 148 34.68 -34.18 -52.96
CA PRO F 148 35.95 -33.45 -52.98
C PRO F 148 35.86 -31.94 -52.65
N LYS F 149 34.74 -31.28 -52.91
CA LYS F 149 34.54 -29.87 -52.49
C LYS F 149 34.01 -29.84 -51.04
N ARG F 150 34.95 -29.81 -50.11
CA ARG F 150 34.71 -30.22 -48.74
C ARG F 150 34.05 -29.21 -47.81
N PHE F 151 34.02 -27.93 -48.19
CA PHE F 151 33.35 -26.93 -47.38
C PHE F 151 31.83 -27.17 -47.41
N LEU F 152 31.31 -27.83 -48.45
CA LEU F 152 29.89 -28.11 -48.49
C LEU F 152 29.46 -28.98 -47.33
N HIS F 153 30.20 -30.05 -47.05
CA HIS F 153 29.92 -30.90 -45.90
C HIS F 153 29.99 -30.10 -44.58
N GLN F 154 30.93 -29.18 -44.50
CA GLN F 154 31.11 -28.32 -43.33
C GLN F 154 29.90 -27.46 -42.99
N LEU F 155 29.15 -27.08 -44.01
CA LEU F 155 27.90 -26.37 -43.80
C LEU F 155 26.84 -27.28 -43.18
N VAL F 156 26.95 -28.56 -43.42
CA VAL F 156 26.04 -29.55 -42.88
C VAL F 156 26.49 -29.99 -41.48
N SER F 157 27.79 -30.21 -41.31
CA SER F 157 28.30 -30.69 -40.03
C SER F 157 29.68 -30.15 -39.75
N GLY F 158 29.81 -29.38 -38.68
CA GLY F 158 31.08 -28.76 -38.32
C GLY F 158 30.85 -27.59 -37.42
N GLN F 159 31.92 -26.91 -37.07
CA GLN F 159 31.91 -25.80 -36.13
C GLN F 159 30.92 -24.67 -36.45
N LEU F 160 30.63 -24.45 -37.72
CA LEU F 160 29.77 -23.37 -38.17
C LEU F 160 28.57 -23.94 -38.93
N ASP F 161 28.19 -25.18 -38.64
CA ASP F 161 27.09 -25.77 -39.41
C ASP F 161 25.73 -25.13 -39.17
N MSE F 162 24.88 -25.29 -40.16
CA MSE F 162 23.57 -24.71 -40.16
C MSE F 162 22.69 -25.37 -39.11
O MSE F 162 21.72 -24.78 -38.65
CB MSE F 162 22.90 -24.88 -41.54
CG MSE F 162 23.67 -24.27 -42.72
SE MSE F 162 24.06 -22.40 -42.52
CE MSE F 162 25.95 -22.44 -42.02
N ASP F 163 23.01 -26.61 -38.77
CA ASP F 163 22.34 -27.38 -37.72
C ASP F 163 22.35 -26.61 -36.38
N ARG F 164 23.54 -26.30 -35.89
CA ARG F 164 23.67 -25.62 -34.62
C ARG F 164 23.35 -24.12 -34.69
N LEU F 165 23.55 -23.49 -35.85
CA LEU F 165 23.13 -22.09 -36.01
C LEU F 165 21.61 -22.01 -35.93
N ASP F 166 20.92 -23.05 -36.34
CA ASP F 166 19.48 -23.08 -36.15
C ASP F 166 19.15 -23.41 -34.69
N TYR F 167 19.65 -24.52 -34.17
CA TYR F 167 19.07 -24.99 -32.90
C TYR F 167 19.43 -24.13 -31.68
N LEU F 168 20.62 -23.54 -31.67
CA LEU F 168 21.02 -22.66 -30.60
C LEU F 168 20.11 -21.46 -30.57
N ARG F 169 19.74 -20.93 -31.73
CA ARG F 169 18.84 -19.78 -31.83
CA ARG F 169 18.84 -19.77 -31.80
C ARG F 169 17.38 -20.16 -31.53
N ARG F 170 16.89 -21.22 -32.18
CA ARG F 170 15.50 -21.66 -32.03
C ARG F 170 15.22 -22.13 -30.56
N ASP F 171 16.17 -22.86 -29.98
CA ASP F 171 15.97 -23.40 -28.64
C ASP F 171 15.90 -22.26 -27.62
N SER F 172 16.73 -21.24 -27.81
CA SER F 172 16.74 -20.06 -26.96
C SER F 172 15.46 -19.23 -27.13
N PHE F 173 15.02 -19.07 -28.38
CA PHE F 173 13.78 -18.40 -28.69
C PHE F 173 12.53 -19.04 -28.03
N TYR F 174 12.44 -20.34 -28.12
CA TYR F 174 11.27 -21.07 -27.58
C TYR F 174 11.31 -21.35 -26.05
N THR F 175 12.47 -21.62 -25.49
CA THR F 175 12.57 -21.74 -24.03
C THR F 175 12.29 -20.39 -23.34
N GLY F 176 12.60 -19.30 -24.03
N GLY F 176 12.78 -19.31 -23.95
CA GLY F 176 12.46 -17.97 -23.48
CA GLY F 176 12.92 -18.04 -23.27
C GLY F 176 13.74 -17.52 -22.81
C GLY F 176 13.97 -18.07 -22.17
N VAL F 177 14.79 -18.31 -22.96
N VAL F 177 14.98 -18.93 -22.30
CA VAL F 177 16.11 -17.94 -22.54
CA VAL F 177 15.99 -19.02 -21.26
C VAL F 177 16.73 -17.14 -23.68
C VAL F 177 16.56 -17.61 -20.96
N THR F 178 16.43 -15.85 -23.72
N THR F 178 16.74 -16.81 -22.00
CA THR F 178 16.92 -14.94 -24.76
CA THR F 178 17.25 -15.44 -21.81
C THR F 178 18.42 -14.58 -24.58
C THR F 178 16.76 -14.56 -22.95
N GLU F 179 19.03 -15.17 -23.56
N GLU F 179 17.13 -13.28 -22.94
CA GLU F 179 20.45 -14.98 -23.30
CA GLU F 179 16.76 -12.37 -24.03
C GLU F 179 21.30 -15.96 -24.10
C GLU F 179 17.96 -12.24 -24.98
N GLY F 180 20.66 -16.98 -24.68
N GLY F 180 18.92 -13.15 -24.85
CA GLY F 180 21.39 -18.01 -25.41
CA GLY F 180 20.09 -13.14 -25.69
C GLY F 180 21.21 -17.88 -26.90
C GLY F 180 19.80 -13.62 -27.09
N ASN F 181 20.80 -16.70 -27.33
N ASN F 181 20.64 -13.18 -28.04
CA ASN F 181 20.50 -16.54 -28.73
CA ASN F 181 20.49 -13.52 -29.44
C ASN F 181 21.66 -15.81 -29.41
C ASN F 181 21.83 -13.75 -30.12
N ILE F 182 21.81 -16.09 -30.70
N ILE F 182 22.16 -15.03 -30.31
CA ILE F 182 23.02 -15.78 -31.44
CA ILE F 182 23.22 -15.40 -31.25
C ILE F 182 22.56 -15.14 -32.73
C ILE F 182 22.62 -15.05 -32.61
N GLY F 183 23.42 -14.39 -33.42
CA GLY F 183 22.91 -13.78 -34.66
C GLY F 183 23.14 -14.67 -35.86
N SER F 184 22.38 -15.75 -35.93
CA SER F 184 22.62 -16.77 -36.92
C SER F 184 22.73 -16.21 -38.33
N ALA F 185 21.77 -15.38 -38.74
CA ALA F 185 21.81 -14.73 -40.05
C ALA F 185 23.01 -13.83 -40.23
N ARG F 186 23.41 -13.15 -39.16
CA ARG F 186 24.60 -12.29 -39.24
C ARG F 186 25.83 -13.12 -39.44
N ILE F 187 25.93 -14.23 -38.71
CA ILE F 187 27.10 -15.10 -38.80
C ILE F 187 27.26 -15.63 -40.25
N ILE F 188 26.15 -16.01 -40.84
CA ILE F 188 26.14 -16.48 -42.22
C ILE F 188 26.67 -15.43 -43.17
N LYS F 189 26.30 -14.18 -42.94
CA LYS F 189 26.75 -13.05 -43.78
C LYS F 189 28.25 -12.78 -43.72
N MSE F 190 28.91 -13.34 -42.71
CA MSE F 190 30.33 -13.16 -42.49
C MSE F 190 31.15 -14.39 -42.93
O MSE F 190 32.39 -14.45 -42.77
CB MSE F 190 30.57 -12.92 -41.01
CG MSE F 190 29.86 -11.70 -40.36
SE MSE F 190 30.60 -10.10 -41.09
CE MSE F 190 29.31 -9.75 -42.51
N LEU F 191 30.46 -15.35 -43.52
CA LEU F 191 31.06 -16.63 -43.86
C LEU F 191 31.82 -16.51 -45.18
N ASP F 192 32.89 -17.27 -45.33
CA ASP F 192 33.65 -17.34 -46.58
C ASP F 192 34.40 -18.68 -46.58
N VAL F 193 35.05 -19.01 -47.70
CA VAL F 193 35.89 -20.21 -47.79
C VAL F 193 37.33 -19.80 -48.02
N ALA F 194 38.25 -20.46 -47.32
CA ALA F 194 39.71 -20.37 -47.58
C ALA F 194 40.29 -21.77 -47.55
N ASP F 195 40.98 -22.18 -48.62
CA ASP F 195 41.62 -23.50 -48.71
C ASP F 195 40.64 -24.65 -48.46
N ASP F 196 39.49 -24.57 -49.11
CA ASP F 196 38.38 -25.53 -48.96
C ASP F 196 37.85 -25.76 -47.52
N ARG F 197 37.91 -24.73 -46.70
CA ARG F 197 37.23 -24.76 -45.41
C ARG F 197 36.61 -23.42 -45.00
N LEU F 198 35.54 -23.50 -44.24
CA LEU F 198 34.78 -22.33 -43.86
C LEU F 198 35.54 -21.47 -42.85
N VAL F 199 35.52 -20.16 -43.08
CA VAL F 199 36.14 -19.18 -42.22
C VAL F 199 35.14 -18.07 -41.97
N ILE F 200 35.44 -17.19 -41.03
CA ILE F 200 34.60 -16.03 -40.78
C ILE F 200 35.44 -14.79 -40.99
N GLU F 201 34.88 -13.81 -41.72
CA GLU F 201 35.50 -12.49 -41.89
C GLU F 201 35.76 -11.84 -40.53
N SER F 202 36.85 -11.09 -40.44
CA SER F 202 37.21 -10.44 -39.20
C SER F 202 36.15 -9.46 -38.67
N LYS F 203 35.37 -8.81 -39.54
CA LYS F 203 34.25 -7.97 -39.11
C LYS F 203 33.30 -8.72 -38.20
N GLY F 204 33.21 -10.03 -38.36
CA GLY F 204 32.36 -10.87 -37.54
C GLY F 204 32.97 -11.51 -36.31
N ILE F 205 34.14 -11.04 -35.88
CA ILE F 205 34.85 -11.64 -34.74
C ILE F 205 33.99 -11.73 -33.49
N TYR F 206 33.28 -10.66 -33.16
CA TYR F 206 32.69 -10.57 -31.84
C TYR F 206 31.39 -11.40 -31.86
N SER F 207 30.70 -11.42 -33.01
CA SER F 207 29.63 -12.36 -33.27
C SER F 207 30.01 -13.81 -33.04
N ILE F 208 31.26 -14.16 -33.29
CA ILE F 208 31.67 -15.53 -33.08
C ILE F 208 32.00 -15.76 -31.62
N GLU F 209 32.59 -14.75 -30.97
CA GLU F 209 32.87 -14.84 -29.54
C GLU F 209 31.53 -15.00 -28.79
N ASN F 210 30.56 -14.19 -29.14
CA ASN F 210 29.21 -14.36 -28.61
C ASN F 210 28.66 -15.78 -28.88
N PHE F 211 28.68 -16.21 -30.15
CA PHE F 211 28.22 -17.53 -30.51
C PHE F 211 28.84 -18.59 -29.60
N LEU F 212 30.14 -18.50 -29.39
CA LEU F 212 30.86 -19.50 -28.65
C LEU F 212 30.49 -19.52 -27.16
N THR F 213 30.25 -18.34 -26.59
CA THR F 213 29.91 -18.25 -25.18
C THR F 213 28.44 -18.61 -24.99
N ALA F 214 27.57 -18.08 -25.84
CA ALA F 214 26.16 -18.44 -25.82
C ALA F 214 25.96 -19.97 -25.89
N ARG F 215 26.80 -20.66 -26.64
CA ARG F 215 26.68 -22.10 -26.75
C ARG F 215 27.00 -22.82 -25.43
N ARG F 216 27.99 -22.33 -24.67
CA ARG F 216 28.32 -22.98 -23.36
C ARG F 216 27.24 -22.66 -22.40
N LEU F 217 26.73 -21.45 -22.45
CA LEU F 217 25.70 -21.07 -21.53
C LEU F 217 24.42 -21.88 -21.84
N MSE F 218 24.02 -22.06 -23.10
CA MSE F 218 22.85 -22.90 -23.41
C MSE F 218 23.05 -24.32 -22.86
O MSE F 218 22.10 -24.98 -22.49
CB MSE F 218 22.56 -22.97 -24.92
CG MSE F 218 22.01 -21.71 -25.51
SE MSE F 218 20.25 -21.42 -24.80
CE MSE F 218 19.42 -22.91 -25.76
N TYR F 219 24.28 -24.78 -22.88
CA TYR F 219 24.57 -26.12 -22.43
C TYR F 219 24.21 -26.30 -20.94
N TRP F 220 24.58 -25.33 -20.13
CA TRP F 220 24.28 -25.32 -18.68
C TRP F 220 22.89 -24.88 -18.37
N GLN F 221 22.43 -23.85 -19.05
CA GLN F 221 21.13 -23.25 -18.73
C GLN F 221 19.98 -24.16 -19.18
N VAL F 222 20.17 -24.85 -20.31
CA VAL F 222 19.08 -25.60 -20.91
C VAL F 222 19.39 -27.07 -21.06
N TYR F 223 20.42 -27.45 -21.79
CA TYR F 223 20.57 -28.85 -22.21
C TYR F 223 20.91 -29.75 -21.03
N LEU F 224 21.69 -29.24 -20.07
CA LEU F 224 22.04 -29.97 -18.86
C LEU F 224 21.39 -29.37 -17.62
N HIS F 225 20.29 -28.67 -17.80
CA HIS F 225 19.50 -28.23 -16.67
C HIS F 225 19.03 -29.43 -15.81
N LYS F 226 19.20 -29.32 -14.48
CA LYS F 226 19.08 -30.44 -13.57
C LYS F 226 17.69 -31.06 -13.51
N THR F 227 16.67 -30.24 -13.66
CA THR F 227 15.30 -30.76 -13.72
C THR F 227 15.08 -31.59 -14.99
N SER F 228 15.70 -31.18 -16.10
CA SER F 228 15.65 -31.94 -17.34
C SER F 228 16.46 -33.23 -17.29
N VAL F 229 17.60 -33.21 -16.63
CA VAL F 229 18.40 -34.42 -16.39
C VAL F 229 17.53 -35.42 -15.57
N ALA F 230 16.93 -34.93 -14.49
CA ALA F 230 16.10 -35.77 -13.61
C ALA F 230 14.95 -36.41 -14.40
N TYR F 231 14.29 -35.57 -15.20
CA TYR F 231 13.20 -36.03 -16.11
C TYR F 231 13.68 -37.09 -17.11
N GLU F 232 14.87 -36.92 -17.66
CA GLU F 232 15.46 -37.90 -18.53
C GLU F 232 15.67 -39.21 -17.80
N ARG F 233 16.19 -39.13 -16.57
CA ARG F 233 16.47 -40.35 -15.80
C ARG F 233 15.17 -41.12 -15.53
N MSE F 234 14.13 -40.40 -15.19
CA MSE F 234 12.80 -41.00 -14.98
C MSE F 234 12.26 -41.79 -16.20
O MSE F 234 11.75 -42.88 -16.07
CB MSE F 234 11.80 -39.90 -14.63
CG MSE F 234 12.05 -39.22 -13.32
SE MSE F 234 10.73 -37.81 -12.94
CE MSE F 234 9.18 -38.88 -12.80
N LEU F 235 12.36 -41.19 -17.38
CA LEU F 235 11.98 -41.82 -18.63
C LEU F 235 12.90 -43.01 -18.94
N ILE F 236 14.20 -42.91 -18.69
CA ILE F 236 15.06 -44.06 -18.85
C ILE F 236 14.60 -45.26 -17.96
N SER F 237 14.27 -44.98 -16.69
CA SER F 237 13.78 -46.02 -15.79
C SER F 237 12.45 -46.61 -16.24
N THR F 238 11.53 -45.73 -16.65
CA THR F 238 10.22 -46.18 -17.08
C THR F 238 10.32 -47.18 -18.23
N LEU F 239 11.14 -46.86 -19.20
CA LEU F 239 11.29 -47.72 -20.36
C LEU F 239 12.08 -48.99 -20.06
N LEU F 240 13.08 -48.91 -19.19
CA LEU F 240 13.80 -50.11 -18.79
C LEU F 240 12.86 -51.02 -18.01
N ARG F 241 12.04 -50.46 -17.12
CA ARG F 241 11.08 -51.27 -16.37
C ARG F 241 10.03 -51.91 -17.28
N ALA F 242 9.52 -51.16 -18.25
CA ALA F 242 8.57 -51.69 -19.22
C ALA F 242 9.21 -52.82 -20.03
N LYS F 243 10.46 -52.69 -20.42
CA LYS F 243 11.12 -53.77 -21.14
C LYS F 243 11.29 -55.02 -20.26
N GLU F 244 11.61 -54.83 -18.99
CA GLU F 244 11.75 -55.92 -18.04
C GLU F 244 10.41 -56.65 -17.87
N LEU F 245 9.35 -55.91 -17.58
CA LEU F 245 8.02 -56.50 -17.47
C LEU F 245 7.60 -57.23 -18.75
N ALA F 246 7.77 -56.59 -19.90
CA ALA F 246 7.48 -57.22 -21.20
C ALA F 246 8.24 -58.55 -21.44
N SER F 247 9.49 -58.58 -21.03
CA SER F 247 10.31 -59.77 -21.19
C SER F 247 9.84 -60.89 -20.26
N GLN F 248 9.23 -60.53 -19.13
CA GLN F 248 8.54 -61.48 -18.26
C GLN F 248 7.16 -61.90 -18.75
N GLY F 249 6.71 -61.34 -19.87
CA GLY F 249 5.40 -61.66 -20.41
C GLY F 249 4.25 -60.82 -19.89
N VAL F 250 4.53 -59.82 -19.06
CA VAL F 250 3.49 -58.92 -18.57
C VAL F 250 2.93 -58.10 -19.73
N GLU F 251 1.62 -57.93 -19.75
CA GLU F 251 0.94 -57.15 -20.78
C GLU F 251 1.07 -55.68 -20.49
N LEU F 252 1.53 -54.92 -21.49
CA LEU F 252 1.62 -53.45 -21.36
C LEU F 252 0.95 -52.81 -22.53
N PHE F 253 0.14 -51.79 -22.30
CA PHE F 253 -0.41 -51.05 -23.40
C PHE F 253 0.70 -50.44 -24.27
N ALA F 254 0.60 -50.61 -25.57
CA ALA F 254 1.56 -50.03 -26.51
C ALA F 254 1.00 -50.10 -27.91
N SER F 255 1.29 -49.08 -28.70
CA SER F 255 1.09 -49.11 -30.15
C SER F 255 1.94 -50.24 -30.75
N PRO F 256 1.52 -50.80 -31.89
CA PRO F 256 2.34 -51.86 -32.50
C PRO F 256 3.82 -51.51 -32.67
N ALA F 257 4.13 -50.33 -33.14
CA ALA F 257 5.51 -49.89 -33.29
C ALA F 257 6.29 -49.90 -31.97
N LEU F 258 5.67 -49.47 -30.89
CA LEU F 258 6.35 -49.43 -29.59
C LEU F 258 6.46 -50.85 -29.00
N HIS F 259 5.40 -51.63 -29.19
CA HIS F 259 5.36 -53.03 -28.77
C HIS F 259 6.56 -53.80 -29.31
N PHE F 260 6.84 -53.59 -30.57
CA PHE F 260 7.95 -54.25 -31.24
C PHE F 260 9.25 -54.09 -30.49
N PHE F 261 9.51 -52.92 -29.91
CA PHE F 261 10.77 -52.66 -29.22
C PHE F 261 10.74 -53.04 -27.73
N LEU F 262 9.56 -53.13 -27.16
CA LEU F 262 9.41 -53.56 -25.78
C LEU F 262 9.46 -55.08 -25.68
N TYR F 263 8.90 -55.78 -26.66
CA TYR F 263 8.71 -57.23 -26.59
C TYR F 263 9.74 -58.04 -27.39
N ASN F 264 10.70 -57.36 -28.01
CA ASN F 264 11.85 -57.99 -28.62
C ASN F 264 13.08 -57.28 -28.11
N ASP F 265 14.20 -57.99 -28.15
CA ASP F 265 15.46 -57.39 -27.73
C ASP F 265 16.17 -56.88 -28.97
N ILE F 266 16.00 -55.58 -29.25
CA ILE F 266 16.56 -54.98 -30.44
C ILE F 266 17.89 -54.34 -30.07
N ASN F 267 18.93 -54.82 -30.72
CA ASN F 267 20.29 -54.35 -30.54
C ASN F 267 20.80 -53.90 -31.89
N HIS F 268 22.07 -53.50 -31.95
CA HIS F 268 22.68 -53.04 -33.18
C HIS F 268 22.58 -54.03 -34.34
N THR F 269 22.94 -55.29 -34.12
CA THR F 269 22.98 -56.27 -35.20
C THR F 269 21.57 -56.52 -35.72
N GLU F 270 20.64 -56.68 -34.79
CA GLU F 270 19.25 -56.92 -35.14
C GLU F 270 18.65 -55.73 -35.96
N PHE F 271 19.01 -54.51 -35.58
CA PHE F 271 18.46 -53.31 -36.22
C PHE F 271 18.90 -53.22 -37.65
N HIS F 272 20.17 -53.51 -37.89
CA HIS F 272 20.69 -53.47 -39.25
C HIS F 272 20.27 -54.66 -40.10
N ASN F 273 20.12 -55.82 -39.47
CA ASN F 273 19.88 -57.06 -40.21
C ASN F 273 18.41 -57.46 -40.39
N ASN F 274 17.56 -57.11 -39.43
CA ASN F 274 16.13 -57.35 -39.57
C ASN F 274 15.40 -56.07 -40.02
N PRO F 275 14.88 -56.07 -41.26
CA PRO F 275 14.24 -54.87 -41.79
C PRO F 275 12.95 -54.43 -41.08
N ASP F 276 12.38 -55.30 -40.27
CA ASP F 276 11.25 -54.96 -39.42
C ASP F 276 11.56 -53.86 -38.41
N CYS F 277 12.82 -53.77 -37.99
CA CYS F 277 13.23 -52.76 -37.03
C CYS F 277 13.04 -51.34 -37.56
N LEU F 278 13.66 -51.06 -38.71
CA LEU F 278 13.53 -49.77 -39.33
C LEU F 278 12.07 -49.45 -39.64
N GLU F 279 11.33 -50.44 -40.14
CA GLU F 279 9.91 -50.23 -40.46
C GLU F 279 9.08 -49.80 -39.26
N ASN F 280 9.37 -50.39 -38.10
CA ASN F 280 8.70 -50.03 -36.87
C ASN F 280 9.20 -48.71 -36.29
N PHE F 281 10.50 -48.50 -36.37
CA PHE F 281 11.11 -47.31 -35.84
C PHE F 281 10.56 -46.06 -36.53
N ILE F 282 10.40 -46.11 -37.84
CA ILE F 282 9.79 -45.03 -38.62
C ILE F 282 8.41 -44.65 -38.14
N GLN F 283 7.72 -45.58 -37.51
CA GLN F 283 6.35 -45.32 -37.04
C GLN F 283 6.29 -44.78 -35.61
N LEU F 284 7.45 -44.59 -34.98
CA LEU F 284 7.54 -44.03 -33.64
C LEU F 284 7.66 -42.51 -33.62
N ASP F 285 6.89 -41.90 -32.74
CA ASP F 285 7.06 -40.49 -32.44
C ASP F 285 6.64 -40.25 -31.00
N ASP F 286 6.58 -38.99 -30.58
CA ASP F 286 6.34 -38.66 -29.18
C ASP F 286 5.00 -39.18 -28.69
N ASN F 287 4.02 -39.21 -29.57
CA ASN F 287 2.73 -39.73 -29.22
C ASN F 287 2.72 -41.19 -28.69
N ASP F 288 3.54 -42.04 -29.31
CA ASP F 288 3.67 -43.43 -28.88
C ASP F 288 4.22 -43.51 -27.47
N ILE F 289 5.19 -42.63 -27.16
CA ILE F 289 5.76 -42.61 -25.83
C ILE F 289 4.78 -42.07 -24.81
N TRP F 290 4.13 -40.95 -25.09
CA TRP F 290 3.21 -40.35 -24.10
C TRP F 290 1.95 -41.21 -23.92
N THR F 291 1.42 -41.79 -24.98
CA THR F 291 0.24 -42.63 -24.78
C THR F 291 0.62 -43.81 -23.87
N ALA F 292 1.78 -44.41 -24.07
CA ALA F 292 2.24 -45.47 -23.18
C ALA F 292 2.30 -45.02 -21.71
N LEU F 293 3.01 -43.91 -21.44
CA LEU F 293 3.08 -43.37 -20.08
C LEU F 293 1.72 -43.06 -19.46
N LYS F 294 0.81 -42.51 -20.24
CA LYS F 294 -0.51 -42.17 -19.78
C LYS F 294 -1.24 -43.42 -19.34
N VAL F 295 -1.21 -44.48 -20.15
CA VAL F 295 -1.94 -45.72 -19.82
C VAL F 295 -1.22 -46.48 -18.69
N TRP F 296 0.10 -46.50 -18.72
CA TRP F 296 0.91 -47.19 -17.69
C TRP F 296 0.83 -46.56 -16.28
N SER F 297 0.36 -45.31 -16.24
CA SER F 297 0.22 -44.62 -14.98
C SER F 297 -0.86 -45.29 -14.15
N ASN F 298 -1.69 -46.13 -14.79
CA ASN F 298 -2.66 -46.96 -14.10
C ASN F 298 -2.30 -48.44 -14.07
N HIS F 299 -1.10 -48.79 -14.44
CA HIS F 299 -0.72 -50.21 -14.48
C HIS F 299 -0.61 -50.75 -13.06
N PRO F 300 -0.94 -52.04 -12.84
CA PRO F 300 -0.79 -52.63 -11.52
C PRO F 300 0.62 -52.61 -10.98
N ASP F 301 1.62 -52.73 -11.84
CA ASP F 301 3.00 -52.61 -11.38
C ASP F 301 3.29 -51.30 -10.66
N LYS F 302 3.82 -51.41 -9.44
CA LYS F 302 4.08 -50.28 -8.58
C LYS F 302 5.19 -49.38 -9.11
N VAL F 303 6.28 -50.00 -9.60
CA VAL F 303 7.40 -49.27 -10.17
C VAL F 303 6.96 -48.50 -11.42
N LEU F 304 6.43 -49.22 -12.41
CA LEU F 304 6.06 -48.62 -13.70
C LEU F 304 5.03 -47.50 -13.52
N SER F 305 3.99 -47.77 -12.75
CA SER F 305 2.92 -46.83 -12.56
C SER F 305 3.34 -45.59 -11.79
N THR F 306 4.21 -45.77 -10.80
CA THR F 306 4.74 -44.63 -10.02
C THR F 306 5.63 -43.70 -10.88
N LEU F 307 6.49 -44.31 -11.68
CA LEU F 307 7.32 -43.57 -12.62
C LEU F 307 6.48 -42.84 -13.66
N SER F 308 5.53 -43.58 -14.24
CA SER F 308 4.70 -43.06 -15.32
C SER F 308 3.82 -41.93 -14.87
N LEU F 309 3.23 -42.07 -13.69
CA LEU F 309 2.38 -41.03 -13.09
C LEU F 309 3.23 -39.78 -12.72
N GLY F 310 4.46 -40.00 -12.33
CA GLY F 310 5.41 -38.91 -12.13
C GLY F 310 5.66 -38.10 -13.39
N MSE F 311 5.85 -38.80 -14.51
CA MSE F 311 6.06 -38.18 -15.81
C MSE F 311 4.86 -37.35 -16.19
O MSE F 311 5.00 -36.19 -16.48
CB MSE F 311 6.20 -39.18 -16.94
CG MSE F 311 7.30 -40.17 -16.85
SE MSE F 311 9.08 -39.66 -17.33
CE MSE F 311 8.89 -38.34 -18.78
N ILE F 312 3.69 -37.97 -16.21
CA ILE F 312 2.54 -37.29 -16.78
C ILE F 312 2.06 -36.16 -15.89
N ASN F 313 2.24 -36.28 -14.58
CA ASN F 313 1.73 -35.27 -13.66
C ASN F 313 2.83 -34.32 -13.19
N ARG F 314 4.04 -34.49 -13.73
CA ARG F 314 5.18 -33.63 -13.40
C ARG F 314 5.51 -33.65 -11.92
N ASN F 315 5.68 -34.85 -11.39
CA ASN F 315 6.20 -35.05 -10.04
C ASN F 315 7.60 -35.62 -10.26
N ILE F 316 8.57 -34.71 -10.27
CA ILE F 316 9.91 -34.97 -10.78
C ILE F 316 10.80 -35.40 -9.63
N PHE F 317 11.72 -36.31 -9.92
CA PHE F 317 12.74 -36.69 -8.96
C PHE F 317 13.39 -35.43 -8.37
N LYS F 318 13.70 -35.48 -7.10
CA LYS F 318 14.60 -34.52 -6.48
C LYS F 318 15.99 -34.67 -7.12
N VAL F 319 16.71 -33.57 -7.29
CA VAL F 319 18.05 -33.60 -7.90
C VAL F 319 19.06 -32.87 -7.02
N GLU F 320 20.19 -33.52 -6.75
CA GLU F 320 21.33 -32.89 -6.10
C GLU F 320 22.52 -32.93 -7.04
N ASN F 321 23.37 -31.92 -6.92
CA ASN F 321 24.62 -31.85 -7.68
C ASN F 321 25.79 -31.82 -6.73
N SER F 322 26.86 -32.51 -7.09
CA SER F 322 28.12 -32.41 -6.36
C SER F 322 29.26 -32.19 -7.36
N ALA F 323 30.40 -31.70 -6.86
CA ALA F 323 31.64 -31.66 -7.64
C ALA F 323 32.37 -33.00 -7.59
N GLU F 324 32.17 -33.76 -6.50
CA GLU F 324 32.75 -35.08 -6.35
C GLU F 324 31.64 -36.13 -6.55
N PRO F 325 32.00 -37.31 -7.06
CA PRO F 325 31.07 -38.42 -7.15
C PRO F 325 30.22 -38.64 -5.90
N ILE F 326 29.07 -39.30 -6.08
CA ILE F 326 28.12 -39.48 -4.99
C ILE F 326 28.51 -40.78 -4.26
N GLY F 327 28.45 -40.72 -2.93
CA GLY F 327 28.89 -41.84 -2.09
C GLY F 327 27.94 -43.01 -2.13
N GLU F 328 28.50 -44.22 -2.17
CA GLU F 328 27.72 -45.45 -2.11
C GLU F 328 26.80 -45.48 -0.86
N ASP F 329 27.24 -44.85 0.23
CA ASP F 329 26.47 -44.82 1.48
C ASP F 329 25.15 -44.09 1.28
N ARG F 330 25.24 -42.92 0.66
CA ARG F 330 24.09 -42.06 0.32
C ARG F 330 23.11 -42.78 -0.60
N ILE F 331 23.67 -43.44 -1.60
CA ILE F 331 22.87 -44.22 -2.54
C ILE F 331 22.11 -45.34 -1.80
N LYS F 332 22.83 -46.14 -1.01
CA LYS F 332 22.23 -47.25 -0.27
C LYS F 332 21.11 -46.74 0.62
N GLU F 333 21.41 -45.66 1.34
CA GLU F 333 20.47 -45.01 2.26
C GLU F 333 19.14 -44.66 1.57
N LEU F 334 19.24 -43.94 0.46
CA LEU F 334 18.06 -43.50 -0.31
C LEU F 334 17.31 -44.66 -0.93
N THR F 335 18.03 -45.66 -1.43
CA THR F 335 17.42 -46.85 -2.01
C THR F 335 16.57 -47.62 -1.00
N LEU F 336 17.10 -47.71 0.22
CA LEU F 336 16.41 -48.34 1.34
C LEU F 336 15.17 -47.54 1.73
N GLN F 337 15.32 -46.25 1.92
CA GLN F 337 14.17 -45.41 2.26
C GLN F 337 13.05 -45.55 1.24
N ILE F 338 13.41 -45.53 -0.04
CA ILE F 338 12.45 -45.53 -1.13
C ILE F 338 11.76 -46.88 -1.16
N SER F 339 12.53 -47.96 -1.02
CA SER F 339 11.99 -49.31 -1.04
C SER F 339 10.95 -49.49 0.06
N GLN F 340 11.20 -48.86 1.21
CA GLN F 340 10.26 -48.82 2.34
C GLN F 340 9.05 -47.96 2.02
N GLN F 341 9.28 -46.70 1.66
CA GLN F 341 8.20 -45.73 1.37
C GLN F 341 7.22 -46.22 0.29
N LEU F 342 7.72 -46.92 -0.73
CA LEU F 342 6.89 -47.39 -1.85
C LEU F 342 6.43 -48.85 -1.68
N GLY F 343 7.07 -49.57 -0.77
CA GLY F 343 6.74 -50.95 -0.52
C GLY F 343 7.17 -51.84 -1.66
N ILE F 344 8.42 -51.69 -2.08
CA ILE F 344 8.95 -52.47 -3.19
C ILE F 344 10.28 -53.06 -2.77
N THR F 345 10.78 -54.04 -3.53
CA THR F 345 12.08 -54.61 -3.20
C THR F 345 13.22 -53.60 -3.35
N LEU F 346 14.33 -53.92 -2.71
CA LEU F 346 15.52 -53.08 -2.74
C LEU F 346 16.05 -52.96 -4.18
N SER F 347 15.95 -54.06 -4.92
CA SER F 347 16.35 -54.11 -6.31
C SER F 347 15.46 -53.19 -7.17
N GLU F 348 14.16 -53.25 -6.93
CA GLU F 348 13.20 -52.42 -7.62
C GLU F 348 13.39 -50.92 -7.31
N ALA F 349 13.87 -50.60 -6.11
CA ALA F 349 14.14 -49.23 -5.74
C ALA F 349 15.30 -48.61 -6.55
N ASN F 350 16.09 -49.44 -7.22
CA ASN F 350 17.13 -48.92 -8.11
C ASN F 350 16.58 -48.06 -9.25
N TYR F 351 15.37 -48.38 -9.71
CA TYR F 351 14.66 -47.56 -10.67
C TYR F 351 14.43 -46.11 -10.19
N PHE F 352 14.37 -45.90 -8.87
CA PHE F 352 14.06 -44.57 -8.33
C PHE F 352 15.26 -43.74 -7.84
N VAL F 353 16.46 -44.25 -8.07
CA VAL F 353 17.68 -43.55 -7.69
C VAL F 353 18.65 -43.61 -8.85
N SER F 354 19.15 -42.46 -9.26
CA SER F 354 20.00 -42.38 -10.46
C SER F 354 21.17 -41.40 -10.25
N THR F 355 22.36 -41.84 -10.63
CA THR F 355 23.57 -41.00 -10.50
C THR F 355 24.27 -40.96 -11.88
N PRO F 356 23.67 -40.28 -12.85
CA PRO F 356 24.24 -40.27 -14.20
C PRO F 356 25.64 -39.64 -14.35
N SER F 357 26.42 -40.33 -15.21
CA SER F 357 27.69 -39.85 -15.82
C SER F 357 27.66 -38.41 -16.37
N ILE F 358 28.80 -37.93 -16.88
CA ILE F 358 28.94 -36.52 -17.27
C ILE F 358 29.66 -36.31 -18.62
N MSE F 362 31.66 -31.35 -22.03
CA MSE F 362 30.66 -30.78 -22.92
C MSE F 362 30.84 -31.51 -24.24
O MSE F 362 30.24 -32.58 -24.43
CB MSE F 362 30.81 -29.23 -23.10
CG MSE F 362 30.19 -28.39 -21.96
SE MSE F 362 31.41 -27.32 -20.76
CE MSE F 362 33.05 -28.45 -20.71
N TYR F 363 31.72 -30.95 -25.10
CA TYR F 363 31.89 -31.39 -26.51
C TYR F 363 33.29 -31.07 -27.00
N ASP F 364 33.61 -31.66 -28.15
CA ASP F 364 34.91 -31.56 -28.78
C ASP F 364 35.37 -30.10 -28.71
N PRO F 365 36.35 -29.80 -27.85
CA PRO F 365 36.93 -28.46 -27.79
C PRO F 365 37.23 -27.88 -29.16
N ALA F 366 37.48 -28.72 -30.16
CA ALA F 366 37.64 -28.22 -31.53
C ALA F 366 36.34 -27.61 -32.10
N ASP F 367 35.24 -27.69 -31.35
CA ASP F 367 33.99 -26.99 -31.71
C ASP F 367 34.09 -25.50 -31.47
N ASP F 368 35.12 -25.10 -30.72
CA ASP F 368 35.46 -23.70 -30.49
C ASP F 368 36.53 -23.23 -31.46
N SER F 369 37.03 -24.13 -32.30
CA SER F 369 38.11 -23.77 -33.22
C SER F 369 37.55 -23.24 -34.54
N ILE F 370 37.59 -21.90 -34.66
CA ILE F 370 37.08 -21.19 -35.81
C ILE F 370 38.15 -20.25 -36.31
N ASP F 371 38.39 -20.27 -37.62
CA ASP F 371 39.41 -19.43 -38.23
C ASP F 371 38.79 -18.16 -38.78
N ILE F 372 39.53 -17.07 -38.60
CA ILE F 372 39.11 -15.73 -38.95
C ILE F 372 40.00 -15.25 -40.10
N ILE F 373 39.38 -14.79 -41.17
CA ILE F 373 40.09 -14.20 -42.28
C ILE F 373 40.09 -12.66 -42.26
N TYR F 374 41.26 -12.07 -42.43
CA TYR F 374 41.45 -10.63 -42.51
C TYR F 374 41.44 -10.11 -43.95
N LYS F 375 41.24 -8.78 -44.09
CA LYS F 375 41.14 -8.12 -45.39
C LYS F 375 42.34 -8.41 -46.26
N ASP F 376 43.50 -8.52 -45.63
CA ASP F 376 44.78 -8.84 -46.30
C ASP F 376 45.02 -10.35 -46.54
N GLY F 377 43.99 -11.18 -46.37
CA GLY F 377 44.12 -12.62 -46.58
C GLY F 377 44.73 -13.43 -45.43
N THR F 378 45.26 -12.76 -44.42
CA THR F 378 45.75 -13.43 -43.21
C THR F 378 44.65 -14.12 -42.44
N ILE F 379 45.02 -15.22 -41.79
CA ILE F 379 44.08 -16.04 -41.07
C ILE F 379 44.57 -16.29 -39.64
N LYS F 380 43.71 -16.07 -38.64
CA LYS F 380 44.01 -16.37 -37.23
C LYS F 380 42.90 -17.20 -36.64
N ASN F 381 43.23 -18.05 -35.68
CA ASN F 381 42.22 -18.73 -34.86
C ASN F 381 41.46 -17.70 -34.01
N ILE F 382 40.16 -17.90 -33.84
CA ILE F 382 39.33 -17.00 -33.03
C ILE F 382 39.91 -16.69 -31.65
N ALA F 383 40.66 -17.65 -31.09
CA ALA F 383 41.32 -17.47 -29.79
C ALA F 383 42.36 -16.34 -29.80
N GLU F 384 43.08 -16.17 -30.90
CA GLU F 384 44.06 -15.09 -31.01
C GLU F 384 43.39 -13.80 -31.55
N ALA F 385 42.37 -13.94 -32.38
CA ALA F 385 41.58 -12.78 -32.88
C ALA F 385 40.81 -12.05 -31.78
N SER F 386 40.44 -12.80 -30.75
CA SER F 386 39.53 -12.36 -29.69
C SER F 386 40.07 -11.39 -28.67
N ASP F 387 39.21 -10.44 -28.26
CA ASP F 387 39.48 -9.48 -27.19
C ASP F 387 38.51 -9.53 -26.03
N MSE F 388 37.41 -10.26 -26.12
CA MSE F 388 36.40 -10.20 -25.06
CA MSE F 388 36.36 -10.24 -25.09
C MSE F 388 36.71 -11.08 -23.85
O MSE F 388 36.49 -10.66 -22.76
CB MSE F 388 34.98 -10.45 -25.59
CB MSE F 388 35.00 -10.70 -25.67
CG MSE F 388 34.54 -11.90 -25.73
CG MSE F 388 34.27 -9.71 -26.59
SE MSE F 388 32.69 -12.23 -25.19
SE MSE F 388 32.74 -10.59 -27.50
CE MSE F 388 31.63 -12.05 -26.81
CE MSE F 388 31.83 -11.28 -25.88
N LEU F 389 37.19 -12.29 -24.08
CA LEU F 389 37.51 -13.22 -22.99
C LEU F 389 38.46 -14.32 -23.50
N ASN F 390 38.77 -15.29 -22.65
CA ASN F 390 39.77 -16.32 -22.97
C ASN F 390 39.13 -17.54 -23.55
N ILE F 391 39.00 -17.52 -24.87
CA ILE F 391 38.22 -18.49 -25.59
C ILE F 391 38.78 -19.89 -25.45
N SER F 392 40.09 -20.01 -25.32
CA SER F 392 40.69 -21.34 -25.15
C SER F 392 40.18 -21.99 -23.87
N LEU F 393 39.86 -21.19 -22.86
CA LEU F 393 39.35 -21.70 -21.58
C LEU F 393 37.84 -21.98 -21.53
N LEU F 394 37.08 -21.63 -22.56
CA LEU F 394 35.68 -22.04 -22.60
C LEU F 394 35.49 -23.59 -22.58
N SER F 395 36.54 -24.34 -22.89
CA SER F 395 36.44 -25.80 -23.01
C SER F 395 36.99 -26.55 -21.81
N LYS F 396 37.45 -25.86 -20.76
CA LYS F 396 37.93 -26.56 -19.59
C LYS F 396 36.74 -27.41 -19.08
N LYS F 397 36.98 -28.71 -18.93
CA LYS F 397 35.94 -29.62 -18.46
C LYS F 397 35.44 -29.08 -17.12
N VAL F 398 34.12 -28.93 -16.98
CA VAL F 398 33.50 -28.68 -15.67
C VAL F 398 32.76 -29.96 -15.27
N LYS F 399 33.13 -30.54 -14.12
CA LYS F 399 32.56 -31.79 -13.64
C LYS F 399 31.44 -31.51 -12.63
N LYS F 400 30.24 -31.93 -13.05
CA LYS F 400 29.01 -31.77 -12.31
C LYS F 400 28.40 -33.14 -12.28
N TYR F 401 28.19 -33.67 -11.08
CA TYR F 401 27.62 -34.98 -10.87
C TYR F 401 26.20 -34.79 -10.36
N TYR F 402 25.26 -35.59 -10.88
CA TYR F 402 23.87 -35.49 -10.49
C TYR F 402 23.48 -36.69 -9.66
N LEU F 403 22.75 -36.44 -8.59
CA LEU F 403 22.03 -37.45 -7.81
C LEU F 403 20.54 -37.12 -7.95
N CYS F 404 19.81 -38.04 -8.56
CA CYS F 404 18.37 -37.87 -8.84
C CYS F 404 17.58 -39.01 -8.17
N TYR F 405 16.56 -38.68 -7.42
CA TYR F 405 15.82 -39.69 -6.70
C TYR F 405 14.35 -39.35 -6.45
N GLN F 406 13.53 -40.39 -6.26
CA GLN F 406 12.13 -40.20 -5.91
C GLN F 406 11.99 -39.39 -4.64
N ARG F 407 11.09 -38.40 -4.66
CA ARG F 407 10.81 -37.55 -3.49
C ARG F 407 9.97 -38.25 -2.42
N LEU F 408 10.27 -37.94 -1.15
CA LEU F 408 9.53 -38.45 0.01
C LEU F 408 8.41 -37.50 0.47
N GLU G 5 -4.09 11.74 -13.87
CA GLU G 5 -3.22 12.92 -14.23
C GLU G 5 -1.72 12.61 -14.07
N ARG G 6 -1.28 11.48 -14.62
CA ARG G 6 0.15 11.13 -14.77
C ARG G 6 0.51 11.25 -16.24
N LYS G 7 1.77 11.59 -16.50
CA LYS G 7 2.24 11.70 -17.86
C LYS G 7 2.77 10.33 -18.31
N ILE G 8 2.44 9.95 -19.53
CA ILE G 8 2.90 8.71 -20.15
C ILE G 8 3.72 9.04 -21.39
N ILE G 9 4.97 8.59 -21.43
CA ILE G 9 5.82 8.75 -22.60
C ILE G 9 6.13 7.41 -23.28
N ASN G 10 6.01 7.42 -24.60
CA ASN G 10 6.33 6.25 -25.43
C ASN G 10 7.83 6.04 -25.61
N ASP G 11 8.25 4.81 -25.36
CA ASP G 11 9.62 4.40 -25.56
C ASP G 11 9.57 3.10 -26.34
N PRO G 12 10.18 3.05 -27.54
CA PRO G 12 10.19 1.77 -28.28
C PRO G 12 10.90 0.66 -27.54
N VAL G 13 11.92 1.01 -26.77
CA VAL G 13 12.69 0.01 -26.04
C VAL G 13 11.93 -0.63 -24.87
N PHE G 14 11.28 0.19 -24.05
CA PHE G 14 10.67 -0.31 -22.79
C PHE G 14 9.14 -0.17 -22.71
N GLY G 15 8.55 0.61 -23.61
CA GLY G 15 7.10 0.75 -23.66
C GLY G 15 6.65 2.06 -23.04
N PHE G 16 5.47 2.04 -22.42
CA PHE G 16 4.96 3.23 -21.71
C PHE G 16 5.79 3.56 -20.46
N ILE G 17 6.28 4.79 -20.39
CA ILE G 17 6.95 5.30 -19.21
C ILE G 17 6.00 6.25 -18.45
N ASN G 18 5.64 5.86 -17.23
CA ASN G 18 4.81 6.68 -16.36
CA ASN G 18 4.81 6.68 -16.33
C ASN G 18 5.66 7.69 -15.60
N ILE G 19 5.30 8.95 -15.69
CA ILE G 19 5.99 10.00 -14.97
C ILE G 19 4.96 10.60 -14.01
N PRO G 20 5.15 10.42 -12.69
CA PRO G 20 4.19 11.00 -11.76
C PRO G 20 4.22 12.54 -11.80
N LYS G 21 3.05 13.16 -11.81
CA LYS G 21 2.94 14.63 -11.67
C LYS G 21 3.59 15.06 -10.38
N GLY G 22 4.21 16.23 -10.40
CA GLY G 22 4.93 16.73 -9.23
C GLY G 22 6.39 16.97 -9.57
N LEU G 23 7.25 16.70 -8.59
CA LEU G 23 8.69 16.91 -8.69
C LEU G 23 9.25 16.18 -9.91
N LEU G 24 8.85 14.91 -10.10
CA LEU G 24 9.45 14.06 -11.17
C LEU G 24 9.11 14.58 -12.56
N TYR G 25 7.87 14.90 -12.86
CA TYR G 25 7.55 15.52 -14.14
C TYR G 25 8.21 16.86 -14.30
N ASP G 26 8.33 17.61 -13.20
CA ASP G 26 9.00 18.91 -13.23
C ASP G 26 10.47 18.75 -13.67
N ILE G 27 11.14 17.69 -13.19
CA ILE G 27 12.49 17.43 -13.63
C ILE G 27 12.45 17.13 -15.14
N VAL G 28 11.57 16.24 -15.57
CA VAL G 28 11.46 15.90 -17.00
C VAL G 28 11.23 17.12 -17.87
N ARG G 29 10.40 18.06 -17.40
CA ARG G 29 10.04 19.21 -18.25
CA ARG G 29 10.02 19.25 -18.20
C ARG G 29 11.05 20.37 -18.09
N HIS G 30 11.98 20.25 -17.17
CA HIS G 30 12.97 21.29 -16.96
C HIS G 30 13.87 21.53 -18.18
N PRO G 31 14.15 22.81 -18.49
CA PRO G 31 15.06 23.15 -19.58
C PRO G 31 16.36 22.35 -19.65
N LEU G 32 16.93 22.04 -18.49
CA LEU G 32 18.22 21.34 -18.40
C LEU G 32 18.12 19.87 -18.82
N LEU G 33 16.97 19.27 -18.55
CA LEU G 33 16.71 17.93 -19.03
C LEU G 33 16.25 17.94 -20.49
N GLN G 34 15.40 18.90 -20.88
CA GLN G 34 14.98 18.99 -22.28
C GLN G 34 16.14 19.18 -23.21
N ARG G 35 17.21 19.78 -22.71
CA ARG G 35 18.36 20.01 -23.59
C ARG G 35 19.03 18.73 -24.03
N LEU G 36 18.87 17.66 -23.24
CA LEU G 36 19.42 16.34 -23.59
C LEU G 36 18.71 15.70 -24.77
N THR G 37 17.56 16.27 -25.20
CA THR G 37 16.95 15.83 -26.43
C THR G 37 17.78 16.21 -27.63
N ARG G 38 18.76 17.10 -27.42
CA ARG G 38 19.61 17.57 -28.52
C ARG G 38 21.07 17.10 -28.37
N ILE G 39 21.30 16.15 -27.46
CA ILE G 39 22.62 15.52 -27.26
C ILE G 39 22.46 14.02 -27.44
N LYS G 40 23.09 13.48 -28.48
CA LYS G 40 23.10 12.04 -28.73
C LYS G 40 23.81 11.22 -27.63
N GLN G 41 23.26 10.04 -27.31
CA GLN G 41 23.84 9.18 -26.28
C GLN G 41 25.19 8.66 -26.76
N VAL G 42 25.24 8.22 -28.03
CA VAL G 42 26.50 7.70 -28.62
C VAL G 42 26.74 8.33 -30.00
N GLY G 43 27.04 9.64 -29.96
CA GLY G 43 27.16 10.45 -31.18
C GLY G 43 28.25 10.04 -32.13
N LEU G 44 29.31 9.46 -31.60
CA LEU G 44 30.39 8.98 -32.43
C LEU G 44 30.11 7.63 -33.06
N SER G 45 28.98 6.99 -32.75
CA SER G 45 28.71 5.66 -33.29
C SER G 45 27.83 5.69 -34.50
N SER G 46 27.07 6.78 -34.69
CA SER G 46 26.18 6.90 -35.85
C SER G 46 26.95 6.72 -37.16
N VAL G 47 28.22 7.13 -37.15
CA VAL G 47 29.06 6.96 -38.35
C VAL G 47 29.15 5.48 -38.80
N VAL G 48 29.15 4.55 -37.82
CA VAL G 48 29.12 3.12 -38.14
C VAL G 48 27.72 2.57 -38.17
N TYR G 49 26.92 3.03 -37.20
CA TYR G 49 25.59 2.50 -36.94
C TYR G 49 24.62 3.67 -37.12
N PRO G 50 24.11 3.85 -38.35
CA PRO G 50 23.22 4.98 -38.64
C PRO G 50 21.97 5.00 -37.77
N GLY G 51 21.55 3.83 -37.29
CA GLY G 51 20.41 3.70 -36.37
C GLY G 51 20.64 4.32 -35.01
N ALA G 52 21.91 4.60 -34.68
CA ALA G 52 22.28 5.05 -33.33
C ALA G 52 22.05 6.55 -33.14
N GLN G 53 20.79 6.91 -33.23
CA GLN G 53 20.31 8.29 -33.17
C GLN G 53 19.63 8.65 -31.86
N HIS G 54 19.60 7.73 -30.91
CA HIS G 54 19.02 7.99 -29.59
C HIS G 54 19.71 9.04 -28.75
N THR G 55 18.91 9.74 -27.94
CA THR G 55 19.38 10.90 -27.20
C THR G 55 19.64 10.58 -25.77
N ARG G 56 20.39 11.43 -25.09
CA ARG G 56 20.58 11.25 -23.66
C ARG G 56 19.31 11.48 -22.87
N PHE G 57 18.33 12.16 -23.46
CA PHE G 57 17.04 12.32 -22.82
C PHE G 57 16.33 10.95 -22.76
N GLN G 58 16.35 10.22 -23.88
CA GLN G 58 15.76 8.86 -23.92
C GLN G 58 16.36 7.95 -22.87
N HIS G 59 17.68 8.07 -22.70
CA HIS G 59 18.40 7.23 -21.75
C HIS G 59 18.02 7.55 -20.31
N SER G 60 17.91 8.84 -20.01
CA SER G 60 17.47 9.36 -18.71
CA SER G 60 17.53 9.26 -18.69
C SER G 60 16.10 8.79 -18.34
N LEU G 61 15.15 8.96 -19.24
CA LEU G 61 13.80 8.45 -19.07
C LEU G 61 13.77 6.94 -18.92
N GLY G 62 14.62 6.27 -19.68
CA GLY G 62 14.68 4.84 -19.66
C GLY G 62 15.29 4.29 -18.41
N ALA G 63 16.37 4.91 -17.94
CA ALA G 63 16.93 4.53 -16.63
C ALA G 63 15.91 4.76 -15.49
N PHE G 64 15.12 5.81 -15.64
CA PHE G 64 14.03 6.16 -14.72
C PHE G 64 12.92 5.13 -14.77
N TYR G 65 12.58 4.66 -15.96
CA TYR G 65 11.60 3.61 -16.07
C TYR G 65 12.10 2.38 -15.31
N LEU G 66 13.34 2.01 -15.56
CA LEU G 66 13.91 0.86 -14.90
C LEU G 66 13.90 1.02 -13.38
N MSE G 67 14.26 2.21 -12.91
CA MSE G 67 14.33 2.49 -11.47
C MSE G 67 12.97 2.32 -10.81
O MSE G 67 12.84 1.80 -9.72
CB MSE G 67 14.83 3.92 -11.22
CG MSE G 67 14.94 4.28 -9.76
SE MSE G 67 16.42 3.39 -8.92
CE MSE G 67 17.88 4.64 -9.42
N SER G 68 11.94 2.78 -11.50
CA SER G 68 10.60 2.63 -11.00
C SER G 68 10.22 1.21 -10.76
N GLU G 69 10.63 0.33 -11.68
CA GLU G 69 10.38 -1.09 -11.58
C GLU G 69 11.21 -1.69 -10.47
N ALA G 70 12.46 -1.24 -10.34
CA ALA G 70 13.36 -1.76 -9.33
C ALA G 70 12.78 -1.50 -7.93
N ILE G 71 12.25 -0.31 -7.72
CA ILE G 71 11.63 0.04 -6.45
C ILE G 71 10.46 -0.88 -6.09
N THR G 72 9.49 -0.96 -6.98
CA THR G 72 8.37 -1.90 -6.86
C THR G 72 8.85 -3.32 -6.54
N GLN G 73 9.87 -3.77 -7.24
CA GLN G 73 10.34 -5.14 -7.05
C GLN G 73 11.00 -5.31 -5.69
N LEU G 74 11.85 -4.39 -5.31
CA LEU G 74 12.53 -4.46 -4.04
C LEU G 74 11.56 -4.40 -2.84
N THR G 75 10.53 -3.56 -2.92
CA THR G 75 9.53 -3.49 -1.87
C THR G 75 8.68 -4.76 -1.81
N SER G 76 8.45 -5.38 -2.95
CA SER G 76 7.70 -6.64 -2.98
C SER G 76 8.45 -7.79 -2.34
N LYS G 77 9.76 -7.64 -2.17
CA LYS G 77 10.59 -8.64 -1.55
C LYS G 77 10.92 -8.26 -0.10
N GLY G 78 10.15 -7.33 0.45
CA GLY G 78 10.25 -7.01 1.86
C GLY G 78 11.37 -6.10 2.23
N ASN G 79 11.73 -5.20 1.31
CA ASN G 79 12.75 -4.17 1.52
C ASN G 79 12.02 -2.88 1.66
N PHE G 80 12.24 -2.21 2.79
CA PHE G 80 11.52 -0.98 3.12
C PHE G 80 12.20 0.21 2.45
N ILE G 81 11.43 0.92 1.65
CA ILE G 81 11.84 2.12 0.96
C ILE G 81 10.70 3.13 1.22
N PHE G 82 11.01 4.23 1.91
CA PHE G 82 10.02 5.28 2.09
C PHE G 82 9.74 5.98 0.75
N ASP G 83 8.57 6.59 0.65
CA ASP G 83 8.18 7.27 -0.57
C ASP G 83 9.13 8.40 -0.91
N SER G 84 9.69 9.05 0.11
CA SER G 84 10.67 10.10 -0.11
C SER G 84 11.99 9.54 -0.66
N GLU G 85 12.40 8.37 -0.19
CA GLU G 85 13.61 7.71 -0.70
C GLU G 85 13.37 7.19 -2.15
N ALA G 86 12.17 6.69 -2.43
CA ALA G 86 11.80 6.28 -3.77
C ALA G 86 11.92 7.49 -4.69
N GLU G 87 11.25 8.57 -4.33
CA GLU G 87 11.28 9.79 -5.13
C GLU G 87 12.70 10.31 -5.37
N ALA G 88 13.53 10.29 -4.33
CA ALA G 88 14.88 10.81 -4.41
C ALA G 88 15.68 9.99 -5.43
N VAL G 89 15.59 8.66 -5.32
CA VAL G 89 16.37 7.76 -6.18
C VAL G 89 15.91 7.88 -7.65
N GLN G 90 14.60 8.02 -7.85
CA GLN G 90 14.05 8.37 -9.14
C GLN G 90 14.53 9.71 -9.70
N ALA G 91 14.64 10.71 -8.86
CA ALA G 91 15.12 12.03 -9.31
C ALA G 91 16.61 11.94 -9.63
N ALA G 92 17.33 11.21 -8.82
CA ALA G 92 18.76 10.99 -9.01
C ALA G 92 19.07 10.34 -10.35
N ILE G 93 18.23 9.41 -10.79
CA ILE G 93 18.54 8.69 -12.04
C ILE G 93 18.13 9.56 -13.26
N LEU G 94 17.01 10.28 -13.14
CA LEU G 94 16.61 11.26 -14.17
C LEU G 94 17.73 12.25 -14.41
N LEU G 95 18.54 12.52 -13.38
CA LEU G 95 19.56 13.55 -13.39
C LEU G 95 20.98 13.06 -13.55
N HIS G 96 21.19 11.75 -13.47
CA HIS G 96 22.56 11.25 -13.38
C HIS G 96 23.44 11.74 -14.54
N ASP G 97 22.86 11.95 -15.72
CA ASP G 97 23.67 12.29 -16.92
C ASP G 97 23.50 13.71 -17.39
N ILE G 98 22.96 14.56 -16.51
CA ILE G 98 22.59 15.90 -16.89
C ILE G 98 23.82 16.77 -17.26
N GLY G 99 24.98 16.44 -16.72
CA GLY G 99 26.17 17.25 -16.92
C GLY G 99 26.91 16.97 -18.22
N HIS G 100 26.38 16.08 -19.07
CA HIS G 100 26.99 15.84 -20.36
C HIS G 100 26.73 16.98 -21.35
N GLY G 101 27.81 17.49 -21.94
CA GLY G 101 27.69 18.43 -23.08
C GLY G 101 27.76 17.58 -24.32
N PRO G 102 27.72 18.22 -25.51
CA PRO G 102 27.83 17.48 -26.76
C PRO G 102 29.20 16.81 -26.83
N PHE G 103 29.27 15.59 -27.33
CA PHE G 103 30.54 14.86 -27.39
C PHE G 103 31.33 15.10 -26.11
N SER G 104 30.73 14.75 -24.99
CA SER G 104 31.24 15.16 -23.66
C SER G 104 32.74 14.89 -23.45
N HIS G 105 33.19 13.70 -23.83
CA HIS G 105 34.58 13.32 -23.58
C HIS G 105 35.54 14.12 -24.48
N VAL G 106 35.13 14.34 -25.73
CA VAL G 106 35.87 15.18 -26.64
C VAL G 106 36.03 16.58 -26.11
N LEU G 107 34.97 17.15 -25.51
CA LEU G 107 35.09 18.49 -24.91
C LEU G 107 36.06 18.51 -23.75
N GLU G 108 36.08 17.44 -22.96
CA GLU G 108 36.98 17.35 -21.80
C GLU G 108 38.45 17.31 -22.25
N ASP G 109 38.67 16.77 -23.44
CA ASP G 109 40.02 16.68 -23.99
C ASP G 109 40.41 17.90 -24.82
N THR G 110 39.49 18.83 -25.05
CA THR G 110 39.76 19.93 -25.99
C THR G 110 39.46 21.29 -25.37
N ILE G 111 38.23 21.78 -25.48
CA ILE G 111 37.98 23.19 -25.16
C ILE G 111 37.22 23.39 -23.88
N VAL G 112 36.99 22.31 -23.13
CA VAL G 112 36.48 22.43 -21.76
C VAL G 112 37.32 21.50 -20.91
N GLN G 113 38.62 21.80 -20.85
CA GLN G 113 39.60 20.91 -20.27
C GLN G 113 39.47 20.80 -18.76
N GLY G 114 39.74 19.59 -18.27
CA GLY G 114 39.90 19.32 -16.83
C GLY G 114 38.61 19.31 -16.02
N VAL G 115 37.45 19.20 -16.68
CA VAL G 115 36.17 19.16 -15.97
C VAL G 115 35.45 17.94 -16.49
N SER G 116 34.95 17.11 -15.59
CA SER G 116 34.21 15.91 -15.98
C SER G 116 32.73 16.17 -15.92
N HIS G 117 31.98 15.41 -16.72
CA HIS G 117 30.53 15.49 -16.71
C HIS G 117 29.99 15.25 -15.30
N GLU G 118 30.67 14.40 -14.55
CA GLU G 118 30.30 14.11 -13.18
C GLU G 118 30.23 15.38 -12.33
N GLU G 119 31.28 16.18 -12.42
CA GLU G 119 31.34 17.45 -11.70
C GLU G 119 30.22 18.40 -12.15
N ILE G 120 29.99 18.46 -13.47
CA ILE G 120 28.99 19.35 -14.05
C ILE G 120 27.58 18.88 -13.66
N SER G 121 27.38 17.56 -13.61
CA SER G 121 26.10 17.00 -13.19
C SER G 121 25.74 17.50 -11.78
N LEU G 122 26.71 17.46 -10.88
CA LEU G 122 26.51 17.89 -9.52
C LEU G 122 26.19 19.38 -9.42
N MSE G 123 26.88 20.18 -10.23
CA MSE G 123 26.67 21.62 -10.27
C MSE G 123 25.27 21.94 -10.73
O MSE G 123 24.61 22.82 -10.19
CB MSE G 123 27.70 22.30 -11.20
CG MSE G 123 29.12 22.39 -10.62
SE MSE G 123 30.46 22.80 -12.04
CE MSE G 123 30.12 24.73 -12.18
N LEU G 124 24.82 21.21 -11.76
CA LEU G 124 23.49 21.43 -12.31
C LEU G 124 22.44 20.91 -11.37
N MSE G 125 22.73 19.84 -10.65
CA MSE G 125 21.78 19.32 -9.66
C MSE G 125 21.54 20.34 -8.54
O MSE G 125 20.41 20.56 -8.13
CB MSE G 125 22.28 18.01 -9.06
CG MSE G 125 22.16 16.83 -9.99
SE MSE G 125 22.97 15.24 -9.24
CE MSE G 125 21.39 14.72 -8.17
N GLU G 126 22.63 20.93 -8.05
CA GLU G 126 22.56 21.96 -7.00
C GLU G 126 21.88 23.22 -7.51
N ARG G 127 22.13 23.57 -8.76
CA ARG G 127 21.44 24.69 -9.38
C ARG G 127 19.95 24.44 -9.39
N MSE G 128 19.54 23.28 -9.88
CA MSE G 128 18.11 22.92 -9.91
CA MSE G 128 18.11 22.91 -9.93
C MSE G 128 17.53 22.80 -8.52
O MSE G 128 16.36 23.07 -8.33
CB MSE G 128 17.91 21.62 -10.63
CB MSE G 128 17.90 21.59 -10.71
CG MSE G 128 18.13 21.71 -12.10
CG MSE G 128 16.43 21.34 -11.10
SE MSE G 128 17.97 19.96 -12.84
SE MSE G 128 15.95 19.64 -11.99
CE MSE G 128 16.03 19.85 -13.03
CE MSE G 128 16.65 20.05 -13.78
N ASN G 129 18.34 22.40 -7.55
CA ASN G 129 17.88 22.26 -6.16
C ASN G 129 17.51 23.62 -5.55
N LYS G 130 18.25 24.67 -5.90
CA LYS G 130 17.92 26.03 -5.46
C LYS G 130 16.60 26.45 -6.09
N GLU G 131 16.49 26.32 -7.42
CA GLU G 131 15.24 26.66 -8.13
C GLU G 131 14.05 25.94 -7.52
N MSE G 132 14.25 24.72 -6.99
CA MSE G 132 13.17 23.89 -6.47
C MSE G 132 13.17 23.84 -4.95
O MSE G 132 12.72 22.86 -4.38
CB MSE G 132 13.28 22.49 -7.05
CG MSE G 132 13.18 22.48 -8.55
SE MSE G 132 13.28 20.70 -9.35
CE MSE G 132 12.60 21.10 -11.11
N ASN G 133 13.71 24.87 -4.33
CA ASN G 133 13.59 25.08 -2.90
CA ASN G 133 13.62 25.08 -2.88
C ASN G 133 13.95 23.84 -2.07
N GLY G 134 15.05 23.19 -2.44
CA GLY G 134 15.59 22.06 -1.62
C GLY G 134 14.97 20.69 -1.81
N GLN G 135 14.05 20.57 -2.77
CA GLN G 135 13.32 19.35 -3.06
C GLN G 135 14.19 18.21 -3.60
N LEU G 136 15.39 18.53 -4.10
CA LEU G 136 16.33 17.53 -4.60
C LEU G 136 17.41 17.13 -3.63
N SER G 137 17.33 17.62 -2.39
CA SER G 137 18.44 17.46 -1.45
C SER G 137 18.73 16.01 -1.14
N LEU G 138 17.68 15.23 -0.91
CA LEU G 138 17.86 13.79 -0.64
C LEU G 138 18.43 13.06 -1.88
N ALA G 139 17.90 13.39 -3.06
CA ALA G 139 18.38 12.84 -4.31
C ALA G 139 19.89 13.06 -4.46
N ILE G 140 20.34 14.27 -4.16
CA ILE G 140 21.75 14.61 -4.30
C ILE G 140 22.56 13.84 -3.29
N GLN G 141 21.99 13.67 -2.10
CA GLN G 141 22.68 12.95 -1.05
C GLN G 141 22.91 11.46 -1.46
N ILE G 142 21.90 10.87 -2.09
CA ILE G 142 21.98 9.49 -2.56
C ILE G 142 22.94 9.42 -3.76
N PHE G 143 22.82 10.38 -4.66
CA PHE G 143 23.72 10.47 -5.80
C PHE G 143 25.20 10.49 -5.33
N LYS G 144 25.48 11.15 -4.23
CA LYS G 144 26.86 11.27 -3.76
C LYS G 144 27.30 10.08 -2.90
N ASP G 145 26.36 9.17 -2.64
CA ASP G 145 26.59 8.02 -1.75
C ASP G 145 26.85 8.47 -0.31
N GLU G 146 26.07 9.45 0.14
CA GLU G 146 26.23 10.03 1.47
C GLU G 146 24.96 9.83 2.27
N TYR G 147 24.18 8.82 1.89
CA TYR G 147 22.98 8.45 2.60
C TYR G 147 23.19 7.07 3.23
N PRO G 148 22.82 6.91 4.50
CA PRO G 148 23.01 5.68 5.25
C PRO G 148 22.41 4.40 4.67
N LYS G 149 21.28 4.46 3.97
CA LYS G 149 20.71 3.28 3.26
C LYS G 149 21.36 3.14 1.87
N ARG G 150 22.45 2.39 1.84
CA ARG G 150 23.43 2.50 0.76
C ARG G 150 23.06 1.80 -0.56
N PHE G 151 22.14 0.84 -0.51
CA PHE G 151 21.70 0.16 -1.73
C PHE G 151 21.00 1.10 -2.71
N LEU G 152 20.43 2.19 -2.19
CA LEU G 152 19.77 3.14 -3.02
C LEU G 152 20.75 3.77 -4.01
N HIS G 153 21.91 4.16 -3.54
CA HIS G 153 22.95 4.72 -4.42
C HIS G 153 23.38 3.68 -5.46
N GLN G 154 23.48 2.42 -5.03
CA GLN G 154 23.89 1.33 -5.91
C GLN G 154 22.97 1.14 -7.13
N LEU G 155 21.73 1.57 -6.99
CA LEU G 155 20.79 1.51 -8.08
C LEU G 155 21.12 2.61 -9.11
N VAL G 156 21.72 3.70 -8.63
CA VAL G 156 22.11 4.81 -9.50
C VAL G 156 23.49 4.56 -10.13
N SER G 157 24.41 4.04 -9.31
CA SER G 157 25.79 3.84 -9.73
C SER G 157 26.39 2.57 -9.10
N GLY G 158 26.71 1.61 -9.96
CA GLY G 158 27.26 0.32 -9.53
C GLY G 158 27.06 -0.82 -10.52
N GLN G 159 27.56 -1.99 -10.16
CA GLN G 159 27.53 -3.15 -11.07
C GLN G 159 26.14 -3.41 -11.64
N LEU G 160 25.11 -3.07 -10.89
CA LEU G 160 23.76 -3.32 -11.35
C LEU G 160 22.95 -2.04 -11.53
N ASP G 161 23.59 -0.91 -11.79
CA ASP G 161 22.84 0.35 -11.85
C ASP G 161 21.93 0.44 -13.09
N MSE G 162 20.90 1.24 -12.92
CA MSE G 162 19.87 1.42 -13.91
C MSE G 162 20.39 2.14 -15.14
O MSE G 162 19.75 2.12 -16.17
CB MSE G 162 18.73 2.25 -13.30
CG MSE G 162 18.06 1.65 -12.04
SE MSE G 162 17.31 -0.14 -12.31
CE MSE G 162 18.67 -1.17 -11.38
N ASP G 163 21.50 2.85 -14.97
CA ASP G 163 22.22 3.52 -16.03
C ASP G 163 22.65 2.48 -17.08
N ARG G 164 23.51 1.52 -16.69
CA ARG G 164 23.96 0.50 -17.65
C ARG G 164 22.85 -0.44 -18.07
N LEU G 165 21.91 -0.77 -17.18
CA LEU G 165 20.79 -1.59 -17.63
C LEU G 165 19.95 -0.87 -18.69
N ASP G 166 19.91 0.45 -18.70
CA ASP G 166 19.31 1.13 -19.83
C ASP G 166 20.25 1.13 -21.04
N TYR G 167 21.44 1.68 -20.87
CA TYR G 167 22.23 1.99 -22.06
C TYR G 167 22.67 0.77 -22.83
N LEU G 168 23.02 -0.34 -22.16
CA LEU G 168 23.41 -1.51 -22.92
C LEU G 168 22.24 -2.00 -23.75
N ARG G 169 21.05 -1.96 -23.19
CA ARG G 169 19.85 -2.42 -23.91
C ARG G 169 19.44 -1.42 -24.99
N ARG G 170 19.56 -0.11 -24.70
CA ARG G 170 19.12 0.91 -25.67
C ARG G 170 20.15 1.04 -26.82
N ASP G 171 21.42 0.97 -26.49
CA ASP G 171 22.47 1.13 -27.47
C ASP G 171 22.42 -0.04 -28.45
N SER G 172 22.17 -1.21 -27.91
CA SER G 172 22.07 -2.42 -28.67
C SER G 172 20.89 -2.35 -29.60
N PHE G 173 19.76 -1.96 -29.03
CA PHE G 173 18.51 -1.80 -29.81
C PHE G 173 18.66 -0.82 -30.99
N TYR G 174 19.31 0.32 -30.77
CA TYR G 174 19.41 1.37 -31.81
C TYR G 174 20.53 1.13 -32.85
N THR G 175 21.69 0.66 -32.40
CA THR G 175 22.78 0.23 -33.31
C THR G 175 22.37 -0.98 -34.16
N GLY G 176 21.59 -1.89 -33.58
CA GLY G 176 21.17 -3.11 -34.26
C GLY G 176 22.15 -4.25 -33.98
N VAL G 177 23.23 -3.97 -33.24
CA VAL G 177 24.03 -5.02 -32.61
C VAL G 177 23.20 -5.82 -31.56
N THR G 178 22.33 -6.71 -32.05
CA THR G 178 21.44 -7.46 -31.19
C THR G 178 22.16 -8.53 -30.35
N GLU G 179 23.42 -8.79 -30.69
CA GLU G 179 24.33 -9.65 -29.93
C GLU G 179 24.64 -9.08 -28.54
N GLY G 180 24.48 -7.76 -28.36
CA GLY G 180 24.72 -7.12 -27.08
C GLY G 180 23.47 -6.86 -26.26
N ASN G 181 22.37 -7.44 -26.66
CA ASN G 181 21.15 -7.29 -25.92
C ASN G 181 21.23 -7.90 -24.54
N ILE G 182 20.63 -7.22 -23.57
CA ILE G 182 20.49 -7.75 -22.21
C ILE G 182 19.05 -7.71 -21.78
N GLY G 183 18.69 -8.53 -20.81
CA GLY G 183 17.32 -8.62 -20.33
C GLY G 183 17.11 -7.72 -19.13
N SER G 184 17.10 -6.42 -19.37
CA SER G 184 17.08 -5.43 -18.30
C SER G 184 15.94 -5.69 -17.29
N ALA G 185 14.72 -5.82 -17.78
CA ALA G 185 13.57 -6.01 -16.91
C ALA G 185 13.61 -7.37 -16.17
N ARG G 186 14.21 -8.36 -16.82
CA ARG G 186 14.45 -9.64 -16.17
C ARG G 186 15.39 -9.53 -15.00
N ILE G 187 16.49 -8.83 -15.21
CA ILE G 187 17.50 -8.67 -14.17
C ILE G 187 16.85 -7.98 -12.95
N ILE G 188 16.10 -6.90 -13.19
CA ILE G 188 15.44 -6.18 -12.13
C ILE G 188 14.51 -7.12 -11.31
N LYS G 189 13.82 -8.02 -12.00
CA LYS G 189 12.93 -8.97 -11.32
C LYS G 189 13.63 -9.93 -10.36
N MSE G 190 14.93 -10.11 -10.51
CA MSE G 190 15.73 -11.00 -9.67
C MSE G 190 16.55 -10.21 -8.65
O MSE G 190 17.41 -10.75 -7.96
CB MSE G 190 16.68 -11.80 -10.56
CG MSE G 190 16.01 -12.62 -11.61
SE MSE G 190 15.04 -14.08 -10.79
CE MSE G 190 13.27 -13.35 -10.67
N LEU G 191 16.28 -8.92 -8.55
CA LEU G 191 17.07 -8.05 -7.72
C LEU G 191 16.58 -8.18 -6.27
N ASP G 192 17.52 -8.12 -5.34
CA ASP G 192 17.20 -8.06 -3.92
C ASP G 192 18.31 -7.34 -3.17
N VAL G 193 18.14 -7.17 -1.85
CA VAL G 193 19.13 -6.58 -0.96
C VAL G 193 19.53 -7.57 0.12
N ALA G 194 20.81 -7.68 0.41
CA ALA G 194 21.32 -8.45 1.54
C ALA G 194 22.42 -7.59 2.14
N ASP G 195 22.33 -7.31 3.43
CA ASP G 195 23.34 -6.50 4.14
C ASP G 195 23.60 -5.16 3.47
N ASP G 196 22.51 -4.49 3.13
CA ASP G 196 22.53 -3.14 2.54
C ASP G 196 23.34 -3.07 1.24
N ARG G 197 23.32 -4.15 0.49
CA ARG G 197 23.91 -4.14 -0.83
C ARG G 197 23.02 -4.93 -1.79
N LEU G 198 23.09 -4.60 -3.08
CA LEU G 198 22.24 -5.25 -4.06
C LEU G 198 22.78 -6.64 -4.35
N VAL G 199 21.85 -7.58 -4.49
CA VAL G 199 22.16 -8.93 -4.87
C VAL G 199 21.19 -9.39 -5.96
N ILE G 200 21.57 -10.48 -6.64
CA ILE G 200 20.69 -11.09 -7.62
C ILE G 200 20.35 -12.49 -7.16
N GLU G 201 19.07 -12.85 -7.22
CA GLU G 201 18.63 -14.21 -6.90
C GLU G 201 19.24 -15.24 -7.86
N SER G 202 19.52 -16.43 -7.36
CA SER G 202 20.16 -17.53 -8.11
C SER G 202 19.43 -17.92 -9.40
N LYS G 203 18.12 -17.79 -9.42
CA LYS G 203 17.32 -18.04 -10.60
C LYS G 203 17.77 -17.17 -11.80
N GLY G 204 18.36 -16.00 -11.53
CA GLY G 204 18.83 -15.07 -12.55
C GLY G 204 20.28 -15.18 -12.91
N ILE G 205 20.96 -16.24 -12.50
CA ILE G 205 22.37 -16.44 -12.86
C ILE G 205 22.61 -16.34 -14.42
N TYR G 206 21.69 -16.91 -15.20
CA TYR G 206 21.71 -16.92 -16.68
C TYR G 206 21.68 -15.51 -17.21
N SER G 207 20.70 -14.74 -16.76
CA SER G 207 20.54 -13.34 -17.10
C SER G 207 21.77 -12.50 -16.82
N ILE G 208 22.43 -12.79 -15.72
CA ILE G 208 23.62 -12.09 -15.34
C ILE G 208 24.84 -12.53 -16.14
N GLU G 209 24.94 -13.81 -16.49
CA GLU G 209 26.03 -14.32 -17.37
C GLU G 209 25.92 -13.60 -18.74
N ASN G 210 24.73 -13.55 -19.29
CA ASN G 210 24.49 -12.81 -20.52
C ASN G 210 24.80 -11.32 -20.41
N PHE G 211 24.49 -10.73 -19.25
CA PHE G 211 24.79 -9.33 -18.95
C PHE G 211 26.28 -9.05 -19.00
N LEU G 212 27.07 -9.92 -18.38
CA LEU G 212 28.50 -9.73 -18.29
C LEU G 212 29.21 -9.89 -19.66
N THR G 213 28.73 -10.79 -20.49
CA THR G 213 29.34 -11.02 -21.80
C THR G 213 28.90 -9.92 -22.82
N ALA G 214 27.61 -9.60 -22.80
CA ALA G 214 27.03 -8.52 -23.58
C ALA G 214 27.79 -7.20 -23.39
N ARG G 215 28.17 -6.92 -22.16
CA ARG G 215 28.90 -5.73 -21.88
C ARG G 215 30.27 -5.70 -22.56
N ARG G 216 30.89 -6.86 -22.60
CA ARG G 216 32.19 -7.01 -23.23
C ARG G 216 32.10 -6.88 -24.73
N LEU G 217 31.08 -7.53 -25.31
CA LEU G 217 30.79 -7.45 -26.72
C LEU G 217 30.49 -6.03 -27.20
N MSE G 218 29.65 -5.30 -26.45
CA MSE G 218 29.34 -3.90 -26.76
C MSE G 218 30.57 -3.02 -26.61
O MSE G 218 30.76 -2.11 -27.39
CB MSE G 218 28.21 -3.37 -25.90
CG MSE G 218 26.87 -3.99 -26.19
SE MSE G 218 26.19 -3.63 -27.98
CE MSE G 218 25.66 -1.74 -27.62
N TYR G 219 31.45 -3.34 -25.69
CA TYR G 219 32.68 -2.60 -25.53
C TYR G 219 33.50 -2.53 -26.81
N TRP G 220 33.79 -3.70 -27.38
CA TRP G 220 34.61 -3.81 -28.57
C TRP G 220 33.84 -3.58 -29.89
N GLN G 221 32.62 -4.09 -29.99
CA GLN G 221 31.85 -3.98 -31.23
C GLN G 221 31.38 -2.54 -31.49
N VAL G 222 31.03 -1.82 -30.41
CA VAL G 222 30.41 -0.52 -30.53
C VAL G 222 31.26 0.60 -29.92
N TYR G 223 31.57 0.53 -28.64
CA TYR G 223 32.18 1.71 -27.98
C TYR G 223 33.58 1.98 -28.40
N LEU G 224 34.31 0.94 -28.74
CA LEU G 224 35.70 1.09 -29.19
C LEU G 224 35.82 0.58 -30.62
N HIS G 225 34.73 0.65 -31.39
CA HIS G 225 34.85 0.34 -32.81
C HIS G 225 35.87 1.28 -33.41
N LYS G 226 36.76 0.76 -34.24
CA LYS G 226 37.93 1.57 -34.65
C LYS G 226 37.54 2.75 -35.56
N THR G 227 36.48 2.60 -36.34
CA THR G 227 35.97 3.72 -37.12
C THR G 227 35.50 4.87 -36.23
N SER G 228 34.83 4.55 -35.11
CA SER G 228 34.39 5.58 -34.14
C SER G 228 35.58 6.21 -33.40
N VAL G 229 36.60 5.40 -33.16
CA VAL G 229 37.86 5.87 -32.57
C VAL G 229 38.49 6.91 -33.49
N ALA G 230 38.52 6.61 -34.79
CA ALA G 230 39.10 7.53 -35.79
C ALA G 230 38.29 8.83 -35.90
N TYR G 231 36.95 8.69 -35.99
CA TYR G 231 36.03 9.85 -35.99
C TYR G 231 36.27 10.79 -34.85
N GLU G 232 36.42 10.20 -33.68
CA GLU G 232 36.68 10.96 -32.46
C GLU G 232 38.00 11.69 -32.55
N ARG G 233 39.01 11.04 -33.08
CA ARG G 233 40.33 11.67 -33.25
C ARG G 233 40.25 12.89 -34.17
N MSE G 234 39.51 12.73 -35.26
CA MSE G 234 39.24 13.82 -36.20
C MSE G 234 38.54 15.02 -35.57
O MSE G 234 38.88 16.18 -35.89
CB MSE G 234 38.34 13.35 -37.31
CG MSE G 234 38.94 12.31 -38.15
SE MSE G 234 37.79 11.93 -39.61
CE MSE G 234 37.86 13.69 -40.33
N LEU G 235 37.56 14.74 -34.71
CA LEU G 235 36.85 15.81 -34.02
C LEU G 235 37.74 16.49 -33.01
N ILE G 236 38.57 15.72 -32.32
CA ILE G 236 39.48 16.35 -31.34
C ILE G 236 40.46 17.29 -32.10
N SER G 237 40.92 16.86 -33.26
CA SER G 237 41.81 17.66 -34.09
C SER G 237 41.13 18.95 -34.53
N THR G 238 39.92 18.79 -35.08
CA THR G 238 39.12 19.93 -35.55
C THR G 238 38.96 20.95 -34.43
N LEU G 239 38.55 20.53 -33.24
CA LEU G 239 38.33 21.48 -32.16
C LEU G 239 39.61 22.09 -31.62
N LEU G 240 40.72 21.34 -31.66
CA LEU G 240 42.00 21.91 -31.19
C LEU G 240 42.52 22.96 -32.21
N ARG G 241 42.36 22.67 -33.48
CA ARG G 241 42.69 23.61 -34.54
C ARG G 241 41.91 24.90 -34.41
N ALA G 242 40.62 24.76 -34.18
CA ALA G 242 39.71 25.91 -34.00
C ALA G 242 40.18 26.76 -32.83
N LYS G 243 40.56 26.14 -31.72
CA LYS G 243 41.06 26.93 -30.60
C LYS G 243 42.44 27.56 -30.89
N GLU G 244 43.24 26.87 -31.72
CA GLU G 244 44.54 27.42 -32.12
C GLU G 244 44.23 28.71 -32.91
N LEU G 245 43.55 28.54 -34.03
CA LEU G 245 43.17 29.67 -34.88
C LEU G 245 42.54 30.81 -34.08
N ALA G 246 41.57 30.50 -33.24
CA ALA G 246 40.92 31.53 -32.40
C ALA G 246 41.92 32.30 -31.55
N SER G 247 42.88 31.58 -30.98
CA SER G 247 43.88 32.20 -30.07
C SER G 247 44.78 33.19 -30.82
N GLN G 248 44.99 32.90 -32.09
CA GLN G 248 45.73 33.78 -32.98
C GLN G 248 44.83 34.91 -33.47
N GLY G 249 43.58 34.96 -33.00
CA GLY G 249 42.65 35.98 -33.41
C GLY G 249 41.98 35.71 -34.75
N VAL G 250 42.08 34.49 -35.31
CA VAL G 250 41.36 34.22 -36.56
C VAL G 250 39.86 34.15 -36.22
N GLU G 251 39.02 34.55 -37.17
CA GLU G 251 37.59 34.62 -36.93
C GLU G 251 36.97 33.31 -37.38
N LEU G 252 36.20 32.71 -36.47
CA LEU G 252 35.55 31.42 -36.73
C LEU G 252 34.05 31.55 -36.50
N PHE G 253 33.24 31.04 -37.43
CA PHE G 253 31.78 31.00 -37.18
C PHE G 253 31.51 30.16 -35.95
N ALA G 254 30.68 30.66 -35.05
CA ALA G 254 30.33 29.88 -33.89
C ALA G 254 29.22 30.59 -33.10
N SER G 255 28.25 29.80 -32.62
CA SER G 255 27.23 30.30 -31.71
C SER G 255 27.88 30.93 -30.50
N PRO G 256 27.20 31.88 -29.83
CA PRO G 256 27.80 32.48 -28.66
C PRO G 256 28.37 31.50 -27.64
N ALA G 257 27.61 30.46 -27.33
CA ALA G 257 28.05 29.48 -26.37
C ALA G 257 29.35 28.81 -26.83
N LEU G 258 29.44 28.42 -28.10
CA LEU G 258 30.67 27.73 -28.56
C LEU G 258 31.84 28.71 -28.58
N HIS G 259 31.54 29.94 -29.04
CA HIS G 259 32.49 31.03 -29.14
C HIS G 259 33.17 31.29 -27.81
N PHE G 260 32.42 31.26 -26.74
CA PHE G 260 32.99 31.42 -25.39
C PHE G 260 34.16 30.50 -25.04
N PHE G 261 34.09 29.26 -25.50
CA PHE G 261 35.09 28.25 -25.19
C PHE G 261 36.19 28.20 -26.24
N LEU G 262 35.90 28.69 -27.45
CA LEU G 262 36.93 28.83 -28.47
C LEU G 262 37.86 30.04 -28.22
N TYR G 263 37.27 31.14 -27.78
CA TYR G 263 37.97 32.41 -27.68
C TYR G 263 38.38 32.73 -26.23
N ASN G 264 38.19 31.79 -25.32
CA ASN G 264 38.78 31.89 -24.00
C ASN G 264 39.51 30.55 -23.66
N ASP G 265 40.43 30.58 -22.71
CA ASP G 265 41.08 29.34 -22.30
C ASP G 265 40.36 28.88 -21.05
N ILE G 266 39.40 27.98 -21.22
CA ILE G 266 38.65 27.47 -20.08
C ILE G 266 39.28 26.19 -19.55
N ASN G 267 39.59 26.21 -18.25
CA ASN G 267 40.20 25.10 -17.56
C ASN G 267 39.39 24.84 -16.29
N HIS G 268 39.80 23.85 -15.51
CA HIS G 268 39.09 23.47 -14.29
C HIS G 268 38.87 24.66 -13.34
N THR G 269 39.92 25.43 -13.10
CA THR G 269 39.87 26.58 -12.16
C THR G 269 38.86 27.63 -12.62
N GLU G 270 39.00 27.98 -13.89
CA GLU G 270 38.12 28.97 -14.51
C GLU G 270 36.67 28.48 -14.49
N PHE G 271 36.46 27.21 -14.83
CA PHE G 271 35.11 26.67 -14.95
C PHE G 271 34.36 26.73 -13.64
N HIS G 272 35.02 26.38 -12.54
CA HIS G 272 34.37 26.40 -11.22
C HIS G 272 34.22 27.80 -10.63
N ASN G 273 35.14 28.70 -10.96
CA ASN G 273 35.19 30.03 -10.34
C ASN G 273 34.49 31.12 -11.14
N ASN G 274 34.49 31.02 -12.47
CA ASN G 274 33.78 31.96 -13.32
C ASN G 274 32.39 31.42 -13.74
N PRO G 275 31.30 31.99 -13.19
CA PRO G 275 29.94 31.48 -13.46
C PRO G 275 29.46 31.55 -14.91
N ASP G 276 30.15 32.32 -15.75
CA ASP G 276 29.81 32.38 -17.18
C ASP G 276 30.13 31.08 -17.91
N CYS G 277 31.06 30.31 -17.35
CA CYS G 277 31.40 29.02 -17.93
C CYS G 277 30.20 28.05 -17.92
N LEU G 278 29.64 27.81 -16.73
CA LEU G 278 28.48 26.96 -16.62
C LEU G 278 27.35 27.49 -17.49
N GLU G 279 27.13 28.80 -17.44
CA GLU G 279 26.01 29.38 -18.18
C GLU G 279 26.11 29.14 -19.68
N ASN G 280 27.33 29.17 -20.21
CA ASN G 280 27.50 28.88 -21.63
C ASN G 280 27.56 27.37 -21.93
N PHE G 281 28.05 26.61 -20.96
CA PHE G 281 28.05 25.16 -21.10
C PHE G 281 26.60 24.65 -21.25
N ILE G 282 25.70 25.16 -20.42
CA ILE G 282 24.28 24.81 -20.46
C ILE G 282 23.66 25.02 -21.83
N GLN G 283 24.25 25.91 -22.64
CA GLN G 283 23.69 26.23 -23.97
C GLN G 283 24.28 25.44 -25.13
N LEU G 284 25.25 24.56 -24.83
CA LEU G 284 25.85 23.72 -25.86
C LEU G 284 25.08 22.44 -26.01
N ASP G 285 24.78 22.07 -27.24
CA ASP G 285 24.30 20.76 -27.59
C ASP G 285 24.90 20.36 -28.94
N ASP G 286 24.48 19.23 -29.48
CA ASP G 286 25.12 18.74 -30.70
C ASP G 286 25.04 19.71 -31.87
N ASN G 287 23.97 20.50 -31.93
CA ASN G 287 23.76 21.49 -32.99
C ASN G 287 24.84 22.54 -33.09
N ASP G 288 25.30 23.04 -31.95
CA ASP G 288 26.44 23.97 -31.90
C ASP G 288 27.68 23.39 -32.58
N ILE G 289 27.99 22.13 -32.30
CA ILE G 289 29.17 21.50 -32.85
C ILE G 289 29.02 21.25 -34.33
N TRP G 290 27.89 20.66 -34.75
CA TRP G 290 27.70 20.37 -36.17
C TRP G 290 27.55 21.63 -37.07
N THR G 291 27.03 22.70 -36.49
CA THR G 291 26.86 23.92 -37.24
C THR G 291 28.25 24.47 -37.53
N ALA G 292 29.10 24.53 -36.51
CA ALA G 292 30.50 24.94 -36.69
C ALA G 292 31.17 24.10 -37.79
N LEU G 293 31.11 22.79 -37.69
CA LEU G 293 31.74 21.97 -38.67
C LEU G 293 31.23 22.28 -40.06
N LYS G 294 29.94 22.56 -40.16
CA LYS G 294 29.30 22.77 -41.45
C LYS G 294 29.86 24.03 -42.11
N VAL G 295 29.98 25.06 -41.32
CA VAL G 295 30.42 26.35 -41.80
C VAL G 295 31.92 26.31 -42.01
N TRP G 296 32.65 25.79 -41.02
CA TRP G 296 34.10 25.62 -41.12
C TRP G 296 34.56 24.77 -42.26
N SER G 297 33.71 23.92 -42.82
CA SER G 297 34.14 23.15 -43.98
C SER G 297 34.45 24.00 -45.22
N ASN G 298 34.06 25.28 -45.18
CA ASN G 298 34.40 26.24 -46.23
C ASN G 298 35.36 27.33 -45.73
N HIS G 299 35.95 27.14 -44.55
CA HIS G 299 36.87 28.16 -44.01
C HIS G 299 38.16 28.19 -44.86
N PRO G 300 38.81 29.36 -44.95
CA PRO G 300 40.09 29.45 -45.72
C PRO G 300 41.21 28.55 -45.22
N ASP G 301 41.35 28.40 -43.90
CA ASP G 301 42.36 27.49 -43.36
C ASP G 301 42.21 26.07 -43.93
N LYS G 302 43.33 25.51 -44.40
CA LYS G 302 43.32 24.20 -45.08
C LYS G 302 43.11 23.05 -44.08
N VAL G 303 43.68 23.22 -42.90
CA VAL G 303 43.56 22.21 -41.85
C VAL G 303 42.12 22.11 -41.37
N LEU G 304 41.64 23.21 -40.78
CA LEU G 304 40.24 23.28 -40.26
C LEU G 304 39.25 22.82 -41.28
N SER G 305 39.43 23.26 -42.51
CA SER G 305 38.43 22.98 -43.52
C SER G 305 38.50 21.54 -43.96
N THR G 306 39.69 20.99 -44.00
CA THR G 306 39.82 19.62 -44.51
C THR G 306 39.28 18.63 -43.47
N LEU G 307 39.57 18.91 -42.20
CA LEU G 307 38.99 18.15 -41.09
C LEU G 307 37.45 18.26 -41.10
N SER G 308 36.96 19.51 -41.04
CA SER G 308 35.52 19.79 -40.99
C SER G 308 34.77 19.10 -42.11
N LEU G 309 35.28 19.19 -43.33
CA LEU G 309 34.60 18.58 -44.47
C LEU G 309 34.61 17.06 -44.37
N GLY G 310 35.69 16.53 -43.79
CA GLY G 310 35.80 15.09 -43.57
C GLY G 310 34.75 14.56 -42.62
N MSE G 311 34.51 15.33 -41.55
CA MSE G 311 33.44 15.08 -40.56
C MSE G 311 32.06 15.12 -41.22
O MSE G 311 31.29 14.19 -41.10
CB MSE G 311 33.42 16.14 -39.48
CG MSE G 311 34.68 16.29 -38.70
SE MSE G 311 34.96 14.96 -37.34
CE MSE G 311 33.26 15.02 -36.32
N ILE G 312 31.74 16.19 -41.93
CA ILE G 312 30.38 16.30 -42.48
C ILE G 312 30.17 15.38 -43.66
N ASN G 313 31.23 15.05 -44.39
CA ASN G 313 31.05 14.21 -45.55
C ASN G 313 31.38 12.74 -45.34
N ARG G 314 31.80 12.43 -44.10
CA ARG G 314 32.14 11.06 -43.72
C ARG G 314 33.29 10.57 -44.57
N ASN G 315 34.31 11.40 -44.69
CA ASN G 315 35.57 10.92 -45.24
C ASN G 315 36.43 10.75 -44.02
N ILE G 316 36.42 9.51 -43.49
CA ILE G 316 37.01 9.27 -42.18
C ILE G 316 38.44 8.85 -42.38
N PHE G 317 39.31 9.26 -41.47
CA PHE G 317 40.67 8.71 -41.41
C PHE G 317 40.71 7.21 -41.58
N LYS G 318 41.77 6.76 -42.24
CA LYS G 318 42.12 5.36 -42.26
C LYS G 318 42.54 4.99 -40.82
N VAL G 319 42.18 3.78 -40.40
CA VAL G 319 42.53 3.30 -39.06
C VAL G 319 43.14 1.91 -39.13
N GLU G 320 44.38 1.80 -38.65
CA GLU G 320 45.05 0.51 -38.44
C GLU G 320 45.10 0.28 -36.94
N ASN G 321 45.10 -0.99 -36.53
CA ASN G 321 45.38 -1.35 -35.13
C ASN G 321 46.50 -2.36 -35.05
N SER G 322 47.33 -2.23 -34.00
CA SER G 322 48.46 -3.12 -33.76
C SER G 322 48.43 -3.59 -32.30
N ALA G 323 49.00 -4.77 -32.06
CA ALA G 323 49.17 -5.31 -30.71
C ALA G 323 50.38 -4.65 -30.03
N GLU G 324 51.28 -4.12 -30.86
CA GLU G 324 52.46 -3.39 -30.41
C GLU G 324 52.35 -1.92 -30.77
N PRO G 325 53.01 -1.05 -29.99
CA PRO G 325 53.10 0.38 -30.26
C PRO G 325 53.39 0.72 -31.73
N ILE G 326 52.93 1.88 -32.17
CA ILE G 326 53.18 2.31 -33.54
C ILE G 326 54.59 2.93 -33.61
N GLY G 327 55.34 2.52 -34.62
CA GLY G 327 56.73 2.95 -34.77
C GLY G 327 56.88 4.41 -35.16
N GLU G 328 57.77 5.13 -34.45
CA GLU G 328 58.03 6.55 -34.72
C GLU G 328 58.33 6.82 -36.20
N ASP G 329 58.89 5.83 -36.89
CA ASP G 329 59.24 5.96 -38.32
C ASP G 329 58.03 5.96 -39.23
N ARG G 330 57.04 5.13 -38.90
CA ARG G 330 55.79 5.12 -39.66
C ARG G 330 55.08 6.47 -39.52
N ILE G 331 55.04 6.99 -38.30
CA ILE G 331 54.35 8.23 -38.00
C ILE G 331 54.95 9.36 -38.85
N LYS G 332 56.28 9.52 -38.77
CA LYS G 332 57.02 10.58 -39.48
C LYS G 332 56.79 10.49 -41.00
N GLU G 333 56.81 9.25 -41.49
CA GLU G 333 56.59 8.97 -42.90
C GLU G 333 55.24 9.52 -43.29
N LEU G 334 54.19 9.04 -42.62
CA LEU G 334 52.81 9.44 -42.90
C LEU G 334 52.67 10.95 -42.77
N THR G 335 53.21 11.54 -41.70
CA THR G 335 53.06 12.96 -41.48
C THR G 335 53.58 13.73 -42.70
N LEU G 336 54.79 13.39 -43.13
CA LEU G 336 55.43 14.08 -44.25
C LEU G 336 54.62 13.85 -45.51
N GLN G 337 54.22 12.60 -45.76
CA GLN G 337 53.40 12.28 -46.94
C GLN G 337 52.11 13.13 -46.96
N ILE G 338 51.50 13.36 -45.79
CA ILE G 338 50.27 14.16 -45.71
C ILE G 338 50.60 15.65 -45.85
N SER G 339 51.66 16.09 -45.17
CA SER G 339 52.16 17.48 -45.32
C SER G 339 52.29 17.86 -46.80
N GLN G 340 52.84 16.94 -47.59
CA GLN G 340 53.00 17.17 -49.01
C GLN G 340 51.65 17.16 -49.71
N GLN G 341 50.88 16.08 -49.54
CA GLN G 341 49.65 15.88 -50.33
C GLN G 341 48.61 17.00 -50.08
N LEU G 342 48.59 17.58 -48.89
CA LEU G 342 47.69 18.70 -48.59
C LEU G 342 48.38 20.06 -48.62
N GLY G 343 49.70 20.06 -48.73
CA GLY G 343 50.41 21.32 -48.86
C GLY G 343 50.33 22.14 -47.61
N ILE G 344 50.68 21.52 -46.48
CA ILE G 344 50.67 22.25 -45.20
C ILE G 344 52.04 22.01 -44.54
N THR G 345 52.36 22.77 -43.48
CA THR G 345 53.59 22.53 -42.74
C THR G 345 53.59 21.13 -42.09
N LEU G 346 54.79 20.64 -41.77
CA LEU G 346 54.96 19.34 -41.13
C LEU G 346 54.20 19.36 -39.78
N SER G 347 54.38 20.45 -39.04
CA SER G 347 53.71 20.65 -37.77
C SER G 347 52.18 20.59 -37.90
N GLU G 348 51.67 21.16 -38.97
CA GLU G 348 50.25 21.15 -39.24
C GLU G 348 49.73 19.76 -39.59
N ALA G 349 50.62 18.95 -40.19
CA ALA G 349 50.28 17.60 -40.56
C ALA G 349 50.10 16.71 -39.32
N ASN G 350 50.53 17.19 -38.14
CA ASN G 350 50.23 16.51 -36.88
C ASN G 350 48.73 16.30 -36.68
N TYR G 351 47.94 17.31 -37.03
CA TYR G 351 46.48 17.25 -36.91
C TYR G 351 45.88 16.09 -37.69
N PHE G 352 46.63 15.50 -38.61
CA PHE G 352 46.10 14.46 -39.49
C PHE G 352 46.62 13.06 -39.26
N VAL G 353 47.40 12.91 -38.18
CA VAL G 353 47.94 11.61 -37.78
C VAL G 353 47.78 11.53 -36.26
N SER G 354 47.21 10.41 -35.80
CA SER G 354 46.88 10.21 -34.39
C SER G 354 47.11 8.76 -34.03
N THR G 355 47.65 8.57 -32.83
CA THR G 355 48.02 7.23 -32.35
C THR G 355 47.53 7.03 -30.92
N PRO G 356 46.21 6.99 -30.75
CA PRO G 356 45.66 6.73 -29.44
C PRO G 356 45.81 5.23 -29.16
N SER G 357 45.86 4.85 -27.89
CA SER G 357 46.00 3.45 -27.54
C SER G 357 45.04 3.11 -26.40
N ILE G 358 44.65 1.85 -26.32
CA ILE G 358 43.88 1.37 -25.18
C ILE G 358 44.67 0.28 -24.46
N GLU G 359 44.67 0.33 -23.14
CA GLU G 359 45.17 -0.78 -22.32
C GLU G 359 44.11 -1.10 -21.30
N LYS G 360 43.50 -2.26 -21.45
CA LYS G 360 42.27 -2.60 -20.75
C LYS G 360 42.36 -3.99 -20.09
N ASN G 361 42.16 -4.05 -18.78
CA ASN G 361 41.85 -5.30 -18.08
C ASN G 361 40.40 -5.67 -18.23
N MSE G 362 40.15 -6.78 -18.90
CA MSE G 362 38.79 -7.20 -19.22
C MSE G 362 38.01 -7.73 -18.00
O MSE G 362 36.78 -7.70 -18.01
CB MSE G 362 38.83 -8.24 -20.32
CG MSE G 362 39.31 -7.71 -21.65
SE MSE G 362 38.29 -6.15 -22.32
CE MSE G 362 36.55 -7.02 -22.43
N TYR G 363 38.71 -8.19 -16.97
CA TYR G 363 38.06 -8.44 -15.70
C TYR G 363 38.24 -7.27 -14.75
N ASP G 364 37.11 -6.65 -14.38
CA ASP G 364 37.11 -5.51 -13.47
C ASP G 364 35.97 -5.69 -12.49
N PRO G 365 36.28 -5.85 -11.19
CA PRO G 365 35.22 -6.07 -10.23
C PRO G 365 34.26 -4.89 -10.10
N ALA G 366 34.73 -3.69 -10.42
CA ALA G 366 33.84 -2.54 -10.53
C ALA G 366 32.61 -2.76 -11.43
N ASP G 367 32.75 -3.65 -12.41
CA ASP G 367 31.68 -4.00 -13.32
C ASP G 367 31.17 -5.42 -13.18
N ASP G 368 32.06 -6.32 -12.75
CA ASP G 368 31.81 -7.75 -12.79
C ASP G 368 31.43 -8.36 -11.43
N SER G 369 31.74 -7.68 -10.34
CA SER G 369 31.55 -8.27 -9.02
C SER G 369 30.10 -8.18 -8.60
N ILE G 370 29.37 -9.25 -8.81
CA ILE G 370 27.96 -9.30 -8.53
C ILE G 370 27.69 -10.52 -7.67
N ASP G 371 26.99 -10.29 -6.58
CA ASP G 371 26.71 -11.34 -5.61
C ASP G 371 25.36 -12.00 -5.89
N ILE G 372 25.37 -13.31 -5.81
CA ILE G 372 24.17 -14.08 -6.05
C ILE G 372 23.66 -14.61 -4.72
N ILE G 373 22.38 -14.43 -4.43
CA ILE G 373 21.78 -15.00 -3.23
C ILE G 373 20.93 -16.22 -3.53
N TYR G 374 21.16 -17.28 -2.76
CA TYR G 374 20.39 -18.54 -2.87
C TYR G 374 19.18 -18.64 -1.92
N LYS G 375 18.28 -19.61 -2.19
CA LYS G 375 17.05 -19.81 -1.40
C LYS G 375 17.33 -19.96 0.10
N ASP G 376 18.48 -20.54 0.43
CA ASP G 376 18.88 -20.77 1.82
C ASP G 376 19.66 -19.59 2.40
N GLY G 377 19.62 -18.44 1.71
CA GLY G 377 20.30 -17.23 2.16
C GLY G 377 21.82 -17.22 2.01
N THR G 378 22.40 -18.28 1.49
CA THR G 378 23.83 -18.27 1.15
C THR G 378 24.12 -17.32 -0.06
N ILE G 379 25.33 -16.76 -0.08
CA ILE G 379 25.70 -15.76 -1.05
C ILE G 379 27.03 -16.13 -1.69
N LYS G 380 27.03 -16.22 -3.03
CA LYS G 380 28.24 -16.47 -3.81
C LYS G 380 28.48 -15.32 -4.80
N ASN G 381 29.74 -15.02 -5.09
CA ASN G 381 30.05 -14.17 -6.22
C ASN G 381 29.73 -14.91 -7.53
N ILE G 382 29.28 -14.16 -8.54
CA ILE G 382 28.89 -14.70 -9.83
C ILE G 382 29.98 -15.63 -10.42
N ALA G 383 31.24 -15.29 -10.18
CA ALA G 383 32.38 -16.07 -10.66
C ALA G 383 32.37 -17.52 -10.14
N GLU G 384 31.89 -17.70 -8.91
CA GLU G 384 31.71 -19.05 -8.35
C GLU G 384 30.33 -19.62 -8.60
N ALA G 385 29.32 -18.78 -8.67
CA ALA G 385 27.97 -19.24 -8.95
C ALA G 385 27.80 -19.75 -10.36
N SER G 386 28.56 -19.19 -11.31
CA SER G 386 28.43 -19.55 -12.71
C SER G 386 29.24 -20.83 -12.97
N ASP G 387 28.64 -21.82 -13.59
CA ASP G 387 29.40 -22.97 -14.09
C ASP G 387 30.36 -22.56 -15.19
N MSE G 388 29.99 -21.58 -16.00
CA MSE G 388 30.78 -21.28 -17.15
C MSE G 388 31.76 -20.14 -16.94
O MSE G 388 32.87 -20.19 -17.43
CB MSE G 388 29.88 -21.00 -18.35
CG MSE G 388 30.61 -20.97 -19.71
SE MSE G 388 32.09 -22.31 -19.99
CE MSE G 388 31.38 -23.87 -19.26
N LEU G 389 31.35 -19.11 -16.22
CA LEU G 389 32.22 -17.95 -16.04
C LEU G 389 33.12 -18.14 -14.83
N ASN G 390 34.36 -17.68 -14.94
CA ASN G 390 35.23 -17.59 -13.78
C ASN G 390 36.27 -16.53 -14.02
N ILE G 391 36.99 -16.15 -12.96
CA ILE G 391 37.97 -15.09 -13.05
C ILE G 391 39.00 -15.46 -14.09
N SER G 392 39.41 -16.72 -14.15
CA SER G 392 40.38 -17.11 -15.17
C SER G 392 39.92 -16.84 -16.62
N LEU G 393 38.68 -17.21 -16.92
CA LEU G 393 38.08 -17.01 -18.24
C LEU G 393 38.10 -15.56 -18.65
N LEU G 394 37.80 -14.69 -17.70
CA LEU G 394 37.52 -13.30 -18.00
C LEU G 394 38.77 -12.41 -17.91
N SER G 395 39.81 -12.89 -17.21
CA SER G 395 40.97 -12.08 -16.91
C SER G 395 41.91 -12.07 -18.08
N LYS G 396 42.04 -10.90 -18.67
CA LYS G 396 42.72 -10.77 -19.95
C LYS G 396 43.05 -9.31 -20.08
N LYS G 397 44.33 -9.00 -20.25
CA LYS G 397 44.74 -7.63 -20.50
C LYS G 397 44.85 -7.41 -22.01
N VAL G 398 44.13 -6.43 -22.55
CA VAL G 398 44.16 -6.17 -23.98
C VAL G 398 44.89 -4.87 -24.21
N LYS G 399 45.81 -4.87 -25.15
CA LYS G 399 46.50 -3.66 -25.55
C LYS G 399 46.32 -3.48 -27.05
N LYS G 400 45.69 -2.37 -27.43
CA LYS G 400 45.47 -2.03 -28.83
C LYS G 400 46.11 -0.70 -29.10
N TYR G 401 46.91 -0.65 -30.14
CA TYR G 401 47.55 0.58 -30.55
C TYR G 401 46.99 0.97 -31.92
N TYR G 402 46.36 2.13 -31.96
CA TYR G 402 45.77 2.61 -33.19
C TYR G 402 46.69 3.58 -33.96
N LEU G 403 46.56 3.55 -35.28
CA LEU G 403 47.19 4.53 -36.19
C LEU G 403 46.05 5.09 -37.04
N CYS G 404 45.74 6.36 -36.83
CA CYS G 404 44.69 7.02 -37.58
C CYS G 404 45.27 8.17 -38.36
N TYR G 405 44.91 8.26 -39.63
CA TYR G 405 45.47 9.31 -40.48
C TYR G 405 44.62 9.65 -41.68
N GLN G 406 44.74 10.91 -42.10
CA GLN G 406 44.11 11.41 -43.34
C GLN G 406 44.37 10.51 -44.52
N ARG G 407 43.33 10.01 -45.14
CA ARG G 407 43.52 9.34 -46.44
C ARG G 407 43.75 10.43 -47.52
N ARG H 6 32.22 -5.54 -51.04
CA ARG H 6 30.87 -5.11 -50.49
C ARG H 6 31.00 -4.18 -49.28
N LYS H 7 29.96 -3.36 -49.09
CA LYS H 7 29.74 -2.77 -47.79
C LYS H 7 28.44 -3.32 -47.19
N ILE H 8 28.50 -3.55 -45.88
CA ILE H 8 27.37 -4.10 -45.12
C ILE H 8 27.03 -3.09 -44.02
N ILE H 9 25.83 -2.50 -44.05
CA ILE H 9 25.45 -1.47 -43.07
C ILE H 9 24.34 -2.02 -42.21
N ASN H 10 24.47 -1.78 -40.90
CA ASN H 10 23.46 -2.24 -39.94
C ASN H 10 22.21 -1.34 -39.87
N ASP H 11 21.05 -1.98 -39.91
CA ASP H 11 19.79 -1.32 -39.72
C ASP H 11 18.91 -2.13 -38.77
N PRO H 12 18.58 -1.56 -37.58
CA PRO H 12 17.74 -2.30 -36.63
C PRO H 12 16.42 -2.73 -37.20
N VAL H 13 15.89 -1.98 -38.14
CA VAL H 13 14.51 -2.28 -38.57
C VAL H 13 14.50 -3.52 -39.49
N PHE H 14 15.50 -3.64 -40.34
CA PHE H 14 15.49 -4.67 -41.41
C PHE H 14 16.69 -5.63 -41.39
N GLY H 15 17.78 -5.21 -40.73
CA GLY H 15 18.99 -6.00 -40.61
C GLY H 15 20.15 -5.34 -41.32
N PHE H 16 21.21 -6.09 -41.50
CA PHE H 16 22.29 -5.83 -42.46
CA PHE H 16 22.28 -5.72 -42.43
C PHE H 16 21.74 -5.49 -43.85
N ILE H 17 22.27 -4.41 -44.44
CA ILE H 17 21.95 -3.91 -45.79
C ILE H 17 23.23 -3.95 -46.61
N ASN H 18 23.15 -4.66 -47.73
CA ASN H 18 24.27 -4.84 -48.65
C ASN H 18 24.31 -3.74 -49.68
N ILE H 19 25.43 -3.02 -49.73
CA ILE H 19 25.64 -1.97 -50.73
C ILE H 19 26.71 -2.41 -51.75
N PRO H 20 26.28 -2.87 -52.94
CA PRO H 20 27.24 -3.21 -54.01
C PRO H 20 28.23 -2.09 -54.31
N LYS H 21 29.52 -2.42 -54.35
CA LYS H 21 30.57 -1.46 -54.71
C LYS H 21 30.29 -0.96 -56.12
N GLY H 22 30.75 0.26 -56.42
CA GLY H 22 30.43 0.89 -57.69
C GLY H 22 29.50 2.11 -57.54
N LEU H 23 28.54 2.21 -58.45
CA LEU H 23 27.61 3.33 -58.49
C LEU H 23 26.87 3.43 -57.16
N LEU H 24 26.19 2.34 -56.79
CA LEU H 24 25.32 2.35 -55.64
C LEU H 24 26.07 2.87 -54.42
N TYR H 25 27.25 2.29 -54.13
CA TYR H 25 28.01 2.68 -52.97
C TYR H 25 28.52 4.09 -53.10
N ASP H 26 28.77 4.51 -54.34
CA ASP H 26 29.20 5.90 -54.55
C ASP H 26 28.08 6.91 -54.27
N ILE H 27 26.83 6.52 -54.53
CA ILE H 27 25.66 7.36 -54.21
C ILE H 27 25.56 7.50 -52.69
N VAL H 28 25.53 6.36 -52.00
CA VAL H 28 25.55 6.34 -50.53
C VAL H 28 26.66 7.20 -49.89
N ARG H 29 27.86 7.15 -50.48
CA ARG H 29 28.97 7.92 -49.94
C ARG H 29 28.97 9.38 -50.41
N HIS H 30 28.11 9.71 -51.39
CA HIS H 30 28.13 11.07 -51.92
C HIS H 30 27.68 12.08 -50.87
N PRO H 31 28.29 13.27 -50.85
CA PRO H 31 27.92 14.32 -49.88
C PRO H 31 26.43 14.68 -49.84
N LEU H 32 25.76 14.55 -50.96
CA LEU H 32 24.36 14.93 -51.02
C LEU H 32 23.49 13.91 -50.30
N LEU H 33 23.90 12.65 -50.29
CA LEU H 33 23.17 11.67 -49.51
C LEU H 33 23.66 11.66 -48.05
N GLN H 34 24.95 11.87 -47.83
CA GLN H 34 25.45 11.96 -46.45
C GLN H 34 24.74 13.03 -45.64
N ARG H 35 24.30 14.08 -46.30
CA ARG H 35 23.72 15.21 -45.59
C ARG H 35 22.41 14.85 -44.95
N LEU H 36 21.75 13.84 -45.51
CA LEU H 36 20.50 13.33 -45.01
C LEU H 36 20.63 12.59 -43.67
N THR H 37 21.88 12.42 -43.20
CA THR H 37 22.12 11.91 -41.88
C THR H 37 21.88 12.98 -40.85
N ARG H 38 21.81 14.24 -41.32
CA ARG H 38 21.54 15.39 -40.44
C ARG H 38 20.14 15.99 -40.63
N ILE H 39 19.22 15.19 -41.17
CA ILE H 39 17.84 15.56 -41.37
C ILE H 39 16.91 14.40 -40.89
N LYS H 40 16.13 14.67 -39.86
CA LYS H 40 15.22 13.67 -39.31
C LYS H 40 14.13 13.37 -40.29
N GLN H 41 13.64 12.14 -40.28
CA GLN H 41 12.59 11.69 -41.17
C GLN H 41 11.22 12.29 -40.77
N VAL H 42 10.97 12.30 -39.46
CA VAL H 42 9.80 12.91 -38.86
C VAL H 42 10.26 13.80 -37.68
N GLY H 43 10.94 14.90 -38.00
CA GLY H 43 11.49 15.83 -36.98
C GLY H 43 10.46 16.49 -36.06
N LEU H 44 9.24 16.65 -36.55
CA LEU H 44 8.19 17.26 -35.74
C LEU H 44 7.55 16.26 -34.77
N SER H 45 7.80 14.96 -34.96
CA SER H 45 7.18 13.91 -34.14
C SER H 45 7.92 13.64 -32.84
N SER H 46 9.19 13.99 -32.76
CA SER H 46 9.98 13.62 -31.59
C SER H 46 9.58 14.35 -30.30
N VAL H 47 8.89 15.46 -30.46
CA VAL H 47 8.31 16.14 -29.30
C VAL H 47 7.21 15.29 -28.62
N VAL H 48 6.49 14.47 -29.38
CA VAL H 48 5.53 13.52 -28.80
C VAL H 48 6.19 12.17 -28.54
N TYR H 49 7.02 11.73 -29.51
CA TYR H 49 7.65 10.44 -29.53
C TYR H 49 9.17 10.61 -29.55
N PRO H 50 9.79 10.69 -28.37
CA PRO H 50 11.23 10.95 -28.29
C PRO H 50 12.13 9.91 -28.95
N GLY H 51 11.63 8.71 -29.20
CA GLY H 51 12.40 7.72 -29.91
C GLY H 51 12.49 7.96 -31.42
N ALA H 52 11.63 8.83 -31.97
CA ALA H 52 11.58 9.12 -33.42
C ALA H 52 12.74 9.99 -33.88
N GLN H 53 13.97 9.44 -33.76
CA GLN H 53 15.22 10.17 -34.06
C GLN H 53 15.83 9.70 -35.36
N HIS H 54 15.14 8.81 -36.06
CA HIS H 54 15.64 8.27 -37.27
C HIS H 54 15.79 9.31 -38.38
N THR H 55 16.78 9.09 -39.25
CA THR H 55 17.10 10.04 -40.29
C THR H 55 16.54 9.67 -41.67
N ARG H 56 16.57 10.66 -42.57
CA ARG H 56 16.20 10.37 -43.96
C ARG H 56 17.26 9.49 -44.63
N PHE H 57 18.50 9.57 -44.16
CA PHE H 57 19.57 8.67 -44.62
C PHE H 57 19.20 7.21 -44.33
N GLN H 58 18.67 6.93 -43.14
CA GLN H 58 18.22 5.56 -42.84
C GLN H 58 17.07 5.19 -43.71
N HIS H 59 16.16 6.12 -43.95
CA HIS H 59 14.97 5.84 -44.78
C HIS H 59 15.38 5.42 -46.17
N SER H 60 16.35 6.15 -46.69
CA SER H 60 16.86 5.91 -48.06
C SER H 60 17.54 4.54 -48.18
N LEU H 61 18.45 4.24 -47.27
CA LEU H 61 19.03 2.88 -47.20
C LEU H 61 18.00 1.78 -47.01
N GLY H 62 16.97 2.05 -46.23
CA GLY H 62 15.95 1.03 -45.93
C GLY H 62 15.01 0.79 -47.08
N ALA H 63 14.60 1.87 -47.75
CA ALA H 63 13.87 1.75 -49.03
C ALA H 63 14.69 0.94 -50.04
N PHE H 64 16.00 1.25 -50.09
CA PHE H 64 16.95 0.59 -50.96
C PHE H 64 17.02 -0.89 -50.66
N TYR H 65 17.08 -1.22 -49.37
CA TYR H 65 17.11 -2.63 -48.95
C TYR H 65 15.88 -3.34 -49.42
N LEU H 66 14.73 -2.71 -49.24
CA LEU H 66 13.52 -3.37 -49.65
C LEU H 66 13.43 -3.44 -51.22
N MSE H 67 14.11 -2.53 -51.94
CA MSE H 67 14.04 -2.51 -53.42
C MSE H 67 14.79 -3.74 -53.94
O MSE H 67 14.27 -4.53 -54.78
CB MSE H 67 14.67 -1.19 -53.97
CG MSE H 67 14.75 -1.07 -55.54
SE MSE H 67 12.97 -1.06 -56.31
CE MSE H 67 12.84 0.85 -56.00
N SER H 68 15.98 -3.92 -53.36
CA SER H 68 16.86 -5.06 -53.63
C SER H 68 16.18 -6.39 -53.43
N GLU H 69 15.38 -6.52 -52.40
CA GLU H 69 14.60 -7.73 -52.20
C GLU H 69 13.51 -7.88 -53.22
N ALA H 70 12.87 -6.75 -53.52
CA ALA H 70 11.75 -6.70 -54.47
C ALA H 70 12.19 -7.17 -55.89
N ILE H 71 13.37 -6.71 -56.29
CA ILE H 71 13.96 -7.11 -57.56
C ILE H 71 14.07 -8.64 -57.62
N THR H 72 14.86 -9.18 -56.69
CA THR H 72 15.07 -10.61 -56.52
C THR H 72 13.77 -11.36 -56.49
N GLN H 73 12.79 -10.84 -55.79
CA GLN H 73 11.52 -11.53 -55.75
C GLN H 73 10.79 -11.48 -57.10
N LEU H 74 10.82 -10.33 -57.76
CA LEU H 74 10.13 -10.16 -59.04
C LEU H 74 10.76 -11.05 -60.14
N THR H 75 12.09 -11.01 -60.25
CA THR H 75 12.82 -11.89 -61.17
C THR H 75 12.47 -13.37 -60.88
N SER H 76 12.52 -13.77 -59.62
CA SER H 76 12.21 -15.15 -59.25
C SER H 76 10.84 -15.61 -59.78
N LYS H 77 9.93 -14.67 -60.01
CA LYS H 77 8.58 -15.02 -60.46
C LYS H 77 8.42 -14.82 -61.96
N GLY H 78 9.55 -14.67 -62.64
CA GLY H 78 9.59 -14.59 -64.09
C GLY H 78 9.27 -13.21 -64.61
N ASN H 79 9.86 -12.19 -63.98
CA ASN H 79 9.73 -10.80 -64.39
C ASN H 79 11.12 -10.30 -64.71
N PHE H 80 11.41 -10.22 -66.00
CA PHE H 80 12.77 -9.98 -66.44
C PHE H 80 13.11 -8.53 -66.15
N ILE H 81 14.25 -8.35 -65.49
CA ILE H 81 14.80 -7.02 -65.18
C ILE H 81 16.28 -7.07 -65.55
N PHE H 82 16.69 -6.26 -66.52
CA PHE H 82 18.10 -6.21 -66.89
C PHE H 82 18.84 -5.67 -65.72
N ASP H 83 20.09 -6.09 -65.59
CA ASP H 83 20.96 -5.62 -64.52
C ASP H 83 21.05 -4.10 -64.44
N SER H 84 21.01 -3.44 -65.59
CA SER H 84 21.05 -1.96 -65.62
C SER H 84 19.73 -1.36 -65.12
N GLU H 85 18.64 -2.12 -65.27
CA GLU H 85 17.32 -1.70 -64.79
C GLU H 85 17.28 -1.89 -63.23
N ALA H 86 17.81 -3.01 -62.76
CA ALA H 86 17.98 -3.24 -61.33
C ALA H 86 18.76 -2.10 -60.75
N GLU H 87 19.93 -1.84 -61.32
CA GLU H 87 20.80 -0.78 -60.84
C GLU H 87 20.10 0.57 -60.79
N ALA H 88 19.32 0.84 -61.85
CA ALA H 88 18.66 2.15 -62.03
C ALA H 88 17.62 2.41 -60.95
N VAL H 89 16.77 1.42 -60.77
CA VAL H 89 15.68 1.45 -59.82
C VAL H 89 16.26 1.53 -58.40
N GLN H 90 17.36 0.85 -58.16
CA GLN H 90 18.03 0.89 -56.88
C GLN H 90 18.53 2.28 -56.59
N ALA H 91 19.14 2.92 -57.59
CA ALA H 91 19.69 4.28 -57.42
C ALA H 91 18.54 5.30 -57.28
N ALA H 92 17.48 5.05 -58.05
CA ALA H 92 16.31 5.90 -57.99
C ALA H 92 15.86 6.00 -56.51
N ILE H 93 15.64 4.85 -55.89
CA ILE H 93 15.12 4.79 -54.53
C ILE H 93 16.12 5.31 -53.50
N LEU H 94 17.43 5.18 -53.74
CA LEU H 94 18.39 5.80 -52.82
C LEU H 94 18.25 7.31 -52.88
N LEU H 95 17.82 7.79 -54.03
CA LEU H 95 17.85 9.23 -54.31
C LEU H 95 16.49 9.89 -54.19
N HIS H 96 15.44 9.08 -54.08
CA HIS H 96 14.08 9.63 -54.15
C HIS H 96 13.76 10.77 -53.17
N ASP H 97 14.42 10.82 -52.02
CA ASP H 97 14.12 11.85 -51.02
C ASP H 97 15.30 12.80 -50.81
N ILE H 98 16.21 12.85 -51.76
CA ILE H 98 17.43 13.69 -51.57
C ILE H 98 17.17 15.20 -51.54
N GLY H 99 16.02 15.62 -52.08
CA GLY H 99 15.66 17.05 -52.14
C GLY H 99 14.92 17.65 -50.95
N HIS H 100 14.69 16.82 -49.93
CA HIS H 100 14.16 17.28 -48.64
C HIS H 100 15.24 18.06 -47.96
N GLY H 101 14.92 19.27 -47.52
CA GLY H 101 15.79 20.00 -46.61
C GLY H 101 15.24 19.74 -45.21
N PRO H 102 15.75 20.47 -44.24
CA PRO H 102 15.26 20.29 -42.88
C PRO H 102 13.82 20.78 -42.78
N PHE H 103 12.97 20.03 -42.05
CA PHE H 103 11.55 20.36 -41.96
C PHE H 103 11.00 20.86 -43.30
N SER H 104 11.09 20.01 -44.30
CA SER H 104 10.95 20.43 -45.70
C SER H 104 9.58 21.06 -46.04
N HIS H 105 8.51 20.50 -45.49
CA HIS H 105 7.17 21.04 -45.69
C HIS H 105 7.08 22.43 -45.02
N VAL H 106 7.75 22.61 -43.89
CA VAL H 106 7.75 23.91 -43.24
C VAL H 106 8.48 24.94 -44.11
N LEU H 107 9.62 24.57 -44.69
CA LEU H 107 10.38 25.48 -45.59
C LEU H 107 9.58 25.93 -46.80
N GLU H 108 8.86 25.00 -47.39
CA GLU H 108 7.99 25.27 -48.53
C GLU H 108 6.88 26.28 -48.18
N ASP H 109 6.49 26.33 -46.91
CA ASP H 109 5.46 27.29 -46.49
C ASP H 109 6.02 28.59 -45.92
N THR H 110 7.34 28.70 -45.80
CA THR H 110 7.92 29.84 -45.14
C THR H 110 9.00 30.46 -46.05
N ILE H 111 10.24 29.99 -45.96
CA ILE H 111 11.38 30.72 -46.50
C ILE H 111 12.02 30.09 -47.75
N VAL H 112 11.42 29.02 -48.24
CA VAL H 112 11.78 28.50 -49.57
C VAL H 112 10.49 28.20 -50.28
N GLN H 113 9.67 29.25 -50.48
CA GLN H 113 8.28 29.07 -50.91
C GLN H 113 8.15 28.62 -52.33
N GLY H 114 7.11 27.83 -52.57
CA GLY H 114 6.72 27.49 -53.92
C GLY H 114 7.57 26.44 -54.62
N VAL H 115 8.52 25.84 -53.91
CA VAL H 115 9.38 24.78 -54.47
C VAL H 115 9.17 23.50 -53.66
N SER H 116 8.92 22.39 -54.34
CA SER H 116 8.70 21.12 -53.67
C SER H 116 9.98 20.31 -53.59
N HIS H 117 10.07 19.45 -52.58
CA HIS H 117 11.24 18.57 -52.47
C HIS H 117 11.37 17.65 -53.71
N GLU H 118 10.24 17.28 -54.30
CA GLU H 118 10.26 16.47 -55.53
C GLU H 118 10.98 17.19 -56.68
N GLU H 119 10.76 18.49 -56.82
CA GLU H 119 11.47 19.30 -57.82
C GLU H 119 12.94 19.36 -57.48
N ILE H 120 13.25 19.56 -56.19
CA ILE H 120 14.66 19.70 -55.74
C ILE H 120 15.41 18.38 -55.81
N SER H 121 14.69 17.27 -55.65
CA SER H 121 15.30 15.95 -55.83
C SER H 121 15.81 15.76 -57.27
N LEU H 122 14.96 16.08 -58.25
CA LEU H 122 15.34 16.01 -59.68
C LEU H 122 16.57 16.91 -59.98
N MSE H 123 16.55 18.13 -59.48
CA MSE H 123 17.69 19.01 -59.69
C MSE H 123 18.97 18.38 -59.15
O MSE H 123 20.03 18.43 -59.81
CB MSE H 123 17.47 20.38 -59.03
CG MSE H 123 16.29 21.19 -59.61
SE MSE H 123 15.78 22.66 -58.43
CE MSE H 123 17.40 23.71 -58.27
N LEU H 124 18.89 17.77 -57.96
CA LEU H 124 20.09 17.19 -57.33
C LEU H 124 20.49 15.89 -58.06
N MSE H 125 19.51 15.12 -58.50
CA MSE H 125 19.84 13.94 -59.29
C MSE H 125 20.61 14.33 -60.56
O MSE H 125 21.69 13.76 -60.85
CB MSE H 125 18.56 13.18 -59.68
CG MSE H 125 17.95 12.42 -58.52
SE MSE H 125 16.26 11.67 -58.94
CE MSE H 125 16.71 9.96 -59.71
N GLU H 126 20.05 15.31 -61.30
CA GLU H 126 20.67 15.78 -62.55
C GLU H 126 22.08 16.28 -62.27
N ARG H 127 22.23 17.00 -61.17
CA ARG H 127 23.52 17.52 -60.76
C ARG H 127 24.51 16.38 -60.54
N MSE H 128 24.05 15.34 -59.86
CA MSE H 128 24.91 14.19 -59.59
CA MSE H 128 24.88 14.15 -59.58
C MSE H 128 25.14 13.41 -60.87
O MSE H 128 26.19 12.80 -61.04
CB MSE H 128 24.32 13.30 -58.51
CB MSE H 128 24.22 13.18 -58.56
CG MSE H 128 24.27 13.98 -57.14
CG MSE H 128 25.14 12.01 -58.06
SE MSE H 128 23.43 12.80 -55.83
SE MSE H 128 24.47 10.78 -56.59
CE MSE H 128 25.04 11.72 -55.49
CE MSE H 128 24.75 11.99 -55.07
N ASN H 129 24.15 13.44 -61.79
CA ASN H 129 24.30 12.75 -63.06
C ASN H 129 25.43 13.31 -63.87
N LYS H 130 25.57 14.63 -63.87
CA LYS H 130 26.71 15.27 -64.51
C LYS H 130 27.98 14.71 -63.86
N GLU H 131 28.08 14.89 -62.54
CA GLU H 131 29.31 14.48 -61.81
C GLU H 131 29.69 13.06 -62.16
N MSE H 132 28.68 12.22 -62.43
CA MSE H 132 28.89 10.79 -62.65
C MSE H 132 28.81 10.37 -64.11
O MSE H 132 28.51 9.20 -64.41
CB MSE H 132 27.85 10.02 -61.83
CG MSE H 132 28.06 10.23 -60.32
SE MSE H 132 26.98 9.11 -59.13
CE MSE H 132 27.86 9.81 -57.50
N ASN H 133 29.04 11.31 -65.03
CA ASN H 133 29.14 11.03 -66.46
C ASN H 133 27.94 10.23 -66.95
N GLY H 134 26.74 10.66 -66.56
CA GLY H 134 25.52 10.12 -67.13
C GLY H 134 25.11 8.76 -66.62
N GLN H 135 25.81 8.26 -65.60
CA GLN H 135 25.50 6.94 -65.03
C GLN H 135 24.12 6.85 -64.38
N LEU H 136 23.53 8.00 -64.04
CA LEU H 136 22.21 8.07 -63.39
C LEU H 136 21.03 8.29 -64.34
N SER H 137 21.34 8.34 -65.64
CA SER H 137 20.35 8.70 -66.66
C SER H 137 19.13 7.79 -66.61
N LEU H 138 19.37 6.49 -66.64
CA LEU H 138 18.23 5.55 -66.69
C LEU H 138 17.42 5.67 -65.39
N ALA H 139 18.14 5.83 -64.27
CA ALA H 139 17.51 6.01 -62.95
C ALA H 139 16.51 7.15 -63.07
N ILE H 140 17.00 8.31 -63.50
CA ILE H 140 16.16 9.50 -63.60
C ILE H 140 14.94 9.30 -64.54
N GLN H 141 15.15 8.53 -65.57
CA GLN H 141 14.08 8.28 -66.53
C GLN H 141 12.96 7.45 -65.87
N ILE H 142 13.36 6.46 -65.06
CA ILE H 142 12.42 5.67 -64.25
C ILE H 142 11.77 6.53 -63.16
N PHE H 143 12.59 7.33 -62.50
CA PHE H 143 12.09 8.23 -61.50
C PHE H 143 10.98 9.13 -62.05
N LYS H 144 11.21 9.66 -63.26
CA LYS H 144 10.26 10.54 -63.96
C LYS H 144 9.07 9.82 -64.55
N ASP H 145 9.09 8.49 -64.53
CA ASP H 145 8.02 7.66 -65.12
C ASP H 145 7.99 7.84 -66.64
N GLU H 146 9.18 7.91 -67.23
CA GLU H 146 9.35 8.07 -68.66
C GLU H 146 10.06 6.87 -69.28
N TYR H 147 9.91 5.69 -68.67
CA TYR H 147 10.54 4.48 -69.16
C TYR H 147 9.44 3.52 -69.57
N PRO H 148 9.62 2.88 -70.73
CA PRO H 148 8.57 1.94 -71.22
C PRO H 148 8.19 0.75 -70.32
N LYS H 149 9.12 0.25 -69.50
CA LYS H 149 8.79 -0.80 -68.50
C LYS H 149 8.33 -0.15 -67.16
N ARG H 150 7.02 -0.05 -67.00
CA ARG H 150 6.43 0.93 -66.06
C ARG H 150 6.26 0.48 -64.60
N PHE H 151 6.32 -0.82 -64.34
CA PHE H 151 6.27 -1.28 -62.96
C PHE H 151 7.54 -0.83 -62.24
N LEU H 152 8.62 -0.62 -62.97
CA LEU H 152 9.84 -0.24 -62.29
C LEU H 152 9.66 1.06 -61.53
N HIS H 153 9.05 2.04 -62.18
CA HIS H 153 8.72 3.32 -61.55
C HIS H 153 7.79 3.14 -60.33
N GLN H 154 6.85 2.20 -60.45
CA GLN H 154 5.85 1.94 -59.41
C GLN H 154 6.50 1.48 -58.12
N LEU H 155 7.65 0.82 -58.25
CA LEU H 155 8.42 0.39 -57.11
C LEU H 155 8.98 1.62 -56.39
N VAL H 156 9.21 2.70 -57.12
CA VAL H 156 9.78 3.93 -56.55
C VAL H 156 8.68 4.88 -56.01
N SER H 157 7.53 4.93 -56.71
CA SER H 157 6.42 5.80 -56.32
C SER H 157 5.10 5.26 -56.77
N GLY H 158 4.23 4.96 -55.82
CA GLY H 158 2.96 4.32 -56.08
C GLY H 158 2.37 3.69 -54.83
N GLN H 159 1.26 2.98 -55.00
CA GLN H 159 0.52 2.39 -53.87
C GLN H 159 1.33 1.36 -53.05
N LEU H 160 2.32 0.72 -53.66
CA LEU H 160 3.14 -0.30 -53.03
C LEU H 160 4.59 0.06 -53.12
N ASP H 161 4.89 1.34 -53.22
CA ASP H 161 6.30 1.72 -53.36
C ASP H 161 7.15 1.38 -52.13
N MSE H 162 8.46 1.27 -52.36
CA MSE H 162 9.40 0.91 -51.31
C MSE H 162 9.54 2.04 -50.30
O MSE H 162 9.91 1.82 -49.13
CB MSE H 162 10.79 0.58 -51.89
CG MSE H 162 10.86 -0.56 -52.95
SE MSE H 162 10.06 -2.20 -52.42
CE MSE H 162 8.29 -2.20 -53.27
N ASP H 163 9.31 3.27 -50.77
CA ASP H 163 9.37 4.50 -49.96
C ASP H 163 8.45 4.33 -48.74
N ARG H 164 7.17 4.05 -48.98
CA ARG H 164 6.19 3.91 -47.91
C ARG H 164 6.21 2.57 -47.16
N LEU H 165 6.70 1.52 -47.82
CA LEU H 165 6.94 0.27 -47.15
C LEU H 165 8.06 0.47 -46.15
N ASP H 166 9.03 1.31 -46.45
CA ASP H 166 10.01 1.63 -45.45
C ASP H 166 9.44 2.54 -44.35
N TYR H 167 8.85 3.69 -44.72
CA TYR H 167 8.65 4.74 -43.68
C TYR H 167 7.52 4.38 -42.72
N LEU H 168 6.49 3.72 -43.20
CA LEU H 168 5.43 3.28 -42.32
C LEU H 168 5.97 2.32 -41.26
N ARG H 169 6.84 1.39 -41.67
CA ARG H 169 7.45 0.47 -40.71
C ARG H 169 8.53 1.12 -39.83
N ARG H 170 9.41 1.92 -40.43
CA ARG H 170 10.46 2.61 -39.67
C ARG H 170 9.89 3.65 -38.66
N ASP H 171 8.85 4.36 -39.07
CA ASP H 171 8.25 5.40 -38.20
C ASP H 171 7.52 4.77 -37.02
N SER H 172 6.82 3.65 -37.26
CA SER H 172 6.27 2.84 -36.19
C SER H 172 7.33 2.38 -35.25
N PHE H 173 8.31 1.70 -35.82
CA PHE H 173 9.38 1.14 -35.05
C PHE H 173 9.95 2.15 -34.06
N TYR H 174 10.35 3.31 -34.57
CA TYR H 174 11.09 4.29 -33.78
C TYR H 174 10.20 5.15 -32.83
N THR H 175 8.96 5.40 -33.21
CA THR H 175 8.04 6.16 -32.34
C THR H 175 7.61 5.28 -31.16
N GLY H 176 7.54 3.98 -31.41
N GLY H 176 7.37 4.00 -31.46
CA GLY H 176 7.21 3.00 -30.41
CA GLY H 176 6.80 3.07 -30.51
C GLY H 176 5.74 2.71 -30.58
C GLY H 176 5.30 3.32 -30.36
N VAL H 177 5.20 3.21 -31.69
N VAL H 177 4.62 3.64 -31.46
CA VAL H 177 3.86 2.91 -32.08
CA VAL H 177 3.23 4.00 -31.36
C VAL H 177 3.96 1.64 -32.91
C VAL H 177 2.42 2.75 -30.92
N THR H 178 4.23 0.56 -32.19
N THR H 178 2.53 1.66 -31.63
CA THR H 178 4.35 -0.77 -32.75
CA THR H 178 1.83 0.49 -31.18
C THR H 178 3.03 -1.15 -33.42
C THR H 178 2.82 -0.64 -31.27
N GLU H 179 2.00 -0.46 -32.97
N GLU H 179 2.31 -1.85 -31.15
CA GLU H 179 0.66 -0.64 -33.46
CA GLU H 179 3.12 -3.06 -31.29
C GLU H 179 0.59 -0.28 -34.98
C GLU H 179 2.76 -3.81 -32.59
N GLY H 180 1.48 0.60 -35.46
N GLY H 180 2.20 -3.08 -33.56
CA GLY H 180 1.36 1.09 -36.84
CA GLY H 180 1.49 -3.72 -34.66
C GLY H 180 2.32 0.41 -37.80
C GLY H 180 2.25 -4.51 -35.69
N ASN H 181 2.78 -0.78 -37.43
N ASN H 181 3.20 -3.88 -36.35
CA ASN H 181 3.92 -1.34 -38.10
CA ASN H 181 3.94 -4.51 -37.48
C ASN H 181 3.50 -2.34 -39.14
C ASN H 181 3.15 -4.91 -38.76
N ILE H 182 4.36 -2.59 -40.13
N ILE H 182 2.99 -3.93 -39.65
CA ILE H 182 3.97 -3.51 -41.21
CA ILE H 182 2.73 -4.19 -41.08
C ILE H 182 5.04 -4.58 -41.56
C ILE H 182 3.97 -4.90 -41.64
N GLY H 183 4.56 -5.67 -42.17
N GLY H 183 3.81 -5.81 -42.59
CA GLY H 183 5.42 -6.72 -42.67
CA GLY H 183 4.97 -6.65 -42.95
C GLY H 183 5.87 -6.37 -44.07
C GLY H 183 5.72 -6.26 -44.22
N SER H 184 6.61 -5.27 -44.14
CA SER H 184 7.16 -4.76 -45.37
C SER H 184 7.80 -5.88 -46.18
N ALA H 185 8.65 -6.66 -45.53
CA ALA H 185 9.38 -7.72 -46.23
C ALA H 185 8.43 -8.84 -46.66
N ARG H 186 7.36 -9.08 -45.90
CA ARG H 186 6.39 -10.10 -46.29
C ARG H 186 5.58 -9.65 -47.49
N ILE H 187 5.24 -8.37 -47.54
CA ILE H 187 4.48 -7.78 -48.66
C ILE H 187 5.29 -7.89 -49.96
N ILE H 188 6.57 -7.54 -49.86
CA ILE H 188 7.48 -7.67 -50.98
C ILE H 188 7.55 -9.09 -51.55
N LYS H 189 7.44 -10.10 -50.69
CA LYS H 189 7.44 -11.52 -51.10
C LYS H 189 6.15 -11.94 -51.84
N MSE H 190 5.07 -11.20 -51.61
CA MSE H 190 3.79 -11.45 -52.27
C MSE H 190 3.62 -10.60 -53.55
O MSE H 190 2.53 -10.55 -54.14
CB MSE H 190 2.64 -11.07 -51.35
CG MSE H 190 2.64 -11.74 -49.97
SE MSE H 190 2.34 -13.62 -50.18
CE MSE H 190 4.13 -14.11 -50.78
N LEU H 191 4.69 -9.92 -53.95
CA LEU H 191 4.64 -8.95 -55.03
C LEU H 191 4.77 -9.70 -56.35
N ASP H 192 4.11 -9.19 -57.40
CA ASP H 192 4.22 -9.72 -58.78
C ASP H 192 3.79 -8.62 -59.78
N VAL H 193 3.94 -8.88 -61.08
CA VAL H 193 3.53 -7.92 -62.13
C VAL H 193 2.47 -8.57 -63.00
N ALA H 194 1.42 -7.82 -63.32
CA ALA H 194 0.43 -8.27 -64.31
C ALA H 194 0.16 -7.06 -65.19
N ASP H 195 0.37 -7.20 -66.51
CA ASP H 195 0.13 -6.09 -67.47
C ASP H 195 0.94 -4.87 -67.09
N ASP H 196 2.24 -5.06 -66.90
CA ASP H 196 3.14 -3.95 -66.59
C ASP H 196 2.71 -3.11 -65.36
N ARG H 197 2.00 -3.74 -64.41
CA ARG H 197 1.73 -3.04 -63.15
C ARG H 197 1.73 -3.97 -61.95
N LEU H 198 2.13 -3.43 -60.79
CA LEU H 198 2.36 -4.26 -59.57
C LEU H 198 1.07 -4.81 -58.97
N VAL H 199 1.05 -6.11 -58.72
CA VAL H 199 -0.10 -6.77 -58.08
C VAL H 199 0.43 -7.46 -56.80
N ILE H 200 -0.50 -7.95 -55.97
CA ILE H 200 -0.17 -8.72 -54.80
C ILE H 200 -0.84 -10.09 -54.89
N GLU H 201 -0.07 -11.15 -54.66
CA GLU H 201 -0.61 -12.50 -54.69
C GLU H 201 -1.72 -12.65 -53.66
N SER H 202 -2.75 -13.43 -53.97
CA SER H 202 -3.88 -13.57 -53.06
C SER H 202 -3.52 -14.19 -51.69
N LYS H 203 -2.40 -14.91 -51.62
CA LYS H 203 -1.83 -15.38 -50.36
C LYS H 203 -1.63 -14.20 -49.39
N GLY H 204 -1.32 -13.01 -49.94
CA GLY H 204 -1.07 -11.78 -49.14
C GLY H 204 -2.25 -10.85 -48.88
N ILE H 205 -3.47 -11.29 -49.15
CA ILE H 205 -4.60 -10.40 -48.98
C ILE H 205 -4.68 -9.75 -47.60
N TYR H 206 -4.84 -10.56 -46.54
CA TYR H 206 -5.08 -9.98 -45.22
C TYR H 206 -3.85 -9.13 -44.81
N SER H 207 -2.68 -9.48 -45.34
CA SER H 207 -1.47 -8.65 -45.18
C SER H 207 -1.56 -7.19 -45.78
N ILE H 208 -2.46 -7.01 -46.76
CA ILE H 208 -2.59 -5.74 -47.42
C ILE H 208 -3.69 -4.98 -46.72
N GLU H 209 -4.78 -5.69 -46.36
CA GLU H 209 -5.86 -5.11 -45.55
C GLU H 209 -5.22 -4.51 -44.28
N ASN H 210 -4.24 -5.21 -43.72
CA ASN H 210 -3.53 -4.67 -42.61
C ASN H 210 -2.82 -3.40 -43.00
N PHE H 211 -1.97 -3.50 -44.02
CA PHE H 211 -1.12 -2.39 -44.46
C PHE H 211 -1.99 -1.16 -44.65
N LEU H 212 -3.16 -1.33 -45.26
CA LEU H 212 -4.04 -0.22 -45.55
C LEU H 212 -4.57 0.41 -44.28
N THR H 213 -4.91 -0.43 -43.30
CA THR H 213 -5.50 0.06 -42.08
C THR H 213 -4.44 0.73 -41.22
N ALA H 214 -3.27 0.10 -41.08
CA ALA H 214 -2.15 0.64 -40.31
C ALA H 214 -1.70 1.99 -40.83
N ARG H 215 -1.83 2.20 -42.12
CA ARG H 215 -1.39 3.45 -42.72
C ARG H 215 -2.35 4.60 -42.32
N ARG H 216 -3.63 4.28 -42.13
CA ARG H 216 -4.54 5.30 -41.67
C ARG H 216 -4.36 5.51 -40.19
N LEU H 217 -4.07 4.46 -39.41
CA LEU H 217 -3.74 4.63 -37.99
C LEU H 217 -2.51 5.51 -37.84
N MSE H 218 -1.49 5.28 -38.65
CA MSE H 218 -0.27 6.07 -38.52
C MSE H 218 -0.58 7.54 -38.80
O MSE H 218 -0.04 8.42 -38.16
CB MSE H 218 0.85 5.59 -39.48
CG MSE H 218 1.58 4.32 -39.07
SE MSE H 218 2.44 4.58 -37.36
CE MSE H 218 4.00 5.59 -38.01
N TYR H 219 -1.44 7.81 -39.78
CA TYR H 219 -1.75 9.18 -40.11
C TYR H 219 -2.30 9.93 -38.89
N TRP H 220 -3.27 9.36 -38.22
CA TRP H 220 -3.88 10.04 -37.08
C TRP H 220 -3.07 9.97 -35.85
N GLN H 221 -2.39 8.86 -35.62
CA GLN H 221 -1.71 8.71 -34.33
C GLN H 221 -0.31 9.37 -34.33
N VAL H 222 0.27 9.52 -35.51
CA VAL H 222 1.60 10.08 -35.61
C VAL H 222 1.60 11.33 -36.47
N TYR H 223 1.31 11.20 -37.76
CA TYR H 223 1.62 12.31 -38.66
C TYR H 223 0.77 13.56 -38.39
N LEU H 224 -0.48 13.35 -37.99
CA LEU H 224 -1.39 14.45 -37.68
C LEU H 224 -1.69 14.52 -36.17
N HIS H 225 -0.80 13.99 -35.34
CA HIS H 225 -0.92 14.16 -33.92
C HIS H 225 -0.97 15.64 -33.55
N LYS H 226 -1.93 15.99 -32.70
CA LYS H 226 -2.23 17.39 -32.44
C LYS H 226 -1.06 18.18 -31.83
N THR H 227 -0.29 17.53 -30.98
CA THR H 227 0.93 18.11 -30.42
C THR H 227 1.99 18.39 -31.48
N SER H 228 2.08 17.55 -32.50
CA SER H 228 3.03 17.76 -33.60
C SER H 228 2.55 18.84 -34.56
N VAL H 229 1.24 18.91 -34.76
CA VAL H 229 0.62 19.96 -35.57
C VAL H 229 0.86 21.33 -34.92
N ALA H 230 0.64 21.40 -33.60
CA ALA H 230 0.91 22.60 -32.84
C ALA H 230 2.37 23.00 -33.01
N TYR H 231 3.26 22.02 -32.82
CA TYR H 231 4.72 22.27 -32.95
C TYR H 231 5.10 22.81 -34.35
N GLU H 232 4.49 22.23 -35.38
CA GLU H 232 4.69 22.69 -36.75
C GLU H 232 4.27 24.15 -36.89
N ARG H 233 3.13 24.50 -36.31
CA ARG H 233 2.62 25.86 -36.37
C ARG H 233 3.56 26.83 -35.72
N MSE H 234 4.10 26.43 -34.57
CA MSE H 234 5.10 27.23 -33.89
C MSE H 234 6.32 27.49 -34.76
O MSE H 234 6.85 28.61 -34.80
CB MSE H 234 5.54 26.54 -32.62
CG MSE H 234 4.46 26.42 -31.54
SE MSE H 234 5.10 25.52 -29.96
CE MSE H 234 6.37 26.77 -29.20
N LEU H 235 6.82 26.45 -35.43
CA LEU H 235 7.97 26.60 -36.27
C LEU H 235 7.68 27.55 -37.42
N ILE H 236 6.55 27.35 -38.10
CA ILE H 236 6.17 28.21 -39.21
C ILE H 236 6.18 29.69 -38.78
N SER H 237 5.61 29.95 -37.61
CA SER H 237 5.57 31.30 -37.06
C SER H 237 6.94 31.84 -36.78
N THR H 238 7.78 31.03 -36.14
CA THR H 238 9.16 31.44 -35.82
C THR H 238 9.89 31.86 -37.08
N LEU H 239 9.80 31.06 -38.12
CA LEU H 239 10.55 31.37 -39.33
C LEU H 239 9.90 32.52 -40.11
N LEU H 240 8.59 32.68 -40.04
CA LEU H 240 7.95 33.81 -40.73
C LEU H 240 8.33 35.09 -40.02
N ARG H 241 8.36 35.05 -38.69
CA ARG H 241 8.76 36.19 -37.92
C ARG H 241 10.18 36.57 -38.22
N ALA H 242 11.06 35.56 -38.30
CA ALA H 242 12.46 35.75 -38.61
C ALA H 242 12.59 36.49 -39.94
N LYS H 243 11.92 35.99 -40.97
CA LYS H 243 12.00 36.61 -42.28
C LYS H 243 11.46 38.05 -42.29
N GLU H 244 10.45 38.34 -41.48
CA GLU H 244 9.90 39.69 -41.36
C GLU H 244 10.94 40.62 -40.76
N LEU H 245 11.48 40.25 -39.59
CA LEU H 245 12.58 40.98 -38.96
C LEU H 245 13.79 41.16 -39.89
N ALA H 246 14.20 40.10 -40.57
CA ALA H 246 15.30 40.14 -41.53
C ALA H 246 15.06 41.15 -42.66
N SER H 247 13.83 41.21 -43.13
CA SER H 247 13.44 42.13 -44.20
C SER H 247 13.43 43.57 -43.69
N GLN H 248 13.15 43.78 -42.41
CA GLN H 248 13.30 45.10 -41.76
C GLN H 248 14.75 45.43 -41.44
N GLY H 249 15.68 44.55 -41.82
CA GLY H 249 17.10 44.76 -41.56
C GLY H 249 17.55 44.45 -40.14
N VAL H 250 16.71 43.82 -39.33
CA VAL H 250 17.13 43.37 -38.00
C VAL H 250 18.15 42.24 -38.12
N GLU H 251 19.15 42.26 -37.23
CA GLU H 251 20.24 41.27 -37.20
C GLU H 251 19.75 39.99 -36.53
N LEU H 252 19.82 38.87 -37.27
CA LEU H 252 19.50 37.57 -36.71
C LEU H 252 20.69 36.63 -36.84
N PHE H 253 21.07 35.97 -35.74
CA PHE H 253 22.04 34.87 -35.85
C PHE H 253 21.64 33.84 -36.92
N ALA H 254 22.54 33.50 -37.83
CA ALA H 254 22.25 32.43 -38.77
C ALA H 254 23.48 31.96 -39.49
N SER H 255 23.51 30.67 -39.78
CA SER H 255 24.53 30.15 -40.67
C SER H 255 24.37 30.87 -42.04
N PRO H 256 25.48 31.00 -42.78
CA PRO H 256 25.37 31.57 -44.13
C PRO H 256 24.29 30.94 -44.98
N ALA H 257 24.14 29.62 -44.98
CA ALA H 257 23.10 29.00 -45.78
C ALA H 257 21.70 29.47 -45.39
N LEU H 258 21.46 29.64 -44.09
CA LEU H 258 20.13 30.00 -43.60
C LEU H 258 19.89 31.47 -43.91
N HIS H 259 20.93 32.26 -43.63
CA HIS H 259 20.91 33.70 -43.87
C HIS H 259 20.38 33.96 -45.27
N PHE H 260 20.93 33.24 -46.23
CA PHE H 260 20.48 33.41 -47.59
C PHE H 260 18.97 33.40 -47.79
N PHE H 261 18.27 32.59 -47.00
CA PHE H 261 16.82 32.46 -47.19
C PHE H 261 16.04 33.39 -46.29
N LEU H 262 16.64 33.82 -45.19
CA LEU H 262 16.03 34.79 -44.31
C LEU H 262 16.14 36.22 -44.86
N TYR H 263 17.27 36.55 -45.50
CA TYR H 263 17.56 37.92 -45.96
C TYR H 263 17.32 38.16 -47.47
N ASN H 264 16.88 37.14 -48.19
CA ASN H 264 16.43 37.31 -49.54
C ASN H 264 15.04 36.75 -49.63
N ASP H 265 14.30 37.15 -50.66
CA ASP H 265 12.95 36.64 -50.85
C ASP H 265 12.99 35.56 -51.91
N ILE H 266 13.16 34.32 -51.49
CA ILE H 266 13.29 33.21 -52.42
C ILE H 266 11.94 32.55 -52.70
N ASN H 267 11.62 32.55 -53.98
CA ASN H 267 10.36 32.05 -54.48
C ASN H 267 10.68 31.08 -55.61
N HIS H 268 9.65 30.47 -56.18
CA HIS H 268 9.85 29.43 -57.20
C HIS H 268 10.75 29.85 -58.36
N THR H 269 10.51 31.03 -58.92
CA THR H 269 11.26 31.46 -60.11
CA THR H 269 11.24 31.42 -60.11
C THR H 269 12.70 31.82 -59.75
N GLU H 270 12.89 32.46 -58.60
CA GLU H 270 14.25 32.76 -58.11
C GLU H 270 15.04 31.46 -57.84
N PHE H 271 14.37 30.45 -57.29
CA PHE H 271 15.03 29.19 -56.92
C PHE H 271 15.52 28.41 -58.13
N HIS H 272 14.74 28.38 -59.20
CA HIS H 272 15.17 27.69 -60.41
C HIS H 272 16.19 28.51 -61.20
N ASN H 273 16.11 29.84 -61.13
CA ASN H 273 16.88 30.66 -62.05
C ASN H 273 18.16 31.22 -61.44
N ASN H 274 18.19 31.46 -60.13
CA ASN H 274 19.46 31.78 -59.46
C ASN H 274 20.10 30.52 -58.85
N PRO H 275 21.27 30.11 -59.37
CA PRO H 275 21.94 28.90 -58.88
C PRO H 275 22.49 28.95 -57.43
N ASP H 276 22.62 30.14 -56.86
CA ASP H 276 22.96 30.29 -55.45
C ASP H 276 21.91 29.68 -54.51
N CYS H 277 20.66 29.64 -54.95
CA CYS H 277 19.57 29.07 -54.16
C CYS H 277 19.79 27.59 -53.87
N LEU H 278 19.99 26.80 -54.92
CA LEU H 278 20.26 25.39 -54.78
C LEU H 278 21.52 25.16 -53.99
N GLU H 279 22.56 25.94 -54.25
CA GLU H 279 23.83 25.81 -53.52
C GLU H 279 23.70 26.01 -52.03
N ASN H 280 22.89 27.00 -51.63
CA ASN H 280 22.70 27.25 -50.21
C ASN H 280 21.73 26.20 -49.61
N PHE H 281 20.76 25.79 -50.40
CA PHE H 281 19.77 24.83 -49.95
C PHE H 281 20.45 23.49 -49.56
N ILE H 282 21.35 23.04 -50.42
CA ILE H 282 22.24 21.90 -50.16
C ILE H 282 22.94 21.95 -48.82
N GLN H 283 23.20 23.14 -48.34
CA GLN H 283 23.97 23.31 -47.11
C GLN H 283 23.12 23.38 -45.86
N LEU H 284 21.82 23.26 -46.03
CA LEU H 284 20.88 23.29 -44.90
C LEU H 284 20.61 21.89 -44.37
N ASP H 285 20.62 21.79 -43.05
CA ASP H 285 20.09 20.59 -42.40
C ASP H 285 19.49 21.02 -41.07
N ASP H 286 19.06 20.04 -40.27
CA ASP H 286 18.38 20.33 -39.01
C ASP H 286 19.21 21.20 -38.12
N ASN H 287 20.52 21.02 -38.11
CA ASN H 287 21.38 21.82 -37.27
C ASN H 287 21.27 23.32 -37.52
N ASP H 288 21.04 23.69 -38.78
CA ASP H 288 20.90 25.15 -39.10
C ASP H 288 19.66 25.71 -38.44
N ILE H 289 18.58 24.93 -38.45
CA ILE H 289 17.33 25.36 -37.84
C ILE H 289 17.43 25.43 -36.33
N TRP H 290 18.02 24.41 -35.70
CA TRP H 290 18.08 24.35 -34.22
C TRP H 290 19.02 25.35 -33.63
N THR H 291 20.15 25.55 -34.29
CA THR H 291 21.12 26.55 -33.79
C THR H 291 20.47 27.92 -33.82
N ALA H 292 19.73 28.22 -34.89
CA ALA H 292 18.98 29.46 -35.00
C ALA H 292 17.98 29.64 -33.86
N LEU H 293 17.14 28.64 -33.63
CA LEU H 293 16.16 28.71 -32.53
C LEU H 293 16.85 28.85 -31.20
N LYS H 294 17.99 28.16 -31.03
CA LYS H 294 18.72 28.25 -29.77
C LYS H 294 19.21 29.68 -29.50
N VAL H 295 19.80 30.32 -30.48
CA VAL H 295 20.30 31.68 -30.28
C VAL H 295 19.15 32.69 -30.25
N TRP H 296 18.16 32.51 -31.14
CA TRP H 296 17.00 33.42 -31.21
C TRP H 296 16.17 33.44 -29.94
N SER H 297 16.30 32.39 -29.14
CA SER H 297 15.61 32.32 -27.84
C SER H 297 16.08 33.41 -26.89
N ASN H 298 17.26 34.00 -27.12
CA ASN H 298 17.64 35.19 -26.36
C ASN H 298 17.57 36.47 -27.17
N HIS H 299 16.93 36.46 -28.35
CA HIS H 299 16.82 37.68 -29.16
C HIS H 299 15.99 38.74 -28.42
N PRO H 300 16.26 40.04 -28.65
CA PRO H 300 15.46 41.07 -27.92
C PRO H 300 13.99 41.11 -28.35
N ASP H 301 13.72 40.77 -29.61
CA ASP H 301 12.33 40.69 -30.07
C ASP H 301 11.50 39.70 -29.26
N LYS H 302 10.38 40.18 -28.76
CA LYS H 302 9.53 39.42 -27.86
C LYS H 302 8.86 38.23 -28.58
N VAL H 303 8.43 38.45 -29.82
CA VAL H 303 7.78 37.44 -30.58
C VAL H 303 8.76 36.30 -30.92
N LEU H 304 9.88 36.64 -31.57
CA LEU H 304 10.88 35.63 -32.00
C LEU H 304 11.40 34.87 -30.81
N SER H 305 11.73 35.59 -29.75
CA SER H 305 12.33 34.96 -28.59
C SER H 305 11.32 34.04 -27.89
N THR H 306 10.07 34.46 -27.81
CA THR H 306 9.08 33.66 -27.07
C THR H 306 8.73 32.37 -27.83
N LEU H 307 8.61 32.48 -29.14
CA LEU H 307 8.41 31.36 -30.01
C LEU H 307 9.60 30.38 -29.88
N SER H 308 10.81 30.89 -30.10
CA SER H 308 12.03 30.09 -30.09
C SER H 308 12.29 29.38 -28.79
N LEU H 309 12.06 30.07 -27.67
CA LEU H 309 12.24 29.49 -26.36
C LEU H 309 11.23 28.35 -26.13
N GLY H 310 10.03 28.52 -26.64
CA GLY H 310 9.01 27.49 -26.58
C GLY H 310 9.34 26.27 -27.39
N MSE H 311 9.99 26.47 -28.54
CA MSE H 311 10.51 25.34 -29.33
C MSE H 311 11.53 24.56 -28.53
O MSE H 311 11.45 23.35 -28.43
CB MSE H 311 11.20 25.79 -30.60
CG MSE H 311 10.36 26.53 -31.60
SE MSE H 311 9.22 25.49 -32.69
CE MSE H 311 10.21 23.88 -33.18
N ILE H 312 12.54 25.24 -27.99
CA ILE H 312 13.70 24.52 -27.47
C ILE H 312 13.45 23.97 -26.07
N ASN H 313 12.54 24.58 -25.35
CA ASN H 313 12.22 24.12 -24.01
C ASN H 313 10.94 23.32 -24.02
N ARG H 314 10.37 23.10 -25.19
CA ARG H 314 9.15 22.31 -25.30
C ARG H 314 8.03 22.92 -24.43
N ASN H 315 7.70 24.17 -24.72
CA ASN H 315 6.50 24.72 -24.17
C ASN H 315 5.63 24.94 -25.36
N ILE H 316 4.78 23.94 -25.63
CA ILE H 316 4.05 23.84 -26.90
C ILE H 316 2.75 24.61 -26.77
N PHE H 317 2.31 25.20 -27.88
CA PHE H 317 0.97 25.78 -27.95
C PHE H 317 -0.05 24.79 -27.41
N LYS H 318 -1.08 25.30 -26.74
CA LYS H 318 -2.31 24.51 -26.48
C LYS H 318 -2.97 24.24 -27.83
N VAL H 319 -3.60 23.07 -27.95
CA VAL H 319 -4.28 22.69 -29.18
C VAL H 319 -5.68 22.21 -28.88
N GLU H 320 -6.66 22.76 -29.59
CA GLU H 320 -8.01 22.29 -29.53
C GLU H 320 -8.38 21.79 -30.92
N ASN H 321 -9.22 20.76 -30.95
CA ASN H 321 -9.82 20.26 -32.20
C ASN H 321 -11.31 20.54 -32.21
N SER H 322 -11.85 20.73 -33.40
CA SER H 322 -13.29 20.81 -33.60
C SER H 322 -13.65 20.08 -34.90
N ALA H 323 -14.89 19.63 -34.99
CA ALA H 323 -15.44 19.09 -36.25
C ALA H 323 -15.88 20.21 -37.19
N GLU H 324 -16.25 21.37 -36.62
CA GLU H 324 -16.60 22.56 -37.41
C GLU H 324 -15.47 23.59 -37.31
N PRO H 325 -15.31 24.44 -38.35
CA PRO H 325 -14.35 25.56 -38.31
C PRO H 325 -14.41 26.38 -37.02
N ILE H 326 -13.29 27.05 -36.73
CA ILE H 326 -13.13 27.80 -35.50
C ILE H 326 -13.71 29.19 -35.72
N GLY H 327 -14.48 29.65 -34.74
CA GLY H 327 -15.18 30.93 -34.83
C GLY H 327 -14.26 32.13 -34.70
N GLU H 328 -14.46 33.12 -35.60
CA GLU H 328 -13.66 34.37 -35.57
C GLU H 328 -13.69 35.01 -34.18
N ASP H 329 -14.78 34.82 -33.44
CA ASP H 329 -14.98 35.39 -32.12
C ASP H 329 -13.96 34.82 -31.13
N ARG H 330 -13.82 33.50 -31.17
CA ARG H 330 -12.80 32.76 -30.39
C ARG H 330 -11.37 33.21 -30.74
N ILE H 331 -11.08 33.30 -32.03
CA ILE H 331 -9.76 33.72 -32.50
C ILE H 331 -9.41 35.12 -31.97
N LYS H 332 -10.30 36.10 -32.18
CA LYS H 332 -10.10 37.49 -31.74
C LYS H 332 -9.90 37.54 -30.23
N GLU H 333 -10.70 36.78 -29.50
CA GLU H 333 -10.63 36.70 -28.04
C GLU H 333 -9.22 36.28 -27.56
N LEU H 334 -8.73 35.20 -28.15
CA LEU H 334 -7.41 34.66 -27.83
C LEU H 334 -6.30 35.59 -28.28
N THR H 335 -6.42 36.15 -29.48
CA THR H 335 -5.42 37.07 -29.97
C THR H 335 -5.26 38.28 -29.05
N LEU H 336 -6.39 38.82 -28.58
CA LEU H 336 -6.40 39.95 -27.64
C LEU H 336 -5.75 39.55 -26.31
N GLN H 337 -6.23 38.46 -25.72
CA GLN H 337 -5.66 37.97 -24.46
C GLN H 337 -4.14 37.80 -24.53
N ILE H 338 -3.66 37.24 -25.63
CA ILE H 338 -2.22 36.93 -25.78
C ILE H 338 -1.46 38.23 -25.97
N SER H 339 -2.04 39.14 -26.76
CA SER H 339 -1.54 40.49 -26.96
C SER H 339 -1.26 41.18 -25.65
N GLN H 340 -2.23 41.09 -24.74
CA GLN H 340 -2.11 41.65 -23.40
C GLN H 340 -1.08 40.90 -22.53
N GLN H 341 -1.20 39.58 -22.46
CA GLN H 341 -0.36 38.73 -21.62
C GLN H 341 1.12 38.84 -21.98
N LEU H 342 1.42 38.96 -23.27
CA LEU H 342 2.82 39.05 -23.74
C LEU H 342 3.32 40.49 -23.97
N GLY H 343 2.40 41.46 -23.97
CA GLY H 343 2.78 42.85 -24.16
C GLY H 343 3.24 43.13 -25.58
N ILE H 344 2.43 42.69 -26.54
CA ILE H 344 2.74 42.88 -27.95
C ILE H 344 1.50 43.38 -28.64
N THR H 345 1.68 43.87 -29.86
CA THR H 345 0.58 44.40 -30.62
C THR H 345 -0.33 43.29 -31.10
N LEU H 346 -1.56 43.66 -31.37
CA LEU H 346 -2.56 42.71 -31.79
C LEU H 346 -2.14 41.96 -33.07
N SER H 347 -1.52 42.66 -34.01
CA SER H 347 -1.10 42.00 -35.24
C SER H 347 0.09 41.07 -34.95
N GLU H 348 0.94 41.44 -33.98
CA GLU H 348 2.02 40.53 -33.55
C GLU H 348 1.45 39.24 -32.93
N ALA H 349 0.37 39.38 -32.17
CA ALA H 349 -0.25 38.24 -31.51
C ALA H 349 -0.78 37.22 -32.51
N ASN H 350 -0.92 37.60 -33.77
CA ASN H 350 -1.27 36.62 -34.80
C ASN H 350 -0.27 35.46 -34.93
N TYR H 351 1.00 35.72 -34.63
CA TYR H 351 2.01 34.68 -34.60
C TYR H 351 1.68 33.60 -33.56
N PHE H 352 0.90 33.95 -32.55
CA PHE H 352 0.65 33.05 -31.45
C PHE H 352 -0.67 32.30 -31.50
N VAL H 353 -1.40 32.46 -32.61
CA VAL H 353 -2.67 31.77 -32.78
C VAL H 353 -2.74 31.26 -34.20
N SER H 354 -3.05 29.97 -34.33
CA SER H 354 -3.04 29.30 -35.61
C SER H 354 -4.25 28.38 -35.76
N THR H 355 -4.92 28.44 -36.91
CA THR H 355 -6.07 27.61 -37.21
C THR H 355 -5.84 26.95 -38.58
N PRO H 356 -4.90 25.99 -38.66
CA PRO H 356 -4.48 25.46 -39.96
C PRO H 356 -5.51 24.64 -40.76
N SER H 357 -5.32 24.76 -42.09
CA SER H 357 -5.73 23.79 -43.16
C SER H 357 -6.49 24.55 -44.26
N MSE H 362 -7.53 13.38 -46.25
CA MSE H 362 -6.09 13.12 -45.89
C MSE H 362 -5.09 12.79 -47.02
O MSE H 362 -4.02 13.39 -47.07
CB MSE H 362 -5.98 12.04 -44.81
CG MSE H 362 -6.59 10.67 -45.10
SE MSE H 362 -7.50 10.06 -43.47
CE MSE H 362 -9.39 10.13 -44.11
N TYR H 363 -5.39 11.80 -47.87
CA TYR H 363 -4.55 11.44 -49.01
C TYR H 363 -5.34 10.59 -49.98
N ASP H 364 -4.84 10.54 -51.21
CA ASP H 364 -5.53 9.93 -52.33
C ASP H 364 -6.10 8.52 -51.96
N PRO H 365 -7.43 8.42 -51.68
CA PRO H 365 -8.14 7.13 -51.75
C PRO H 365 -7.66 6.16 -52.81
N ALA H 366 -6.97 6.66 -53.84
CA ALA H 366 -6.32 5.83 -54.85
C ALA H 366 -5.09 5.06 -54.28
N ASP H 367 -4.50 5.56 -53.19
CA ASP H 367 -3.36 4.89 -52.54
C ASP H 367 -3.80 3.62 -51.79
N ASP H 368 -5.08 3.29 -51.98
CA ASP H 368 -5.75 2.15 -51.41
C ASP H 368 -6.25 1.27 -52.53
N SER H 369 -5.98 1.64 -53.77
CA SER H 369 -6.32 0.75 -54.91
C SER H 369 -5.10 -0.15 -55.21
N ILE H 370 -5.31 -1.42 -54.83
CA ILE H 370 -4.31 -2.46 -54.96
C ILE H 370 -5.03 -3.66 -55.54
N ASP H 371 -4.41 -4.23 -56.58
CA ASP H 371 -4.99 -5.39 -57.24
C ASP H 371 -4.34 -6.67 -56.74
N ILE H 372 -5.19 -7.67 -56.60
CA ILE H 372 -4.82 -8.95 -56.05
C ILE H 372 -4.92 -9.98 -57.18
N ILE H 373 -3.80 -10.66 -57.46
CA ILE H 373 -3.76 -11.71 -58.49
C ILE H 373 -3.93 -13.13 -57.90
N TYR H 374 -4.86 -13.91 -58.45
CA TYR H 374 -5.12 -15.27 -57.97
C TYR H 374 -4.30 -16.35 -58.72
N LYS H 375 -4.38 -17.60 -58.24
CA LYS H 375 -3.62 -18.73 -58.81
C LYS H 375 -4.03 -18.95 -60.26
N ASP H 376 -5.33 -18.77 -60.53
CA ASP H 376 -5.91 -18.93 -61.86
C ASP H 376 -5.74 -17.70 -62.76
N GLY H 377 -4.90 -16.74 -62.38
CA GLY H 377 -4.68 -15.55 -63.20
C GLY H 377 -5.72 -14.43 -63.06
N THR H 378 -6.87 -14.71 -62.44
CA THR H 378 -7.87 -13.67 -62.26
C THR H 378 -7.38 -12.59 -61.29
N ILE H 379 -7.94 -11.39 -61.45
CA ILE H 379 -7.50 -10.22 -60.70
C ILE H 379 -8.70 -9.48 -60.09
N LYS H 380 -8.61 -9.20 -58.79
CA LYS H 380 -9.62 -8.39 -58.10
C LYS H 380 -8.97 -7.24 -57.34
N ASN H 381 -9.71 -6.13 -57.22
CA ASN H 381 -9.30 -5.03 -56.36
C ASN H 381 -9.38 -5.50 -54.91
N ILE H 382 -8.40 -5.07 -54.10
CA ILE H 382 -8.38 -5.47 -52.67
C ILE H 382 -9.71 -5.30 -51.99
N ALA H 383 -10.46 -4.27 -52.38
CA ALA H 383 -11.78 -3.99 -51.82
C ALA H 383 -12.76 -5.14 -52.00
N GLU H 384 -12.65 -5.86 -53.12
CA GLU H 384 -13.47 -7.04 -53.36
C GLU H 384 -12.82 -8.27 -52.72
N ALA H 385 -11.50 -8.38 -52.83
CA ALA H 385 -10.74 -9.49 -52.24
C ALA H 385 -10.98 -9.65 -50.71
N SER H 386 -11.13 -8.51 -50.06
CA SER H 386 -11.21 -8.38 -48.61
C SER H 386 -12.35 -9.03 -47.86
N ASP H 387 -12.07 -9.56 -46.66
CA ASP H 387 -13.08 -10.06 -45.73
C ASP H 387 -13.09 -9.38 -44.35
N MSE H 388 -12.08 -8.56 -44.08
CA MSE H 388 -11.86 -8.00 -42.72
C MSE H 388 -12.74 -6.78 -42.39
O MSE H 388 -13.29 -6.66 -41.31
CB MSE H 388 -10.40 -7.59 -42.54
CG MSE H 388 -9.46 -8.76 -42.27
SE MSE H 388 -7.64 -8.06 -42.09
CE MSE H 388 -8.08 -6.33 -41.09
N LEU H 389 -12.83 -5.90 -43.37
CA LEU H 389 -13.57 -4.68 -43.18
C LEU H 389 -13.82 -4.03 -44.56
N ASN H 390 -14.56 -2.91 -44.55
CA ASN H 390 -15.00 -2.24 -45.77
C ASN H 390 -13.94 -1.27 -46.25
N ILE H 391 -13.04 -1.77 -47.08
CA ILE H 391 -11.88 -1.02 -47.52
C ILE H 391 -12.24 0.27 -48.24
N SER H 392 -13.38 0.27 -48.93
CA SER H 392 -13.86 1.44 -49.67
C SER H 392 -14.01 2.62 -48.70
N LEU H 393 -14.47 2.34 -47.47
CA LEU H 393 -14.67 3.39 -46.47
C LEU H 393 -13.40 3.82 -45.72
N LEU H 394 -12.29 3.12 -45.88
CA LEU H 394 -11.06 3.63 -45.26
C LEU H 394 -10.79 5.07 -45.74
N SER H 395 -11.27 5.41 -46.96
CA SER H 395 -11.06 6.77 -47.54
C SER H 395 -12.14 7.84 -47.23
N LYS H 396 -13.26 7.49 -46.62
CA LYS H 396 -14.21 8.53 -46.20
C LYS H 396 -13.36 9.62 -45.54
N LYS H 397 -13.50 10.86 -46.05
CA LYS H 397 -12.69 12.01 -45.62
C LYS H 397 -13.19 12.35 -44.23
N VAL H 398 -12.28 12.85 -43.39
CA VAL H 398 -12.61 13.13 -41.98
C VAL H 398 -12.18 14.57 -41.68
N LYS H 399 -13.17 15.47 -41.61
CA LYS H 399 -12.93 16.88 -41.30
C LYS H 399 -12.55 17.01 -39.80
N LYS H 400 -11.37 17.62 -39.58
CA LYS H 400 -10.83 17.86 -38.23
C LYS H 400 -10.11 19.21 -38.25
N TYR H 401 -10.57 20.15 -37.43
CA TYR H 401 -10.02 21.51 -37.43
C TYR H 401 -9.22 21.73 -36.16
N TYR H 402 -7.99 22.22 -36.32
CA TYR H 402 -7.11 22.50 -35.19
C TYR H 402 -7.14 23.99 -34.83
N LEU H 403 -7.10 24.27 -33.53
CA LEU H 403 -6.86 25.63 -33.03
C LEU H 403 -5.67 25.55 -32.12
N CYS H 404 -4.55 26.18 -32.49
CA CYS H 404 -3.35 26.20 -31.63
C CYS H 404 -3.00 27.62 -31.22
N TYR H 405 -2.62 27.78 -29.95
CA TYR H 405 -2.29 29.09 -29.43
C TYR H 405 -1.40 29.02 -28.22
N GLN H 406 -0.70 30.12 -27.98
CA GLN H 406 0.15 30.26 -26.83
C GLN H 406 -0.66 30.05 -25.55
N ARG H 407 -0.16 29.24 -24.63
CA ARG H 407 -0.81 29.03 -23.33
C ARG H 407 -0.81 30.34 -22.52
CL CL I . -22.98 15.66 34.57
PB ADP J . -24.96 -7.21 12.74
O1B ADP J . -26.22 -6.85 13.49
O2B ADP J . -25.23 -7.78 11.38
O3B ADP J . -23.87 -6.14 12.75
PA ADP J . -24.63 -8.99 15.01
O1A ADP J . -24.18 -10.43 15.04
O2A ADP J . -26.07 -8.69 15.37
O3A ADP J . -24.24 -8.42 13.54
O5' ADP J . -23.72 -8.08 15.99
C5' ADP J . -24.30 -7.03 16.76
C4' ADP J . -23.19 -6.15 17.32
O4' ADP J . -22.38 -6.90 18.21
C3' ADP J . -22.27 -5.57 16.24
O3' ADP J . -22.59 -4.20 15.95
C2' ADP J . -20.87 -5.72 16.79
O2' ADP J . -20.39 -4.47 17.28
C1' ADP J . -20.98 -6.72 17.94
N9 ADP J . -20.37 -8.05 17.64
C8 ADP J . -20.26 -8.67 16.44
N7 ADP J . -19.66 -9.88 16.58
C5 ADP J . -19.39 -10.06 17.88
C6 ADP J . -18.77 -11.12 18.70
N6 ADP J . -18.33 -12.25 18.13
N1 ADP J . -18.68 -10.93 20.03
C2 ADP J . -19.13 -9.79 20.60
N3 ADP J . -19.70 -8.79 19.91
C4 ADP J . -19.86 -8.86 18.57
C1 EDO K . -30.39 -2.91 33.53
O1 EDO K . -29.46 -2.06 34.22
C2 EDO K . -31.77 -2.29 33.33
O2 EDO K . -32.11 -1.50 34.46
C1 EDO L . -42.11 -19.16 20.41
O1 EDO L . -41.23 -19.10 21.55
C2 EDO L . -41.68 -18.15 19.35
O2 EDO L . -42.09 -16.82 19.68
PB ADP M . -10.01 -9.21 55.84
O1B ADP M . -8.82 -9.96 55.29
O2B ADP M . -10.21 -9.48 57.32
O3B ADP M . -10.08 -7.74 55.44
PA ADP M . -11.58 -10.71 53.88
O1A ADP M . -12.90 -11.42 54.01
O2A ADP M . -10.35 -11.56 53.64
O3A ADP M . -11.38 -9.83 55.22
O5' ADP M . -11.69 -9.62 52.70
C5' ADP M . -10.60 -9.43 51.80
C4' ADP M . -10.81 -8.16 51.00
O4' ADP M . -11.96 -8.33 50.15
C3' ADP M . -11.04 -6.91 51.86
O3' ADP M . -9.88 -6.07 51.92
C2' ADP M . -12.20 -6.18 51.18
O2' ADP M . -11.71 -5.05 50.46
C1' ADP M . -12.84 -7.20 50.24
N9 ADP M . -14.17 -7.69 50.69
C8 ADP M . -14.62 -7.85 51.96
N7 ADP M . -15.89 -8.32 51.96
C5 ADP M . -16.26 -8.49 50.69
C6 ADP M . -17.46 -8.97 49.99
N6 ADP M . -18.55 -9.37 50.66
N1 ADP M . -17.44 -9.00 48.64
C2 ADP M . -16.36 -8.60 47.94
N3 ADP M . -15.22 -8.14 48.51
C4 ADP M . -15.13 -8.08 49.86
C1 GOL N . -1.56 -13.71 35.15
O1 GOL N . -0.27 -13.15 35.30
C2 GOL N . -2.39 -12.92 34.11
O2 GOL N . -2.90 -13.78 33.11
C3 GOL N . -3.49 -12.08 34.79
O3 GOL N . -4.51 -11.65 33.90
CL CL O . 17.00 23.03 35.68
PB ADP P . 12.40 16.11 19.72
O1B ADP P . 12.97 16.32 21.10
O2B ADP P . 13.49 15.99 18.66
O3B ADP P . 11.30 15.07 19.62
PA ADP P . 11.14 18.66 20.30
O1A ADP P . 10.93 19.88 19.44
O2A ADP P . 12.08 18.76 21.49
O3A ADP P . 11.60 17.46 19.31
O5' ADP P . 9.72 18.16 20.88
C5' ADP P . 9.59 17.65 22.20
C4' ADP P . 8.22 16.99 22.35
O4' ADP P . 7.20 17.96 22.18
C3' ADP P . 7.97 15.87 21.33
O3' ADP P . 8.14 14.58 21.92
C2' ADP P . 6.54 16.08 20.85
O2' ADP P . 5.63 15.16 21.45
C1' ADP P . 6.17 17.50 21.28
N9 ADP P . 6.07 18.46 20.15
C8 ADP P . 6.75 18.45 18.97
N7 ADP P . 6.38 19.51 18.20
C5 ADP P . 5.48 20.22 18.89
C6 ADP P . 4.69 21.45 18.67
N6 ADP P . 4.81 22.15 17.53
N1 ADP P . 3.86 21.83 19.65
C2 ADP P . 3.72 21.15 20.80
N3 ADP P . 4.40 20.03 21.06
C4 ADP P . 5.28 19.52 20.17
C1 EDO Q . 4.81 22.45 40.13
O1 EDO Q . 5.94 21.61 40.34
C2 EDO Q . 3.54 21.61 40.21
O2 EDO Q . 2.65 21.89 39.12
CL CL R . -5.86 12.54 -6.98
PB ADP S . -24.37 34.22 39.85
O1B ADP S . -24.83 34.46 38.43
O2B ADP S . -25.06 35.12 40.85
O3B ADP S . -24.37 32.76 40.27
PA ADP S . -21.80 35.13 38.76
O1A ADP S . -20.74 36.02 39.34
O2A ADP S . -22.62 35.64 37.59
O3A ADP S . -22.81 34.68 39.97
O5' ADP S . -21.11 33.74 38.30
C5' ADP S . -21.53 33.02 37.14
C4' ADP S . -21.05 31.58 37.18
O4' ADP S . -19.61 31.54 37.18
C3' ADP S . -21.51 30.83 38.42
O3' ADP S . -22.59 29.97 38.10
C2' ADP S . -20.29 30.05 38.91
O2' ADP S . -20.37 28.66 38.55
C1' ADP S . -19.09 30.69 38.22
N9 ADP S . -18.24 31.51 39.14
C8 ADP S . -18.60 32.21 40.26
N7 ADP S . -17.53 32.84 40.80
C5 ADP S . -16.46 32.56 40.04
C6 ADP S . -15.00 32.90 40.04
N6 ADP S . -14.46 33.68 40.99
N1 ADP S . -14.23 32.39 39.05
C2 ADP S . -14.75 31.59 38.07
N3 ADP S . -16.05 31.24 38.02
C4 ADP S . -16.93 31.68 38.95
C1 GOL T . -16.01 28.81 20.31
O1 GOL T . -14.93 29.66 20.02
C2 GOL T . -15.83 27.43 19.65
O2 GOL T . -15.20 26.50 20.50
C3 GOL T . -17.20 26.90 19.24
O3 GOL T . -17.85 27.71 18.27
PB ADP U . -1.74 -24.32 -50.92
O1B ADP U . -3.01 -23.94 -50.18
O2B ADP U . -2.02 -24.79 -52.33
O3B ADP U . -0.63 -23.32 -50.78
PA ADP U . -1.55 -26.23 -48.74
O1A ADP U . -1.10 -27.66 -48.72
O2A ADP U . -2.99 -25.91 -48.41
O3A ADP U . -1.13 -25.62 -50.19
O5' ADP U . -0.67 -25.35 -47.71
C5' ADP U . -1.25 -24.30 -46.94
C4' ADP U . -0.14 -23.44 -46.35
O4' ADP U . 0.64 -24.20 -45.43
C3' ADP U . 0.81 -22.87 -47.40
O3' ADP U . 0.57 -21.47 -47.65
C2' ADP U . 2.19 -23.07 -46.81
O2' ADP U . 2.64 -21.85 -46.25
C1' ADP U . 2.04 -24.09 -45.69
N9 ADP U . 2.61 -25.44 -46.02
C8 ADP U . 2.72 -26.04 -47.22
N7 ADP U . 3.29 -27.27 -47.12
C5 ADP U . 3.57 -27.46 -45.82
C6 ADP U . 4.16 -28.52 -45.00
N6 ADP U . 4.59 -29.65 -45.56
N1 ADP U . 4.24 -28.34 -43.67
C2 ADP U . 3.80 -27.21 -43.09
N3 ADP U . 3.25 -26.19 -43.76
C4 ADP U . 3.11 -26.25 -45.11
C1 EDO V . -7.34 -19.32 -30.30
O1 EDO V . -6.20 -19.59 -29.50
C2 EDO V . -8.60 -19.26 -29.44
O2 EDO V . -9.73 -19.26 -30.32
PB ADP W . 12.74 -26.25 -7.94
O1B ADP W . 13.89 -27.03 -8.53
O2B ADP W . 12.55 -26.51 -6.46
O3B ADP W . 12.71 -24.78 -8.32
PA ADP W . 11.17 -27.88 -9.82
O1A ADP W . 9.84 -28.56 -9.62
O2A ADP W . 12.40 -28.75 -9.93
O3A ADP W . 11.36 -26.86 -8.56
O5' ADP W . 11.09 -26.89 -11.09
C5' ADP W . 12.19 -26.73 -11.97
C4' ADP W . 12.02 -25.51 -12.87
O4' ADP W . 10.89 -25.69 -13.72
C3' ADP W . 11.79 -24.22 -12.08
O3' ADP W . 12.99 -23.44 -12.05
C2' ADP W . 10.65 -23.51 -12.79
O2' ADP W . 11.12 -22.41 -13.59
C1' ADP W . 10.01 -24.55 -13.70
N9 ADP W . 8.66 -24.99 -13.24
C8 ADP W . 8.18 -25.07 -11.98
N7 ADP W . 6.90 -25.52 -11.97
C5 ADP W . 6.54 -25.75 -13.24
C6 ADP W . 5.34 -26.22 -13.95
N6 ADP W . 4.24 -26.56 -13.28
N1 ADP W . 5.38 -26.30 -15.30
C2 ADP W . 6.48 -25.96 -16.01
N3 ADP W . 7.61 -25.52 -15.43
C4 ADP W . 7.71 -25.39 -14.08
PB ADP X . 35.87 -0.10 -43.48
O1B ADP X . 36.33 0.01 -42.05
O2B ADP X . 37.03 -0.09 -44.47
O3B ADP X . 34.84 -1.17 -43.73
PA ADP X . 34.59 2.40 -42.78
O1A ADP X . 34.37 3.69 -43.53
O2A ADP X . 35.52 2.44 -41.58
O3A ADP X . 35.06 1.26 -43.82
O5' ADP X . 33.16 1.83 -42.30
C5' ADP X . 33.00 1.21 -41.02
C4' ADP X . 31.66 0.51 -40.97
O4' ADP X . 30.63 1.49 -41.13
C3' ADP X . 31.47 -0.53 -42.07
O3' ADP X . 31.60 -1.88 -41.59
C2' ADP X . 30.08 -0.29 -42.61
O2' ADP X . 29.21 -1.29 -42.10
C1' ADP X . 29.65 1.09 -42.10
N9 ADP X . 29.58 2.13 -43.17
C8 ADP X . 30.32 2.23 -44.31
N7 ADP X . 29.96 3.33 -45.02
C5 ADP X . 28.99 3.95 -44.33
C6 ADP X . 28.16 5.17 -44.51
N6 ADP X . 28.31 5.95 -45.59
N1 ADP X . 27.25 5.46 -43.55
C2 ADP X . 27.08 4.70 -42.46
N3 ADP X . 27.79 3.57 -42.25
C4 ADP X . 28.74 3.16 -43.12
C1 EDO Y . 28.25 5.08 -23.63
O1 EDO Y . 29.18 4.23 -22.94
C2 EDO Y . 26.85 4.91 -23.08
O2 EDO Y . 25.91 4.50 -24.10
C1 EDO Z . 27.61 -5.83 -5.45
O1 EDO Z . 26.86 -5.35 -4.33
C2 EDO Z . 26.61 -6.19 -6.56
O2 EDO Z . 25.82 -7.36 -6.23
PB ADP AA . -1.13 16.87 -23.05
O1B ADP AA . -1.60 17.23 -24.43
O2B ADP AA . -1.79 17.71 -21.97
O3B ADP AA . -1.09 15.38 -22.78
PA ADP AA . 1.44 17.67 -24.16
O1A ADP AA . 2.56 18.52 -23.61
O2A ADP AA . 0.66 18.18 -25.35
O3A ADP AA . 0.42 17.35 -22.94
O5' ADP AA . 2.06 16.23 -24.54
C5' ADP AA . 1.66 15.54 -25.74
C4' ADP AA . 2.11 14.09 -25.72
O4' ADP AA . 3.55 14.01 -25.73
C3' ADP AA . 1.62 13.34 -24.49
O3' ADP AA . 0.51 12.51 -24.82
C2' ADP AA . 2.82 12.53 -24.01
O2' ADP AA . 2.67 11.16 -24.41
C1' ADP AA . 4.03 13.15 -24.69
N9 ADP AA . 4.90 13.94 -23.76
C8 ADP AA . 4.55 14.64 -22.65
N7 ADP AA . 5.65 15.24 -22.10
C5 ADP AA . 6.71 14.93 -22.88
C6 ADP AA . 8.17 15.23 -22.88
N6 ADP AA . 8.75 15.99 -21.93
N1 ADP AA . 8.92 14.70 -23.87
C2 ADP AA . 8.37 13.92 -24.84
N3 ADP AA . 7.07 13.62 -24.89
C4 ADP AA . 6.21 14.08 -23.96
C1 GOL BA . 6.72 9.79 -43.14
O1 GOL BA . 8.03 9.33 -42.79
C2 GOL BA . 6.79 11.00 -44.08
O2 GOL BA . 7.57 11.97 -43.40
C3 GOL BA . 5.41 11.57 -44.47
O3 GOL BA . 4.36 10.61 -44.60
#